data_8RR0
#
_entry.id   8RR0
#
_cell.length_a   1.00
_cell.length_b   1.00
_cell.length_c   1.00
_cell.angle_alpha   90.00
_cell.angle_beta   90.00
_cell.angle_gamma   90.00
#
_symmetry.space_group_name_H-M   'P 1'
#
loop_
_entity.id
_entity.type
_entity.pdbx_description
1 polymer 'Uncharacterized protein YjgD'
2 polymer 'Probable oxidoreductase YjgC'
3 non-polymer 'UNDECANOIC ACID'
4 non-polymer '[(2~{R})-3-[[(2~{R})-2,3-bis(oxidanyl)propoxy]-oxidanyl-phosphoryl]oxy-2-hexadecanoyloxy-propyl] octadecanoate'
5 non-polymer 'HEPTANOIC ACID'
6 non-polymer 'nonanoic acid'
7 non-polymer 'MYRISTIC ACID'
8 non-polymer 'FE2/S2 (INORGANIC) CLUSTER'
9 non-polymer 'IRON/SULFUR CLUSTER'
10 non-polymer '2-AMINO-5,6-DIMERCAPTO-7-METHYL-3,7,8A,9-TETRAHYDRO-8-OXA-1,3,9,10-TETRAAZA-ANTHRACEN-4-ONE GUANOSINE DINUCLEOTIDE'
11 non-polymer 'MOLYBDENUM(IV) ION'
12 non-polymer 'HYDROSULFURIC ACID'
13 non-polymer MENAQUINONE-7
14 water water
#
loop_
_entity_poly.entity_id
_entity_poly.type
_entity_poly.pdbx_seq_one_letter_code
_entity_poly.pdbx_strand_id
1 'polypeptide(L)'
;MAKAIKRIQKIEVTEEDQRKRDLREIEDALIDHKEAILETLHMLGHMNERGVLPLLRGLFGQGDKVLDILVKKADTEETA
NTLKNLLLLFGTLGMLDVKQLEPLILKVNAGVASAVEQKNSEEKTGYFDIIRSLKDPEINKSITLLFSFLKGMGQDTKEL
ERTTQPPEHQKHHQEPREKRGMNKRD
;
A,C,E,G
2 'polypeptide(L)'
;MAGKKTITINGVEMEASEEQTVLQLLNNSSIEVPQVCYHPSLGPIETCDTCIVSINGELKRSCSAELKDGDVIDTLSPDV
KKAQVIGMDKILYNHELYCTVCDYNNGGCEIHNTVKEMKINHQSIPFDHKPYHKDESHPFYRYDPDQCILCGRCVEACQD
VQVTETLTIDWERKRPRVIWDNDVPINESSCVSCGHCSTVCPCNAMMEKGMEGEAGYLTGINNETLRPMIEITKGVETGY
GSILAISDMESAMRDERIKKTKTVCTYCGVGCSFDVWTKGRDILKVEPQEEAPANGISTCVKGKFGWDFVNSEERLTKPL
IREGDHFREAEWEEALLLIASKFTELKEAFGPDSLAFITSSKCTNEESYLMQKLARGVIGTNNVDNCSRYCQSPATAGLF
RTVGYGGDSGSITDIAQADLVLIIGSNTSESHPVLSTRIKRAHKLRGQKVIVADIRKHEMAERSDLFVQPRAGSDIVWLN
AIAKYLIENGKADERFLRERVNGRDEYVKSLAPYTLEYAEEKTGIDQETLIQMAEMIGQADSVCALWAMGVTQHIGGSDT
STAISNLLLVTGNYGKPGAGSYPLRGHNNVQGASDFGSMPDRLPGYEKVTDEQVRQKYERVWGVPLPKEPGMTNHEMIEK
IHSGQLKAMYVKGEEMGLVDSNINHVHAAYEKLDFFVVQDIFLSRTAEFADVVLPASPSLEKEGTFTNTERRIQRLYQVF
EPLGESKPDWQIIMEVANKLGAGWLYEHPADIMEEAAKLSPIYAGVTYERLEGYNSLQWPVNADGKDSPLLFTERFPFPD
GKAILYPVQWTEPKEFGEEYDIHVNNGRLLEHFHEGNLTYKSKGISEKTPEVFLEISPELAAERGIQDGTLVRLTSPFGN
VKVKCLITDRVKGKEVYLPMNDSGEAAINLLTGSHADKDTDTPAYKETSAKMEILKHDGISPLPKINHRNGNPQPQIGVQ
VHKKWARKDYIFPGDAVKRGMGHNG
;
B,D,F,H
#
loop_
_chem_comp.id
_chem_comp.type
_chem_comp.name
_chem_comp.formula
11A non-polymer 'UNDECANOIC ACID' 'C11 H22 O2'
4MO non-polymer 'MOLYBDENUM(IV) ION' 'Mo 4'
A1H2V non-polymer '[(2~{R})-3-[[(2~{R})-2,3-bis(oxidanyl)propoxy]-oxidanyl-phosphoryl]oxy-2-hexadecanoyloxy-propyl] octadecanoate' 'C40 H79 O10 P'
FES non-polymer 'FE2/S2 (INORGANIC) CLUSTER' 'Fe2 S2'
H2S non-polymer 'HYDROSULFURIC ACID' 'H2 S'
KNA non-polymer 'nonanoic acid' 'C9 H18 O2'
MGD non-polymer '2-AMINO-5,6-DIMERCAPTO-7-METHYL-3,7,8A,9-TETRAHYDRO-8-OXA-1,3,9,10-TETRAAZA-ANTHRACEN-4-ONE GUANOSINE DINUCLEOTIDE' 'C20 H26 N10 O13 P2 S2'
MQ7 non-polymer MENAQUINONE-7 'C46 H64 O2'
MYR non-polymer 'MYRISTIC ACID' 'C14 H28 O2'
SF4 non-polymer 'IRON/SULFUR CLUSTER' 'Fe4 S4'
SHV non-polymer 'HEPTANOIC ACID' 'C7 H14 O2'
#
# COMPACT_ATOMS: atom_id res chain seq x y z
N ALA A 2 -52.01 -4.33 -21.82
CA ALA A 2 -51.36 -4.37 -20.51
C ALA A 2 -52.12 -3.54 -19.50
N LYS A 3 -52.23 -4.07 -18.28
CA LYS A 3 -52.92 -3.38 -17.20
C LYS A 3 -51.95 -2.45 -16.46
N ALA A 4 -52.43 -1.82 -15.40
CA ALA A 4 -51.64 -0.89 -14.61
C ALA A 4 -50.92 -1.64 -13.50
N ILE A 5 -49.59 -1.74 -13.62
CA ILE A 5 -48.76 -2.32 -12.59
C ILE A 5 -47.59 -1.38 -12.31
N LYS A 6 -47.34 -1.12 -11.03
CA LYS A 6 -46.37 -0.11 -10.62
C LYS A 6 -45.20 -0.72 -9.85
N ARG A 7 -45.48 -1.70 -9.00
CA ARG A 7 -44.46 -2.26 -8.14
C ARG A 7 -43.35 -2.91 -8.96
N ILE A 8 -42.12 -2.80 -8.44
CA ILE A 8 -40.92 -3.27 -9.12
C ILE A 8 -40.34 -4.42 -8.33
N GLN A 9 -40.14 -5.56 -9.00
CA GLN A 9 -39.54 -6.74 -8.39
C GLN A 9 -38.04 -6.69 -8.69
N LYS A 10 -37.29 -6.05 -7.80
CA LYS A 10 -35.84 -5.99 -7.96
C LYS A 10 -35.23 -7.38 -7.92
N ILE A 11 -34.22 -7.60 -8.77
CA ILE A 11 -33.58 -8.91 -8.84
C ILE A 11 -32.88 -9.20 -7.52
N GLU A 12 -32.91 -10.47 -7.12
CA GLU A 12 -32.37 -10.89 -5.82
C GLU A 12 -30.88 -11.17 -5.97
N VAL A 13 -30.10 -10.10 -5.87
CA VAL A 13 -28.64 -10.21 -5.87
C VAL A 13 -28.21 -10.50 -4.43
N THR A 14 -27.80 -11.73 -4.17
CA THR A 14 -27.38 -12.12 -2.83
C THR A 14 -26.04 -11.49 -2.50
N GLU A 15 -25.56 -11.77 -1.28
CA GLU A 15 -24.28 -11.24 -0.86
C GLU A 15 -23.14 -11.77 -1.73
N GLU A 16 -23.24 -13.04 -2.14
CA GLU A 16 -22.20 -13.64 -2.96
C GLU A 16 -22.08 -12.94 -4.31
N ASP A 17 -23.22 -12.67 -4.96
CA ASP A 17 -23.19 -12.02 -6.27
C ASP A 17 -22.67 -10.59 -6.18
N GLN A 18 -23.11 -9.83 -5.16
CA GLN A 18 -22.63 -8.47 -5.00
C GLN A 18 -21.14 -8.45 -4.69
N ARG A 19 -20.69 -9.38 -3.85
CA ARG A 19 -19.26 -9.49 -3.55
C ARG A 19 -18.46 -9.81 -4.81
N LYS A 20 -18.96 -10.74 -5.62
CA LYS A 20 -18.28 -11.07 -6.87
C LYS A 20 -18.22 -9.88 -7.80
N ARG A 21 -19.32 -9.13 -7.91
CA ARG A 21 -19.34 -7.96 -8.78
C ARG A 21 -18.35 -6.91 -8.31
N ASP A 22 -18.29 -6.65 -7.01
CA ASP A 22 -17.39 -5.61 -6.51
C ASP A 22 -15.93 -6.07 -6.60
N LEU A 23 -15.67 -7.35 -6.36
CA LEU A 23 -14.32 -7.87 -6.54
C LEU A 23 -13.90 -7.79 -8.01
N ARG A 24 -14.83 -8.05 -8.93
CA ARG A 24 -14.53 -7.87 -10.34
C ARG A 24 -14.25 -6.42 -10.68
N GLU A 25 -14.98 -5.49 -10.04
CA GLU A 25 -14.71 -4.08 -10.24
C GLU A 25 -13.31 -3.71 -9.75
N ILE A 26 -12.92 -4.23 -8.59
CA ILE A 26 -11.58 -3.96 -8.06
C ILE A 26 -10.52 -4.57 -8.96
N GLU A 27 -10.78 -5.77 -9.50
CA GLU A 27 -9.85 -6.39 -10.43
C GLU A 27 -9.72 -5.58 -11.70
N ASP A 28 -10.83 -5.02 -12.19
CA ASP A 28 -10.77 -4.17 -13.38
C ASP A 28 -9.98 -2.90 -13.10
N ALA A 29 -10.16 -2.32 -11.91
CA ALA A 29 -9.36 -1.16 -11.53
C ALA A 29 -7.88 -1.51 -11.47
N LEU A 30 -7.55 -2.69 -10.95
CA LEU A 30 -6.17 -3.16 -10.98
C LEU A 30 -5.67 -3.30 -12.41
N ILE A 31 -6.54 -3.79 -13.30
CA ILE A 31 -6.16 -3.97 -14.70
C ILE A 31 -5.83 -2.64 -15.34
N ASP A 32 -6.65 -1.62 -15.07
CA ASP A 32 -6.39 -0.29 -15.64
C ASP A 32 -5.04 0.25 -15.19
N HIS A 33 -4.63 -0.09 -13.97
CA HIS A 33 -3.36 0.37 -13.41
C HIS A 33 -2.37 -0.79 -13.26
N LYS A 34 -2.33 -1.67 -14.26
CA LYS A 34 -1.38 -2.78 -14.27
C LYS A 34 0.05 -2.31 -14.08
N GLU A 35 0.47 -1.34 -14.89
CA GLU A 35 1.84 -0.84 -14.80
C GLU A 35 2.11 -0.21 -13.44
N ALA A 36 1.11 0.50 -12.89
CA ALA A 36 1.27 1.09 -11.57
C ALA A 36 1.45 0.03 -10.49
N ILE A 37 0.66 -1.04 -10.55
CA ILE A 37 0.79 -2.11 -9.56
C ILE A 37 2.13 -2.80 -9.69
N LEU A 38 2.60 -3.02 -10.93
CA LEU A 38 3.92 -3.59 -11.13
C LEU A 38 5.00 -2.69 -10.53
N GLU A 39 4.86 -1.38 -10.75
CA GLU A 39 5.85 -0.45 -10.21
C GLU A 39 5.83 -0.43 -8.69
N THR A 40 4.65 -0.52 -8.07
CA THR A 40 4.59 -0.54 -6.61
C THR A 40 5.14 -1.85 -6.04
N LEU A 41 4.89 -2.97 -6.70
CA LEU A 41 5.48 -4.22 -6.27
C LEU A 41 7.00 -4.18 -6.39
N HIS A 42 7.51 -3.59 -7.47
CA HIS A 42 8.95 -3.38 -7.60
C HIS A 42 9.46 -2.43 -6.53
N MET A 43 8.63 -1.45 -6.15
CA MET A 43 8.98 -0.53 -5.06
C MET A 43 9.26 -1.32 -3.81
N LEU A 44 8.31 -2.17 -3.44
CA LEU A 44 8.46 -2.96 -2.23
C LEU A 44 9.66 -3.90 -2.33
N GLY A 45 9.86 -4.50 -3.50
CA GLY A 45 10.98 -5.41 -3.66
C GLY A 45 12.32 -4.72 -3.50
N HIS A 46 12.48 -3.56 -4.14
CA HIS A 46 13.75 -2.84 -4.05
C HIS A 46 13.97 -2.26 -2.65
N MET A 47 12.90 -1.81 -2.00
CA MET A 47 13.03 -1.33 -0.62
C MET A 47 13.44 -2.45 0.31
N ASN A 48 12.84 -3.63 0.15
CA ASN A 48 13.19 -4.76 1.01
C ASN A 48 14.61 -5.23 0.75
N GLU A 49 15.03 -5.25 -0.52
CA GLU A 49 16.41 -5.62 -0.83
C GLU A 49 17.39 -4.62 -0.24
N ARG A 50 17.08 -3.32 -0.33
CA ARG A 50 17.93 -2.29 0.21
C ARG A 50 17.92 -2.24 1.74
N GLY A 51 17.04 -2.99 2.38
CA GLY A 51 16.96 -2.96 3.83
C GLY A 51 16.11 -1.85 4.40
N VAL A 52 15.55 -0.97 3.55
CA VAL A 52 14.66 0.07 4.05
C VAL A 52 13.44 -0.54 4.69
N LEU A 53 12.79 -1.48 4.00
CA LEU A 53 11.64 -2.16 4.58
C LEU A 53 12.02 -2.98 5.81
N PRO A 54 13.09 -3.77 5.81
CA PRO A 54 13.52 -4.39 7.07
C PRO A 54 13.91 -3.39 8.14
N LEU A 55 14.47 -2.24 7.78
CA LEU A 55 14.79 -1.22 8.78
C LEU A 55 13.51 -0.73 9.45
N LEU A 56 12.47 -0.46 8.67
CA LEU A 56 11.19 -0.09 9.25
C LEU A 56 10.57 -1.24 10.02
N ARG A 57 10.85 -2.48 9.62
CA ARG A 57 10.31 -3.63 10.34
C ARG A 57 10.93 -3.73 11.74
N GLY A 58 12.23 -3.47 11.84
CA GLY A 58 12.84 -3.32 13.14
C GLY A 58 12.31 -2.11 13.90
N LEU A 59 12.00 -1.03 13.18
CA LEU A 59 11.50 0.18 13.83
C LEU A 59 10.13 -0.04 14.46
N PHE A 60 9.25 -0.76 13.77
CA PHE A 60 7.88 -0.93 14.23
C PHE A 60 7.63 -2.24 14.96
N GLY A 61 8.58 -3.19 14.92
CA GLY A 61 8.44 -4.38 15.72
C GLY A 61 8.96 -4.21 17.13
N GLN A 62 10.14 -3.60 17.26
CA GLN A 62 10.69 -3.22 18.55
C GLN A 62 10.42 -1.75 18.85
N GLY A 63 9.28 -1.24 18.40
CA GLY A 63 8.98 0.18 18.53
C GLY A 63 8.94 0.64 19.98
N ASP A 64 8.48 -0.22 20.89
CA ASP A 64 8.49 0.12 22.30
C ASP A 64 9.91 0.36 22.79
N LYS A 65 10.85 -0.50 22.38
CA LYS A 65 12.24 -0.31 22.77
C LYS A 65 12.82 0.97 22.17
N VAL A 66 12.46 1.28 20.92
CA VAL A 66 12.95 2.50 20.29
C VAL A 66 12.46 3.73 21.03
N LEU A 67 11.16 3.75 21.36
CA LEU A 67 10.62 4.87 22.11
C LEU A 67 11.25 4.97 23.49
N ASP A 68 11.50 3.82 24.13
CA ASP A 68 12.13 3.82 25.44
C ASP A 68 13.53 4.43 25.36
N ILE A 69 14.31 4.03 24.35
CA ILE A 69 15.66 4.59 24.19
C ILE A 69 15.57 6.08 23.93
N LEU A 70 14.64 6.50 23.07
CA LEU A 70 14.51 7.92 22.75
C LEU A 70 14.18 8.74 23.99
N VAL A 71 13.21 8.29 24.79
CA VAL A 71 12.82 9.08 25.96
C VAL A 71 13.91 9.05 27.02
N LYS A 72 14.56 7.91 27.23
CA LYS A 72 15.59 7.83 28.25
C LYS A 72 16.81 8.66 27.89
N LYS A 73 17.13 8.79 26.61
CA LYS A 73 18.21 9.69 26.24
C LYS A 73 17.77 11.15 26.29
N ALA A 74 16.53 11.42 25.87
CA ALA A 74 16.07 12.81 25.80
C ALA A 74 15.72 13.39 27.17
N ASP A 75 15.29 12.55 28.12
CA ASP A 75 14.76 13.05 29.38
C ASP A 75 15.74 13.91 30.17
N THR A 76 17.00 13.99 29.75
CA THR A 76 17.95 14.88 30.38
C THR A 76 17.45 16.32 30.28
N GLU A 77 17.70 17.11 31.33
CA GLU A 77 17.23 18.48 31.37
C GLU A 77 17.80 19.32 30.22
N GLU A 78 18.98 18.96 29.73
CA GLU A 78 19.58 19.70 28.64
C GLU A 78 18.73 19.63 27.37
N THR A 79 18.25 18.43 27.02
CA THR A 79 17.47 18.27 25.80
C THR A 79 16.10 18.94 25.93
N ALA A 80 15.45 18.80 27.08
CA ALA A 80 14.18 19.46 27.30
C ALA A 80 14.34 20.98 27.23
N ASN A 81 15.40 21.50 27.84
CA ASN A 81 15.67 22.93 27.75
C ASN A 81 15.94 23.35 26.31
N THR A 82 16.65 22.52 25.55
CA THR A 82 16.95 22.85 24.16
C THR A 82 15.67 22.95 23.34
N LEU A 83 14.78 21.97 23.48
CA LEU A 83 13.52 22.01 22.73
C LEU A 83 12.64 23.17 23.18
N LYS A 84 12.58 23.41 24.50
CA LYS A 84 11.79 24.54 25.00
C LYS A 84 12.32 25.86 24.45
N ASN A 85 13.64 26.03 24.43
CA ASN A 85 14.21 27.27 23.95
C ASN A 85 14.09 27.40 22.44
N LEU A 86 14.08 26.28 21.71
CA LEU A 86 13.79 26.35 20.28
C LEU A 86 12.37 26.84 20.03
N LEU A 87 11.40 26.30 20.78
CA LEU A 87 10.02 26.77 20.66
C LEU A 87 9.90 28.25 21.04
N LEU A 88 10.61 28.65 22.10
CA LEU A 88 10.58 30.05 22.52
C LEU A 88 11.22 30.95 21.49
N LEU A 89 12.30 30.48 20.84
CA LEU A 89 12.93 31.25 19.79
C LEU A 89 11.99 31.43 18.60
N PHE A 90 11.26 30.37 18.24
CA PHE A 90 10.27 30.50 17.18
C PHE A 90 9.20 31.51 17.56
N GLY A 91 8.72 31.45 18.80
CA GLY A 91 7.71 32.39 19.24
C GLY A 91 8.19 33.83 19.24
N THR A 92 9.43 34.04 19.68
CA THR A 92 9.97 35.40 19.71
C THR A 92 10.22 35.93 18.30
N LEU A 93 10.77 35.10 17.42
CA LEU A 93 10.93 35.51 16.03
C LEU A 93 9.60 35.83 15.39
N GLY A 94 8.54 35.11 15.78
CA GLY A 94 7.20 35.50 15.36
C GLY A 94 6.78 36.84 15.93
N MET A 95 7.12 37.09 17.19
CA MET A 95 6.78 38.37 17.82
C MET A 95 7.51 39.52 17.15
N LEU A 96 8.77 39.31 16.77
CA LEU A 96 9.54 40.34 16.09
C LEU A 96 8.89 40.69 14.75
N ASP A 97 8.69 41.98 14.51
CA ASP A 97 8.06 42.46 13.28
C ASP A 97 9.14 42.62 12.21
N VAL A 98 8.92 41.99 11.05
CA VAL A 98 9.94 41.94 10.01
C VAL A 98 9.62 42.86 8.83
N LYS A 99 8.39 43.38 8.76
CA LYS A 99 8.05 44.32 7.68
C LYS A 99 8.96 45.53 7.69
N GLN A 100 9.23 46.08 8.88
CA GLN A 100 10.19 47.16 9.03
C GLN A 100 11.64 46.69 8.93
N LEU A 101 11.88 45.38 9.04
CA LEU A 101 13.23 44.85 9.05
C LEU A 101 13.80 44.64 7.65
N GLU A 102 12.97 44.67 6.60
CA GLU A 102 13.49 44.54 5.24
C GLU A 102 14.39 45.70 4.85
N PRO A 103 14.03 46.98 5.08
CA PRO A 103 15.01 48.04 4.83
C PRO A 103 16.28 47.90 5.65
N LEU A 104 16.17 47.41 6.89
CA LEU A 104 17.35 47.17 7.70
C LEU A 104 18.23 46.11 7.06
N ILE A 105 17.63 45.05 6.51
CA ILE A 105 18.40 44.01 5.84
C ILE A 105 19.08 44.56 4.60
N LEU A 106 18.37 45.40 3.83
CA LEU A 106 18.98 46.02 2.65
C LEU A 106 20.17 46.90 3.04
N LYS A 107 20.01 47.69 4.11
CA LYS A 107 21.11 48.53 4.59
C LYS A 107 22.28 47.67 5.06
N VAL A 108 21.99 46.55 5.73
CA VAL A 108 23.05 45.65 6.17
C VAL A 108 23.77 45.06 4.98
N ASN A 109 23.04 44.72 3.92
CA ASN A 109 23.66 44.24 2.69
C ASN A 109 24.62 45.28 2.12
N ALA A 110 24.15 46.53 2.03
CA ALA A 110 25.00 47.59 1.49
C ALA A 110 26.23 47.81 2.38
N GLY A 111 26.04 47.74 3.70
CA GLY A 111 27.17 47.93 4.60
C GLY A 111 28.19 46.82 4.51
N VAL A 112 27.74 45.57 4.39
CA VAL A 112 28.66 44.46 4.22
C VAL A 112 29.40 44.58 2.90
N ALA A 113 28.71 45.01 1.84
CA ALA A 113 29.36 45.23 0.56
C ALA A 113 30.44 46.31 0.68
N SER A 114 30.13 47.40 1.36
CA SER A 114 31.12 48.47 1.55
C SER A 114 32.30 47.99 2.38
N ALA A 115 32.04 47.19 3.42
CA ALA A 115 33.11 46.70 4.28
C ALA A 115 34.04 45.76 3.52
N VAL A 116 33.48 44.81 2.76
CA VAL A 116 34.32 43.91 1.98
C VAL A 116 34.96 44.63 0.81
N GLU A 117 34.42 45.78 0.40
CA GLU A 117 35.04 46.57 -0.66
C GLU A 117 36.40 47.11 -0.27
N GLN A 118 36.67 47.24 1.04
CA GLN A 118 37.95 47.80 1.50
C GLN A 118 39.05 46.76 1.44
N LYS A 119 39.25 46.15 0.27
CA LYS A 119 40.29 45.15 0.03
C LYS A 119 40.29 44.04 1.08
N PHE A 128 42.75 57.46 14.20
CA PHE A 128 42.50 58.69 13.46
C PHE A 128 41.27 58.57 12.57
N ASP A 129 40.73 57.36 12.50
CA ASP A 129 39.62 57.09 11.58
C ASP A 129 38.30 57.68 12.09
N ILE A 130 38.09 57.64 13.40
CA ILE A 130 36.79 58.04 13.95
C ILE A 130 36.58 59.54 13.81
N ILE A 131 37.63 60.33 14.01
CA ILE A 131 37.50 61.78 13.93
C ILE A 131 37.10 62.20 12.52
N ARG A 132 37.75 61.60 11.51
CA ARG A 132 37.36 61.90 10.13
C ARG A 132 35.99 61.33 9.79
N SER A 133 35.64 60.18 10.37
CA SER A 133 34.38 59.52 10.03
C SER A 133 33.18 60.30 10.57
N LEU A 134 33.31 60.90 11.77
CA LEU A 134 32.18 61.59 12.36
C LEU A 134 31.71 62.75 11.48
N LYS A 135 32.63 63.38 10.74
CA LYS A 135 32.26 64.47 9.84
C LYS A 135 31.63 63.97 8.55
N ASP A 136 31.73 62.68 8.24
CA ASP A 136 31.13 62.15 7.03
C ASP A 136 29.61 62.25 7.13
N PRO A 137 28.93 62.92 6.19
CA PRO A 137 27.47 63.02 6.29
C PRO A 137 26.77 61.66 6.26
N GLU A 138 27.29 60.72 5.46
CA GLU A 138 26.72 59.38 5.43
C GLU A 138 26.87 58.70 6.79
N ILE A 139 28.06 58.79 7.38
CA ILE A 139 28.29 58.21 8.69
C ILE A 139 27.41 58.89 9.74
N ASN A 140 27.29 60.22 9.65
CA ASN A 140 26.46 60.95 10.62
C ASN A 140 25.00 60.51 10.54
N LYS A 141 24.46 60.41 9.32
CA LYS A 141 23.08 59.97 9.17
C LYS A 141 22.89 58.53 9.63
N SER A 142 23.85 57.66 9.31
CA SER A 142 23.74 56.26 9.71
C SER A 142 23.77 56.11 11.23
N ILE A 143 24.69 56.84 11.89
CA ILE A 143 24.77 56.73 13.34
C ILE A 143 23.57 57.39 14.00
N THR A 144 22.99 58.41 13.36
CA THR A 144 21.73 58.96 13.85
C THR A 144 20.62 57.92 13.75
N LEU A 145 20.62 57.13 12.67
CA LEU A 145 19.65 56.04 12.55
C LEU A 145 19.85 55.00 13.65
N LEU A 146 21.10 54.63 13.92
CA LEU A 146 21.36 53.68 14.99
C LEU A 146 20.95 54.23 16.35
N PHE A 147 21.15 55.53 16.57
CA PHE A 147 20.74 56.11 17.84
C PHE A 147 19.23 56.22 17.95
N SER A 148 18.53 56.42 16.83
CA SER A 148 17.07 56.34 16.85
C SER A 148 16.61 54.92 17.18
N PHE A 149 17.29 53.92 16.63
CA PHE A 149 17.04 52.54 17.01
C PHE A 149 17.24 52.35 18.51
N LEU A 150 18.34 52.88 19.03
CA LEU A 150 18.65 52.75 20.46
C LEU A 150 17.58 53.43 21.31
N LYS A 151 17.11 54.60 20.88
CA LYS A 151 16.03 55.28 21.59
C LYS A 151 14.74 54.47 21.56
N GLY A 152 14.42 53.88 20.41
CA GLY A 152 13.19 53.12 20.30
C GLY A 152 13.13 51.94 21.26
N MET A 153 14.23 51.22 21.39
CA MET A 153 14.27 50.10 22.32
C MET A 153 14.31 50.60 23.76
N GLY A 154 13.76 49.81 24.66
CA GLY A 154 13.59 50.26 26.03
C GLY A 154 12.64 51.41 26.18
N GLN A 155 11.58 51.45 25.37
CA GLN A 155 10.62 52.55 25.42
C GLN A 155 9.83 52.51 26.71
N ASP A 156 9.44 53.70 27.18
CA ASP A 156 8.64 53.78 28.41
C ASP A 156 7.29 53.11 28.24
N THR A 157 6.64 53.32 27.11
CA THR A 157 5.33 52.74 26.80
C THR A 157 4.30 53.01 27.90
N LYS B 4 61.31 2.75 -25.06
CA LYS B 4 62.10 3.78 -25.75
C LYS B 4 61.46 5.15 -25.56
N LYS B 5 62.18 6.19 -26.01
CA LYS B 5 61.73 7.58 -25.91
C LYS B 5 61.37 7.92 -24.47
N THR B 6 62.39 7.88 -23.60
CA THR B 6 62.18 8.07 -22.17
C THR B 6 61.54 9.43 -21.90
N ILE B 7 60.60 9.44 -20.95
CA ILE B 7 59.84 10.64 -20.62
C ILE B 7 59.78 10.76 -19.10
N THR B 8 59.39 11.95 -18.63
CA THR B 8 59.11 12.16 -17.22
C THR B 8 57.78 12.87 -17.10
N ILE B 9 56.83 12.25 -16.40
CA ILE B 9 55.50 12.81 -16.19
C ILE B 9 55.24 12.86 -14.69
N ASN B 10 54.68 13.98 -14.23
CA ASN B 10 54.36 14.20 -12.82
C ASN B 10 55.60 14.14 -11.94
N GLY B 11 56.77 14.43 -12.50
CA GLY B 11 58.02 14.32 -11.77
C GLY B 11 58.55 12.91 -11.62
N VAL B 12 57.96 11.94 -12.31
CA VAL B 12 58.32 10.53 -12.20
C VAL B 12 58.67 10.02 -13.60
N GLU B 13 59.76 9.27 -13.68
CA GLU B 13 60.19 8.71 -14.96
C GLU B 13 59.18 7.69 -15.47
N MET B 14 58.93 7.72 -16.79
CA MET B 14 58.02 6.80 -17.44
C MET B 14 58.53 6.54 -18.85
N GLU B 15 58.09 5.42 -19.42
CA GLU B 15 58.48 5.02 -20.77
C GLU B 15 57.39 5.41 -21.78
N ALA B 16 57.79 5.49 -23.04
CA ALA B 16 56.89 5.82 -24.13
C ALA B 16 56.60 4.59 -24.97
N SER B 17 55.44 4.60 -25.61
CA SER B 17 54.95 3.52 -26.46
C SER B 17 54.77 4.04 -27.88
N GLU B 18 54.12 3.23 -28.72
CA GLU B 18 53.83 3.62 -30.09
C GLU B 18 52.91 4.83 -30.17
N GLU B 19 52.25 5.19 -29.08
CA GLU B 19 51.37 6.35 -29.07
C GLU B 19 52.13 7.61 -29.47
N GLN B 20 51.48 8.45 -30.28
CA GLN B 20 52.11 9.63 -30.83
C GLN B 20 51.91 10.87 -29.96
N THR B 21 50.76 11.00 -29.31
CA THR B 21 50.43 12.18 -28.55
C THR B 21 50.56 11.93 -27.04
N VAL B 22 50.72 13.01 -26.30
CA VAL B 22 50.87 12.92 -24.85
C VAL B 22 49.59 12.39 -24.20
N LEU B 23 48.44 12.69 -24.80
CA LEU B 23 47.16 12.32 -24.20
C LEU B 23 47.02 10.81 -24.06
N GLN B 24 47.48 10.06 -25.06
CA GLN B 24 47.42 8.60 -24.97
C GLN B 24 48.27 8.09 -23.81
N LEU B 25 49.47 8.64 -23.65
CA LEU B 25 50.33 8.24 -22.54
C LEU B 25 49.69 8.58 -21.20
N LEU B 26 49.09 9.78 -21.08
CA LEU B 26 48.44 10.16 -19.84
C LEU B 26 47.27 9.25 -19.53
N ASN B 27 46.48 8.88 -20.55
CA ASN B 27 45.39 7.94 -20.34
C ASN B 27 45.90 6.58 -19.89
N ASN B 28 46.98 6.11 -20.52
CA ASN B 28 47.57 4.84 -20.10
C ASN B 28 48.22 4.94 -18.74
N SER B 29 48.67 6.13 -18.35
CA SER B 29 49.22 6.37 -17.03
C SER B 29 48.16 6.71 -16.00
N SER B 30 46.89 6.77 -16.41
CA SER B 30 45.76 7.09 -15.53
C SER B 30 45.94 8.44 -14.85
N ILE B 31 46.47 9.41 -15.60
CA ILE B 31 46.58 10.78 -15.13
C ILE B 31 45.27 11.49 -15.45
N GLU B 32 44.68 12.14 -14.44
CA GLU B 32 43.38 12.78 -14.57
C GLU B 32 43.52 14.11 -15.31
N VAL B 33 43.78 14.02 -16.60
CA VAL B 33 43.87 15.18 -17.48
C VAL B 33 42.52 15.36 -18.18
N PRO B 34 41.89 16.52 -18.08
CA PRO B 34 40.60 16.72 -18.76
C PRO B 34 40.75 16.58 -20.27
N GLN B 35 39.92 15.70 -20.84
CA GLN B 35 39.92 15.44 -22.28
C GLN B 35 38.46 15.41 -22.73
N VAL B 36 37.94 16.56 -23.13
CA VAL B 36 36.54 16.67 -23.54
C VAL B 36 36.39 16.42 -25.03
N CYS B 37 37.21 17.06 -25.85
CA CYS B 37 37.09 16.97 -27.30
C CYS B 37 37.78 15.76 -27.89
N TYR B 38 38.47 14.95 -27.09
CA TYR B 38 39.21 13.81 -27.61
C TYR B 38 38.37 12.54 -27.52
N HIS B 39 38.30 11.81 -28.64
CA HIS B 39 37.67 10.51 -28.68
C HIS B 39 38.67 9.55 -29.30
N PRO B 40 38.86 8.35 -28.74
CA PRO B 40 39.90 7.44 -29.26
C PRO B 40 39.77 7.13 -30.74
N SER B 41 38.53 6.95 -31.23
CA SER B 41 38.34 6.69 -32.65
C SER B 41 38.47 7.96 -33.49
N LEU B 42 38.09 9.11 -32.94
CA LEU B 42 38.09 10.34 -33.71
C LEU B 42 39.51 10.87 -33.91
N GLY B 43 40.31 10.80 -32.88
CA GLY B 43 41.65 11.37 -33.02
C GLY B 43 41.69 12.78 -32.49
N PRO B 44 42.86 13.47 -32.45
CA PRO B 44 42.95 14.81 -31.86
C PRO B 44 42.12 15.80 -32.66
N ILE B 45 41.14 16.43 -32.01
CA ILE B 45 40.26 17.40 -32.71
C ILE B 45 40.73 18.78 -32.28
N GLU B 46 41.35 18.86 -31.12
CA GLU B 46 41.91 20.14 -30.63
C GLU B 46 40.90 21.27 -30.65
N THR B 47 39.71 21.09 -30.10
CA THR B 47 38.79 22.25 -30.18
C THR B 47 38.29 22.56 -28.79
N CYS B 48 38.70 21.81 -27.75
CA CYS B 48 38.11 22.14 -26.42
C CYS B 48 39.17 22.72 -25.50
N ASP B 49 40.43 22.53 -25.83
CA ASP B 49 41.50 23.22 -25.05
C ASP B 49 41.42 22.88 -23.57
N THR B 50 40.69 21.84 -23.16
CA THR B 50 40.73 21.43 -21.77
C THR B 50 41.84 20.42 -21.48
N CYS B 51 42.60 20.02 -22.49
CA CYS B 51 43.69 19.07 -22.33
C CYS B 51 45.04 19.75 -22.19
N ILE B 52 45.06 20.97 -21.67
CA ILE B 52 46.30 21.72 -21.57
C ILE B 52 47.22 21.09 -20.51
N VAL B 53 48.43 20.74 -20.92
CA VAL B 53 49.46 20.27 -20.01
C VAL B 53 50.76 20.99 -20.34
N SER B 54 51.68 20.98 -19.38
CA SER B 54 52.96 21.65 -19.53
C SER B 54 53.94 20.68 -20.17
N ILE B 55 54.11 20.80 -21.50
CA ILE B 55 55.13 20.04 -22.22
C ILE B 55 56.34 20.96 -22.40
N ASN B 56 57.51 20.46 -21.99
CA ASN B 56 58.75 21.24 -22.04
C ASN B 56 58.61 22.57 -21.30
N GLY B 57 57.72 22.61 -20.31
CA GLY B 57 57.44 23.81 -19.56
C GLY B 57 56.37 24.70 -20.17
N GLU B 58 56.18 24.65 -21.48
CA GLU B 58 55.19 25.47 -22.16
C GLU B 58 53.84 24.77 -22.15
N LEU B 59 52.77 25.55 -22.00
CA LEU B 59 51.42 25.00 -21.97
C LEU B 59 50.97 24.68 -23.39
N LYS B 60 50.59 23.43 -23.62
CA LYS B 60 50.14 23.00 -24.94
C LYS B 60 49.10 21.91 -24.79
N ARG B 61 48.33 21.70 -25.86
CA ARG B 61 47.26 20.72 -25.85
C ARG B 61 47.85 19.31 -25.87
N SER B 62 47.60 18.55 -24.81
CA SER B 62 48.09 17.17 -24.76
C SER B 62 47.43 16.28 -25.78
N CYS B 63 46.25 16.65 -26.28
CA CYS B 63 45.58 15.84 -27.29
C CYS B 63 46.35 15.81 -28.60
N SER B 64 47.14 16.84 -28.87
CA SER B 64 47.92 16.92 -30.11
C SER B 64 49.40 17.16 -29.88
N ALA B 65 49.86 17.17 -28.62
CA ALA B 65 51.27 17.35 -28.34
C ALA B 65 52.01 16.06 -28.63
N GLU B 66 52.93 16.12 -29.60
CA GLU B 66 53.68 14.92 -29.97
C GLU B 66 54.57 14.47 -28.81
N LEU B 67 54.62 13.16 -28.60
CA LEU B 67 55.37 12.57 -27.49
C LEU B 67 56.85 12.48 -27.86
N LYS B 68 57.49 13.65 -27.88
CA LYS B 68 58.92 13.72 -28.17
C LYS B 68 59.72 13.19 -27.00
N ASP B 69 60.92 12.68 -27.30
CA ASP B 69 61.76 12.09 -26.28
C ASP B 69 62.29 13.14 -25.31
N GLY B 70 62.26 12.81 -24.02
CA GLY B 70 62.86 13.64 -23.00
C GLY B 70 62.04 14.82 -22.52
N ASP B 71 60.77 14.91 -22.91
CA ASP B 71 59.94 16.02 -22.46
C ASP B 71 59.53 15.85 -21.01
N VAL B 72 59.20 16.96 -20.36
CA VAL B 72 58.75 17.00 -18.98
C VAL B 72 57.26 17.25 -18.96
N ILE B 73 56.52 16.42 -18.25
CA ILE B 73 55.06 16.50 -18.19
C ILE B 73 54.64 16.76 -16.76
N ASP B 74 53.80 17.77 -16.56
CA ASP B 74 53.25 18.08 -15.25
C ASP B 74 51.76 18.37 -15.41
N THR B 75 50.95 17.85 -14.48
CA THR B 75 49.50 17.97 -14.58
C THR B 75 48.82 18.50 -13.33
N LEU B 76 49.50 18.55 -12.19
CA LEU B 76 48.93 19.12 -10.97
C LEU B 76 49.43 20.53 -10.71
N SER B 77 50.18 21.11 -11.63
CA SER B 77 50.69 22.46 -11.42
C SER B 77 49.54 23.45 -11.39
N PRO B 78 49.61 24.49 -10.56
CA PRO B 78 48.58 25.54 -10.60
C PRO B 78 48.38 26.13 -11.98
N ASP B 79 49.45 26.23 -12.78
CA ASP B 79 49.33 26.81 -14.12
C ASP B 79 48.47 25.95 -15.04
N VAL B 80 48.75 24.65 -15.10
CA VAL B 80 47.97 23.77 -15.97
C VAL B 80 46.55 23.62 -15.46
N LYS B 81 46.38 23.60 -14.13
CA LYS B 81 45.04 23.53 -13.55
C LYS B 81 44.23 24.77 -13.92
N LYS B 82 44.85 25.95 -13.83
CA LYS B 82 44.16 27.18 -14.21
C LYS B 82 43.83 27.20 -15.69
N ALA B 83 44.74 26.72 -16.53
CA ALA B 83 44.46 26.67 -17.96
C ALA B 83 43.30 25.74 -18.27
N GLN B 84 43.27 24.57 -17.64
CA GLN B 84 42.16 23.64 -17.85
C GLN B 84 40.85 24.22 -17.32
N VAL B 85 40.90 24.91 -16.18
CA VAL B 85 39.70 25.54 -15.64
C VAL B 85 39.17 26.62 -16.59
N ILE B 86 40.07 27.41 -17.17
CA ILE B 86 39.65 28.44 -18.12
C ILE B 86 39.05 27.81 -19.36
N GLY B 87 39.68 26.74 -19.87
CA GLY B 87 39.14 26.06 -21.03
C GLY B 87 37.75 25.49 -20.77
N MET B 88 37.57 24.86 -19.62
CA MET B 88 36.26 24.29 -19.31
C MET B 88 35.23 25.39 -19.01
N ASP B 89 35.67 26.53 -18.49
CA ASP B 89 34.77 27.66 -18.33
C ASP B 89 34.29 28.16 -19.68
N LYS B 90 35.20 28.24 -20.66
CA LYS B 90 34.79 28.59 -22.02
C LYS B 90 33.84 27.56 -22.58
N ILE B 91 34.07 26.28 -22.28
CA ILE B 91 33.18 25.22 -22.75
C ILE B 91 31.79 25.40 -22.15
N LEU B 92 31.72 25.58 -20.83
CA LEU B 92 30.44 25.74 -20.14
C LEU B 92 29.76 27.05 -20.51
N TYR B 93 30.50 28.01 -21.06
CA TYR B 93 29.86 29.20 -21.62
C TYR B 93 28.93 28.83 -22.78
N ASN B 94 29.21 27.70 -23.44
CA ASN B 94 28.38 27.21 -24.52
C ASN B 94 27.48 26.05 -24.11
N HIS B 95 27.52 25.63 -22.85
CA HIS B 95 26.74 24.48 -22.38
C HIS B 95 25.93 24.91 -21.16
N GLU B 96 24.61 24.73 -21.23
CA GLU B 96 23.76 25.12 -20.12
C GLU B 96 24.01 24.25 -18.89
N LEU B 97 24.32 22.96 -19.08
CA LEU B 97 24.72 22.07 -18.01
C LEU B 97 23.59 21.88 -16.99
N TYR B 98 22.44 21.43 -17.50
CA TYR B 98 21.32 21.03 -16.65
C TYR B 98 21.31 19.52 -16.48
N CYS B 99 22.33 19.01 -15.79
CA CYS B 99 22.62 17.58 -15.78
C CYS B 99 21.46 16.77 -15.23
N THR B 100 20.81 17.27 -14.17
CA THR B 100 19.77 16.48 -13.51
C THR B 100 18.60 16.20 -14.46
N VAL B 101 18.23 17.17 -15.29
CA VAL B 101 17.10 17.02 -16.20
C VAL B 101 17.56 16.87 -17.65
N CYS B 102 18.76 16.33 -17.84
CA CYS B 102 19.32 16.17 -19.22
C CYS B 102 19.41 14.70 -19.56
N ASP B 103 18.93 14.32 -20.72
CA ASP B 103 18.87 12.90 -21.09
C ASP B 103 20.27 12.30 -21.17
N TYR B 104 21.26 13.04 -21.65
CA TYR B 104 22.57 12.38 -21.85
C TYR B 104 23.22 12.10 -20.50
N ASN B 105 22.64 12.52 -19.39
CA ASN B 105 23.34 12.30 -18.10
C ASN B 105 23.03 10.87 -17.74
N ASN B 106 23.56 9.95 -18.51
CA ASN B 106 23.39 8.53 -18.15
C ASN B 106 24.74 8.16 -17.55
N GLY B 107 25.52 9.18 -17.23
CA GLY B 107 26.81 8.97 -16.56
C GLY B 107 27.97 8.88 -17.51
N GLY B 108 27.67 8.88 -18.80
CA GLY B 108 28.75 8.80 -19.80
C GLY B 108 28.99 10.14 -20.45
N CYS B 109 28.39 11.18 -19.92
CA CYS B 109 28.51 12.45 -20.66
C CYS B 109 29.84 13.09 -20.34
N GLU B 110 30.66 13.35 -21.35
CA GLU B 110 32.04 13.84 -21.05
C GLU B 110 32.01 15.20 -20.38
N ILE B 111 31.13 16.11 -20.76
CA ILE B 111 31.18 17.38 -19.99
C ILE B 111 30.93 17.03 -18.53
N HIS B 112 29.86 16.28 -18.23
CA HIS B 112 29.52 15.97 -16.81
C HIS B 112 30.71 15.29 -16.12
N ASN B 113 31.28 14.25 -16.75
CA ASN B 113 32.34 13.46 -16.09
C ASN B 113 33.52 14.40 -15.89
N THR B 114 33.93 15.11 -16.93
CA THR B 114 35.11 15.95 -16.81
C THR B 114 34.89 17.09 -15.82
N VAL B 115 33.69 17.67 -15.81
CA VAL B 115 33.39 18.72 -14.83
C VAL B 115 33.46 18.16 -13.42
N LYS B 116 32.92 16.96 -13.21
CA LYS B 116 33.03 16.33 -11.90
C LYS B 116 34.48 16.03 -11.56
N GLU B 117 35.27 15.59 -12.54
CA GLU B 117 36.66 15.23 -12.29
C GLU B 117 37.48 16.45 -11.88
N MET B 118 37.27 17.58 -12.54
CA MET B 118 38.03 18.78 -12.19
C MET B 118 37.56 19.40 -10.87
N LYS B 119 36.45 18.91 -10.31
CA LYS B 119 35.91 19.44 -9.06
C LYS B 119 35.63 20.94 -9.17
N ILE B 120 35.16 21.37 -10.34
CA ILE B 120 34.83 22.77 -10.53
C ILE B 120 33.51 23.10 -9.85
N ASN B 121 33.36 24.36 -9.45
CA ASN B 121 32.15 24.83 -8.80
C ASN B 121 31.55 26.08 -9.43
N HIS B 122 32.32 26.86 -10.19
CA HIS B 122 31.83 28.05 -10.83
C HIS B 122 32.35 28.11 -12.26
N GLN B 123 31.60 28.81 -13.11
CA GLN B 123 32.04 29.13 -14.46
C GLN B 123 32.29 30.63 -14.53
N SER B 124 33.52 31.02 -14.88
CA SER B 124 33.85 32.45 -14.92
C SER B 124 32.99 33.18 -15.94
N ILE B 125 32.78 32.58 -17.10
CA ILE B 125 31.92 33.14 -18.13
C ILE B 125 30.54 32.49 -18.00
N PRO B 126 29.49 33.24 -17.72
CA PRO B 126 28.16 32.64 -17.59
C PRO B 126 27.66 32.12 -18.93
N PHE B 127 26.77 31.13 -18.83
CA PHE B 127 26.23 30.50 -20.04
C PHE B 127 25.45 31.52 -20.86
N ASP B 128 25.65 31.47 -22.18
CA ASP B 128 24.99 32.37 -23.11
C ASP B 128 24.34 31.54 -24.21
N HIS B 129 23.01 31.65 -24.32
CA HIS B 129 22.28 30.92 -25.35
C HIS B 129 22.67 31.43 -26.73
N LYS B 130 22.95 30.50 -27.65
CA LYS B 130 23.19 30.89 -29.03
C LYS B 130 21.89 31.32 -29.69
N PRO B 131 21.94 32.26 -30.63
CA PRO B 131 20.70 32.73 -31.27
C PRO B 131 19.97 31.65 -32.04
N TYR B 132 20.67 30.56 -32.34
CA TYR B 132 20.08 29.47 -33.16
C TYR B 132 19.13 28.61 -32.33
N HIS B 133 18.05 28.12 -32.93
CA HIS B 133 17.12 27.24 -32.25
C HIS B 133 17.50 25.78 -32.47
N LYS B 134 16.92 24.91 -31.66
CA LYS B 134 17.15 23.47 -31.82
C LYS B 134 16.63 23.02 -33.17
N ASP B 135 17.42 22.19 -33.85
CA ASP B 135 17.10 21.73 -35.20
C ASP B 135 16.49 20.34 -35.09
N GLU B 136 15.17 20.29 -34.94
CA GLU B 136 14.43 19.04 -34.84
C GLU B 136 13.91 18.56 -36.19
N SER B 137 14.47 19.06 -37.29
CA SER B 137 14.01 18.64 -38.62
C SER B 137 14.24 17.15 -38.83
N HIS B 138 15.37 16.64 -38.37
CA HIS B 138 15.66 15.22 -38.53
C HIS B 138 14.71 14.38 -37.68
N PRO B 139 14.20 13.28 -38.22
CA PRO B 139 13.28 12.43 -37.44
C PRO B 139 13.96 11.49 -36.46
N PHE B 140 15.30 11.46 -36.42
CA PHE B 140 16.03 10.53 -35.56
C PHE B 140 16.79 11.24 -34.46
N TYR B 141 17.66 12.19 -34.79
CA TYR B 141 18.46 12.90 -33.82
C TYR B 141 18.31 14.40 -34.00
N ARG B 142 18.31 15.13 -32.90
CA ARG B 142 18.23 16.58 -32.95
C ARG B 142 19.57 17.19 -32.54
N TYR B 143 19.76 18.43 -32.98
CA TYR B 143 20.92 19.25 -32.64
C TYR B 143 20.45 20.46 -31.85
N ASP B 144 21.13 20.73 -30.74
CA ASP B 144 20.77 21.82 -29.83
C ASP B 144 21.93 22.80 -29.76
N PRO B 145 21.98 23.79 -30.64
CA PRO B 145 23.10 24.73 -30.62
C PRO B 145 23.26 25.46 -29.29
N ASP B 146 22.18 25.60 -28.53
CA ASP B 146 22.29 26.17 -27.19
C ASP B 146 23.20 25.31 -26.31
N GLN B 147 23.09 23.99 -26.43
CA GLN B 147 23.92 23.06 -25.67
C GLN B 147 25.17 22.64 -26.42
N CYS B 148 25.37 23.11 -27.64
CA CYS B 148 26.56 22.76 -28.39
C CYS B 148 27.78 23.48 -27.81
N ILE B 149 28.85 22.72 -27.54
CA ILE B 149 30.08 23.28 -26.99
C ILE B 149 31.15 23.45 -28.04
N LEU B 150 30.84 23.18 -29.31
CA LEU B 150 31.75 23.40 -30.43
C LEU B 150 33.01 22.56 -30.32
N CYS B 151 32.91 21.40 -29.66
CA CYS B 151 34.06 20.51 -29.54
C CYS B 151 34.46 19.91 -30.88
N GLY B 152 33.54 19.86 -31.85
CA GLY B 152 33.87 19.37 -33.16
C GLY B 152 33.91 17.87 -33.31
N ARG B 153 33.60 17.11 -32.25
CA ARG B 153 33.62 15.66 -32.36
C ARG B 153 32.61 15.18 -33.39
N CYS B 154 31.42 15.78 -33.41
CA CYS B 154 30.42 15.42 -34.40
C CYS B 154 30.89 15.74 -35.81
N VAL B 155 31.50 16.91 -36.00
CA VAL B 155 32.00 17.28 -37.32
C VAL B 155 33.14 16.36 -37.74
N GLU B 156 34.05 16.08 -36.82
CA GLU B 156 35.15 15.16 -37.14
C GLU B 156 34.62 13.77 -37.48
N ALA B 157 33.54 13.35 -36.81
CA ALA B 157 32.94 12.05 -37.13
C ALA B 157 32.33 12.06 -38.52
N CYS B 158 31.57 13.11 -38.85
CA CYS B 158 30.90 13.16 -40.14
C CYS B 158 31.87 13.44 -41.29
N GLN B 159 33.07 13.93 -40.99
CA GLN B 159 34.02 14.29 -42.04
C GLN B 159 35.19 13.33 -42.19
N ASP B 160 35.57 12.61 -41.15
CA ASP B 160 36.80 11.83 -41.18
C ASP B 160 36.62 10.35 -40.88
N VAL B 161 35.77 10.00 -39.91
CA VAL B 161 35.57 8.59 -39.57
C VAL B 161 34.33 8.01 -40.25
N GLN B 162 33.39 8.83 -40.72
CA GLN B 162 32.23 8.31 -41.50
C GLN B 162 32.31 8.86 -42.92
N VAL B 163 32.97 10.01 -43.07
CA VAL B 163 33.24 10.62 -44.41
C VAL B 163 31.89 10.80 -45.13
N THR B 164 30.83 11.18 -44.41
CA THR B 164 29.58 11.56 -45.13
C THR B 164 29.83 13.02 -45.52
N GLU B 165 30.55 13.74 -44.66
CA GLU B 165 30.95 15.15 -44.96
C GLU B 165 29.72 16.06 -44.98
N THR B 166 28.67 15.73 -44.22
CA THR B 166 27.53 16.66 -44.17
C THR B 166 27.71 17.74 -43.11
N LEU B 167 28.62 17.57 -42.19
CA LEU B 167 28.81 18.48 -41.06
C LEU B 167 30.04 19.36 -41.27
N THR B 168 29.86 20.65 -41.07
CA THR B 168 30.96 21.60 -40.96
C THR B 168 30.67 22.51 -39.78
N ILE B 169 31.60 23.40 -39.46
CA ILE B 169 31.41 24.39 -38.41
C ILE B 169 31.71 25.76 -39.00
N ASP B 170 30.75 26.68 -38.86
CA ASP B 170 30.92 28.05 -39.34
C ASP B 170 31.68 28.85 -38.28
N TRP B 171 32.99 28.63 -38.23
CA TRP B 171 33.83 29.39 -37.32
C TRP B 171 33.77 30.88 -37.63
N GLU B 172 33.58 31.24 -38.90
CA GLU B 172 33.51 32.65 -39.28
C GLU B 172 32.30 33.35 -38.69
N ARG B 173 31.25 32.60 -38.33
CA ARG B 173 30.07 33.22 -37.75
C ARG B 173 30.38 33.80 -36.38
N LYS B 174 29.56 34.77 -35.96
CA LYS B 174 29.76 35.39 -34.66
C LYS B 174 29.63 34.38 -33.54
N ARG B 175 28.60 33.52 -33.61
CA ARG B 175 28.45 32.41 -32.69
C ARG B 175 28.68 31.12 -33.45
N PRO B 176 29.84 30.48 -33.31
CA PRO B 176 30.10 29.25 -34.07
C PRO B 176 29.10 28.16 -33.70
N ARG B 177 28.76 27.35 -34.69
CA ARG B 177 27.81 26.26 -34.50
C ARG B 177 28.05 25.22 -35.59
N VAL B 178 27.49 24.04 -35.37
CA VAL B 178 27.57 22.97 -36.36
C VAL B 178 26.48 23.18 -37.40
N ILE B 179 26.87 23.12 -38.67
CA ILE B 179 25.95 23.36 -39.77
C ILE B 179 26.02 22.19 -40.75
N TRP B 180 24.86 21.85 -41.29
CA TRP B 180 24.78 20.70 -42.22
C TRP B 180 24.84 21.21 -43.65
N ASP B 181 25.78 20.72 -44.43
CA ASP B 181 25.93 21.26 -45.80
C ASP B 181 26.14 22.77 -45.65
N ASN B 182 25.46 23.59 -46.44
CA ASN B 182 25.54 25.07 -46.24
C ASN B 182 24.45 25.52 -45.28
N ASP B 183 24.50 25.11 -44.03
CA ASP B 183 23.52 25.55 -43.01
C ASP B 183 22.13 25.12 -43.45
N VAL B 184 22.05 24.04 -44.22
CA VAL B 184 20.71 23.52 -44.60
C VAL B 184 20.11 22.92 -43.35
N PRO B 185 18.79 22.96 -43.14
CA PRO B 185 18.24 22.28 -42.00
C PRO B 185 18.74 20.84 -42.11
N ILE B 186 18.71 20.07 -41.03
CA ILE B 186 19.30 18.74 -40.97
C ILE B 186 18.61 17.80 -41.96
N ASN B 187 17.27 17.79 -41.93
CA ASN B 187 16.52 16.87 -42.78
C ASN B 187 16.77 17.16 -44.26
N GLU B 188 16.72 18.43 -44.65
CA GLU B 188 16.91 18.80 -46.05
C GLU B 188 18.35 18.61 -46.51
N SER B 189 19.29 18.37 -45.60
CA SER B 189 20.70 18.30 -45.94
C SER B 189 21.06 16.92 -46.46
N SER B 190 22.37 16.69 -46.65
CA SER B 190 22.89 15.41 -47.13
C SER B 190 23.23 14.46 -46.00
N CYS B 191 22.57 14.59 -44.85
CA CYS B 191 22.90 13.76 -43.70
C CYS B 191 22.43 12.33 -43.94
N VAL B 192 23.39 11.40 -43.99
CA VAL B 192 23.10 9.98 -44.14
C VAL B 192 22.29 9.44 -42.97
N SER B 193 22.24 10.17 -41.85
CA SER B 193 21.64 9.72 -40.61
C SER B 193 22.38 8.53 -40.03
N CYS B 194 23.68 8.46 -40.30
CA CYS B 194 24.48 7.31 -39.86
C CYS B 194 24.54 7.22 -38.34
N GLY B 195 24.51 8.36 -37.66
CA GLY B 195 24.52 8.37 -36.21
C GLY B 195 25.88 8.59 -35.60
N HIS B 196 26.91 8.85 -36.39
CA HIS B 196 28.24 9.14 -35.83
C HIS B 196 28.20 10.38 -34.95
N CYS B 197 27.53 11.44 -35.42
CA CYS B 197 27.49 12.69 -34.67
C CYS B 197 26.79 12.50 -33.32
N SER B 198 25.77 11.66 -33.35
CA SER B 198 25.03 11.47 -32.10
C SER B 198 25.91 10.67 -31.15
N THR B 199 26.55 9.63 -31.65
CA THR B 199 27.41 8.76 -30.81
C THR B 199 28.63 9.52 -30.32
N VAL B 200 29.23 10.35 -31.17
CA VAL B 200 30.51 10.98 -30.75
C VAL B 200 30.26 12.28 -30.00
N CYS B 201 29.03 12.75 -29.88
CA CYS B 201 28.86 14.07 -29.21
C CYS B 201 29.19 13.92 -27.73
N PRO B 202 30.04 14.77 -27.10
CA PRO B 202 30.24 14.70 -25.68
C PRO B 202 28.95 15.06 -24.96
N CYS B 203 28.39 16.22 -25.26
CA CYS B 203 27.18 16.70 -24.55
C CYS B 203 25.89 16.25 -25.24
N ASN B 204 24.74 16.75 -24.78
CA ASN B 204 23.44 16.37 -25.37
C ASN B 204 23.13 17.27 -26.54
N ALA B 205 24.16 17.88 -27.10
CA ALA B 205 23.96 18.76 -28.28
C ALA B 205 23.40 17.95 -29.45
N MET B 206 24.04 16.81 -29.79
CA MET B 206 23.58 16.07 -30.99
C MET B 206 23.12 14.75 -30.46
N MET B 207 21.87 14.65 -30.11
CA MET B 207 21.40 13.44 -29.44
C MET B 207 20.11 12.97 -30.09
N GLU B 208 19.93 11.64 -30.10
CA GLU B 208 18.79 11.02 -30.74
C GLU B 208 17.48 11.50 -30.13
N LYS B 209 16.47 11.67 -30.98
CA LYS B 209 15.14 12.03 -30.50
C LYS B 209 14.52 10.93 -29.65
N GLY B 210 15.01 9.69 -29.77
CA GLY B 210 14.51 8.63 -28.91
C GLY B 210 14.80 8.89 -27.44
N MET B 211 16.00 9.39 -27.14
CA MET B 211 16.31 9.73 -25.76
C MET B 211 15.54 10.97 -25.30
N GLU B 212 15.32 11.92 -26.20
CA GLU B 212 14.76 13.22 -25.86
C GLU B 212 13.43 13.07 -25.13
N GLY B 213 13.40 13.50 -23.87
CA GLY B 213 12.20 13.44 -23.07
C GLY B 213 11.81 12.06 -22.60
N GLU B 214 12.69 11.07 -22.74
CA GLU B 214 12.37 9.70 -22.37
C GLU B 214 13.47 8.98 -21.59
N ALA B 215 14.66 9.57 -21.47
CA ALA B 215 15.77 8.87 -20.83
C ALA B 215 15.54 8.68 -19.34
N GLY B 216 15.41 9.78 -18.60
CA GLY B 216 15.29 9.75 -17.17
C GLY B 216 13.88 9.99 -16.68
N TYR B 217 13.78 10.39 -15.41
CA TYR B 217 12.50 10.63 -14.76
C TYR B 217 12.09 12.09 -14.78
N LEU B 218 13.04 12.99 -14.52
CA LEU B 218 12.78 14.42 -14.49
C LEU B 218 12.98 15.07 -15.86
N THR B 219 13.37 14.31 -16.88
CA THR B 219 13.58 14.87 -18.21
C THR B 219 12.36 14.77 -19.11
N GLY B 220 11.34 14.02 -18.71
CA GLY B 220 10.10 14.01 -19.46
C GLY B 220 9.21 15.19 -19.20
N ILE B 221 9.63 16.08 -18.30
CA ILE B 221 8.89 17.30 -18.00
C ILE B 221 8.85 18.18 -19.25
N ASN B 222 7.71 18.82 -19.47
CA ASN B 222 7.53 19.66 -20.65
C ASN B 222 8.52 20.84 -20.61
N ASN B 223 8.97 21.24 -21.80
CA ASN B 223 9.98 22.29 -21.88
C ASN B 223 9.47 23.60 -21.30
N GLU B 224 8.20 23.93 -21.55
CA GLU B 224 7.63 25.15 -20.99
C GLU B 224 7.63 25.14 -19.47
N THR B 225 7.67 23.96 -18.84
CA THR B 225 7.77 23.83 -17.40
C THR B 225 9.07 23.19 -16.95
N LEU B 226 9.97 22.84 -17.88
CA LEU B 226 11.31 22.40 -17.52
C LEU B 226 12.31 23.54 -17.54
N ARG B 227 12.23 24.43 -18.54
CA ARG B 227 13.13 25.57 -18.59
C ARG B 227 13.05 26.47 -17.37
N PRO B 228 11.86 26.85 -16.86
CA PRO B 228 11.86 27.64 -15.61
C PRO B 228 12.51 26.92 -14.45
N MET B 229 12.38 25.59 -14.37
CA MET B 229 13.08 24.85 -13.32
C MET B 229 14.59 24.93 -13.51
N ILE B 230 15.05 24.86 -14.75
CA ILE B 230 16.49 24.99 -15.01
C ILE B 230 16.98 26.36 -14.60
N GLU B 231 16.22 27.42 -14.91
CA GLU B 231 16.60 28.76 -14.49
C GLU B 231 16.59 28.89 -12.97
N ILE B 232 15.61 28.26 -12.32
CA ILE B 232 15.56 28.28 -10.85
C ILE B 232 16.82 27.66 -10.28
N THR B 233 17.19 26.47 -10.77
CA THR B 233 18.39 25.81 -10.25
C THR B 233 19.64 26.61 -10.59
N LYS B 234 19.68 27.25 -11.75
CA LYS B 234 20.81 28.11 -12.09
C LYS B 234 20.95 29.25 -11.09
N GLY B 235 19.83 29.86 -10.70
CA GLY B 235 19.86 30.95 -9.75
C GLY B 235 19.91 30.54 -8.30
N VAL B 236 19.81 29.24 -8.00
CA VAL B 236 19.74 28.80 -6.60
C VAL B 236 21.08 28.24 -6.15
N GLU B 237 21.58 27.21 -6.83
CA GLU B 237 22.81 26.58 -6.37
C GLU B 237 23.99 27.52 -6.58
N THR B 238 24.89 27.54 -5.59
CA THR B 238 26.07 28.38 -5.64
C THR B 238 27.31 27.63 -6.11
N GLY B 239 27.44 26.36 -5.74
CA GLY B 239 28.57 25.53 -6.14
C GLY B 239 28.07 24.36 -6.96
N TYR B 240 28.84 24.00 -8.00
CA TYR B 240 28.44 22.92 -8.88
C TYR B 240 28.56 21.55 -8.22
N GLY B 241 29.27 21.44 -7.09
CA GLY B 241 29.51 20.12 -6.52
C GLY B 241 28.24 19.44 -6.03
N SER B 242 27.40 20.18 -5.31
CA SER B 242 26.20 19.58 -4.72
C SER B 242 25.19 19.17 -5.78
N ILE B 243 24.90 20.08 -6.72
CA ILE B 243 23.97 19.75 -7.78
C ILE B 243 24.57 18.71 -8.73
N LEU B 244 25.90 18.66 -8.82
CA LEU B 244 26.56 17.58 -9.57
C LEU B 244 26.32 16.23 -8.90
N ALA B 245 26.40 16.19 -7.57
CA ALA B 245 26.07 14.96 -6.85
C ALA B 245 24.61 14.58 -7.05
N ILE B 246 23.72 15.57 -7.03
CA ILE B 246 22.31 15.30 -7.29
C ILE B 246 22.11 14.73 -8.69
N SER B 247 22.85 15.26 -9.67
CA SER B 247 22.79 14.74 -11.02
C SER B 247 23.36 13.33 -11.11
N ASP B 248 24.37 13.01 -10.29
CA ASP B 248 24.86 11.64 -10.23
C ASP B 248 23.81 10.70 -9.66
N MET B 249 23.09 11.15 -8.63
CA MET B 249 21.92 10.39 -8.16
C MET B 249 20.90 10.21 -9.26
N GLU B 250 20.68 11.23 -10.09
CA GLU B 250 19.73 11.09 -11.18
C GLU B 250 20.25 10.12 -12.25
N SER B 251 21.56 10.06 -12.42
CA SER B 251 22.15 9.03 -13.28
C SER B 251 21.88 7.63 -12.72
N ALA B 252 22.05 7.46 -11.40
CA ALA B 252 21.69 6.20 -10.79
C ALA B 252 20.21 5.91 -10.96
N MET B 253 19.38 6.96 -10.90
CA MET B 253 17.96 6.85 -11.21
C MET B 253 17.76 6.21 -12.57
N ARG B 254 18.41 6.80 -13.60
CA ARG B 254 18.29 6.28 -14.95
C ARG B 254 18.77 4.84 -15.04
N ASP B 255 19.81 4.49 -14.29
CA ASP B 255 20.41 3.16 -14.40
C ASP B 255 19.39 2.05 -14.18
N GLU B 256 18.41 2.27 -13.30
CA GLU B 256 17.41 1.25 -13.05
C GLU B 256 16.46 1.09 -14.23
N ARG B 257 15.93 2.20 -14.75
CA ARG B 257 14.96 2.12 -15.84
C ARG B 257 15.61 1.89 -17.19
N ILE B 258 16.88 2.26 -17.36
CA ILE B 258 17.56 2.16 -18.64
C ILE B 258 18.30 0.83 -18.69
N LYS B 259 17.93 -0.01 -19.65
CA LYS B 259 18.60 -1.28 -19.88
C LYS B 259 19.56 -1.13 -21.04
N LYS B 260 20.84 -1.39 -20.79
CA LYS B 260 21.90 -1.25 -21.79
C LYS B 260 22.49 -2.63 -22.04
N THR B 261 22.06 -3.28 -23.12
CA THR B 261 22.52 -4.60 -23.47
C THR B 261 23.18 -4.57 -24.85
N LYS B 262 24.30 -5.28 -24.97
CA LYS B 262 25.01 -5.37 -26.24
C LYS B 262 24.24 -6.24 -27.23
N THR B 263 24.30 -5.86 -28.51
CA THR B 263 23.75 -6.67 -29.57
C THR B 263 24.52 -6.37 -30.85
N VAL B 264 24.21 -7.12 -31.90
CA VAL B 264 24.80 -6.94 -33.22
C VAL B 264 23.69 -6.61 -34.19
N CYS B 265 23.89 -5.59 -35.02
CA CYS B 265 22.87 -5.18 -35.97
C CYS B 265 22.48 -6.32 -36.90
N THR B 266 21.18 -6.42 -37.17
CA THR B 266 20.68 -7.50 -38.01
C THR B 266 20.74 -7.19 -39.50
N TYR B 267 20.77 -5.91 -39.88
CA TYR B 267 20.55 -5.54 -41.27
C TYR B 267 21.62 -6.07 -42.21
N CYS B 268 22.85 -5.58 -42.14
CA CYS B 268 23.84 -6.01 -43.12
C CYS B 268 24.98 -6.75 -42.44
N GLY B 269 25.90 -7.26 -43.27
CA GLY B 269 26.90 -8.19 -42.83
C GLY B 269 28.12 -7.59 -42.16
N VAL B 270 28.16 -6.26 -41.97
CA VAL B 270 29.25 -5.67 -41.22
C VAL B 270 29.21 -6.16 -39.77
N GLY B 271 28.02 -6.48 -39.27
CA GLY B 271 27.89 -7.01 -37.92
C GLY B 271 28.33 -6.04 -36.85
N CYS B 272 27.98 -4.77 -36.99
CA CYS B 272 28.34 -3.78 -35.99
C CYS B 272 27.66 -4.09 -34.67
N SER B 273 28.43 -4.06 -33.59
CA SER B 273 27.93 -4.35 -32.25
C SER B 273 27.83 -3.06 -31.45
N PHE B 274 26.73 -2.93 -30.70
CA PHE B 274 26.49 -1.73 -29.92
C PHE B 274 25.51 -2.05 -28.80
N ASP B 275 25.55 -1.23 -27.76
CA ASP B 275 24.53 -1.32 -26.73
C ASP B 275 23.23 -0.69 -27.22
N VAL B 276 22.11 -1.26 -26.81
CA VAL B 276 20.80 -0.74 -27.16
C VAL B 276 20.16 -0.27 -25.85
N TRP B 277 20.19 1.02 -25.61
CA TRP B 277 19.64 1.63 -24.40
C TRP B 277 18.13 1.71 -24.55
N THR B 278 17.41 0.92 -23.76
CA THR B 278 15.96 0.83 -23.81
C THR B 278 15.36 1.23 -22.47
N LYS B 279 14.07 1.55 -22.49
CA LYS B 279 13.28 1.85 -21.29
C LYS B 279 12.02 1.00 -21.36
N GLY B 280 12.11 -0.25 -20.92
CA GLY B 280 10.99 -1.16 -21.02
C GLY B 280 10.95 -1.90 -22.34
N ARG B 281 10.12 -1.42 -23.27
CA ARG B 281 10.02 -2.03 -24.59
C ARG B 281 10.48 -1.12 -25.72
N ASP B 282 10.34 0.19 -25.59
CA ASP B 282 10.79 1.10 -26.64
C ASP B 282 12.31 1.23 -26.61
N ILE B 283 12.87 1.55 -27.77
CA ILE B 283 14.32 1.69 -27.93
C ILE B 283 14.64 3.18 -27.87
N LEU B 284 15.42 3.57 -26.86
CA LEU B 284 15.75 4.98 -26.66
C LEU B 284 16.98 5.38 -27.48
N LYS B 285 18.05 4.59 -27.40
CA LYS B 285 19.28 4.96 -28.08
C LYS B 285 19.99 3.69 -28.54
N VAL B 286 20.74 3.80 -29.64
CA VAL B 286 21.69 2.78 -30.05
C VAL B 286 23.07 3.38 -29.85
N GLU B 287 23.73 3.01 -28.76
CA GLU B 287 25.02 3.59 -28.41
C GLU B 287 26.13 2.64 -28.78
N PRO B 288 26.95 2.96 -29.78
CA PRO B 288 28.15 2.16 -30.04
C PRO B 288 29.18 2.39 -28.95
N GLN B 289 30.07 1.40 -28.79
CA GLN B 289 31.14 1.48 -27.83
C GLN B 289 32.48 1.33 -28.54
N GLU B 290 33.51 1.99 -27.99
CA GLU B 290 34.83 1.93 -28.60
C GLU B 290 35.36 0.50 -28.64
N GLU B 291 34.91 -0.35 -27.72
CA GLU B 291 35.34 -1.74 -27.67
C GLU B 291 34.67 -2.61 -28.72
N ALA B 292 33.74 -2.08 -29.49
CA ALA B 292 33.07 -2.88 -30.52
C ALA B 292 34.10 -3.28 -31.58
N PRO B 293 34.22 -4.57 -31.88
CA PRO B 293 35.29 -5.02 -32.79
C PRO B 293 35.06 -4.61 -34.23
N ALA B 294 33.85 -4.82 -34.73
CA ALA B 294 33.58 -4.61 -36.15
C ALA B 294 33.46 -3.13 -36.52
N ASN B 295 32.96 -2.30 -35.60
CA ASN B 295 32.67 -0.92 -35.96
C ASN B 295 33.26 0.08 -34.96
N GLY B 296 33.38 -0.32 -33.70
CA GLY B 296 33.70 0.65 -32.67
C GLY B 296 32.56 1.63 -32.50
N ILE B 297 32.79 2.90 -32.86
CA ILE B 297 31.70 3.90 -32.83
C ILE B 297 30.94 3.97 -34.14
N SER B 298 31.44 3.33 -35.21
CA SER B 298 30.83 3.46 -36.51
C SER B 298 29.45 2.83 -36.54
N THR B 299 28.51 3.50 -37.22
CA THR B 299 27.14 3.02 -37.32
C THR B 299 26.50 3.67 -38.54
N CYS B 300 25.45 3.05 -39.04
CA CYS B 300 24.66 3.56 -40.14
C CYS B 300 23.27 3.95 -39.64
N VAL B 301 22.42 4.39 -40.56
CA VAL B 301 21.07 4.78 -40.18
C VAL B 301 20.28 3.57 -39.72
N LYS B 302 20.46 2.43 -40.38
CA LYS B 302 19.68 1.24 -40.03
C LYS B 302 19.97 0.81 -38.60
N GLY B 303 21.21 0.40 -38.34
CA GLY B 303 21.56 -0.15 -37.03
C GLY B 303 21.42 0.82 -35.89
N LYS B 304 21.29 2.11 -36.18
CA LYS B 304 21.28 3.06 -35.05
C LYS B 304 19.97 3.84 -35.01
N PHE B 305 19.08 3.61 -35.95
CA PHE B 305 17.80 4.32 -35.82
C PHE B 305 16.71 3.49 -36.50
N GLY B 306 17.03 2.26 -36.87
CA GLY B 306 16.10 1.42 -37.64
C GLY B 306 15.42 0.36 -36.81
N TRP B 307 15.54 0.43 -35.50
CA TRP B 307 15.00 -0.67 -34.68
C TRP B 307 13.54 -0.48 -34.25
N ASP B 308 12.75 0.41 -34.85
CA ASP B 308 11.33 0.54 -34.52
C ASP B 308 10.52 -0.67 -34.97
N PHE B 309 11.07 -1.51 -35.85
CA PHE B 309 10.33 -2.70 -36.28
C PHE B 309 10.12 -3.67 -35.12
N VAL B 310 11.00 -3.66 -34.13
CA VAL B 310 10.86 -4.57 -32.99
C VAL B 310 9.57 -4.26 -32.23
N ASN B 311 9.28 -2.97 -32.03
CA ASN B 311 8.08 -2.54 -31.32
C ASN B 311 6.92 -2.24 -32.26
N SER B 312 7.07 -2.55 -33.54
CA SER B 312 6.00 -2.27 -34.50
C SER B 312 4.77 -3.12 -34.20
N GLU B 313 3.59 -2.51 -34.34
CA GLU B 313 2.35 -3.22 -34.09
C GLU B 313 2.06 -4.29 -35.13
N GLU B 314 2.67 -4.18 -36.31
CA GLU B 314 2.48 -5.19 -37.35
C GLU B 314 3.12 -6.52 -36.97
N ARG B 315 4.04 -6.51 -36.01
CA ARG B 315 4.75 -7.72 -35.61
C ARG B 315 3.77 -8.84 -35.25
N LEU B 316 4.06 -10.04 -35.75
CA LEU B 316 3.23 -11.20 -35.48
C LEU B 316 3.51 -11.71 -34.07
N THR B 317 2.56 -11.50 -33.17
CA THR B 317 2.74 -11.90 -31.78
C THR B 317 2.31 -13.35 -31.53
N LYS B 318 1.45 -13.91 -32.36
CA LYS B 318 0.88 -15.23 -32.19
C LYS B 318 1.09 -16.04 -33.45
N PRO B 319 1.16 -17.38 -33.34
CA PRO B 319 1.19 -18.21 -34.55
C PRO B 319 -0.08 -18.04 -35.37
N LEU B 320 0.07 -18.06 -36.69
CA LEU B 320 -1.05 -17.94 -37.61
C LEU B 320 -1.18 -19.23 -38.40
N ILE B 321 -2.43 -19.70 -38.55
CA ILE B 321 -2.72 -20.92 -39.30
C ILE B 321 -3.64 -20.56 -40.45
N ARG B 322 -3.33 -21.06 -41.64
CA ARG B 322 -4.17 -20.80 -42.81
C ARG B 322 -5.46 -21.58 -42.68
N GLU B 323 -6.52 -20.88 -42.27
CA GLU B 323 -7.85 -21.47 -42.15
C GLU B 323 -8.69 -20.98 -43.33
N GLY B 324 -9.05 -21.89 -44.22
CA GLY B 324 -9.83 -21.54 -45.39
C GLY B 324 -9.15 -20.50 -46.26
N ASP B 325 -9.67 -19.27 -46.24
CA ASP B 325 -9.10 -18.17 -47.01
C ASP B 325 -8.58 -17.05 -46.12
N HIS B 326 -8.25 -17.35 -44.86
CA HIS B 326 -7.75 -16.35 -43.94
C HIS B 326 -6.66 -16.94 -43.07
N PHE B 327 -6.06 -16.08 -42.24
CA PHE B 327 -5.04 -16.47 -41.29
C PHE B 327 -5.64 -16.35 -39.89
N ARG B 328 -5.98 -17.49 -39.28
CA ARG B 328 -6.54 -17.49 -37.94
C ARG B 328 -5.41 -17.46 -36.91
N GLU B 329 -5.59 -16.63 -35.88
CA GLU B 329 -4.62 -16.50 -34.79
C GLU B 329 -4.81 -17.69 -33.87
N ALA B 330 -4.02 -18.73 -34.08
CA ALA B 330 -4.16 -19.99 -33.35
C ALA B 330 -3.17 -20.09 -32.20
N GLU B 331 -3.42 -21.04 -31.32
CA GLU B 331 -2.54 -21.27 -30.18
C GLU B 331 -1.22 -21.87 -30.64
N TRP B 332 -0.20 -21.73 -29.78
CA TRP B 332 1.12 -22.26 -30.09
C TRP B 332 1.08 -23.78 -30.21
N GLU B 333 0.44 -24.45 -29.25
CA GLU B 333 0.47 -25.90 -29.21
C GLU B 333 -0.26 -26.51 -30.40
N GLU B 334 -1.43 -25.98 -30.75
CA GLU B 334 -2.17 -26.53 -31.88
C GLU B 334 -1.44 -26.31 -33.20
N ALA B 335 -0.81 -25.15 -33.37
CA ALA B 335 -0.02 -24.91 -34.57
C ALA B 335 1.17 -25.85 -34.63
N LEU B 336 1.84 -26.08 -33.49
CA LEU B 336 2.96 -27.00 -33.46
C LEU B 336 2.51 -28.42 -33.82
N LEU B 337 1.38 -28.86 -33.27
CA LEU B 337 0.87 -30.18 -33.61
C LEU B 337 0.52 -30.29 -35.08
N LEU B 338 -0.08 -29.23 -35.65
CA LEU B 338 -0.44 -29.25 -37.06
C LEU B 338 0.79 -29.36 -37.94
N ILE B 339 1.80 -28.53 -37.69
CA ILE B 339 2.99 -28.56 -38.54
C ILE B 339 3.72 -29.90 -38.39
N ALA B 340 3.80 -30.41 -37.15
CA ALA B 340 4.48 -31.69 -36.93
C ALA B 340 3.75 -32.82 -37.66
N SER B 341 2.42 -32.86 -37.54
CA SER B 341 1.66 -33.93 -38.18
C SER B 341 1.77 -33.85 -39.70
N LYS B 342 1.68 -32.64 -40.26
CA LYS B 342 1.81 -32.50 -41.71
C LYS B 342 3.21 -32.92 -42.17
N PHE B 343 4.25 -32.54 -41.43
CA PHE B 343 5.59 -32.91 -41.83
C PHE B 343 5.81 -34.40 -41.74
N THR B 344 5.28 -35.05 -40.70
CA THR B 344 5.35 -36.50 -40.62
C THR B 344 4.61 -37.16 -41.78
N GLU B 345 3.46 -36.59 -42.17
CA GLU B 345 2.69 -37.15 -43.28
C GLU B 345 3.49 -37.10 -44.57
N LEU B 346 4.00 -35.92 -44.93
CA LEU B 346 4.77 -35.80 -46.16
C LEU B 346 6.17 -36.40 -46.05
N LYS B 347 6.62 -36.78 -44.85
CA LYS B 347 7.89 -37.48 -44.69
C LYS B 347 7.73 -38.98 -44.84
N GLU B 348 6.65 -39.56 -44.31
CA GLU B 348 6.40 -40.98 -44.40
C GLU B 348 5.58 -41.37 -45.63
N ALA B 349 5.10 -40.39 -46.40
CA ALA B 349 4.39 -40.70 -47.64
C ALA B 349 5.29 -40.66 -48.87
N PHE B 350 5.97 -39.53 -49.09
CA PHE B 350 6.84 -39.37 -50.25
C PHE B 350 8.31 -39.33 -49.88
N GLY B 351 8.66 -39.58 -48.63
CA GLY B 351 10.04 -39.60 -48.21
C GLY B 351 10.55 -38.24 -47.80
N PRO B 352 11.58 -38.22 -46.94
CA PRO B 352 12.15 -36.93 -46.53
C PRO B 352 12.77 -36.14 -47.67
N ASP B 353 13.17 -36.80 -48.75
CA ASP B 353 13.81 -36.09 -49.86
C ASP B 353 12.90 -35.04 -50.48
N SER B 354 11.59 -35.21 -50.35
CA SER B 354 10.63 -34.24 -50.84
C SER B 354 10.34 -33.14 -49.82
N LEU B 355 11.20 -32.97 -48.82
CA LEU B 355 11.06 -31.94 -47.81
C LEU B 355 12.24 -30.98 -47.93
N ALA B 356 11.94 -29.69 -47.99
CA ALA B 356 12.96 -28.66 -48.16
C ALA B 356 12.68 -27.50 -47.23
N PHE B 357 13.69 -27.11 -46.44
CA PHE B 357 13.55 -26.05 -45.45
C PHE B 357 14.63 -25.01 -45.66
N ILE B 358 14.29 -23.75 -45.37
CA ILE B 358 15.18 -22.63 -45.59
C ILE B 358 15.38 -21.90 -44.27
N THR B 359 16.63 -21.69 -43.88
CA THR B 359 16.92 -20.82 -42.75
C THR B 359 17.18 -19.40 -43.22
N SER B 360 16.94 -18.46 -42.32
CA SER B 360 17.19 -17.05 -42.60
C SER B 360 18.66 -16.73 -42.36
N SER B 361 19.26 -16.00 -43.29
CA SER B 361 20.57 -15.45 -43.04
C SER B 361 20.54 -14.30 -42.04
N LYS B 362 19.35 -13.81 -41.71
CA LYS B 362 19.19 -12.76 -40.69
C LYS B 362 19.15 -13.30 -39.28
N CYS B 363 19.14 -14.62 -39.11
CA CYS B 363 19.04 -15.23 -37.80
C CYS B 363 20.41 -15.70 -37.31
N THR B 364 20.47 -16.01 -36.01
CA THR B 364 21.74 -16.35 -35.38
C THR B 364 22.27 -17.69 -35.89
N ASN B 365 23.52 -17.97 -35.52
CA ASN B 365 24.14 -19.23 -35.91
C ASN B 365 23.37 -20.42 -35.36
N GLU B 366 22.90 -20.31 -34.11
CA GLU B 366 22.10 -21.36 -33.51
C GLU B 366 20.87 -21.66 -34.36
N GLU B 367 20.26 -20.61 -34.93
CA GLU B 367 19.07 -20.77 -35.73
C GLU B 367 19.33 -21.61 -36.98
N SER B 368 20.39 -21.27 -37.73
CA SER B 368 20.69 -22.01 -38.94
C SER B 368 21.15 -23.42 -38.62
N TYR B 369 21.90 -23.59 -37.52
CA TYR B 369 22.29 -24.93 -37.10
C TYR B 369 21.07 -25.77 -36.77
N LEU B 370 20.08 -25.15 -36.12
CA LEU B 370 18.84 -25.88 -35.82
C LEU B 370 18.06 -26.21 -37.07
N MET B 371 18.03 -25.30 -38.05
CA MET B 371 17.42 -25.64 -39.34
C MET B 371 18.07 -26.87 -39.95
N GLN B 372 19.40 -26.86 -40.06
CA GLN B 372 20.05 -27.97 -40.75
C GLN B 372 19.96 -29.25 -39.95
N LYS B 373 19.96 -29.16 -38.62
CA LYS B 373 19.79 -30.36 -37.79
C LYS B 373 18.38 -30.92 -37.93
N LEU B 374 17.37 -30.05 -37.94
CA LEU B 374 16.00 -30.50 -38.16
C LEU B 374 15.86 -31.15 -39.54
N ALA B 375 16.59 -30.63 -40.52
CA ALA B 375 16.53 -31.23 -41.86
C ALA B 375 17.22 -32.58 -41.91
N ARG B 376 18.39 -32.70 -41.29
CA ARG B 376 19.22 -33.89 -41.40
C ARG B 376 19.11 -34.80 -40.18
N GLY B 377 19.29 -34.24 -38.97
CA GLY B 377 19.23 -35.04 -37.77
C GLY B 377 17.82 -35.41 -37.34
N VAL B 378 16.81 -34.81 -37.95
CA VAL B 378 15.41 -35.09 -37.62
C VAL B 378 14.64 -35.58 -38.84
N ILE B 379 14.50 -34.72 -39.86
CA ILE B 379 13.76 -35.12 -41.05
C ILE B 379 14.55 -36.13 -41.86
N GLY B 380 15.85 -35.91 -42.03
CA GLY B 380 16.68 -36.76 -42.85
C GLY B 380 16.94 -36.24 -44.25
N THR B 381 16.53 -35.02 -44.57
CA THR B 381 16.76 -34.43 -45.87
C THR B 381 17.98 -33.51 -45.83
N ASN B 382 18.44 -33.13 -47.02
CA ASN B 382 19.57 -32.22 -47.17
C ASN B 382 19.18 -30.94 -47.90
N ASN B 383 17.89 -30.73 -48.14
CA ASN B 383 17.41 -29.55 -48.89
C ASN B 383 17.31 -28.37 -47.93
N VAL B 384 18.42 -27.65 -47.80
CA VAL B 384 18.51 -26.46 -46.97
C VAL B 384 19.28 -25.39 -47.74
N ASP B 385 18.86 -24.15 -47.58
CA ASP B 385 19.58 -23.01 -48.16
C ASP B 385 19.15 -21.75 -47.41
N ASN B 386 19.61 -20.61 -47.89
CA ASN B 386 19.34 -19.31 -47.27
C ASN B 386 19.41 -18.26 -48.39
N CYS B 387 19.52 -16.99 -48.00
CA CYS B 387 19.74 -15.98 -49.03
C CYS B 387 21.12 -16.14 -49.67
N SER B 388 22.04 -16.87 -49.03
CA SER B 388 23.38 -17.03 -49.56
C SER B 388 23.37 -17.66 -50.95
N ARG B 389 22.34 -18.45 -51.25
CA ARG B 389 22.19 -18.98 -52.61
C ARG B 389 22.05 -17.83 -53.61
N TYR B 390 21.40 -16.74 -53.21
CA TYR B 390 21.29 -15.57 -54.05
C TYR B 390 22.43 -14.58 -53.82
N CYS B 391 23.17 -14.74 -52.73
CA CYS B 391 24.07 -13.69 -52.24
C CYS B 391 25.53 -14.11 -52.25
N GLN B 392 25.87 -15.20 -51.58
CA GLN B 392 27.26 -15.55 -51.33
C GLN B 392 27.63 -16.93 -51.84
N SER B 393 26.71 -17.64 -52.47
CA SER B 393 27.04 -18.95 -53.03
C SER B 393 28.15 -18.88 -54.07
N PRO B 394 28.12 -17.97 -55.05
CA PRO B 394 29.25 -17.93 -56.01
C PRO B 394 30.54 -17.42 -55.39
N ALA B 395 30.47 -16.46 -54.48
CA ALA B 395 31.68 -15.99 -53.82
C ALA B 395 32.34 -17.10 -53.00
N THR B 396 31.53 -17.82 -52.22
CA THR B 396 32.06 -18.94 -51.45
C THR B 396 32.58 -20.04 -52.37
N ALA B 397 31.88 -20.29 -53.47
CA ALA B 397 32.35 -21.30 -54.43
C ALA B 397 33.70 -20.91 -55.01
N GLY B 398 33.88 -19.63 -55.36
CA GLY B 398 35.18 -19.17 -55.84
C GLY B 398 36.25 -19.29 -54.79
N LEU B 399 35.92 -18.98 -53.54
CA LEU B 399 36.90 -19.12 -52.46
C LEU B 399 37.31 -20.58 -52.29
N PHE B 400 36.36 -21.51 -52.39
CA PHE B 400 36.71 -22.93 -52.37
C PHE B 400 37.60 -23.27 -53.55
N ARG B 401 37.26 -22.77 -54.73
CA ARG B 401 37.98 -23.11 -55.95
C ARG B 401 39.41 -22.59 -55.94
N THR B 402 39.69 -21.51 -55.23
CA THR B 402 41.05 -20.96 -55.17
C THR B 402 41.66 -21.00 -53.78
N VAL B 403 41.02 -20.39 -52.78
CA VAL B 403 41.61 -20.24 -51.47
C VAL B 403 41.16 -21.33 -50.49
N GLY B 404 39.96 -21.87 -50.63
CA GLY B 404 39.50 -22.97 -49.81
C GLY B 404 38.72 -22.57 -48.57
N TYR B 405 38.83 -21.32 -48.12
CA TYR B 405 38.09 -20.82 -46.97
C TYR B 405 37.10 -19.76 -47.42
N GLY B 406 35.84 -19.92 -47.02
CA GLY B 406 34.86 -18.89 -47.26
C GLY B 406 35.00 -17.72 -46.31
N GLY B 407 34.40 -16.60 -46.69
CA GLY B 407 34.45 -15.40 -45.87
C GLY B 407 35.63 -14.50 -46.19
N ASP B 408 35.69 -13.39 -45.48
CA ASP B 408 36.73 -12.39 -45.71
C ASP B 408 38.09 -12.90 -45.26
N SER B 409 39.14 -12.33 -45.86
CA SER B 409 40.50 -12.68 -45.45
C SER B 409 40.87 -12.08 -44.09
N GLY B 410 40.24 -10.98 -43.71
CA GLY B 410 40.58 -10.32 -42.46
C GLY B 410 39.43 -9.48 -41.96
N SER B 411 39.75 -8.61 -41.01
CA SER B 411 38.76 -7.73 -40.40
C SER B 411 38.70 -6.40 -41.16
N ILE B 412 37.75 -5.54 -40.77
CA ILE B 412 37.64 -4.22 -41.39
C ILE B 412 38.86 -3.36 -41.06
N THR B 413 39.50 -3.62 -39.91
CA THR B 413 40.76 -2.93 -39.62
C THR B 413 41.81 -3.26 -40.66
N ASP B 414 41.86 -4.52 -41.10
CA ASP B 414 42.76 -4.88 -42.19
C ASP B 414 42.32 -4.22 -43.50
N ILE B 415 41.02 -3.96 -43.66
CA ILE B 415 40.55 -3.22 -44.83
C ILE B 415 41.11 -1.80 -44.81
N ALA B 416 41.05 -1.16 -43.65
CA ALA B 416 41.60 0.20 -43.52
C ALA B 416 43.10 0.20 -43.72
N GLN B 417 43.79 -0.82 -43.21
CA GLN B 417 45.25 -0.89 -43.33
C GLN B 417 45.72 -1.13 -44.75
N ALA B 418 44.82 -1.48 -45.66
CA ALA B 418 45.21 -1.75 -47.04
C ALA B 418 45.70 -0.48 -47.74
N ASP B 419 46.64 -0.65 -48.67
CA ASP B 419 47.09 0.47 -49.48
C ASP B 419 46.14 0.72 -50.65
N LEU B 420 45.53 -0.34 -51.18
CA LEU B 420 44.59 -0.25 -52.28
C LEU B 420 43.42 -1.17 -52.02
N VAL B 421 42.21 -0.67 -52.24
CA VAL B 421 40.98 -1.44 -52.12
C VAL B 421 40.38 -1.57 -53.51
N LEU B 422 40.19 -2.80 -53.97
CA LEU B 422 39.62 -3.07 -55.29
C LEU B 422 38.18 -3.52 -55.10
N ILE B 423 37.27 -2.55 -55.15
CA ILE B 423 35.84 -2.79 -54.99
C ILE B 423 35.21 -2.90 -56.37
N ILE B 424 34.54 -4.01 -56.63
CA ILE B 424 33.92 -4.28 -57.93
C ILE B 424 32.50 -4.76 -57.68
N GLY B 425 31.53 -4.10 -58.31
CA GLY B 425 30.14 -4.47 -58.14
C GLY B 425 29.59 -4.31 -56.74
N SER B 426 30.18 -3.41 -55.94
CA SER B 426 29.78 -3.23 -54.56
C SER B 426 29.28 -1.81 -54.33
N ASN B 427 28.05 -1.69 -53.82
CA ASN B 427 27.55 -0.41 -53.33
C ASN B 427 27.80 -0.30 -51.82
N THR B 428 29.09 -0.38 -51.46
CA THR B 428 29.48 -0.43 -50.07
C THR B 428 28.96 0.77 -49.28
N SER B 429 28.83 1.92 -49.95
CA SER B 429 28.27 3.09 -49.26
C SER B 429 26.84 2.84 -48.83
N GLU B 430 26.05 2.16 -49.65
CA GLU B 430 24.62 1.99 -49.39
C GLU B 430 24.24 0.58 -48.96
N SER B 431 25.18 -0.36 -48.94
CA SER B 431 24.88 -1.74 -48.55
C SER B 431 25.60 -2.14 -47.27
N HIS B 432 26.92 -1.96 -47.21
CA HIS B 432 27.71 -2.22 -46.01
C HIS B 432 28.27 -0.89 -45.53
N PRO B 433 27.43 -0.03 -44.96
CA PRO B 433 27.84 1.37 -44.77
C PRO B 433 29.10 1.56 -43.94
N VAL B 434 29.24 0.81 -42.84
CA VAL B 434 30.36 1.05 -41.93
C VAL B 434 31.69 0.69 -42.59
N LEU B 435 31.70 -0.39 -43.38
CA LEU B 435 32.91 -0.75 -44.10
C LEU B 435 33.29 0.36 -45.08
N SER B 436 32.29 0.96 -45.73
CA SER B 436 32.57 2.09 -46.62
C SER B 436 33.08 3.29 -45.84
N THR B 437 32.58 3.51 -44.62
CA THR B 437 33.13 4.58 -43.79
C THR B 437 34.60 4.33 -43.48
N ARG B 438 34.95 3.09 -43.17
CA ARG B 438 36.35 2.75 -42.94
C ARG B 438 37.19 3.01 -44.18
N ILE B 439 36.70 2.58 -45.34
CA ILE B 439 37.46 2.75 -46.58
C ILE B 439 37.63 4.23 -46.91
N LYS B 440 36.55 5.00 -46.76
CA LYS B 440 36.62 6.43 -47.04
C LYS B 440 37.49 7.17 -46.03
N ARG B 441 37.51 6.71 -44.78
CA ARG B 441 38.40 7.28 -43.79
C ARG B 441 39.86 7.04 -44.18
N ALA B 442 40.17 5.81 -44.59
CA ALA B 442 41.53 5.51 -45.01
C ALA B 442 41.90 6.26 -46.29
N HIS B 443 40.92 6.52 -47.16
CA HIS B 443 41.20 7.24 -48.40
C HIS B 443 41.42 8.73 -48.14
N LYS B 444 40.59 9.32 -47.27
CA LYS B 444 40.68 10.75 -47.00
C LYS B 444 41.85 11.09 -46.10
N LEU B 445 42.16 10.22 -45.13
CA LEU B 445 43.19 10.50 -44.14
C LEU B 445 44.46 9.71 -44.38
N ARG B 446 44.38 8.38 -44.46
CA ARG B 446 45.56 7.55 -44.64
C ARG B 446 46.12 7.60 -46.05
N GLY B 447 45.38 8.18 -47.00
CA GLY B 447 45.86 8.28 -48.37
C GLY B 447 45.66 7.06 -49.23
N GLN B 448 44.93 6.06 -48.74
CA GLN B 448 44.68 4.86 -49.55
C GLN B 448 43.84 5.21 -50.77
N LYS B 449 44.25 4.68 -51.92
CA LYS B 449 43.50 4.87 -53.16
C LYS B 449 42.70 3.62 -53.46
N VAL B 450 41.43 3.81 -53.83
CA VAL B 450 40.51 2.71 -54.08
C VAL B 450 40.06 2.75 -55.53
N ILE B 451 39.75 1.59 -56.09
CA ILE B 451 39.30 1.46 -57.47
C ILE B 451 37.89 0.86 -57.43
N VAL B 452 36.89 1.69 -57.65
CA VAL B 452 35.50 1.24 -57.67
C VAL B 452 35.11 0.89 -59.09
N ALA B 453 34.62 -0.33 -59.29
CA ALA B 453 34.27 -0.84 -60.62
C ALA B 453 32.83 -1.36 -60.58
N ASP B 454 31.89 -0.50 -60.98
CA ASP B 454 30.49 -0.90 -61.05
C ASP B 454 29.78 0.01 -62.05
N ILE B 455 28.63 -0.47 -62.54
CA ILE B 455 27.91 0.25 -63.57
C ILE B 455 27.33 1.56 -63.03
N ARG B 456 26.88 1.56 -61.79
CA ARG B 456 26.30 2.75 -61.18
C ARG B 456 27.39 3.62 -60.55
N LYS B 457 27.04 4.88 -60.31
CA LYS B 457 27.93 5.84 -59.67
C LYS B 457 27.31 6.22 -58.32
N HIS B 458 27.62 5.43 -57.29
CA HIS B 458 27.11 5.68 -55.95
C HIS B 458 27.99 6.71 -55.25
N GLU B 459 27.81 6.86 -53.94
CA GLU B 459 28.62 7.81 -53.17
C GLU B 459 30.09 7.46 -53.23
N MET B 460 30.43 6.18 -53.11
CA MET B 460 31.84 5.80 -53.12
C MET B 460 32.46 5.97 -54.49
N ALA B 461 31.69 5.75 -55.55
CA ALA B 461 32.22 5.90 -56.91
C ALA B 461 32.66 7.34 -57.17
N GLU B 462 31.85 8.30 -56.74
CA GLU B 462 32.23 9.70 -56.87
C GLU B 462 33.30 10.11 -55.86
N ARG B 463 33.62 9.25 -54.90
CA ARG B 463 34.67 9.49 -53.92
C ARG B 463 35.81 8.48 -54.05
N SER B 464 35.97 7.87 -55.23
CA SER B 464 37.00 6.88 -55.44
C SER B 464 38.18 7.48 -56.20
N ASP B 465 39.35 6.89 -56.02
CA ASP B 465 40.53 7.32 -56.75
C ASP B 465 40.36 7.09 -58.25
N LEU B 466 39.81 5.95 -58.62
CA LEU B 466 39.63 5.59 -60.03
C LEU B 466 38.34 4.79 -60.16
N PHE B 467 37.30 5.43 -60.68
CA PHE B 467 36.00 4.80 -60.85
C PHE B 467 35.80 4.51 -62.34
N VAL B 468 35.63 3.23 -62.66
CA VAL B 468 35.43 2.77 -64.03
C VAL B 468 34.18 1.91 -64.07
N GLN B 469 33.30 2.17 -65.03
CA GLN B 469 32.04 1.46 -65.12
C GLN B 469 32.09 0.47 -66.28
N PRO B 470 32.19 -0.83 -66.02
CA PRO B 470 32.20 -1.80 -67.12
C PRO B 470 30.80 -2.21 -67.53
N ARG B 471 30.70 -3.09 -68.53
CA ARG B 471 29.41 -3.55 -68.98
C ARG B 471 28.80 -4.52 -67.97
N ALA B 472 27.51 -4.81 -68.15
CA ALA B 472 26.79 -5.70 -67.24
C ALA B 472 27.39 -7.09 -67.23
N GLY B 473 28.02 -7.46 -66.11
CA GLY B 473 28.65 -8.76 -66.00
C GLY B 473 30.00 -8.88 -66.65
N SER B 474 30.54 -7.80 -67.21
CA SER B 474 31.82 -7.83 -67.91
C SER B 474 33.00 -7.65 -66.96
N ASP B 475 32.81 -7.85 -65.66
CA ASP B 475 33.93 -7.73 -64.73
C ASP B 475 35.00 -8.77 -65.00
N ILE B 476 34.57 -9.98 -65.40
CA ILE B 476 35.51 -11.07 -65.67
C ILE B 476 36.51 -10.68 -66.75
N VAL B 477 36.04 -10.01 -67.81
CA VAL B 477 36.90 -9.74 -68.96
C VAL B 477 38.03 -8.80 -68.58
N TRP B 478 37.69 -7.59 -68.14
CA TRP B 478 38.73 -6.62 -67.80
C TRP B 478 39.55 -7.09 -66.61
N LEU B 479 38.94 -7.82 -65.68
CA LEU B 479 39.69 -8.32 -64.54
C LEU B 479 40.76 -9.32 -64.97
N ASN B 480 40.40 -10.27 -65.83
CA ASN B 480 41.36 -11.25 -66.29
C ASN B 480 42.41 -10.62 -67.19
N ALA B 481 42.04 -9.58 -67.94
CA ALA B 481 43.04 -8.84 -68.71
C ALA B 481 44.05 -8.15 -67.78
N ILE B 482 43.56 -7.57 -66.68
CA ILE B 482 44.44 -6.94 -65.71
C ILE B 482 45.37 -7.98 -65.09
N ALA B 483 44.82 -9.14 -64.75
CA ALA B 483 45.64 -10.22 -64.20
C ALA B 483 46.70 -10.66 -65.21
N LYS B 484 46.32 -10.76 -66.49
CA LYS B 484 47.27 -11.13 -67.53
C LYS B 484 48.40 -10.11 -67.63
N TYR B 485 48.06 -8.82 -67.60
CA TYR B 485 49.09 -7.80 -67.68
C TYR B 485 50.00 -7.85 -66.46
N LEU B 486 49.44 -8.06 -65.26
CA LEU B 486 50.24 -8.13 -64.06
C LEU B 486 51.20 -9.32 -64.10
N ILE B 487 50.72 -10.47 -64.56
CA ILE B 487 51.55 -11.67 -64.57
C ILE B 487 52.50 -11.70 -65.76
N GLU B 488 52.28 -10.86 -66.78
CA GLU B 488 53.11 -10.87 -67.97
C GLU B 488 54.25 -9.85 -67.92
N ASN B 489 54.05 -8.74 -67.20
CA ASN B 489 55.05 -7.68 -67.13
C ASN B 489 55.97 -7.80 -65.93
N GLY B 490 55.81 -8.84 -65.11
CA GLY B 490 56.68 -9.07 -63.98
C GLY B 490 56.28 -8.36 -62.70
N LYS B 491 55.23 -7.54 -62.74
CA LYS B 491 54.78 -6.87 -61.52
C LYS B 491 54.16 -7.83 -60.52
N ALA B 492 53.72 -9.00 -60.96
CA ALA B 492 53.15 -9.98 -60.06
C ALA B 492 54.21 -10.53 -59.10
N ASP B 493 53.75 -10.90 -57.91
CA ASP B 493 54.64 -11.45 -56.89
C ASP B 493 54.99 -12.89 -57.23
N GLU B 494 56.07 -13.09 -58.00
CA GLU B 494 56.47 -14.44 -58.39
C GLU B 494 56.87 -15.28 -57.19
N ARG B 495 57.48 -14.66 -56.17
CA ARG B 495 57.86 -15.40 -54.97
C ARG B 495 56.64 -15.99 -54.29
N PHE B 496 55.58 -15.19 -54.15
CA PHE B 496 54.33 -15.70 -53.57
C PHE B 496 53.73 -16.79 -54.45
N LEU B 497 53.83 -16.63 -55.77
CA LEU B 497 53.29 -17.64 -56.69
C LEU B 497 54.00 -18.98 -56.50
N ARG B 498 55.32 -18.96 -56.35
CA ARG B 498 56.06 -20.21 -56.15
C ARG B 498 55.85 -20.75 -54.74
N GLU B 499 55.59 -19.87 -53.77
CA GLU B 499 55.51 -20.32 -52.37
C GLU B 499 54.14 -20.92 -52.05
N ARG B 500 53.06 -20.15 -52.26
CA ARG B 500 51.74 -20.54 -51.76
C ARG B 500 50.69 -20.68 -52.86
N VAL B 501 51.10 -20.71 -54.13
CA VAL B 501 50.17 -20.81 -55.24
C VAL B 501 50.58 -21.98 -56.13
N ASN B 502 49.60 -22.54 -56.85
CA ASN B 502 49.81 -23.66 -57.73
C ASN B 502 49.15 -23.39 -59.08
N GLY B 503 49.69 -24.01 -60.12
CA GLY B 503 49.13 -23.88 -61.46
C GLY B 503 49.22 -22.50 -62.06
N ARG B 504 50.37 -21.83 -61.89
CA ARG B 504 50.54 -20.51 -62.50
C ARG B 504 50.55 -20.60 -64.02
N ASP B 505 51.30 -21.57 -64.57
CA ASP B 505 51.39 -21.70 -66.01
C ASP B 505 50.06 -22.14 -66.62
N GLU B 506 49.32 -22.99 -65.91
CA GLU B 506 48.00 -23.39 -66.40
C GLU B 506 47.06 -22.18 -66.47
N TYR B 507 47.10 -21.32 -65.44
CA TYR B 507 46.28 -20.12 -65.46
C TYR B 507 46.71 -19.18 -66.58
N VAL B 508 48.02 -19.04 -66.80
CA VAL B 508 48.51 -18.21 -67.88
C VAL B 508 48.02 -18.75 -69.22
N LYS B 509 48.03 -20.07 -69.40
CA LYS B 509 47.46 -20.68 -70.59
C LYS B 509 45.99 -20.33 -70.73
N SER B 510 45.26 -20.36 -69.60
CA SER B 510 43.86 -19.93 -69.63
C SER B 510 43.71 -18.46 -69.98
N LEU B 511 44.72 -17.65 -69.69
CA LEU B 511 44.71 -16.23 -69.98
C LEU B 511 45.20 -15.90 -71.37
N ALA B 512 45.53 -16.91 -72.18
CA ALA B 512 46.02 -16.65 -73.54
C ALA B 512 45.04 -15.87 -74.40
N PRO B 513 43.73 -16.20 -74.46
CA PRO B 513 42.83 -15.42 -75.32
C PRO B 513 42.54 -14.02 -74.80
N TYR B 514 42.96 -13.68 -73.58
CA TYR B 514 42.60 -12.42 -72.96
C TYR B 514 43.68 -11.38 -73.22
N THR B 515 43.30 -10.27 -73.87
CA THR B 515 44.19 -9.16 -74.13
C THR B 515 43.56 -7.87 -73.61
N LEU B 516 44.39 -6.83 -73.51
CA LEU B 516 43.89 -5.54 -73.03
C LEU B 516 42.87 -4.95 -73.98
N GLU B 517 43.13 -5.02 -75.29
CA GLU B 517 42.16 -4.52 -76.26
C GLU B 517 40.89 -5.36 -76.26
N TYR B 518 41.02 -6.66 -76.01
CA TYR B 518 39.84 -7.52 -75.88
C TYR B 518 38.93 -7.01 -74.76
N ALA B 519 39.52 -6.72 -73.60
CA ALA B 519 38.74 -6.20 -72.48
C ALA B 519 38.20 -4.81 -72.79
N GLU B 520 38.98 -3.99 -73.49
CA GLU B 520 38.50 -2.67 -73.87
C GLU B 520 37.25 -2.76 -74.74
N GLU B 521 37.25 -3.70 -75.68
CA GLU B 521 36.09 -3.87 -76.55
C GLU B 521 34.90 -4.45 -75.79
N LYS B 522 35.15 -5.46 -74.94
CA LYS B 522 34.04 -6.14 -74.28
C LYS B 522 33.40 -5.27 -73.21
N THR B 523 34.21 -4.63 -72.37
CA THR B 523 33.69 -3.86 -71.24
C THR B 523 33.28 -2.45 -71.62
N GLY B 524 33.56 -2.01 -72.84
CA GLY B 524 33.24 -0.64 -73.23
C GLY B 524 34.00 0.40 -72.41
N ILE B 525 35.27 0.12 -72.10
CA ILE B 525 36.09 1.00 -71.29
C ILE B 525 37.41 1.24 -72.01
N ASP B 526 37.87 2.48 -72.00
CA ASP B 526 39.09 2.84 -72.71
C ASP B 526 40.30 2.11 -72.12
N GLN B 527 41.31 1.91 -72.97
CA GLN B 527 42.49 1.15 -72.59
C GLN B 527 43.30 1.84 -71.51
N GLU B 528 43.35 3.17 -71.52
CA GLU B 528 44.20 3.90 -70.59
C GLU B 528 43.81 3.64 -69.14
N THR B 529 42.50 3.64 -68.85
CA THR B 529 42.05 3.39 -67.49
C THR B 529 42.43 1.99 -67.03
N LEU B 530 42.23 0.99 -67.89
CA LEU B 530 42.60 -0.38 -67.53
C LEU B 530 44.09 -0.51 -67.28
N ILE B 531 44.92 0.08 -68.15
CA ILE B 531 46.36 -0.08 -67.98
C ILE B 531 46.83 0.66 -66.72
N GLN B 532 46.25 1.82 -66.42
CA GLN B 532 46.68 2.56 -65.24
C GLN B 532 46.21 1.88 -63.96
N MET B 533 45.01 1.30 -63.95
CA MET B 533 44.59 0.59 -62.75
C MET B 533 45.37 -0.70 -62.57
N ALA B 534 45.75 -1.38 -63.66
CA ALA B 534 46.63 -2.53 -63.54
C ALA B 534 47.98 -2.14 -62.99
N GLU B 535 48.53 -1.01 -63.45
CA GLU B 535 49.79 -0.53 -62.91
C GLU B 535 49.66 -0.21 -61.43
N MET B 536 48.55 0.39 -61.02
CA MET B 536 48.32 0.67 -59.61
C MET B 536 48.25 -0.60 -58.79
N ILE B 537 47.53 -1.61 -59.29
CA ILE B 537 47.42 -2.87 -58.56
C ILE B 537 48.78 -3.53 -58.42
N GLY B 538 49.57 -3.52 -59.49
CA GLY B 538 50.91 -4.08 -59.41
C GLY B 538 51.79 -3.33 -58.43
N GLN B 539 51.68 -2.00 -58.41
CA GLN B 539 52.51 -1.18 -57.53
C GLN B 539 52.03 -1.24 -56.08
N ALA B 540 50.73 -1.42 -55.85
CA ALA B 540 50.20 -1.40 -54.49
C ALA B 540 50.78 -2.56 -53.67
N ASP B 541 51.23 -2.24 -52.46
CA ASP B 541 51.81 -3.26 -51.59
C ASP B 541 50.74 -4.19 -51.04
N SER B 542 49.63 -3.62 -50.57
CA SER B 542 48.53 -4.38 -50.00
C SER B 542 47.27 -4.11 -50.80
N VAL B 543 46.58 -5.17 -51.21
CA VAL B 543 45.37 -5.06 -52.02
C VAL B 543 44.24 -5.76 -51.29
N CYS B 544 43.11 -5.07 -51.14
CA CYS B 544 41.90 -5.63 -50.55
C CYS B 544 40.81 -5.61 -51.61
N ALA B 545 40.36 -6.79 -52.01
CA ALA B 545 39.38 -6.92 -53.08
C ALA B 545 38.02 -7.25 -52.50
N LEU B 546 37.06 -6.35 -52.69
CA LEU B 546 35.68 -6.52 -52.24
C LEU B 546 34.81 -6.70 -53.48
N TRP B 547 34.03 -7.76 -53.53
CA TRP B 547 33.07 -7.95 -54.62
C TRP B 547 31.72 -8.36 -54.05
N ALA B 548 30.75 -7.45 -54.13
CA ALA B 548 29.39 -7.68 -53.69
C ALA B 548 28.54 -8.17 -54.87
N MET B 549 27.22 -8.11 -54.73
CA MET B 549 26.32 -8.77 -55.68
C MET B 549 26.40 -8.21 -57.09
N GLY B 550 27.00 -7.04 -57.27
CA GLY B 550 27.08 -6.48 -58.62
C GLY B 550 27.86 -7.36 -59.58
N VAL B 551 28.70 -8.24 -59.04
CA VAL B 551 29.54 -9.10 -59.86
C VAL B 551 29.24 -10.58 -59.61
N THR B 552 29.00 -10.97 -58.35
CA THR B 552 28.75 -12.38 -58.07
C THR B 552 27.34 -12.81 -58.46
N GLN B 553 26.38 -11.88 -58.49
CA GLN B 553 25.01 -12.21 -58.91
C GLN B 553 24.90 -12.10 -60.43
N HIS B 554 25.51 -13.07 -61.10
CA HIS B 554 25.51 -13.11 -62.56
C HIS B 554 25.59 -14.57 -63.00
N ILE B 555 25.34 -14.79 -64.29
CA ILE B 555 25.43 -16.14 -64.83
C ILE B 555 26.84 -16.68 -64.66
N GLY B 556 27.84 -15.82 -64.84
CA GLY B 556 29.22 -16.19 -64.60
C GLY B 556 29.75 -15.63 -63.29
N GLY B 557 28.86 -15.37 -62.34
CA GLY B 557 29.28 -14.74 -61.09
C GLY B 557 30.32 -15.56 -60.34
N SER B 558 30.14 -16.87 -60.29
CA SER B 558 31.15 -17.73 -59.67
C SER B 558 32.48 -17.65 -60.42
N ASP B 559 32.41 -17.63 -61.75
CA ASP B 559 33.64 -17.58 -62.55
C ASP B 559 34.43 -16.31 -62.27
N THR B 560 33.75 -15.16 -62.26
CA THR B 560 34.45 -13.92 -61.97
C THR B 560 34.84 -13.80 -60.51
N SER B 561 34.15 -14.49 -59.60
CA SER B 561 34.61 -14.54 -58.21
C SER B 561 35.94 -15.29 -58.11
N THR B 562 36.04 -16.44 -58.77
CA THR B 562 37.33 -17.13 -58.85
C THR B 562 38.37 -16.26 -59.51
N ALA B 563 37.96 -15.51 -60.55
CA ALA B 563 38.89 -14.64 -61.24
C ALA B 563 39.45 -13.57 -60.31
N ILE B 564 38.59 -12.97 -59.49
CA ILE B 564 39.06 -11.94 -58.56
C ILE B 564 40.00 -12.56 -57.54
N SER B 565 39.61 -13.70 -56.97
CA SER B 565 40.42 -14.34 -55.95
C SER B 565 41.79 -14.72 -56.49
N ASN B 566 41.84 -15.31 -57.69
CA ASN B 566 43.14 -15.62 -58.26
C ASN B 566 43.87 -14.38 -58.75
N LEU B 567 43.16 -13.27 -58.97
CA LEU B 567 43.84 -12.00 -59.24
C LEU B 567 44.65 -11.56 -58.03
N LEU B 568 44.03 -11.65 -56.84
CA LEU B 568 44.78 -11.32 -55.60
C LEU B 568 45.90 -12.35 -55.46
N LEU B 569 45.61 -13.61 -55.77
CA LEU B 569 46.62 -14.67 -55.65
C LEU B 569 47.84 -14.36 -56.50
N VAL B 570 47.62 -13.91 -57.74
CA VAL B 570 48.71 -13.52 -58.62
C VAL B 570 49.43 -12.29 -58.06
N THR B 571 48.66 -11.30 -57.59
CA THR B 571 49.27 -10.13 -56.98
C THR B 571 50.02 -10.50 -55.70
N GLY B 572 49.47 -11.42 -54.92
CA GLY B 572 50.14 -11.88 -53.71
C GLY B 572 49.75 -11.10 -52.47
N ASN B 573 48.45 -10.99 -52.21
CA ASN B 573 47.96 -10.24 -51.07
C ASN B 573 47.44 -11.13 -49.94
N TYR B 574 47.13 -12.38 -50.22
CA TYR B 574 46.69 -13.28 -49.17
C TYR B 574 47.83 -13.54 -48.19
N GLY B 575 47.49 -13.61 -46.91
CA GLY B 575 48.45 -13.79 -45.85
C GLY B 575 49.12 -12.51 -45.38
N LYS B 576 49.19 -11.50 -46.24
CA LYS B 576 49.74 -10.22 -45.83
C LYS B 576 48.75 -9.50 -44.91
N PRO B 577 49.19 -9.02 -43.75
CA PRO B 577 48.30 -8.19 -42.92
C PRO B 577 47.71 -7.04 -43.71
N GLY B 578 46.40 -6.90 -43.59
CA GLY B 578 45.78 -5.72 -44.21
C GLY B 578 45.44 -5.93 -45.66
N ALA B 579 45.65 -7.11 -46.19
CA ALA B 579 45.21 -7.27 -47.59
C ALA B 579 44.59 -8.63 -47.82
N GLY B 580 43.68 -8.72 -48.79
CA GLY B 580 43.09 -10.03 -49.12
C GLY B 580 41.75 -9.89 -49.79
N SER B 581 40.99 -10.98 -49.85
CA SER B 581 39.67 -11.00 -50.45
C SER B 581 38.61 -10.90 -49.36
N TYR B 582 37.70 -9.96 -49.55
CA TYR B 582 36.69 -9.73 -48.50
C TYR B 582 35.32 -9.74 -49.16
N PRO B 583 34.81 -10.88 -49.68
CA PRO B 583 33.47 -10.94 -50.27
C PRO B 583 32.48 -10.30 -49.30
N LEU B 584 31.74 -9.29 -49.74
CA LEU B 584 30.88 -8.57 -48.75
C LEU B 584 29.67 -9.42 -48.36
N ARG B 585 29.77 -10.14 -47.26
CA ARG B 585 28.65 -10.90 -46.75
C ARG B 585 27.49 -9.96 -46.49
N GLY B 586 26.35 -10.27 -47.08
CA GLY B 586 25.24 -9.34 -47.05
C GLY B 586 24.45 -9.30 -45.76
N HIS B 587 23.77 -10.38 -45.41
CA HIS B 587 23.02 -10.39 -44.18
C HIS B 587 23.97 -10.41 -42.99
N ASN B 588 23.45 -10.01 -41.83
CA ASN B 588 24.27 -9.96 -40.63
C ASN B 588 24.88 -11.32 -40.31
N ASN B 589 24.20 -12.40 -40.69
CA ASN B 589 24.66 -13.75 -40.37
C ASN B 589 24.59 -14.68 -41.57
N VAL B 590 24.66 -14.11 -42.79
CA VAL B 590 24.76 -14.97 -43.97
C VAL B 590 26.06 -15.77 -43.93
N GLN B 591 27.14 -15.14 -43.47
CA GLN B 591 28.38 -15.87 -43.23
C GLN B 591 28.18 -16.94 -42.16
N GLY B 592 27.46 -16.59 -41.08
CA GLY B 592 27.20 -17.58 -40.04
C GLY B 592 26.31 -18.71 -40.51
N ALA B 593 25.27 -18.39 -41.27
CA ALA B 593 24.40 -19.43 -41.80
C ALA B 593 25.19 -20.38 -42.71
N SER B 594 25.99 -19.81 -43.63
CA SER B 594 26.83 -20.64 -44.47
C SER B 594 27.83 -21.44 -43.66
N ASP B 595 28.27 -20.91 -42.53
CA ASP B 595 29.20 -21.63 -41.66
C ASP B 595 28.56 -22.87 -41.08
N PHE B 596 27.27 -22.82 -40.78
CA PHE B 596 26.57 -23.89 -40.07
C PHE B 596 25.72 -24.73 -41.00
N GLY B 597 26.21 -25.00 -42.20
CA GLY B 597 25.56 -25.95 -43.08
C GLY B 597 24.28 -25.48 -43.72
N SER B 598 24.12 -24.16 -43.93
CA SER B 598 22.95 -23.67 -44.65
C SER B 598 22.92 -24.19 -46.07
N MET B 599 24.06 -24.13 -46.76
CA MET B 599 24.10 -24.63 -48.13
C MET B 599 23.89 -26.14 -48.14
N PRO B 600 23.15 -26.67 -49.11
CA PRO B 600 22.82 -28.10 -49.09
C PRO B 600 24.02 -29.00 -49.32
N ASP B 601 25.04 -28.53 -50.03
CA ASP B 601 26.18 -29.37 -50.37
C ASP B 601 27.22 -29.44 -49.26
N ARG B 602 27.07 -28.67 -48.19
CA ARG B 602 28.03 -28.66 -47.10
C ARG B 602 27.33 -28.74 -45.75
N LEU B 603 28.05 -29.28 -44.78
CA LEU B 603 27.62 -29.42 -43.39
C LEU B 603 28.15 -28.27 -42.56
N PRO B 604 27.69 -28.12 -41.31
CA PRO B 604 28.34 -27.17 -40.41
C PRO B 604 29.81 -27.51 -40.25
N GLY B 605 30.62 -26.47 -40.11
CA GLY B 605 32.06 -26.61 -40.21
C GLY B 605 32.59 -26.48 -41.61
N TYR B 606 31.75 -26.08 -42.57
CA TYR B 606 32.16 -25.84 -43.96
C TYR B 606 32.74 -27.10 -44.59
N GLU B 607 32.15 -28.25 -44.24
CA GLU B 607 32.58 -29.54 -44.74
C GLU B 607 31.54 -30.10 -45.69
N LYS B 608 31.99 -30.62 -46.82
CA LYS B 608 31.08 -31.18 -47.82
C LYS B 608 30.34 -32.38 -47.25
N VAL B 609 29.06 -32.50 -47.64
CA VAL B 609 28.22 -33.59 -47.13
C VAL B 609 28.73 -34.94 -47.62
N THR B 610 29.26 -35.02 -48.84
CA THR B 610 29.70 -36.28 -49.41
C THR B 610 31.09 -36.66 -48.90
N ASP B 611 31.27 -36.68 -47.58
CA ASP B 611 32.50 -37.12 -46.96
C ASP B 611 32.17 -38.11 -45.86
N GLU B 612 32.85 -39.25 -45.86
CA GLU B 612 32.50 -40.32 -44.93
C GLU B 612 32.79 -39.94 -43.49
N GLN B 613 33.93 -39.28 -43.24
CA GLN B 613 34.33 -38.98 -41.87
C GLN B 613 33.36 -38.02 -41.21
N VAL B 614 33.01 -36.93 -41.90
CA VAL B 614 32.10 -35.94 -41.32
C VAL B 614 30.71 -36.53 -41.14
N ARG B 615 30.27 -37.35 -42.09
CA ARG B 615 28.96 -38.00 -41.95
C ARG B 615 28.95 -38.93 -40.75
N GLN B 616 30.03 -39.68 -40.54
CA GLN B 616 30.11 -40.57 -39.38
C GLN B 616 30.12 -39.78 -38.09
N LYS B 617 30.87 -38.68 -38.03
CA LYS B 617 30.90 -37.87 -36.82
C LYS B 617 29.53 -37.28 -36.52
N TYR B 618 28.84 -36.78 -37.55
CA TYR B 618 27.53 -36.19 -37.33
C TYR B 618 26.49 -37.26 -36.97
N GLU B 619 26.63 -38.47 -37.51
CA GLU B 619 25.79 -39.58 -37.08
C GLU B 619 26.02 -39.90 -35.61
N ARG B 620 27.29 -39.93 -35.19
CA ARG B 620 27.58 -40.24 -33.79
C ARG B 620 27.02 -39.19 -32.85
N VAL B 621 27.16 -37.91 -33.20
CA VAL B 621 26.69 -36.87 -32.30
C VAL B 621 25.16 -36.78 -32.32
N TRP B 622 24.55 -36.92 -33.49
CA TRP B 622 23.10 -36.72 -33.63
C TRP B 622 22.31 -37.98 -33.38
N GLY B 623 22.85 -39.16 -33.75
CA GLY B 623 22.13 -40.40 -33.63
C GLY B 623 21.20 -40.72 -34.77
N VAL B 624 21.19 -39.92 -35.83
CA VAL B 624 20.33 -40.16 -36.98
C VAL B 624 21.19 -40.14 -38.24
N PRO B 625 21.01 -41.10 -39.16
CA PRO B 625 21.82 -41.11 -40.38
C PRO B 625 21.63 -39.86 -41.21
N LEU B 626 22.71 -39.44 -41.86
CA LEU B 626 22.84 -38.26 -42.72
C LEU B 626 22.46 -38.61 -44.16
N PRO B 627 21.71 -37.73 -44.83
CA PRO B 627 21.33 -37.98 -46.22
C PRO B 627 22.55 -37.94 -47.14
N LYS B 628 22.83 -39.06 -47.80
CA LYS B 628 23.95 -39.11 -48.73
C LYS B 628 23.71 -38.18 -49.93
N GLU B 629 22.49 -38.13 -50.42
CA GLU B 629 22.16 -37.30 -51.57
C GLU B 629 22.24 -35.83 -51.20
N PRO B 630 23.06 -35.03 -51.89
CA PRO B 630 23.11 -33.60 -51.59
C PRO B 630 21.77 -32.93 -51.91
N GLY B 631 21.42 -31.94 -51.10
CA GLY B 631 20.17 -31.23 -51.31
C GLY B 631 20.23 -30.34 -52.53
N MET B 632 19.04 -30.01 -53.03
CA MET B 632 18.92 -29.14 -54.20
C MET B 632 19.08 -27.68 -53.81
N THR B 633 19.54 -26.88 -54.77
CA THR B 633 19.76 -25.47 -54.52
C THR B 633 18.43 -24.73 -54.37
N ASN B 634 18.50 -23.57 -53.71
CA ASN B 634 17.29 -22.81 -53.41
C ASN B 634 16.56 -22.37 -54.68
N HIS B 635 17.30 -21.87 -55.68
CA HIS B 635 16.67 -21.39 -56.89
C HIS B 635 16.00 -22.52 -57.66
N GLU B 636 16.66 -23.68 -57.74
CA GLU B 636 16.10 -24.82 -58.47
C GLU B 636 14.93 -25.46 -57.75
N MET B 637 14.66 -25.09 -56.50
CA MET B 637 13.52 -25.65 -55.77
C MET B 637 12.22 -25.35 -56.47
N ILE B 638 12.08 -24.14 -57.01
CA ILE B 638 10.84 -23.75 -57.68
C ILE B 638 10.62 -24.59 -58.94
N GLU B 639 11.69 -24.80 -59.71
CA GLU B 639 11.58 -25.65 -60.89
C GLU B 639 11.24 -27.09 -60.51
N LYS B 640 11.81 -27.58 -59.41
CA LYS B 640 11.47 -28.92 -58.93
C LYS B 640 10.00 -29.00 -58.52
N ILE B 641 9.49 -27.94 -57.89
CA ILE B 641 8.08 -27.89 -57.53
C ILE B 641 7.21 -27.94 -58.78
N HIS B 642 7.56 -27.16 -59.79
CA HIS B 642 6.81 -27.16 -61.04
C HIS B 642 6.88 -28.52 -61.73
N SER B 643 7.90 -29.33 -61.43
CA SER B 643 7.94 -30.72 -61.86
C SER B 643 7.32 -31.67 -60.84
N GLY B 644 6.88 -31.16 -59.69
CA GLY B 644 6.24 -31.97 -58.68
C GLY B 644 7.18 -32.70 -57.73
N GLN B 645 8.50 -32.50 -57.85
CA GLN B 645 9.44 -33.20 -56.98
C GLN B 645 9.27 -32.76 -55.53
N LEU B 646 9.11 -31.47 -55.29
CA LEU B 646 9.03 -30.92 -53.94
C LEU B 646 7.59 -30.58 -53.59
N LYS B 647 7.23 -30.77 -52.34
CA LYS B 647 5.86 -30.52 -51.90
C LYS B 647 5.77 -29.60 -50.70
N ALA B 648 6.74 -29.63 -49.78
CA ALA B 648 6.66 -28.89 -48.54
C ALA B 648 7.87 -28.00 -48.36
N MET B 649 7.63 -26.80 -47.81
CA MET B 649 8.68 -25.84 -47.48
C MET B 649 8.57 -25.42 -46.02
N TYR B 650 9.72 -25.29 -45.35
CA TYR B 650 9.82 -24.63 -44.04
C TYR B 650 10.91 -23.56 -44.18
N VAL B 651 10.50 -22.39 -44.68
CA VAL B 651 11.40 -21.25 -44.82
C VAL B 651 11.16 -20.31 -43.65
N LYS B 652 12.24 -19.97 -42.94
CA LYS B 652 12.17 -19.09 -41.79
C LYS B 652 12.90 -17.79 -42.09
N GLY B 653 12.30 -16.68 -41.63
CA GLY B 653 12.91 -15.37 -41.71
C GLY B 653 13.47 -14.97 -43.06
N GLU B 654 13.02 -15.63 -44.12
CA GLU B 654 13.44 -15.30 -45.48
C GLU B 654 12.18 -15.15 -46.34
N GLU B 655 11.95 -13.94 -46.84
CA GLU B 655 10.82 -13.70 -47.72
C GLU B 655 11.32 -14.01 -49.14
N MET B 656 11.38 -15.31 -49.43
CA MET B 656 11.88 -15.76 -50.72
C MET B 656 10.82 -15.71 -51.80
N GLY B 657 9.55 -15.56 -51.44
CA GLY B 657 8.51 -15.34 -52.42
C GLY B 657 8.56 -13.98 -53.09
N LEU B 658 9.37 -13.07 -52.57
CA LEU B 658 9.54 -11.74 -53.15
C LEU B 658 10.97 -11.41 -53.55
N VAL B 659 11.97 -12.09 -52.97
CA VAL B 659 13.36 -11.76 -53.30
C VAL B 659 13.98 -12.72 -54.30
N ASP B 660 13.39 -13.89 -54.53
CA ASP B 660 13.91 -14.80 -55.53
C ASP B 660 13.64 -14.26 -56.93
N SER B 661 14.40 -14.75 -57.90
CA SER B 661 14.23 -14.30 -59.28
C SER B 661 12.90 -14.78 -59.82
N ASN B 662 12.27 -13.93 -60.64
CA ASN B 662 11.01 -14.25 -61.30
C ASN B 662 9.93 -14.63 -60.27
N ILE B 663 9.55 -13.63 -59.47
CA ILE B 663 8.64 -13.92 -58.37
C ILE B 663 7.25 -14.34 -58.85
N ASN B 664 6.94 -14.16 -60.14
CA ASN B 664 5.79 -14.86 -60.70
C ASN B 664 5.98 -16.36 -60.62
N HIS B 665 7.20 -16.84 -60.87
CA HIS B 665 7.48 -18.27 -60.80
C HIS B 665 7.33 -18.79 -59.37
N VAL B 666 7.85 -18.04 -58.38
CA VAL B 666 7.72 -18.52 -57.01
C VAL B 666 6.27 -18.43 -56.57
N HIS B 667 5.52 -17.44 -57.07
CA HIS B 667 4.09 -17.37 -56.76
C HIS B 667 3.36 -18.58 -57.32
N ALA B 668 3.67 -18.98 -58.55
CA ALA B 668 3.06 -20.16 -59.14
C ALA B 668 3.43 -21.42 -58.35
N ALA B 669 4.70 -21.53 -57.94
CA ALA B 669 5.11 -22.67 -57.12
C ALA B 669 4.39 -22.67 -55.79
N TYR B 670 4.24 -21.50 -55.17
CA TYR B 670 3.56 -21.39 -53.88
C TYR B 670 2.11 -21.82 -54.00
N GLU B 671 1.43 -21.39 -55.07
CA GLU B 671 0.07 -21.84 -55.32
C GLU B 671 0.02 -23.30 -55.73
N LYS B 672 1.16 -23.87 -56.14
CA LYS B 672 1.21 -25.26 -56.59
C LYS B 672 1.51 -26.24 -55.45
N LEU B 673 2.37 -25.84 -54.51
CA LEU B 673 2.75 -26.74 -53.43
C LEU B 673 1.61 -26.92 -52.44
N ASP B 674 1.65 -28.04 -51.71
CA ASP B 674 0.56 -28.39 -50.81
C ASP B 674 0.70 -27.69 -49.45
N PHE B 675 1.80 -27.96 -48.74
CA PHE B 675 2.00 -27.47 -47.38
C PHE B 675 3.13 -26.46 -47.35
N PHE B 676 2.88 -25.33 -46.68
CA PHE B 676 3.86 -24.26 -46.57
C PHE B 676 3.84 -23.70 -45.16
N VAL B 677 4.98 -23.74 -44.48
CA VAL B 677 5.13 -23.12 -43.17
C VAL B 677 6.25 -22.10 -43.25
N VAL B 678 5.98 -20.88 -42.77
CA VAL B 678 6.94 -19.79 -42.81
C VAL B 678 7.11 -19.27 -41.38
N GLN B 679 8.25 -18.63 -41.14
CA GLN B 679 8.62 -18.14 -39.82
C GLN B 679 9.21 -16.74 -39.99
N ASP B 680 8.34 -15.74 -39.92
CA ASP B 680 8.74 -14.34 -40.10
C ASP B 680 8.14 -13.50 -38.98
N ILE B 681 8.88 -12.47 -38.55
CA ILE B 681 8.37 -11.57 -37.53
C ILE B 681 7.18 -10.80 -38.05
N PHE B 682 7.24 -10.35 -39.30
CA PHE B 682 6.17 -9.60 -39.93
C PHE B 682 5.45 -10.46 -40.95
N LEU B 683 4.22 -10.06 -41.28
CA LEU B 683 3.42 -10.73 -42.30
C LEU B 683 4.00 -10.35 -43.66
N SER B 684 5.15 -10.93 -43.98
CA SER B 684 5.85 -10.64 -45.22
C SER B 684 5.06 -11.17 -46.42
N ARG B 685 5.57 -10.88 -47.61
CA ARG B 685 4.94 -11.38 -48.82
C ARG B 685 4.92 -12.90 -48.85
N THR B 686 6.05 -13.52 -48.48
CA THR B 686 6.08 -14.97 -48.39
C THR B 686 5.14 -15.47 -47.30
N ALA B 687 5.04 -14.74 -46.19
CA ALA B 687 4.13 -15.12 -45.12
C ALA B 687 2.67 -15.12 -45.57
N GLU B 688 2.33 -14.37 -46.61
CA GLU B 688 0.97 -14.39 -47.12
C GLU B 688 0.59 -15.76 -47.67
N PHE B 689 1.52 -16.41 -48.38
CA PHE B 689 1.28 -17.74 -48.95
C PHE B 689 1.91 -18.76 -48.03
N ALA B 690 1.15 -19.24 -47.04
CA ALA B 690 1.66 -20.21 -46.10
C ALA B 690 0.49 -20.94 -45.46
N ASP B 691 0.61 -22.28 -45.35
CA ASP B 691 -0.41 -23.06 -44.66
C ASP B 691 -0.41 -22.81 -43.16
N VAL B 692 0.71 -22.34 -42.60
CA VAL B 692 0.79 -21.97 -41.20
C VAL B 692 1.95 -21.00 -41.03
N VAL B 693 1.71 -19.91 -40.31
CA VAL B 693 2.70 -18.85 -40.13
C VAL B 693 3.18 -18.92 -38.68
N LEU B 694 4.48 -19.06 -38.50
CA LEU B 694 5.05 -19.09 -37.16
C LEU B 694 5.64 -17.74 -36.82
N PRO B 695 5.33 -17.18 -35.64
CA PRO B 695 5.77 -15.83 -35.31
C PRO B 695 7.22 -15.83 -34.87
N ALA B 696 8.09 -15.30 -35.74
CA ALA B 696 9.50 -15.22 -35.42
C ALA B 696 9.74 -14.17 -34.34
N SER B 697 10.99 -14.04 -33.92
CA SER B 697 11.40 -13.04 -32.96
C SER B 697 12.63 -12.33 -33.50
N PRO B 698 12.68 -11.00 -33.46
CA PRO B 698 13.84 -10.28 -33.98
C PRO B 698 15.06 -10.50 -33.09
N SER B 699 16.24 -10.22 -33.66
CA SER B 699 17.49 -10.49 -32.98
C SER B 699 17.62 -9.70 -31.68
N LEU B 700 16.88 -8.60 -31.53
CA LEU B 700 16.90 -7.88 -30.26
C LEU B 700 16.28 -8.71 -29.14
N GLU B 701 15.23 -9.46 -29.46
CA GLU B 701 14.49 -10.22 -28.47
C GLU B 701 14.99 -11.65 -28.33
N LYS B 702 16.08 -12.01 -29.00
CA LYS B 702 16.67 -13.34 -28.89
C LYS B 702 18.17 -13.23 -28.71
N GLU B 703 18.75 -14.26 -28.10
CA GLU B 703 20.18 -14.32 -27.85
C GLU B 703 20.81 -15.35 -28.79
N GLY B 704 21.93 -15.00 -29.38
CA GLY B 704 22.61 -15.88 -30.29
C GLY B 704 23.98 -15.37 -30.63
N THR B 705 24.54 -15.90 -31.72
CA THR B 705 25.82 -15.44 -32.23
C THR B 705 25.66 -15.05 -33.70
N PHE B 706 26.10 -13.85 -34.04
CA PHE B 706 26.09 -13.36 -35.40
C PHE B 706 27.49 -13.39 -35.97
N THR B 707 27.62 -14.00 -37.14
CA THR B 707 28.93 -14.05 -37.82
C THR B 707 28.92 -13.02 -38.93
N ASN B 708 29.65 -11.92 -38.78
CA ASN B 708 29.54 -10.86 -39.80
C ASN B 708 30.44 -11.19 -41.00
N THR B 709 30.65 -10.21 -41.87
CA THR B 709 31.44 -10.42 -43.11
C THR B 709 32.87 -10.77 -42.77
N GLU B 710 33.38 -10.27 -41.65
CA GLU B 710 34.81 -10.44 -41.34
C GLU B 710 34.97 -11.77 -40.62
N ARG B 711 34.00 -12.66 -40.83
CA ARG B 711 34.14 -13.97 -40.21
C ARG B 711 34.31 -13.77 -38.72
N ARG B 712 33.54 -12.87 -38.13
CA ARG B 712 33.62 -12.65 -36.68
C ARG B 712 32.34 -13.21 -36.05
N ILE B 713 32.47 -14.07 -35.05
CA ILE B 713 31.28 -14.60 -34.35
C ILE B 713 31.11 -13.78 -33.08
N GLN B 714 30.17 -12.85 -33.04
CA GLN B 714 29.93 -11.97 -31.90
C GLN B 714 28.63 -12.41 -31.23
N ARG B 715 28.67 -12.56 -29.92
CA ARG B 715 27.50 -13.03 -29.18
C ARG B 715 26.54 -11.89 -28.90
N LEU B 716 25.25 -12.17 -29.02
CA LEU B 716 24.22 -11.16 -28.79
C LEU B 716 23.75 -11.22 -27.34
N TYR B 717 22.76 -10.39 -27.02
CA TYR B 717 22.12 -10.41 -25.72
C TYR B 717 20.63 -10.15 -25.90
N GLN B 718 19.83 -10.73 -25.01
CA GLN B 718 18.38 -10.58 -25.11
C GLN B 718 17.96 -9.19 -24.66
N VAL B 719 17.84 -8.26 -25.63
CA VAL B 719 17.49 -6.89 -25.29
C VAL B 719 16.08 -6.81 -24.72
N PHE B 720 15.14 -7.53 -25.31
CA PHE B 720 13.76 -7.51 -24.87
C PHE B 720 13.27 -8.94 -24.66
N GLU B 721 12.32 -9.10 -23.74
CA GLU B 721 11.50 -10.29 -23.76
C GLU B 721 10.66 -10.28 -25.04
N PRO B 722 10.49 -11.44 -25.69
CA PRO B 722 9.83 -11.45 -27.00
C PRO B 722 8.42 -10.88 -26.92
N LEU B 723 8.04 -10.15 -27.98
CA LEU B 723 6.74 -9.49 -27.99
C LEU B 723 5.61 -10.51 -27.96
N GLY B 724 4.57 -10.19 -27.21
CA GLY B 724 3.48 -11.14 -27.01
C GLY B 724 4.00 -12.40 -26.36
N GLU B 725 3.64 -13.55 -26.94
CA GLU B 725 4.19 -14.83 -26.51
C GLU B 725 4.99 -15.50 -27.63
N SER B 726 5.24 -14.78 -28.72
CA SER B 726 6.09 -15.28 -29.79
C SER B 726 7.45 -15.68 -29.23
N LYS B 727 8.12 -16.58 -29.92
CA LYS B 727 9.32 -17.16 -29.36
C LYS B 727 10.53 -16.91 -30.26
N PRO B 728 11.73 -16.89 -29.69
CA PRO B 728 12.93 -16.87 -30.52
C PRO B 728 12.96 -18.09 -31.43
N ASP B 729 13.48 -17.88 -32.65
CA ASP B 729 13.36 -18.90 -33.69
C ASP B 729 14.01 -20.22 -33.27
N TRP B 730 15.07 -20.17 -32.46
CA TRP B 730 15.66 -21.40 -31.97
C TRP B 730 14.68 -22.15 -31.06
N GLN B 731 13.93 -21.42 -30.23
CA GLN B 731 12.92 -22.07 -29.40
C GLN B 731 11.84 -22.72 -30.26
N ILE B 732 11.43 -22.03 -31.32
CA ILE B 732 10.40 -22.57 -32.21
C ILE B 732 10.91 -23.83 -32.90
N ILE B 733 12.16 -23.81 -33.36
CA ILE B 733 12.72 -24.98 -34.04
C ILE B 733 12.87 -26.13 -33.06
N MET B 734 13.29 -25.85 -31.83
CA MET B 734 13.35 -26.90 -30.82
C MET B 734 11.99 -27.51 -30.57
N GLU B 735 10.95 -26.68 -30.46
CA GLU B 735 9.61 -27.21 -30.24
C GLU B 735 9.13 -28.04 -31.43
N VAL B 736 9.39 -27.56 -32.65
CA VAL B 736 8.97 -28.29 -33.84
C VAL B 736 9.68 -29.64 -33.92
N ALA B 737 10.99 -29.65 -33.68
CA ALA B 737 11.75 -30.90 -33.74
C ALA B 737 11.32 -31.86 -32.64
N ASN B 738 11.05 -31.34 -31.44
CA ASN B 738 10.57 -32.19 -30.36
C ASN B 738 9.21 -32.80 -30.70
N LYS B 739 8.32 -32.02 -31.32
CA LYS B 739 7.08 -32.57 -31.84
C LYS B 739 7.32 -33.53 -32.99
N LEU B 740 8.52 -33.52 -33.57
CA LEU B 740 8.92 -34.49 -34.58
C LEU B 740 9.75 -35.63 -33.98
N GLY B 741 9.77 -35.75 -32.67
CA GLY B 741 10.53 -36.80 -32.01
C GLY B 741 12.03 -36.64 -32.10
N ALA B 742 12.54 -35.42 -31.96
CA ALA B 742 13.98 -35.21 -31.96
C ALA B 742 14.59 -35.40 -30.59
N GLY B 743 13.93 -34.90 -29.55
CA GLY B 743 14.47 -34.98 -28.21
C GLY B 743 15.52 -33.93 -27.88
N TRP B 744 15.47 -32.77 -28.52
CA TRP B 744 16.43 -31.71 -28.22
C TRP B 744 16.14 -31.07 -26.87
N LEU B 745 17.20 -30.82 -26.10
CA LEU B 745 17.12 -30.12 -24.81
C LEU B 745 18.15 -29.01 -24.82
N TYR B 746 17.71 -27.80 -25.18
CA TYR B 746 18.58 -26.61 -25.16
C TYR B 746 17.85 -25.53 -24.36
N GLU B 747 18.22 -25.37 -23.10
CA GLU B 747 17.60 -24.33 -22.28
C GLU B 747 17.94 -22.94 -22.81
N HIS B 748 19.20 -22.71 -23.15
CA HIS B 748 19.66 -21.44 -23.71
C HIS B 748 20.61 -21.73 -24.86
N PRO B 749 20.72 -20.81 -25.83
CA PRO B 749 21.46 -21.11 -27.06
C PRO B 749 22.96 -21.37 -26.86
N ALA B 750 23.45 -21.24 -25.63
CA ALA B 750 24.86 -21.56 -25.37
C ALA B 750 25.13 -23.04 -25.63
N ASP B 751 24.19 -23.91 -25.26
CA ASP B 751 24.36 -25.34 -25.52
C ASP B 751 24.41 -25.62 -27.02
N ILE B 752 23.54 -24.96 -27.79
CA ILE B 752 23.57 -25.11 -29.25
C ILE B 752 24.91 -24.63 -29.80
N MET B 753 25.39 -23.48 -29.29
CA MET B 753 26.64 -22.93 -29.78
C MET B 753 27.81 -23.87 -29.49
N GLU B 754 27.87 -24.42 -28.27
CA GLU B 754 28.98 -25.30 -27.94
C GLU B 754 28.89 -26.63 -28.67
N GLU B 755 27.68 -27.15 -28.90
CA GLU B 755 27.54 -28.37 -29.68
C GLU B 755 28.02 -28.15 -31.11
N ALA B 756 27.59 -27.06 -31.74
CA ALA B 756 28.06 -26.75 -33.09
C ALA B 756 29.56 -26.52 -33.10
N ALA B 757 30.09 -25.91 -32.03
CA ALA B 757 31.53 -25.69 -31.94
C ALA B 757 32.29 -27.01 -31.91
N LYS B 758 31.78 -27.98 -31.14
CA LYS B 758 32.39 -29.32 -31.15
C LYS B 758 32.29 -29.95 -32.53
N LEU B 759 31.15 -29.78 -33.21
CA LEU B 759 30.99 -30.38 -34.53
C LEU B 759 31.80 -29.64 -35.59
N SER B 760 31.80 -28.31 -35.55
CA SER B 760 32.44 -27.53 -36.60
C SER B 760 33.93 -27.42 -36.35
N PRO B 761 34.79 -27.93 -37.25
CA PRO B 761 36.24 -27.73 -37.05
C PRO B 761 36.65 -26.27 -37.07
N ILE B 762 36.01 -25.45 -37.91
CA ILE B 762 36.36 -24.03 -37.97
C ILE B 762 35.91 -23.32 -36.70
N TYR B 763 34.74 -23.67 -36.18
CA TYR B 763 34.20 -23.08 -34.97
C TYR B 763 34.62 -23.84 -33.72
N ALA B 764 35.75 -24.55 -33.77
CA ALA B 764 36.12 -25.44 -32.67
C ALA B 764 36.27 -24.69 -31.34
N GLY B 765 36.67 -23.42 -31.39
CA GLY B 765 36.99 -22.71 -30.17
C GLY B 765 35.97 -21.71 -29.66
N VAL B 766 34.92 -21.42 -30.44
CA VAL B 766 33.96 -20.41 -30.04
C VAL B 766 33.04 -20.97 -28.96
N THR B 767 32.96 -20.25 -27.84
CA THR B 767 32.12 -20.63 -26.73
C THR B 767 31.54 -19.37 -26.11
N TYR B 768 30.44 -19.53 -25.38
CA TYR B 768 29.72 -18.37 -24.86
C TYR B 768 30.52 -17.65 -23.78
N GLU B 769 31.31 -18.37 -22.99
CA GLU B 769 32.17 -17.71 -22.02
C GLU B 769 33.38 -17.05 -22.68
N ARG B 770 33.71 -17.41 -23.91
CA ARG B 770 34.73 -16.73 -24.68
C ARG B 770 34.17 -15.61 -25.56
N LEU B 771 32.84 -15.42 -25.55
CA LEU B 771 32.19 -14.39 -26.34
C LEU B 771 31.45 -13.38 -25.46
N GLU B 772 31.77 -13.32 -24.18
CA GLU B 772 31.08 -12.43 -23.26
C GLU B 772 31.38 -10.97 -23.59
N GLY B 773 30.41 -10.11 -23.33
CA GLY B 773 30.58 -8.70 -23.60
C GLY B 773 30.79 -8.43 -25.08
N TYR B 774 31.79 -7.62 -25.38
CA TYR B 774 32.11 -7.27 -26.76
C TYR B 774 33.19 -8.16 -27.35
N ASN B 775 33.67 -9.15 -26.61
CA ASN B 775 34.67 -10.06 -27.15
C ASN B 775 34.08 -10.87 -28.29
N SER B 776 34.83 -10.98 -29.38
CA SER B 776 34.38 -11.67 -30.57
C SER B 776 35.52 -12.51 -31.13
N LEU B 777 35.18 -13.62 -31.75
CA LEU B 777 36.24 -14.52 -32.24
C LEU B 777 36.08 -14.60 -33.75
N GLN B 778 37.16 -14.69 -34.51
CA GLN B 778 36.92 -14.76 -35.97
C GLN B 778 37.23 -16.18 -36.44
N TRP B 779 36.24 -16.87 -37.00
CA TRP B 779 36.44 -18.24 -37.53
C TRP B 779 37.41 -18.13 -38.69
N PRO B 780 38.34 -19.07 -38.92
CA PRO B 780 38.48 -20.26 -38.08
C PRO B 780 39.00 -20.05 -36.66
N VAL B 781 38.48 -20.78 -35.68
CA VAL B 781 39.02 -20.72 -34.29
C VAL B 781 39.37 -22.15 -33.85
N ASN B 782 40.53 -22.39 -33.24
CA ASN B 782 40.97 -23.76 -32.85
C ASN B 782 40.43 -24.11 -31.46
N ALA B 783 40.74 -25.29 -30.92
CA ALA B 783 40.10 -25.65 -29.66
C ALA B 783 40.65 -24.85 -28.49
N ASP B 784 41.90 -24.37 -28.59
CA ASP B 784 42.48 -23.57 -27.53
C ASP B 784 41.77 -22.23 -27.34
N GLY B 785 41.04 -21.76 -28.35
CA GLY B 785 40.35 -20.49 -28.29
C GLY B 785 41.04 -19.36 -29.02
N LYS B 786 42.18 -19.61 -29.66
CA LYS B 786 42.89 -18.58 -30.40
C LYS B 786 42.31 -18.53 -31.81
N ASP B 787 41.64 -17.43 -32.13
CA ASP B 787 41.03 -17.27 -33.44
C ASP B 787 42.08 -16.90 -34.48
N SER B 788 41.63 -16.64 -35.71
CA SER B 788 42.51 -16.28 -36.81
C SER B 788 42.00 -14.97 -37.42
N PRO B 789 42.46 -13.83 -36.91
CA PRO B 789 42.00 -12.54 -37.47
C PRO B 789 42.30 -12.40 -38.95
N LEU B 790 43.42 -12.94 -39.41
CA LEU B 790 43.78 -12.91 -40.82
C LEU B 790 43.82 -14.34 -41.36
N LEU B 791 43.23 -14.53 -42.53
CA LEU B 791 43.18 -15.85 -43.15
C LEU B 791 44.44 -16.12 -43.96
N PHE B 792 44.69 -17.40 -44.19
CA PHE B 792 45.82 -17.69 -45.08
C PHE B 792 47.08 -17.02 -44.54
N THR B 793 47.14 -16.77 -43.24
CA THR B 793 48.31 -16.03 -42.70
C THR B 793 49.58 -16.85 -42.91
N GLU B 794 49.54 -18.14 -42.60
CA GLU B 794 50.75 -18.99 -42.73
C GLU B 794 50.56 -20.02 -43.84
N ARG B 795 49.40 -20.67 -43.89
CA ARG B 795 49.18 -21.73 -44.90
C ARG B 795 47.75 -21.69 -45.42
N PHE B 796 47.51 -22.26 -46.58
CA PHE B 796 46.11 -22.35 -47.08
C PHE B 796 45.54 -23.66 -46.56
N PRO B 797 44.20 -23.79 -46.45
CA PRO B 797 43.52 -25.00 -45.95
C PRO B 797 43.72 -26.22 -46.81
N PHE B 798 44.17 -26.07 -48.05
CA PHE B 798 44.30 -27.20 -48.95
C PHE B 798 45.35 -28.18 -48.43
N PRO B 799 45.24 -29.47 -48.79
CA PRO B 799 46.16 -30.47 -48.23
C PRO B 799 47.63 -30.14 -48.49
N ASP B 800 47.95 -29.58 -49.65
CA ASP B 800 49.33 -29.18 -49.93
C ASP B 800 49.71 -27.88 -49.22
N GLY B 801 48.73 -27.14 -48.69
CA GLY B 801 48.99 -25.87 -48.05
C GLY B 801 49.17 -24.71 -48.99
N LYS B 802 49.00 -24.91 -50.29
CA LYS B 802 49.18 -23.87 -51.29
C LYS B 802 47.92 -23.77 -52.14
N ALA B 803 47.49 -22.54 -52.43
CA ALA B 803 46.26 -22.32 -53.17
C ALA B 803 46.46 -22.64 -54.65
N ILE B 804 45.35 -22.72 -55.37
CA ILE B 804 45.34 -23.10 -56.78
C ILE B 804 44.59 -22.04 -57.57
N LEU B 805 45.18 -21.59 -58.67
CA LEU B 805 44.51 -20.68 -59.59
C LEU B 805 43.47 -21.46 -60.40
N TYR B 806 42.26 -20.92 -60.50
CA TYR B 806 41.19 -21.60 -61.21
C TYR B 806 41.03 -21.00 -62.60
N PRO B 807 41.27 -21.79 -63.67
CA PRO B 807 41.08 -21.26 -65.03
C PRO B 807 39.62 -21.03 -65.33
N VAL B 808 39.25 -19.75 -65.55
CA VAL B 808 37.88 -19.38 -65.89
C VAL B 808 37.92 -18.36 -67.02
N GLN B 809 36.79 -18.26 -67.72
CA GLN B 809 36.63 -17.35 -68.85
C GLN B 809 35.41 -16.48 -68.63
N TRP B 810 35.10 -15.65 -69.62
CA TRP B 810 33.92 -14.80 -69.58
C TRP B 810 32.69 -15.62 -69.93
N THR B 811 31.82 -15.85 -68.95
CA THR B 811 30.55 -16.49 -69.22
C THR B 811 29.57 -15.44 -69.72
N GLU B 812 28.92 -15.72 -70.85
CA GLU B 812 28.06 -14.75 -71.49
C GLU B 812 26.87 -14.41 -70.60
N PRO B 813 26.67 -13.14 -70.24
CA PRO B 813 25.48 -12.78 -69.47
C PRO B 813 24.21 -13.11 -70.25
N LYS B 814 23.20 -13.58 -69.52
CA LYS B 814 21.92 -13.96 -70.14
C LYS B 814 21.06 -12.72 -70.38
N GLU B 815 21.65 -11.74 -71.06
CA GLU B 815 20.82 -10.57 -71.42
C GLU B 815 19.77 -11.09 -72.39
N PHE B 816 18.52 -10.67 -72.23
CA PHE B 816 17.42 -11.20 -73.07
C PHE B 816 17.71 -10.83 -74.53
N GLY B 817 18.23 -9.63 -74.77
CA GLY B 817 18.52 -9.13 -76.13
C GLY B 817 17.27 -8.53 -76.75
N GLU B 818 17.35 -8.10 -78.00
CA GLU B 818 16.14 -7.65 -78.73
C GLU B 818 15.41 -6.52 -78.00
N GLU B 819 14.09 -6.65 -77.85
CA GLU B 819 13.28 -5.53 -77.33
C GLU B 819 13.65 -5.20 -75.89
N TYR B 820 14.27 -6.11 -75.17
CA TYR B 820 14.71 -5.78 -73.80
C TYR B 820 15.97 -4.93 -73.99
N ASP B 821 15.80 -3.66 -74.39
CA ASP B 821 16.95 -2.78 -74.60
C ASP B 821 17.49 -2.20 -73.29
N ILE B 822 16.65 -1.52 -72.53
CA ILE B 822 17.10 -0.89 -71.29
C ILE B 822 17.42 -1.95 -70.27
N HIS B 823 18.64 -1.93 -69.75
CA HIS B 823 19.14 -2.93 -68.81
C HIS B 823 19.00 -2.37 -67.40
N VAL B 824 17.87 -2.68 -66.76
CA VAL B 824 17.62 -2.19 -65.41
C VAL B 824 18.51 -2.93 -64.43
N ASN B 825 19.04 -2.19 -63.46
CA ASN B 825 19.90 -2.74 -62.41
C ASN B 825 19.15 -2.72 -61.09
N ASN B 826 19.30 -3.80 -60.31
CA ASN B 826 18.64 -3.94 -59.03
C ASN B 826 19.65 -3.95 -57.90
N GLY B 827 19.30 -3.30 -56.81
CA GLY B 827 20.19 -3.21 -55.67
C GLY B 827 19.46 -2.90 -54.38
N ARG B 828 20.04 -2.05 -53.55
CA ARG B 828 19.43 -1.71 -52.28
C ARG B 828 19.86 -0.30 -51.89
N LEU B 829 18.97 0.40 -51.19
CA LEU B 829 19.27 1.73 -50.70
C LEU B 829 19.95 1.65 -49.34
N LEU B 830 20.59 2.76 -48.96
CA LEU B 830 21.25 2.83 -47.66
C LEU B 830 20.24 2.77 -46.52
N GLU B 831 19.19 3.58 -46.58
CA GLU B 831 18.25 3.66 -45.47
C GLU B 831 17.35 2.43 -45.40
N HIS B 832 16.90 1.94 -46.55
CA HIS B 832 15.95 0.83 -46.59
C HIS B 832 16.68 -0.50 -46.76
N PHE B 833 16.08 -1.55 -46.21
CA PHE B 833 16.66 -2.89 -46.19
C PHE B 833 15.79 -3.83 -47.02
N HIS B 834 16.25 -4.14 -48.23
CA HIS B 834 15.54 -5.03 -49.16
C HIS B 834 14.13 -4.43 -49.36
N GLU B 835 13.08 -5.26 -49.35
CA GLU B 835 11.72 -4.76 -49.48
C GLU B 835 11.32 -3.85 -48.33
N GLY B 836 12.04 -3.91 -47.21
CA GLY B 836 11.76 -3.02 -46.11
C GLY B 836 10.74 -3.55 -45.13
N ASN B 837 10.83 -4.85 -44.82
CA ASN B 837 9.98 -5.41 -43.78
C ASN B 837 10.33 -4.88 -42.40
N LEU B 838 11.47 -4.22 -42.25
CA LEU B 838 11.92 -3.68 -40.97
C LEU B 838 12.07 -2.17 -40.99
N THR B 839 12.73 -1.62 -42.02
CA THR B 839 12.96 -0.18 -42.06
C THR B 839 11.66 0.59 -42.25
N TYR B 840 10.75 0.08 -43.08
CA TYR B 840 9.49 0.79 -43.32
C TYR B 840 8.70 0.98 -42.04
N LYS B 841 8.84 0.07 -41.08
CA LYS B 841 8.13 0.21 -39.82
C LYS B 841 8.69 1.35 -38.98
N SER B 842 9.88 1.83 -39.29
CA SER B 842 10.45 3.00 -38.63
C SER B 842 10.02 4.25 -39.37
N LYS B 843 9.42 5.20 -38.66
CA LYS B 843 8.85 6.38 -39.28
C LYS B 843 9.91 7.24 -39.93
N GLY B 844 11.07 7.38 -39.29
CA GLY B 844 12.10 8.26 -39.82
C GLY B 844 12.62 7.81 -41.18
N ILE B 845 12.93 6.53 -41.32
CA ILE B 845 13.42 6.02 -42.59
C ILE B 845 12.35 6.15 -43.66
N SER B 846 11.08 5.94 -43.30
CA SER B 846 10.00 6.14 -44.24
C SER B 846 9.93 7.60 -44.70
N GLU B 847 10.13 8.54 -43.78
CA GLU B 847 10.18 9.95 -44.16
C GLU B 847 11.33 10.23 -45.10
N LYS B 848 12.51 9.64 -44.82
CA LYS B 848 13.67 9.85 -45.69
C LYS B 848 13.45 9.24 -47.07
N THR B 849 12.84 8.06 -47.14
CA THR B 849 12.56 7.39 -48.40
C THR B 849 11.22 6.69 -48.30
N PRO B 850 10.15 7.28 -48.84
CA PRO B 850 8.82 6.70 -48.67
C PRO B 850 8.52 5.55 -49.61
N GLU B 851 9.04 5.60 -50.84
CA GLU B 851 8.64 4.63 -51.84
C GLU B 851 9.82 4.35 -52.77
N VAL B 852 9.75 3.21 -53.45
CA VAL B 852 10.75 2.85 -54.45
C VAL B 852 10.77 3.90 -55.56
N PHE B 853 11.92 4.02 -56.21
CA PHE B 853 12.07 4.89 -57.37
C PHE B 853 13.00 4.22 -58.36
N LEU B 854 12.83 4.57 -59.63
CA LEU B 854 13.70 4.10 -60.70
C LEU B 854 14.65 5.23 -61.06
N GLU B 855 15.91 5.10 -60.68
CA GLU B 855 16.92 6.09 -61.01
C GLU B 855 17.26 5.96 -62.49
N ILE B 856 17.11 7.04 -63.24
CA ILE B 856 17.25 7.01 -64.69
C ILE B 856 18.30 8.05 -65.10
N SER B 857 19.09 7.71 -66.11
CA SER B 857 20.22 8.53 -66.51
C SER B 857 19.74 9.78 -67.25
N PRO B 858 20.44 10.91 -67.09
CA PRO B 858 20.06 12.12 -67.83
C PRO B 858 20.13 11.96 -69.33
N GLU B 859 21.09 11.18 -69.84
CA GLU B 859 21.20 10.98 -71.28
C GLU B 859 19.98 10.25 -71.81
N LEU B 860 19.53 9.20 -71.10
CA LEU B 860 18.35 8.47 -71.52
C LEU B 860 17.07 9.26 -71.26
N ALA B 861 17.14 10.31 -70.45
CA ALA B 861 15.96 11.17 -70.23
C ALA B 861 15.64 12.02 -71.43
N ALA B 862 16.54 12.11 -72.41
CA ALA B 862 16.31 12.92 -73.61
C ALA B 862 15.72 12.10 -74.75
N GLU B 863 16.35 10.98 -75.10
CA GLU B 863 15.86 10.16 -76.21
C GLU B 863 14.49 9.58 -75.90
N ARG B 864 14.28 9.08 -74.69
CA ARG B 864 12.99 8.53 -74.28
C ARG B 864 12.04 9.59 -73.74
N GLY B 865 12.52 10.81 -73.51
CA GLY B 865 11.69 11.89 -73.00
C GLY B 865 11.01 11.56 -71.69
N ILE B 866 11.81 11.35 -70.65
CA ILE B 866 11.29 10.98 -69.34
C ILE B 866 11.68 12.05 -68.33
N GLN B 867 10.82 12.24 -67.33
CA GLN B 867 11.03 13.28 -66.32
C GLN B 867 10.97 12.70 -64.92
N ASP B 868 10.98 13.57 -63.91
CA ASP B 868 10.97 13.15 -62.52
C ASP B 868 9.54 12.99 -62.01
N GLY B 869 9.38 12.09 -61.04
CA GLY B 869 8.07 11.85 -60.46
C GLY B 869 7.07 11.23 -61.39
N THR B 870 7.52 10.49 -62.39
CA THR B 870 6.66 9.91 -63.41
C THR B 870 6.52 8.41 -63.19
N LEU B 871 5.29 7.92 -63.21
CA LEU B 871 5.02 6.49 -63.12
C LEU B 871 5.31 5.84 -64.47
N VAL B 872 6.24 4.88 -64.49
CA VAL B 872 6.66 4.22 -65.72
C VAL B 872 6.54 2.72 -65.54
N ARG B 873 6.48 2.01 -66.66
CA ARG B 873 6.25 0.57 -66.69
C ARG B 873 7.48 -0.15 -67.23
N LEU B 874 7.89 -1.21 -66.54
CA LEU B 874 9.00 -2.05 -66.98
C LEU B 874 8.50 -3.47 -67.15
N THR B 875 8.64 -4.02 -68.35
CA THR B 875 8.09 -5.32 -68.70
C THR B 875 9.19 -6.27 -69.13
N SER B 876 9.22 -7.45 -68.53
CA SER B 876 10.20 -8.50 -68.77
C SER B 876 9.42 -9.80 -68.92
N PRO B 877 9.97 -10.82 -69.61
CA PRO B 877 9.20 -12.05 -69.83
C PRO B 877 8.77 -12.73 -68.54
N PHE B 878 9.17 -12.16 -67.40
CA PHE B 878 8.90 -12.73 -66.10
C PHE B 878 8.11 -11.81 -65.18
N GLY B 879 7.84 -10.57 -65.59
CA GLY B 879 7.13 -9.65 -64.72
C GLY B 879 6.82 -8.35 -65.42
N ASN B 880 6.09 -7.49 -64.70
CA ASN B 880 5.67 -6.19 -65.21
C ASN B 880 5.43 -5.27 -64.02
N VAL B 881 6.30 -4.28 -63.85
CA VAL B 881 6.29 -3.42 -62.67
C VAL B 881 5.92 -2.01 -63.08
N LYS B 882 5.28 -1.28 -62.16
CA LYS B 882 4.95 0.13 -62.32
C LYS B 882 5.68 0.89 -61.21
N VAL B 883 6.77 1.55 -61.59
CA VAL B 883 7.63 2.23 -60.62
C VAL B 883 7.73 3.70 -60.98
N LYS B 884 7.87 4.55 -59.96
CA LYS B 884 8.09 5.96 -60.20
C LYS B 884 9.50 6.18 -60.77
N CYS B 885 9.78 7.42 -61.15
CA CYS B 885 11.03 7.74 -61.81
C CYS B 885 11.77 8.84 -61.05
N LEU B 886 13.09 8.80 -61.16
CA LEU B 886 13.98 9.78 -60.53
C LEU B 886 15.06 10.15 -61.51
N ILE B 887 15.43 11.42 -61.56
CA ILE B 887 16.45 11.93 -62.47
C ILE B 887 17.73 12.13 -61.67
N THR B 888 18.79 11.42 -62.07
CA THR B 888 20.08 11.55 -61.41
C THR B 888 21.16 11.04 -62.37
N ASP B 889 22.38 11.47 -62.11
CA ASP B 889 23.53 11.09 -62.91
C ASP B 889 24.22 9.83 -62.39
N ARG B 890 23.68 9.20 -61.35
CA ARG B 890 24.31 8.00 -60.81
C ARG B 890 24.36 6.88 -61.84
N VAL B 891 23.27 6.70 -62.59
CA VAL B 891 23.24 5.71 -63.66
C VAL B 891 23.62 6.37 -64.97
N LYS B 892 24.08 5.56 -65.91
CA LYS B 892 24.57 6.04 -67.20
C LYS B 892 23.87 5.31 -68.34
N GLY B 893 23.50 6.07 -69.36
CA GLY B 893 22.95 5.47 -70.57
C GLY B 893 21.65 4.75 -70.32
N LYS B 894 21.45 3.64 -71.04
CA LYS B 894 20.23 2.85 -70.88
C LYS B 894 20.14 2.25 -69.49
N GLU B 895 21.26 1.78 -68.95
CA GLU B 895 21.25 1.09 -67.66
C GLU B 895 20.70 2.01 -66.56
N VAL B 896 19.78 1.47 -65.77
CA VAL B 896 19.08 2.22 -64.74
C VAL B 896 19.06 1.41 -63.45
N TYR B 897 18.90 2.10 -62.34
CA TYR B 897 18.94 1.50 -61.02
C TYR B 897 17.54 1.41 -60.45
N LEU B 898 17.16 0.20 -60.02
CA LEU B 898 15.86 -0.05 -59.38
C LEU B 898 16.11 -0.71 -58.03
N PRO B 899 16.17 0.07 -56.95
CA PRO B 899 16.38 -0.52 -55.62
C PRO B 899 15.20 -1.39 -55.21
N MET B 900 15.48 -2.32 -54.29
CA MET B 900 14.50 -3.32 -53.89
C MET B 900 13.60 -2.84 -52.76
N ASN B 901 13.48 -1.53 -52.58
CA ASN B 901 12.84 -1.00 -51.38
C ASN B 901 11.33 -0.91 -51.48
N ASP B 902 10.70 -1.74 -52.32
CA ASP B 902 9.25 -1.88 -52.32
C ASP B 902 8.88 -3.36 -52.36
N SER B 903 7.76 -3.70 -51.71
CA SER B 903 7.27 -5.06 -51.64
C SER B 903 5.95 -5.27 -52.37
N GLY B 904 5.45 -4.27 -53.10
CA GLY B 904 4.21 -4.41 -53.82
C GLY B 904 4.41 -4.77 -55.28
N GLU B 905 3.60 -4.17 -56.15
CA GLU B 905 3.73 -4.40 -57.58
C GLU B 905 4.97 -3.75 -58.18
N ALA B 906 5.65 -2.89 -57.44
CA ALA B 906 6.81 -2.16 -57.93
C ALA B 906 8.13 -2.83 -57.59
N ALA B 907 8.09 -4.01 -56.96
CA ALA B 907 9.32 -4.71 -56.65
C ALA B 907 10.03 -5.14 -57.93
N ILE B 908 11.34 -4.94 -57.97
CA ILE B 908 12.12 -5.24 -59.18
C ILE B 908 12.05 -6.71 -59.51
N ASN B 909 11.92 -7.57 -58.50
CA ASN B 909 12.06 -9.01 -58.67
C ASN B 909 11.06 -9.60 -59.66
N LEU B 910 10.07 -8.84 -60.13
CA LEU B 910 9.24 -9.33 -61.22
C LEU B 910 10.07 -9.50 -62.50
N LEU B 911 10.96 -8.54 -62.77
CA LEU B 911 11.62 -8.49 -64.07
C LEU B 911 12.67 -9.58 -64.22
N THR B 912 13.39 -9.91 -63.15
CA THR B 912 14.45 -10.90 -63.24
C THR B 912 13.88 -12.27 -63.59
N GLY B 913 14.70 -13.08 -64.27
CA GLY B 913 14.29 -14.37 -64.75
C GLY B 913 15.01 -15.51 -64.04
N SER B 914 14.56 -16.72 -64.35
CA SER B 914 15.12 -17.93 -63.75
C SER B 914 16.35 -18.42 -64.48
N HIS B 915 17.30 -17.51 -64.70
CA HIS B 915 18.61 -17.84 -65.25
C HIS B 915 19.64 -17.60 -64.16
N ALA B 916 20.42 -18.62 -63.83
CA ALA B 916 21.29 -18.60 -62.66
C ALA B 916 22.69 -19.05 -63.05
N ASP B 917 23.60 -18.96 -62.08
CA ASP B 917 24.98 -19.36 -62.29
C ASP B 917 25.09 -20.86 -62.51
N LYS B 918 26.11 -21.26 -63.26
CA LYS B 918 26.33 -22.68 -63.52
C LYS B 918 26.81 -23.41 -62.27
N ASP B 919 27.72 -22.80 -61.52
CA ASP B 919 28.34 -23.49 -60.39
C ASP B 919 27.39 -23.61 -59.21
N THR B 920 26.67 -22.53 -58.87
CA THR B 920 25.89 -22.50 -57.65
C THR B 920 24.41 -22.20 -57.83
N ASP B 921 23.94 -22.04 -59.07
CA ASP B 921 22.54 -21.73 -59.36
C ASP B 921 22.09 -20.46 -58.61
N THR B 922 22.94 -19.43 -58.67
CA THR B 922 22.60 -18.14 -58.08
C THR B 922 21.92 -17.28 -59.13
N PRO B 923 20.70 -16.82 -58.89
CA PRO B 923 19.97 -16.05 -59.91
C PRO B 923 20.72 -14.78 -60.31
N ALA B 924 20.68 -14.47 -61.60
CA ALA B 924 21.35 -13.28 -62.13
C ALA B 924 20.41 -12.08 -62.03
N TYR B 925 20.29 -11.57 -60.79
CA TYR B 925 19.44 -10.42 -60.55
C TYR B 925 19.96 -9.19 -61.29
N LYS B 926 21.29 -9.00 -61.32
CA LYS B 926 21.86 -7.87 -62.02
C LYS B 926 21.70 -7.96 -63.54
N GLU B 927 21.25 -9.10 -64.06
CA GLU B 927 21.05 -9.30 -65.49
C GLU B 927 19.57 -9.18 -65.79
N THR B 928 19.10 -7.95 -65.99
CA THR B 928 17.69 -7.68 -66.20
C THR B 928 17.52 -6.65 -67.31
N SER B 929 16.52 -6.85 -68.16
CA SER B 929 16.16 -5.92 -69.22
C SER B 929 14.65 -5.81 -69.32
N ALA B 930 14.18 -4.65 -69.78
CA ALA B 930 12.75 -4.40 -69.85
C ALA B 930 12.47 -3.36 -70.93
N LYS B 931 11.30 -2.75 -70.84
CA LYS B 931 10.88 -1.64 -71.67
C LYS B 931 10.91 -0.33 -70.87
N MET B 932 10.40 0.73 -71.49
CA MET B 932 10.22 2.04 -70.83
C MET B 932 8.92 2.62 -71.36
N GLU B 933 7.83 2.39 -70.62
CA GLU B 933 6.51 2.91 -70.97
C GLU B 933 6.19 4.10 -70.06
N ILE B 934 5.73 5.19 -70.66
CA ILE B 934 5.44 6.42 -69.94
C ILE B 934 3.94 6.46 -69.69
N LEU B 935 3.55 6.46 -68.41
CA LEU B 935 2.15 6.47 -68.03
C LEU B 935 1.68 7.87 -67.62
N LYS B 936 2.33 8.46 -66.62
CA LYS B 936 1.90 9.73 -66.06
C LYS B 936 3.02 10.74 -66.24
N HIS B 937 2.74 11.81 -66.98
CA HIS B 937 3.75 12.84 -67.24
C HIS B 937 4.13 13.59 -65.98
N ASP B 938 3.14 14.10 -65.24
CA ASP B 938 3.37 14.94 -64.09
C ASP B 938 2.89 14.24 -62.83
N GLY B 939 3.76 14.13 -61.83
CA GLY B 939 3.41 13.48 -60.59
C GLY B 939 4.40 13.85 -59.50
N ILE B 940 4.11 13.33 -58.30
CA ILE B 940 4.93 13.62 -57.13
C ILE B 940 6.26 12.89 -57.25
N SER B 941 7.35 13.60 -56.97
CA SER B 941 8.66 12.98 -57.02
C SER B 941 8.80 11.97 -55.90
N PRO B 942 9.16 10.72 -56.19
CA PRO B 942 9.31 9.72 -55.11
C PRO B 942 10.37 10.08 -54.10
N LEU B 943 11.44 10.75 -54.51
CA LEU B 943 12.48 11.17 -53.60
C LEU B 943 12.15 12.56 -53.06
N PRO B 944 11.87 12.71 -51.77
CA PRO B 944 11.56 14.03 -51.22
C PRO B 944 12.83 14.88 -51.08
N LYS B 945 12.60 16.17 -50.86
CA LYS B 945 13.72 17.08 -50.63
C LYS B 945 14.50 16.70 -49.37
N ILE B 946 13.82 16.09 -48.39
CA ILE B 946 14.47 15.71 -47.14
C ILE B 946 15.31 14.45 -47.27
N ASN B 947 15.40 13.86 -48.45
CA ASN B 947 16.26 12.70 -48.63
C ASN B 947 17.73 13.10 -48.63
N HIS B 948 18.58 12.19 -48.16
CA HIS B 948 20.00 12.49 -48.03
C HIS B 948 20.70 12.60 -49.38
N ARG B 949 20.13 12.03 -50.45
CA ARG B 949 20.75 12.14 -51.76
C ARG B 949 20.62 13.53 -52.36
N ASN B 950 19.65 14.32 -51.88
CA ASN B 950 19.41 15.64 -52.45
C ASN B 950 20.37 16.71 -51.91
N GLY B 951 21.08 16.42 -50.82
CA GLY B 951 21.96 17.42 -50.25
C GLY B 951 23.30 17.50 -50.95
N ASN B 952 24.06 18.53 -50.57
CA ASN B 952 25.39 18.78 -51.13
C ASN B 952 26.42 18.81 -49.99
N PRO B 953 27.10 17.69 -49.72
CA PRO B 953 28.07 17.68 -48.61
C PRO B 953 29.25 18.59 -48.89
N GLN B 954 29.86 19.08 -47.79
CA GLN B 954 31.03 19.94 -47.89
C GLN B 954 32.26 19.13 -47.50
N PRO B 955 33.13 18.76 -48.44
CA PRO B 955 34.30 17.94 -48.11
C PRO B 955 35.42 18.78 -47.52
N GLN B 956 35.67 18.58 -46.22
CA GLN B 956 36.80 19.21 -45.55
C GLN B 956 37.45 18.18 -44.63
N ILE B 957 38.76 18.32 -44.46
CA ILE B 957 39.49 17.35 -43.59
C ILE B 957 39.55 17.89 -42.17
N GLY B 958 38.89 17.22 -41.22
CA GLY B 958 38.93 17.64 -39.82
C GLY B 958 37.92 18.73 -39.50
N VAL B 959 37.97 19.29 -38.30
CA VAL B 959 37.01 20.33 -37.86
C VAL B 959 37.51 21.66 -38.40
N GLN B 960 38.67 21.64 -39.04
CA GLN B 960 39.26 22.89 -39.56
C GLN B 960 39.42 23.88 -38.40
N VAL B 961 39.92 23.40 -37.26
CA VAL B 961 40.08 24.28 -36.08
C VAL B 961 40.82 25.57 -36.46
N HIS B 962 41.76 25.51 -37.40
CA HIS B 962 42.56 26.69 -37.70
C HIS B 962 41.68 27.90 -37.98
N LYS B 963 40.47 27.68 -38.51
CA LYS B 963 39.52 28.77 -38.67
C LYS B 963 39.09 29.31 -37.31
N LYS B 964 38.87 28.43 -36.34
CA LYS B 964 38.52 28.89 -34.99
C LYS B 964 39.68 29.66 -34.37
N TRP B 965 40.91 29.18 -34.54
CA TRP B 965 42.05 29.84 -33.94
C TRP B 965 42.29 31.22 -34.55
N ALA B 966 41.87 31.43 -35.80
CA ALA B 966 42.03 32.73 -36.44
C ALA B 966 41.07 33.78 -35.90
N ARG B 967 40.05 33.37 -35.15
CA ARG B 967 39.11 34.33 -34.60
C ARG B 967 39.77 35.18 -33.52
N LYS B 968 39.50 36.48 -33.56
CA LYS B 968 40.07 37.38 -32.56
C LYS B 968 39.51 37.10 -31.17
N ASP B 969 38.21 36.77 -31.09
CA ASP B 969 37.60 36.52 -29.79
C ASP B 969 38.17 35.28 -29.12
N TYR B 970 38.66 34.32 -29.90
CA TYR B 970 39.24 33.11 -29.32
C TYR B 970 40.59 33.43 -28.69
N ILE B 971 40.80 32.91 -27.48
CA ILE B 971 42.06 33.06 -26.77
C ILE B 971 42.48 31.70 -26.24
N PHE B 972 43.74 31.33 -26.50
CA PHE B 972 44.24 30.04 -26.05
C PHE B 972 44.47 30.07 -24.54
N PRO B 973 43.88 29.13 -23.79
CA PRO B 973 44.06 29.17 -22.32
C PRO B 973 45.50 29.08 -21.87
N GLY B 974 46.34 28.36 -22.61
CA GLY B 974 47.73 28.22 -22.20
C GLY B 974 48.46 29.55 -22.12
N ASP B 975 48.29 30.40 -23.13
CA ASP B 975 48.84 31.74 -23.09
C ASP B 975 47.90 32.75 -22.46
N ALA B 976 46.64 32.37 -22.20
CA ALA B 976 45.76 33.25 -21.44
C ALA B 976 46.17 33.29 -19.98
N VAL B 977 46.54 32.14 -19.40
CA VAL B 977 47.04 32.14 -18.03
C VAL B 977 48.40 32.81 -17.97
N LYS B 978 49.29 32.47 -18.90
CA LYS B 978 50.65 33.03 -19.02
C LYS B 978 51.34 33.26 -17.68
N ALA C 2 -33.23 -35.49 28.91
CA ALA C 2 -31.82 -35.32 28.58
C ALA C 2 -30.96 -35.52 29.81
N LYS C 3 -29.83 -36.21 29.63
CA LYS C 3 -28.89 -36.47 30.71
C LYS C 3 -27.90 -35.31 30.83
N ALA C 4 -26.93 -35.46 31.73
CA ALA C 4 -25.93 -34.43 31.99
C ALA C 4 -24.74 -34.65 31.07
N ILE C 5 -24.56 -33.74 30.11
CA ILE C 5 -23.40 -33.75 29.23
C ILE C 5 -22.81 -32.35 29.19
N LYS C 6 -21.49 -32.26 29.35
CA LYS C 6 -20.81 -30.98 29.50
C LYS C 6 -19.84 -30.71 28.36
N ARG C 7 -19.14 -31.75 27.90
CA ARG C 7 -18.10 -31.57 26.90
C ARG C 7 -18.68 -31.04 25.60
N ILE C 8 -17.90 -30.20 24.92
CA ILE C 8 -18.32 -29.51 23.70
C ILE C 8 -17.49 -30.03 22.55
N GLN C 9 -18.17 -30.50 21.50
CA GLN C 9 -17.51 -30.99 20.29
C GLN C 9 -17.46 -29.83 19.30
N LYS C 10 -16.39 -29.05 19.37
CA LYS C 10 -16.21 -27.94 18.45
C LYS C 10 -16.13 -28.44 17.01
N ILE C 11 -16.73 -27.69 16.09
CA ILE C 11 -16.74 -28.09 14.69
C ILE C 11 -15.32 -28.06 14.15
N GLU C 12 -15.01 -29.02 13.27
CA GLU C 12 -13.66 -29.18 12.74
C GLU C 12 -13.48 -28.27 11.53
N VAL C 13 -13.14 -27.02 11.81
CA VAL C 13 -12.82 -26.06 10.77
C VAL C 13 -11.34 -26.24 10.42
N THR C 14 -11.07 -26.82 9.26
CA THR C 14 -9.70 -27.06 8.84
C THR C 14 -9.03 -25.76 8.45
N GLU C 15 -7.76 -25.85 8.06
CA GLU C 15 -7.03 -24.67 7.65
C GLU C 15 -7.65 -24.03 6.41
N GLU C 16 -8.14 -24.87 5.49
CA GLU C 16 -8.75 -24.35 4.27
C GLU C 16 -9.99 -23.51 4.57
N ASP C 17 -10.86 -24.01 5.46
CA ASP C 17 -12.08 -23.28 5.78
C ASP C 17 -11.79 -21.98 6.50
N GLN C 18 -10.86 -22.00 7.46
CA GLN C 18 -10.50 -20.77 8.17
C GLN C 18 -9.86 -19.77 7.23
N ARG C 19 -9.00 -20.24 6.33
CA ARG C 19 -8.40 -19.35 5.34
C ARG C 19 -9.46 -18.74 4.44
N LYS C 20 -10.42 -19.54 3.99
CA LYS C 20 -11.50 -19.01 3.16
C LYS C 20 -12.32 -17.98 3.91
N ARG C 21 -12.63 -18.25 5.18
CA ARG C 21 -13.41 -17.30 5.97
C ARG C 21 -12.66 -15.98 6.14
N ASP C 22 -11.36 -16.05 6.44
CA ASP C 22 -10.61 -14.81 6.66
C ASP C 22 -10.40 -14.05 5.34
N LEU C 23 -10.19 -14.78 4.25
CA LEU C 23 -10.08 -14.11 2.95
C LEU C 23 -11.41 -13.46 2.57
N ARG C 24 -12.53 -14.10 2.90
CA ARG C 24 -13.83 -13.48 2.68
C ARG C 24 -14.01 -12.24 3.54
N GLU C 25 -13.49 -12.27 4.78
CA GLU C 25 -13.54 -11.09 5.63
C GLU C 25 -12.72 -9.95 5.03
N ILE C 26 -11.53 -10.26 4.51
CA ILE C 26 -10.70 -9.23 3.88
C ILE C 26 -11.38 -8.69 2.63
N GLU C 27 -12.03 -9.57 1.86
CA GLU C 27 -12.76 -9.13 0.68
C GLU C 27 -13.92 -8.22 1.06
N ASP C 28 -14.61 -8.54 2.15
CA ASP C 28 -15.70 -7.68 2.62
C ASP C 28 -15.17 -6.33 3.07
N ALA C 29 -14.02 -6.31 3.74
CA ALA C 29 -13.40 -5.05 4.12
C ALA C 29 -13.02 -4.24 2.88
N LEU C 30 -12.51 -4.90 1.84
CA LEU C 30 -12.26 -4.23 0.58
C LEU C 30 -13.55 -3.66 -0.01
N ILE C 31 -14.65 -4.42 0.10
CA ILE C 31 -15.93 -3.98 -0.43
C ILE C 31 -16.39 -2.72 0.28
N ASP C 32 -16.25 -2.68 1.60
CA ASP C 32 -16.67 -1.49 2.36
C ASP C 32 -15.89 -0.26 1.91
N HIS C 33 -14.63 -0.44 1.52
CA HIS C 33 -13.77 0.65 1.07
C HIS C 33 -13.47 0.55 -0.43
N LYS C 34 -14.50 0.20 -1.21
CA LYS C 34 -14.36 0.14 -2.66
C LYS C 34 -13.82 1.43 -3.24
N GLU C 35 -14.45 2.55 -2.89
CA GLU C 35 -14.02 3.85 -3.41
C GLU C 35 -12.60 4.17 -2.98
N ALA C 36 -12.24 3.82 -1.74
CA ALA C 36 -10.89 4.06 -1.27
C ALA C 36 -9.87 3.25 -2.05
N ILE C 37 -10.17 1.98 -2.33
CA ILE C 37 -9.25 1.16 -3.10
C ILE C 37 -9.12 1.68 -4.52
N LEU C 38 -10.23 2.12 -5.12
CA LEU C 38 -10.15 2.73 -6.44
C LEU C 38 -9.28 3.98 -6.42
N GLU C 39 -9.43 4.80 -5.38
CA GLU C 39 -8.64 6.01 -5.29
C GLU C 39 -7.15 5.69 -5.11
N THR C 40 -6.83 4.66 -4.32
CA THR C 40 -5.43 4.30 -4.14
C THR C 40 -4.83 3.70 -5.42
N LEU C 41 -5.59 2.91 -6.15
CA LEU C 41 -5.12 2.41 -7.43
C LEU C 41 -4.89 3.55 -8.42
N HIS C 42 -5.79 4.52 -8.43
CA HIS C 42 -5.58 5.73 -9.24
C HIS C 42 -4.36 6.50 -8.76
N MET C 43 -4.12 6.48 -7.44
CA MET C 43 -2.93 7.12 -6.88
C MET C 43 -1.69 6.53 -7.52
N LEU C 44 -1.60 5.21 -7.48
CA LEU C 44 -0.44 4.53 -8.04
C LEU C 44 -0.33 4.78 -9.54
N GLY C 45 -1.46 4.77 -10.24
CA GLY C 45 -1.42 5.00 -11.68
C GLY C 45 -0.91 6.39 -12.03
N HIS C 46 -1.42 7.40 -11.34
CA HIS C 46 -1.01 8.77 -11.64
C HIS C 46 0.44 9.02 -11.21
N MET C 47 0.86 8.43 -10.10
CA MET C 47 2.26 8.55 -9.68
C MET C 47 3.19 7.90 -10.69
N ASN C 48 2.82 6.71 -11.18
CA ASN C 48 3.66 6.03 -12.16
C ASN C 48 3.71 6.79 -13.48
N GLU C 49 2.56 7.34 -13.91
CA GLU C 49 2.55 8.14 -15.12
C GLU C 49 3.41 9.39 -14.96
N ARG C 50 3.33 10.05 -13.81
CA ARG C 50 4.12 11.24 -13.55
C ARG C 50 5.60 10.94 -13.34
N GLY C 51 5.98 9.68 -13.25
CA GLY C 51 7.37 9.34 -13.02
C GLY C 51 7.80 9.36 -11.57
N VAL C 52 6.91 9.72 -10.64
CA VAL C 52 7.25 9.68 -9.23
C VAL C 52 7.57 8.26 -8.80
N LEU C 53 6.68 7.31 -9.14
CA LEU C 53 6.94 5.91 -8.83
C LEU C 53 8.18 5.38 -9.55
N PRO C 54 8.37 5.62 -10.85
CA PRO C 54 9.66 5.25 -11.46
C PRO C 54 10.85 5.97 -10.86
N LEU C 55 10.69 7.22 -10.42
CA LEU C 55 11.80 7.92 -9.76
C LEU C 55 12.20 7.19 -8.48
N LEU C 56 11.22 6.79 -7.68
CA LEU C 56 11.52 6.01 -6.50
C LEU C 56 12.05 4.63 -6.85
N ARG C 57 11.65 4.08 -8.00
CA ARG C 57 12.16 2.78 -8.43
C ARG C 57 13.65 2.86 -8.75
N GLY C 58 14.05 3.94 -9.41
CA GLY C 58 15.47 4.21 -9.57
C GLY C 58 16.16 4.48 -8.24
N LEU C 59 15.46 5.13 -7.32
CA LEU C 59 16.05 5.44 -6.01
C LEU C 59 16.34 4.19 -5.21
N PHE C 60 15.43 3.22 -5.22
CA PHE C 60 15.55 2.04 -4.40
C PHE C 60 16.13 0.83 -5.13
N GLY C 61 16.24 0.88 -6.46
CA GLY C 61 16.92 -0.18 -7.17
C GLY C 61 18.41 0.01 -7.24
N GLN C 62 18.85 1.23 -7.56
CA GLN C 62 20.25 1.60 -7.50
C GLN C 62 20.57 2.33 -6.20
N GLY C 63 19.90 1.96 -5.11
CA GLY C 63 20.06 2.66 -3.85
C GLY C 63 21.48 2.64 -3.32
N ASP C 64 22.21 1.54 -3.56
CA ASP C 64 23.60 1.49 -3.17
C ASP C 64 24.41 2.56 -3.87
N LYS C 65 24.17 2.74 -5.18
CA LYS C 65 24.88 3.78 -5.92
C LYS C 65 24.51 5.17 -5.42
N VAL C 66 23.24 5.38 -5.08
CA VAL C 66 22.80 6.68 -4.57
C VAL C 66 23.50 6.99 -3.25
N LEU C 67 23.52 6.02 -2.34
CA LEU C 67 24.20 6.21 -1.07
C LEU C 67 25.69 6.44 -1.27
N ASP C 68 26.29 5.72 -2.22
CA ASP C 68 27.71 5.90 -2.50
C ASP C 68 27.98 7.32 -2.98
N ILE C 69 27.16 7.83 -3.90
CA ILE C 69 27.34 9.19 -4.40
C ILE C 69 27.16 10.19 -3.26
N LEU C 70 26.15 9.98 -2.42
CA LEU C 70 25.89 10.90 -1.32
C LEU C 70 27.07 10.96 -0.36
N VAL C 71 27.61 9.79 0.03
CA VAL C 71 28.70 9.80 1.01
C VAL C 71 29.98 10.33 0.37
N LYS C 72 30.25 9.99 -0.88
CA LYS C 72 31.48 10.45 -1.51
C LYS C 72 31.45 11.96 -1.75
N LYS C 73 30.29 12.54 -2.00
CA LYS C 73 30.23 13.99 -2.08
C LYS C 73 30.27 14.64 -0.71
N ALA C 74 29.60 14.03 0.27
CA ALA C 74 29.52 14.64 1.60
C ALA C 74 30.80 14.50 2.41
N ASP C 75 31.58 13.43 2.17
CA ASP C 75 32.72 13.11 3.03
C ASP C 75 33.75 14.23 3.10
N THR C 76 33.63 15.27 2.27
CA THR C 76 34.52 16.41 2.38
C THR C 76 34.40 17.04 3.77
N GLU C 77 35.53 17.52 4.29
CA GLU C 77 35.54 18.09 5.63
C GLU C 77 34.61 19.29 5.75
N GLU C 78 34.38 20.00 4.65
CA GLU C 78 33.50 21.16 4.69
C GLU C 78 32.07 20.77 5.06
N THR C 79 31.54 19.70 4.46
CA THR C 79 30.17 19.29 4.73
C THR C 79 30.03 18.73 6.14
N ALA C 80 31.00 17.93 6.59
CA ALA C 80 30.96 17.42 7.95
C ALA C 80 31.03 18.56 8.95
N ASN C 81 31.89 19.54 8.71
CA ASN C 81 31.95 20.71 9.58
C ASN C 81 30.64 21.48 9.56
N THR C 82 30.01 21.59 8.39
CA THR C 82 28.75 22.32 8.29
C THR C 82 27.67 21.64 9.13
N LEU C 83 27.54 20.32 9.01
CA LEU C 83 26.53 19.61 9.79
C LEU C 83 26.84 19.65 11.28
N LYS C 84 28.12 19.50 11.64
CA LYS C 84 28.50 19.59 13.05
C LYS C 84 28.17 20.96 13.62
N ASN C 85 28.46 22.02 12.87
CA ASN C 85 28.20 23.35 13.36
C ASN C 85 26.71 23.68 13.38
N LEU C 86 25.93 23.07 12.48
CA LEU C 86 24.48 23.20 12.57
C LEU C 86 23.95 22.58 13.85
N LEU C 87 24.43 21.36 14.17
CA LEU C 87 24.02 20.72 15.41
C LEU C 87 24.45 21.54 16.63
N LEU C 88 25.68 22.08 16.57
CA LEU C 88 26.17 22.91 17.67
C LEU C 88 25.36 24.19 17.80
N LEU C 89 24.95 24.78 16.68
CA LEU C 89 24.11 25.97 16.72
C LEU C 89 22.76 25.66 17.34
N PHE C 90 22.18 24.51 17.00
CA PHE C 90 20.93 24.12 17.64
C PHE C 90 21.12 23.94 19.15
N GLY C 91 22.22 23.30 19.55
CA GLY C 91 22.48 23.11 20.97
C GLY C 91 22.67 24.42 21.71
N THR C 92 23.39 25.36 21.10
CA THR C 92 23.63 26.65 21.75
C THR C 92 22.35 27.47 21.82
N LEU C 93 21.56 27.49 20.75
CA LEU C 93 20.27 28.17 20.80
C LEU C 93 19.37 27.56 21.86
N GLY C 94 19.46 26.25 22.07
CA GLY C 94 18.78 25.64 23.19
C GLY C 94 19.32 26.11 24.53
N MET C 95 20.64 26.26 24.62
CA MET C 95 21.26 26.74 25.86
C MET C 95 20.84 28.17 26.16
N LEU C 96 20.74 29.01 25.13
CA LEU C 96 20.32 30.39 25.32
C LEU C 96 18.89 30.44 25.86
N ASP C 97 18.69 31.21 26.92
CA ASP C 97 17.39 31.34 27.56
C ASP C 97 16.60 32.44 26.86
N VAL C 98 15.38 32.10 26.41
CA VAL C 98 14.60 33.01 25.59
C VAL C 98 13.44 33.65 26.36
N LYS C 99 13.13 33.13 27.55
CA LYS C 99 12.06 33.74 28.36
C LYS C 99 12.35 35.20 28.65
N GLN C 100 13.60 35.51 29.01
CA GLN C 100 14.03 36.88 29.19
C GLN C 100 14.23 37.62 27.88
N LEU C 101 14.31 36.90 26.76
CA LEU C 101 14.59 37.51 25.46
C LEU C 101 13.35 38.07 24.78
N GLU C 102 12.15 37.72 25.25
CA GLU C 102 10.93 38.28 24.66
C GLU C 102 10.82 39.78 24.88
N PRO C 103 11.05 40.33 26.09
CA PRO C 103 11.09 41.79 26.20
C PRO C 103 12.17 42.44 25.35
N LEU C 104 13.31 41.77 25.20
CA LEU C 104 14.36 42.29 24.31
C LEU C 104 13.87 42.34 22.87
N ILE C 105 13.13 41.31 22.43
CA ILE C 105 12.59 41.31 21.08
C ILE C 105 11.57 42.43 20.91
N LEU C 106 10.72 42.64 21.92
CA LEU C 106 9.75 43.74 21.84
C LEU C 106 10.45 45.09 21.75
N LYS C 107 11.50 45.29 22.56
CA LYS C 107 12.27 46.52 22.50
C LYS C 107 12.93 46.69 21.14
N VAL C 108 13.46 45.60 20.58
CA VAL C 108 14.07 45.66 19.25
C VAL C 108 13.03 46.03 18.21
N ASN C 109 11.82 45.50 18.33
CA ASN C 109 10.73 45.88 17.44
C ASN C 109 10.46 47.38 17.51
N ALA C 110 10.34 47.90 18.74
CA ALA C 110 10.08 49.33 18.90
C ALA C 110 11.24 50.17 18.34
N GLY C 111 12.47 49.71 18.56
CA GLY C 111 13.61 50.45 18.05
C GLY C 111 13.69 50.46 16.54
N VAL C 112 13.39 49.33 15.89
CA VAL C 112 13.37 49.28 14.44
C VAL C 112 12.25 50.17 13.90
N ALA C 113 11.09 50.18 14.57
CA ALA C 113 10.01 51.07 14.17
C ALA C 113 10.43 52.53 14.27
N SER C 114 11.10 52.90 15.35
CA SER C 114 11.57 54.27 15.51
C SER C 114 12.62 54.62 14.46
N ALA C 115 13.52 53.68 14.15
CA ALA C 115 14.56 53.94 13.17
C ALA C 115 13.98 54.14 11.77
N VAL C 116 13.05 53.27 11.36
CA VAL C 116 12.43 53.43 10.06
C VAL C 116 11.48 54.61 10.04
N GLU C 117 11.03 55.08 11.20
CA GLU C 117 10.19 56.27 11.27
C GLU C 117 10.92 57.52 10.81
N GLN C 118 12.26 57.53 10.86
CA GLN C 118 13.02 58.71 10.48
C GLN C 118 13.15 58.82 8.98
N LYS C 119 12.02 58.80 8.27
CA LYS C 119 11.96 58.93 6.81
C LYS C 119 12.91 57.96 6.10
N PHE C 128 27.05 65.94 15.82
CA PHE C 128 26.36 66.74 16.82
C PHE C 128 25.21 65.96 17.45
N ASP C 129 24.94 64.78 16.90
CA ASP C 129 23.79 64.01 17.34
C ASP C 129 24.02 63.35 18.70
N ILE C 130 25.24 62.90 18.95
CA ILE C 130 25.51 62.12 20.17
C ILE C 130 25.41 63.01 21.41
N ILE C 131 25.90 64.24 21.32
CA ILE C 131 25.88 65.13 22.48
C ILE C 131 24.44 65.42 22.90
N ARG C 132 23.57 65.70 21.92
CA ARG C 132 22.16 65.91 22.25
C ARG C 132 21.49 64.62 22.69
N SER C 133 21.91 63.48 22.14
CA SER C 133 21.24 62.21 22.45
C SER C 133 21.54 61.76 23.88
N LEU C 134 22.77 62.00 24.36
CA LEU C 134 23.14 61.53 25.69
C LEU C 134 22.25 62.16 26.76
N LYS C 135 21.78 63.39 26.54
CA LYS C 135 20.89 64.04 27.50
C LYS C 135 19.46 63.53 27.41
N ASP C 136 19.10 62.81 26.35
CA ASP C 136 17.75 62.27 26.23
C ASP C 136 17.52 61.23 27.32
N PRO C 137 16.49 61.39 28.16
CA PRO C 137 16.27 60.39 29.22
C PRO C 137 15.99 58.99 28.67
N GLU C 138 15.27 58.90 27.55
CA GLU C 138 15.03 57.61 26.93
C GLU C 138 16.35 56.97 26.47
N ILE C 139 17.20 57.76 25.80
CA ILE C 139 18.49 57.26 25.37
C ILE C 139 19.35 56.87 26.56
N ASN C 140 19.32 57.69 27.62
CA ASN C 140 20.12 57.38 28.82
C ASN C 140 19.68 56.06 29.44
N LYS C 141 18.37 55.87 29.60
CA LYS C 141 17.88 54.62 30.17
C LYS C 141 18.20 53.43 29.28
N SER C 142 18.05 53.60 27.96
CA SER C 142 18.32 52.50 27.04
C SER C 142 19.80 52.11 27.07
N ILE C 143 20.69 53.11 27.07
CA ILE C 143 22.12 52.79 27.09
C ILE C 143 22.53 52.24 28.44
N THR C 144 21.84 52.63 29.52
CA THR C 144 22.06 52.00 30.81
C THR C 144 21.65 50.53 30.77
N LEU C 145 20.55 50.23 30.07
CA LEU C 145 20.14 48.84 29.89
C LEU C 145 21.19 48.05 29.10
N LEU C 146 21.71 48.64 28.02
CA LEU C 146 22.76 47.97 27.26
C LEU C 146 24.02 47.76 28.09
N PHE C 147 24.36 48.73 28.95
CA PHE C 147 25.54 48.55 29.78
C PHE C 147 25.31 47.53 30.88
N SER C 148 24.08 47.39 31.37
CA SER C 148 23.76 46.29 32.28
C SER C 148 23.89 44.95 31.57
N PHE C 149 23.45 44.88 30.31
CA PHE C 149 23.67 43.70 29.49
C PHE C 149 25.17 43.40 29.37
N LEU C 150 25.96 44.44 29.10
CA LEU C 150 27.40 44.27 28.95
C LEU C 150 28.04 43.78 30.25
N LYS C 151 27.58 44.32 31.39
CA LYS C 151 28.07 43.86 32.68
C LYS C 151 27.70 42.40 32.93
N GLY C 152 26.47 42.01 32.58
CA GLY C 152 26.04 40.65 32.82
C GLY C 152 26.88 39.62 32.09
N MET C 153 27.22 39.90 30.84
CA MET C 153 28.05 38.98 30.08
C MET C 153 29.49 39.05 30.58
N GLY C 154 30.20 37.94 30.45
CA GLY C 154 31.52 37.83 31.04
C GLY C 154 31.52 37.89 32.55
N GLN C 155 30.50 37.32 33.19
CA GLN C 155 30.40 37.37 34.64
C GLN C 155 31.47 36.50 35.28
N ASP C 156 31.92 36.92 36.47
CA ASP C 156 32.93 36.15 37.19
C ASP C 156 32.42 34.76 37.57
N THR C 157 31.19 34.68 38.04
CA THR C 157 30.56 33.42 38.43
C THR C 157 31.41 32.64 39.43
N LYS D 4 -10.33 50.88 -41.23
CA LYS D 4 -10.76 52.27 -41.06
C LYS D 4 -10.63 52.69 -39.60
N LYS D 5 -10.85 53.99 -39.35
CA LYS D 5 -10.76 54.58 -38.01
C LYS D 5 -9.41 54.25 -37.36
N THR D 6 -8.35 54.76 -37.98
CA THR D 6 -6.99 54.44 -37.55
C THR D 6 -6.79 54.84 -36.09
N ILE D 7 -6.08 53.98 -35.35
CA ILE D 7 -5.85 54.17 -33.92
C ILE D 7 -4.39 53.89 -33.64
N THR D 8 -3.94 54.30 -32.45
CA THR D 8 -2.62 53.95 -31.95
C THR D 8 -2.76 53.45 -30.53
N ILE D 9 -2.33 52.21 -30.29
CA ILE D 9 -2.39 51.59 -28.97
C ILE D 9 -0.99 51.13 -28.60
N ASN D 10 -0.61 51.37 -27.35
CA ASN D 10 0.71 51.00 -26.83
C ASN D 10 1.85 51.66 -27.60
N GLY D 11 1.58 52.81 -28.22
CA GLY D 11 2.56 53.47 -29.05
C GLY D 11 2.74 52.88 -30.44
N VAL D 12 1.88 51.95 -30.83
CA VAL D 12 1.98 51.25 -32.10
C VAL D 12 0.67 51.45 -32.87
N GLU D 13 0.78 51.74 -34.15
CA GLU D 13 -0.40 51.95 -34.99
C GLU D 13 -1.18 50.65 -35.14
N MET D 14 -2.51 50.77 -35.08
CA MET D 14 -3.41 49.64 -35.24
C MET D 14 -4.69 50.12 -35.91
N GLU D 15 -5.41 49.18 -36.51
CA GLU D 15 -6.66 49.47 -37.21
C GLU D 15 -7.86 49.16 -36.31
N ALA D 16 -9.00 49.77 -36.65
CA ALA D 16 -10.23 49.57 -35.93
C ALA D 16 -11.20 48.72 -36.73
N SER D 17 -12.08 48.03 -36.02
CA SER D 17 -13.08 47.14 -36.59
C SER D 17 -14.47 47.66 -36.23
N GLU D 18 -15.48 46.82 -36.50
CA GLU D 18 -16.86 47.17 -36.16
C GLU D 18 -17.07 47.33 -34.66
N GLU D 19 -16.14 46.88 -33.84
CA GLU D 19 -16.26 47.02 -32.39
C GLU D 19 -16.40 48.48 -32.00
N GLN D 20 -17.27 48.75 -31.04
CA GLN D 20 -17.59 50.11 -30.64
C GLN D 20 -16.71 50.61 -29.50
N THR D 21 -16.34 49.74 -28.57
CA THR D 21 -15.59 50.13 -27.40
C THR D 21 -14.12 49.74 -27.51
N VAL D 22 -13.29 50.42 -26.73
CA VAL D 22 -11.85 50.17 -26.74
C VAL D 22 -11.54 48.76 -26.22
N LEU D 23 -12.37 48.26 -25.30
CA LEU D 23 -12.09 46.98 -24.66
C LEU D 23 -12.09 45.84 -25.68
N GLN D 24 -13.00 45.88 -26.65
CA GLN D 24 -13.02 44.84 -27.67
C GLN D 24 -11.73 44.86 -28.50
N LEU D 25 -11.27 46.06 -28.86
CA LEU D 25 -10.02 46.17 -29.61
C LEU D 25 -8.84 45.66 -28.79
N LEU D 26 -8.79 46.01 -27.50
CA LEU D 26 -7.71 45.54 -26.65
C LEU D 26 -7.72 44.03 -26.51
N ASN D 27 -8.92 43.44 -26.38
CA ASN D 27 -9.02 41.98 -26.33
C ASN D 27 -8.55 41.35 -27.63
N ASN D 28 -8.95 41.93 -28.76
CA ASN D 28 -8.49 41.42 -30.05
C ASN D 28 -7.01 41.67 -30.26
N SER D 29 -6.46 42.70 -29.64
CA SER D 29 -5.03 42.98 -29.68
C SER D 29 -4.25 42.23 -28.61
N SER D 30 -4.94 41.45 -27.77
CA SER D 30 -4.31 40.67 -26.70
C SER D 30 -3.53 41.56 -25.74
N ILE D 31 -4.07 42.74 -25.46
CA ILE D 31 -3.50 43.64 -24.46
C ILE D 31 -4.07 43.24 -23.10
N GLU D 32 -3.18 43.05 -22.12
CA GLU D 32 -3.56 42.57 -20.79
C GLU D 32 -4.16 43.72 -19.98
N VAL D 33 -5.37 44.11 -20.36
CA VAL D 33 -6.13 45.14 -19.65
C VAL D 33 -7.10 44.43 -18.70
N PRO D 34 -7.07 44.74 -17.41
CA PRO D 34 -8.01 44.10 -16.47
C PRO D 34 -9.46 44.42 -16.84
N GLN D 35 -10.26 43.36 -17.01
CA GLN D 35 -11.67 43.49 -17.35
C GLN D 35 -12.44 42.52 -16.46
N VAL D 36 -12.87 43.00 -15.30
CA VAL D 36 -13.58 42.16 -14.33
C VAL D 36 -15.08 42.19 -14.58
N CYS D 37 -15.65 43.38 -14.73
CA CYS D 37 -17.09 43.54 -14.87
C CYS D 37 -17.59 43.34 -16.29
N TYR D 38 -16.70 43.13 -17.27
CA TYR D 38 -17.11 43.00 -18.66
C TYR D 38 -17.30 41.54 -19.03
N HIS D 39 -18.44 41.24 -19.65
CA HIS D 39 -18.71 39.92 -20.20
C HIS D 39 -19.15 40.13 -21.64
N PRO D 40 -18.63 39.34 -22.59
CA PRO D 40 -18.96 39.59 -24.01
C PRO D 40 -20.45 39.60 -24.31
N SER D 41 -21.22 38.70 -23.68
CA SER D 41 -22.65 38.68 -23.89
C SER D 41 -23.36 39.80 -23.13
N LEU D 42 -22.84 40.18 -21.96
CA LEU D 42 -23.52 41.17 -21.14
C LEU D 42 -23.36 42.58 -21.71
N GLY D 43 -22.18 42.89 -22.17
CA GLY D 43 -21.97 44.26 -22.66
C GLY D 43 -21.36 45.11 -21.58
N PRO D 44 -21.01 46.40 -21.84
CA PRO D 44 -20.34 47.24 -20.85
C PRO D 44 -21.25 47.47 -19.64
N ILE D 45 -20.79 47.06 -18.45
CA ILE D 45 -21.61 47.22 -17.23
C ILE D 45 -21.00 48.38 -16.47
N GLU D 46 -19.73 48.64 -16.70
CA GLU D 46 -19.04 49.79 -16.07
C GLU D 46 -19.22 49.83 -14.56
N THR D 47 -18.96 48.75 -13.85
CA THR D 47 -19.18 48.88 -12.39
C THR D 47 -17.92 48.44 -11.68
N CYS D 48 -16.87 48.01 -12.39
CA CYS D 48 -15.69 47.53 -11.62
C CYS D 48 -14.51 48.48 -11.80
N ASP D 49 -14.56 49.33 -12.81
CA ASP D 49 -13.52 50.39 -12.92
C ASP D 49 -12.12 49.79 -12.96
N THR D 50 -11.95 48.50 -13.21
CA THR D 50 -10.62 47.96 -13.39
C THR D 50 -10.15 48.02 -14.84
N CYS D 51 -10.98 48.51 -15.75
CA CYS D 51 -10.64 48.61 -17.16
C CYS D 51 -10.15 50.00 -17.54
N ILE D 52 -9.57 50.72 -16.59
CA ILE D 52 -9.14 52.09 -16.84
C ILE D 52 -7.95 52.10 -17.80
N VAL D 53 -8.10 52.83 -18.91
CA VAL D 53 -7.01 53.06 -19.85
C VAL D 53 -6.99 54.53 -20.21
N SER D 54 -5.85 54.98 -20.72
CA SER D 54 -5.66 56.38 -21.09
C SER D 54 -6.12 56.56 -22.53
N ILE D 55 -7.37 57.04 -22.69
CA ILE D 55 -7.89 57.42 -24.00
C ILE D 55 -7.73 58.92 -24.14
N ASN D 56 -7.10 59.35 -25.24
CA ASN D 56 -6.82 60.77 -25.49
C ASN D 56 -6.05 61.40 -24.33
N GLY D 57 -5.29 60.58 -23.61
CA GLY D 57 -4.55 61.02 -22.45
C GLY D 57 -5.32 60.98 -21.15
N GLU D 58 -6.64 61.09 -21.20
CA GLU D 58 -7.47 61.06 -20.01
C GLU D 58 -7.81 59.62 -19.63
N LEU D 59 -7.86 59.36 -18.33
CA LEU D 59 -8.17 58.02 -17.84
C LEU D 59 -9.67 57.78 -17.93
N LYS D 60 -10.07 56.73 -18.64
CA LYS D 60 -11.47 56.40 -18.80
C LYS D 60 -11.63 54.89 -18.90
N ARG D 61 -12.85 54.43 -18.65
CA ARG D 61 -13.16 53.01 -18.68
C ARG D 61 -13.13 52.49 -20.11
N SER D 62 -12.20 51.58 -20.40
CA SER D 62 -12.12 51.00 -21.74
C SER D 62 -13.33 50.14 -22.07
N CYS D 63 -14.06 49.65 -21.07
CA CYS D 63 -15.24 48.84 -21.33
C CYS D 63 -16.33 49.65 -22.01
N SER D 64 -16.36 50.96 -21.79
CA SER D 64 -17.38 51.82 -22.38
C SER D 64 -16.80 53.00 -23.16
N ALA D 65 -15.48 53.07 -23.32
CA ALA D 65 -14.88 54.14 -24.09
C ALA D 65 -15.08 53.87 -25.58
N GLU D 66 -15.80 54.76 -26.24
CA GLU D 66 -16.07 54.58 -27.67
C GLU D 66 -14.77 54.67 -28.47
N LEU D 67 -14.63 53.78 -29.45
CA LEU D 67 -13.42 53.70 -30.26
C LEU D 67 -13.45 54.77 -31.35
N LYS D 68 -13.25 56.01 -30.91
CA LYS D 68 -13.21 57.14 -31.83
C LYS D 68 -11.92 57.11 -32.63
N ASP D 69 -11.98 57.69 -33.83
CA ASP D 69 -10.83 57.69 -34.72
C ASP D 69 -9.70 58.55 -34.19
N GLY D 70 -8.48 58.05 -34.28
CA GLY D 70 -7.30 58.83 -33.95
C GLY D 70 -6.94 58.93 -32.49
N ASP D 71 -7.61 58.16 -31.62
CA ASP D 71 -7.28 58.22 -30.20
C ASP D 71 -5.98 57.51 -29.90
N VAL D 72 -5.36 57.87 -28.78
CA VAL D 72 -4.11 57.29 -28.32
C VAL D 72 -4.42 56.39 -27.14
N ILE D 73 -3.94 55.15 -27.19
CA ILE D 73 -4.21 54.15 -26.16
C ILE D 73 -2.89 53.73 -25.54
N ASP D 74 -2.82 53.77 -24.21
CA ASP D 74 -1.66 53.30 -23.47
C ASP D 74 -2.13 52.46 -22.29
N THR D 75 -1.45 51.34 -22.04
CA THR D 75 -1.86 50.41 -21.00
C THR D 75 -0.76 50.02 -20.02
N LEU D 76 0.50 50.29 -20.32
CA LEU D 76 1.59 50.01 -19.39
C LEU D 76 2.05 51.26 -18.64
N SER D 77 1.36 52.37 -18.81
CA SER D 77 1.76 53.60 -18.13
C SER D 77 1.59 53.43 -16.62
N PRO D 78 2.48 54.00 -15.81
CA PRO D 78 2.27 53.97 -14.36
C PRO D 78 0.92 54.52 -13.94
N ASP D 79 0.39 55.51 -14.65
CA ASP D 79 -0.90 56.09 -14.28
C ASP D 79 -2.04 55.10 -14.45
N VAL D 80 -2.12 54.45 -15.61
CA VAL D 80 -3.20 53.49 -15.84
C VAL D 80 -3.03 52.26 -14.95
N LYS D 81 -1.78 51.85 -14.71
CA LYS D 81 -1.53 50.73 -13.81
C LYS D 81 -1.98 51.05 -12.39
N LYS D 82 -1.69 52.26 -11.92
CA LYS D 82 -2.13 52.67 -10.59
C LYS D 82 -3.65 52.75 -10.52
N ALA D 83 -4.28 53.26 -11.57
CA ALA D 83 -5.75 53.33 -11.57
C ALA D 83 -6.37 51.94 -11.52
N GLN D 84 -5.83 51.00 -12.30
CA GLN D 84 -6.34 49.64 -12.28
C GLN D 84 -6.09 48.98 -10.93
N VAL D 85 -4.93 49.24 -10.33
CA VAL D 85 -4.63 48.69 -9.01
C VAL D 85 -5.61 49.23 -7.96
N ILE D 86 -5.92 50.53 -8.03
CA ILE D 86 -6.87 51.11 -7.09
C ILE D 86 -8.26 50.51 -7.29
N GLY D 87 -8.68 50.35 -8.55
CA GLY D 87 -9.97 49.76 -8.83
C GLY D 87 -10.07 48.33 -8.30
N MET D 88 -9.03 47.54 -8.53
CA MET D 88 -9.05 46.16 -8.04
C MET D 88 -8.93 46.09 -6.52
N ASP D 89 -8.25 47.07 -5.91
CA ASP D 89 -8.23 47.14 -4.45
C ASP D 89 -9.62 47.41 -3.91
N LYS D 90 -10.36 48.32 -4.56
CA LYS D 90 -11.75 48.55 -4.18
C LYS D 90 -12.58 47.30 -4.37
N ILE D 91 -12.32 46.54 -5.44
CA ILE D 91 -13.04 45.30 -5.68
C ILE D 91 -12.76 44.30 -4.57
N LEU D 92 -11.48 44.10 -4.24
CA LEU D 92 -11.08 43.15 -3.21
C LEU D 92 -11.52 43.61 -1.82
N TYR D 93 -11.83 44.90 -1.65
CA TYR D 93 -12.44 45.34 -0.41
C TYR D 93 -13.80 44.68 -0.20
N ASN D 94 -14.45 44.27 -1.28
CA ASN D 94 -15.72 43.57 -1.22
C ASN D 94 -15.60 42.07 -1.43
N HIS D 95 -14.39 41.55 -1.65
CA HIS D 95 -14.18 40.13 -1.92
C HIS D 95 -13.15 39.58 -0.95
N GLU D 96 -13.53 38.53 -0.22
CA GLU D 96 -12.61 37.95 0.76
C GLU D 96 -11.42 37.29 0.08
N LEU D 97 -11.62 36.70 -1.10
CA LEU D 97 -10.54 36.16 -1.92
C LEU D 97 -9.81 35.01 -1.20
N TYR D 98 -10.60 34.00 -0.82
CA TYR D 98 -10.05 32.75 -0.29
C TYR D 98 -9.99 31.70 -1.38
N CYS D 99 -9.11 31.95 -2.36
CA CYS D 99 -9.13 31.20 -3.61
C CYS D 99 -8.90 29.71 -3.39
N THR D 100 -7.99 29.36 -2.48
CA THR D 100 -7.64 27.95 -2.30
C THR D 100 -8.84 27.13 -1.84
N VAL D 101 -9.67 27.69 -0.96
CA VAL D 101 -10.82 26.97 -0.42
C VAL D 101 -12.13 27.51 -0.99
N CYS D 102 -12.08 28.04 -2.21
CA CYS D 102 -13.30 28.62 -2.85
C CYS D 102 -13.71 27.77 -4.03
N ASP D 103 -14.97 27.41 -4.11
CA ASP D 103 -15.43 26.50 -5.17
C ASP D 103 -15.23 27.12 -6.55
N TYR D 104 -15.43 28.42 -6.71
CA TYR D 104 -15.37 28.96 -8.09
C TYR D 104 -13.92 28.95 -8.58
N ASN D 105 -12.95 28.59 -7.77
CA ASN D 105 -11.55 28.67 -8.26
C ASN D 105 -11.36 27.42 -9.07
N ASN D 106 -12.05 27.35 -10.19
CA ASN D 106 -11.82 26.20 -11.09
C ASN D 106 -10.96 26.79 -12.19
N GLY D 107 -10.41 27.96 -11.92
CA GLY D 107 -9.48 28.60 -12.86
C GLY D 107 -10.15 29.57 -13.79
N GLY D 108 -11.47 29.63 -13.74
CA GLY D 108 -12.20 30.55 -14.61
C GLY D 108 -12.69 31.76 -13.85
N CYS D 109 -12.25 31.91 -12.63
CA CYS D 109 -12.86 33.00 -11.84
C CYS D 109 -12.21 34.32 -12.21
N GLU D 110 -12.99 35.28 -12.68
CA GLU D 110 -12.36 36.53 -13.19
C GLU D 110 -11.62 37.28 -12.09
N ILE D 111 -12.14 37.34 -10.87
CA ILE D 111 -11.30 38.06 -9.88
C ILE D 111 -9.96 37.34 -9.82
N HIS D 112 -9.96 36.01 -9.64
CA HIS D 112 -8.67 35.27 -9.49
C HIS D 112 -7.78 35.52 -10.71
N ASN D 113 -8.32 35.36 -11.92
CA ASN D 113 -7.49 35.45 -13.14
C ASN D 113 -6.97 36.89 -13.21
N THR D 114 -7.84 37.86 -13.06
CA THR D 114 -7.41 39.25 -13.20
C THR D 114 -6.43 39.65 -12.11
N VAL D 115 -6.65 39.18 -10.88
CA VAL D 115 -5.70 39.45 -9.80
C VAL D 115 -4.35 38.84 -10.11
N LYS D 116 -4.34 37.61 -10.62
CA LYS D 116 -3.08 36.99 -11.03
C LYS D 116 -2.44 37.76 -12.17
N GLU D 117 -3.25 38.23 -13.13
CA GLU D 117 -2.71 38.93 -14.29
C GLU D 117 -2.05 40.24 -13.88
N MET D 118 -2.67 40.99 -12.97
CA MET D 118 -2.08 42.26 -12.54
C MET D 118 -0.87 42.06 -11.64
N LYS D 119 -0.60 40.83 -11.21
CA LYS D 119 0.53 40.53 -10.32
C LYS D 119 0.45 41.36 -9.04
N ILE D 120 -0.77 41.55 -8.53
CA ILE D 120 -0.94 42.29 -7.29
C ILE D 120 -0.55 41.42 -6.10
N ASN D 121 -0.12 42.08 -5.03
CA ASN D 121 0.27 41.39 -3.81
C ASN D 121 -0.41 41.93 -2.55
N HIS D 122 -0.92 43.16 -2.57
CA HIS D 122 -1.58 43.74 -1.42
C HIS D 122 -2.85 44.45 -1.88
N GLN D 123 -3.80 44.56 -0.95
CA GLN D 123 -5.00 45.37 -1.15
C GLN D 123 -4.91 46.56 -0.20
N SER D 124 -4.95 47.77 -0.77
CA SER D 124 -4.82 48.97 0.06
C SER D 124 -5.96 49.06 1.07
N ILE D 125 -7.18 48.75 0.64
CA ILE D 125 -8.34 48.72 1.52
C ILE D 125 -8.56 47.28 1.96
N PRO D 126 -8.48 46.97 3.25
CA PRO D 126 -8.69 45.59 3.69
C PRO D 126 -10.14 45.16 3.49
N PHE D 127 -10.31 43.85 3.36
CA PHE D 127 -11.65 43.30 3.13
C PHE D 127 -12.56 43.59 4.31
N ASP D 128 -13.79 43.98 4.00
CA ASP D 128 -14.80 44.30 5.01
C ASP D 128 -16.06 43.51 4.71
N HIS D 129 -16.46 42.66 5.65
CA HIS D 129 -17.67 41.86 5.48
C HIS D 129 -18.90 42.77 5.46
N LYS D 130 -19.78 42.54 4.49
CA LYS D 130 -21.04 43.26 4.47
C LYS D 130 -21.95 42.76 5.59
N PRO D 131 -22.80 43.62 6.14
CA PRO D 131 -23.67 43.18 7.25
C PRO D 131 -24.65 42.10 6.85
N TYR D 132 -24.85 41.93 5.54
CA TYR D 132 -25.85 40.96 5.04
C TYR D 132 -25.31 39.53 5.12
N HIS D 133 -26.18 38.56 5.40
CA HIS D 133 -25.77 37.16 5.44
C HIS D 133 -26.00 36.51 4.09
N LYS D 134 -25.40 35.34 3.91
CA LYS D 134 -25.58 34.58 2.68
C LYS D 134 -27.05 34.19 2.54
N ASP D 135 -27.58 34.34 1.33
CA ASP D 135 -29.00 34.09 1.05
C ASP D 135 -29.11 32.70 0.43
N GLU D 136 -29.27 31.69 1.29
CA GLU D 136 -29.42 30.31 0.86
C GLU D 136 -30.87 29.90 0.71
N SER D 137 -31.79 30.86 0.59
CA SER D 137 -33.21 30.53 0.45
C SER D 137 -33.46 29.74 -0.83
N HIS D 138 -32.79 30.11 -1.92
CA HIS D 138 -32.96 29.41 -3.17
C HIS D 138 -32.40 27.99 -3.07
N PRO D 139 -33.11 27.00 -3.61
CA PRO D 139 -32.62 25.61 -3.55
C PRO D 139 -31.57 25.27 -4.60
N PHE D 140 -31.23 26.19 -5.50
CA PHE D 140 -30.29 25.92 -6.58
C PHE D 140 -29.00 26.70 -6.44
N TYR D 141 -29.07 28.03 -6.35
CA TYR D 141 -27.89 28.87 -6.25
C TYR D 141 -28.02 29.80 -5.06
N ARG D 142 -26.90 30.06 -4.39
CA ARG D 142 -26.88 30.99 -3.28
C ARG D 142 -26.13 32.26 -3.67
N TYR D 143 -26.44 33.32 -2.92
CA TYR D 143 -25.80 34.62 -3.04
C TYR D 143 -25.06 34.92 -1.75
N ASP D 144 -23.81 35.36 -1.89
CA ASP D 144 -22.94 35.64 -0.74
C ASP D 144 -22.55 37.11 -0.77
N PRO D 145 -23.33 37.99 -0.16
CA PRO D 145 -23.00 39.42 -0.21
C PRO D 145 -21.63 39.74 0.37
N ASP D 146 -21.12 38.90 1.27
CA ASP D 146 -19.76 39.09 1.76
C ASP D 146 -18.75 38.97 0.62
N GLN D 147 -18.98 38.04 -0.31
CA GLN D 147 -18.11 37.85 -1.46
C GLN D 147 -18.58 38.62 -2.69
N CYS D 148 -19.69 39.33 -2.59
CA CYS D 148 -20.17 40.11 -3.72
C CYS D 148 -19.28 41.33 -3.94
N ILE D 149 -18.83 41.54 -5.18
CA ILE D 149 -17.99 42.68 -5.52
C ILE D 149 -18.75 43.78 -6.22
N LEU D 150 -20.07 43.63 -6.35
CA LEU D 150 -20.95 44.67 -6.90
C LEU D 150 -20.60 44.99 -8.35
N CYS D 151 -20.06 44.00 -9.07
CA CYS D 151 -19.74 44.21 -10.48
C CYS D 151 -20.98 44.37 -11.33
N GLY D 152 -22.13 43.88 -10.86
CA GLY D 152 -23.37 44.07 -11.58
C GLY D 152 -23.60 43.12 -12.74
N ARG D 153 -22.69 42.17 -12.99
CA ARG D 153 -22.88 41.24 -14.08
C ARG D 153 -24.14 40.41 -13.88
N CYS D 154 -24.39 39.97 -12.65
CA CYS D 154 -25.60 39.22 -12.36
C CYS D 154 -26.85 40.07 -12.59
N VAL D 155 -26.82 41.32 -12.14
CA VAL D 155 -27.97 42.20 -12.34
C VAL D 155 -28.18 42.49 -13.82
N GLU D 156 -27.09 42.76 -14.54
CA GLU D 156 -27.21 43.00 -15.97
C GLU D 156 -27.75 41.76 -16.69
N ALA D 157 -27.37 40.57 -16.22
CA ALA D 157 -27.90 39.34 -16.81
C ALA D 157 -29.39 39.20 -16.56
N CYS D 158 -29.81 39.43 -15.31
CA CYS D 158 -31.22 39.25 -14.97
C CYS D 158 -32.09 40.37 -15.52
N GLN D 159 -31.50 41.50 -15.92
CA GLN D 159 -32.29 42.63 -16.40
C GLN D 159 -32.23 42.85 -17.90
N ASP D 160 -31.17 42.44 -18.58
CA ASP D 160 -30.97 42.80 -19.97
C ASP D 160 -30.81 41.62 -20.91
N VAL D 161 -30.09 40.57 -20.51
CA VAL D 161 -29.89 39.42 -21.39
C VAL D 161 -30.87 38.29 -21.07
N GLN D 162 -31.49 38.26 -19.89
CA GLN D 162 -32.54 37.25 -19.59
C GLN D 162 -33.86 37.97 -19.38
N VAL D 163 -33.79 39.24 -18.98
CA VAL D 163 -35.00 40.12 -18.85
C VAL D 163 -35.99 39.43 -17.91
N THR D 164 -35.51 38.77 -16.84
CA THR D 164 -36.46 38.29 -15.81
C THR D 164 -36.70 39.52 -14.93
N GLU D 165 -35.65 40.34 -14.78
CA GLU D 165 -35.77 41.63 -14.04
C GLU D 165 -36.00 41.36 -12.54
N THR D 166 -35.52 40.23 -12.01
CA THR D 166 -35.68 40.03 -10.56
C THR D 166 -34.54 40.65 -9.77
N LEU D 167 -33.44 41.00 -10.40
CA LEU D 167 -32.25 41.51 -9.74
C LEU D 167 -32.12 43.01 -9.92
N THR D 168 -31.89 43.71 -8.82
CA THR D 168 -31.47 45.11 -8.83
C THR D 168 -30.33 45.26 -7.84
N ILE D 169 -29.75 46.45 -7.76
CA ILE D 169 -28.72 46.76 -6.79
C ILE D 169 -29.13 48.01 -6.03
N ASP D 170 -29.16 47.91 -4.70
CA ASP D 170 -29.50 49.04 -3.85
C ASP D 170 -28.25 49.90 -3.65
N TRP D 171 -27.92 50.68 -4.68
CA TRP D 171 -26.80 51.60 -4.57
C TRP D 171 -27.01 52.61 -3.46
N GLU D 172 -28.27 52.98 -3.20
CA GLU D 172 -28.57 53.95 -2.15
C GLU D 172 -28.23 53.43 -0.77
N ARG D 173 -28.16 52.11 -0.58
CA ARG D 173 -27.83 51.56 0.72
C ARG D 173 -26.38 51.88 1.08
N LYS D 174 -26.10 51.85 2.39
CA LYS D 174 -24.75 52.14 2.86
C LYS D 174 -23.75 51.13 2.31
N ARG D 175 -24.11 49.84 2.35
CA ARG D 175 -23.32 48.80 1.72
C ARG D 175 -24.08 48.26 0.53
N PRO D 176 -23.73 48.64 -0.70
CA PRO D 176 -24.49 48.16 -1.86
C PRO D 176 -24.42 46.64 -1.96
N ARG D 177 -25.51 46.06 -2.44
CA ARG D 177 -25.61 44.62 -2.61
C ARG D 177 -26.68 44.32 -3.65
N VAL D 178 -26.66 43.09 -4.14
CA VAL D 178 -27.67 42.63 -5.09
C VAL D 178 -28.92 42.22 -4.31
N ILE D 179 -30.07 42.72 -4.75
CA ILE D 179 -31.34 42.46 -4.08
C ILE D 179 -32.34 41.93 -5.10
N TRP D 180 -33.16 40.98 -4.64
CA TRP D 180 -34.14 40.35 -5.54
C TRP D 180 -35.49 41.03 -5.35
N ASP D 181 -36.07 41.54 -6.42
CA ASP D 181 -37.33 42.30 -6.27
C ASP D 181 -37.04 43.42 -5.27
N ASN D 182 -37.92 43.65 -4.29
CA ASN D 182 -37.61 44.65 -3.24
C ASN D 182 -36.90 43.97 -2.07
N ASP D 183 -35.70 43.48 -2.28
CA ASP D 183 -34.89 42.86 -1.19
C ASP D 183 -35.67 41.67 -0.64
N VAL D 184 -36.50 41.05 -1.46
CA VAL D 184 -37.20 39.83 -1.01
C VAL D 184 -36.16 38.74 -0.92
N PRO D 185 -36.25 37.77 0.00
CA PRO D 185 -35.31 36.68 -0.02
C PRO D 185 -35.39 36.11 -1.43
N ILE D 186 -34.40 35.35 -1.86
CA ILE D 186 -34.29 34.87 -3.23
C ILE D 186 -35.47 33.95 -3.58
N ASN D 187 -35.74 32.99 -2.69
CA ASN D 187 -36.80 32.01 -2.97
C ASN D 187 -38.16 32.69 -3.08
N GLU D 188 -38.47 33.58 -2.15
CA GLU D 188 -39.76 34.26 -2.15
C GLU D 188 -39.90 35.26 -3.29
N SER D 189 -38.82 35.58 -3.99
CA SER D 189 -38.83 36.61 -5.01
C SER D 189 -39.34 36.06 -6.34
N SER D 190 -39.25 36.87 -7.39
CA SER D 190 -39.68 36.49 -8.73
C SER D 190 -38.56 35.86 -9.54
N CYS D 191 -37.58 35.24 -8.89
CA CYS D 191 -36.44 34.68 -9.60
C CYS D 191 -36.88 33.44 -10.38
N VAL D 192 -36.77 33.52 -11.71
CA VAL D 192 -37.07 32.39 -12.58
C VAL D 192 -36.14 31.21 -12.33
N SER D 193 -35.02 31.43 -11.63
CA SER D 193 -33.98 30.44 -11.43
C SER D 193 -33.32 30.05 -12.75
N CYS D 194 -33.29 30.99 -13.69
CA CYS D 194 -32.76 30.71 -15.02
C CYS D 194 -31.28 30.37 -14.97
N GLY D 195 -30.55 30.96 -14.03
CA GLY D 195 -29.14 30.68 -13.88
C GLY D 195 -28.22 31.67 -14.55
N HIS D 196 -28.74 32.75 -15.12
CA HIS D 196 -27.88 33.77 -15.72
C HIS D 196 -26.96 34.38 -14.68
N CYS D 197 -27.49 34.72 -13.51
CA CYS D 197 -26.69 35.36 -12.48
C CYS D 197 -25.56 34.45 -12.01
N SER D 198 -25.87 33.16 -11.96
CA SER D 198 -24.84 32.25 -11.48
C SER D 198 -23.76 32.15 -12.55
N THR D 199 -24.16 32.01 -13.80
CA THR D 199 -23.21 31.87 -14.93
C THR D 199 -22.41 33.15 -15.12
N VAL D 200 -23.04 34.31 -14.99
CA VAL D 200 -22.31 35.56 -15.32
C VAL D 200 -21.56 36.09 -14.11
N CYS D 201 -21.69 35.50 -12.94
CA CYS D 201 -20.99 36.12 -11.78
C CYS D 201 -19.49 35.95 -11.95
N PRO D 202 -18.63 36.99 -11.82
CA PRO D 202 -17.21 36.79 -11.86
C PRO D 202 -16.78 35.96 -10.65
N CYS D 203 -17.13 36.39 -9.45
CA CYS D 203 -16.68 35.70 -8.22
C CYS D 203 -17.66 34.63 -7.77
N ASN D 204 -17.45 34.04 -6.59
CA ASN D 204 -18.34 32.97 -6.08
C ASN D 204 -19.50 33.61 -5.33
N ALA D 205 -19.77 34.87 -5.61
CA ALA D 205 -20.90 35.56 -4.95
C ALA D 205 -22.22 34.86 -5.31
N MET D 206 -22.48 34.63 -6.61
CA MET D 206 -23.79 34.06 -6.99
C MET D 206 -23.46 32.73 -7.61
N MET D 207 -23.41 31.70 -6.82
CA MET D 207 -22.95 30.41 -7.33
C MET D 207 -23.90 29.31 -6.89
N GLU D 208 -24.03 28.31 -7.77
CA GLU D 208 -24.94 27.20 -7.54
C GLU D 208 -24.62 26.46 -6.25
N LYS D 209 -25.67 26.03 -5.55
CA LYS D 209 -25.47 25.22 -4.35
C LYS D 209 -24.85 23.87 -4.66
N GLY D 210 -24.94 23.42 -5.91
CA GLY D 210 -24.29 22.17 -6.28
C GLY D 210 -22.78 22.24 -6.12
N MET D 211 -22.18 23.37 -6.51
CA MET D 211 -20.74 23.54 -6.32
C MET D 211 -20.40 23.71 -4.84
N GLU D 212 -21.26 24.38 -4.09
CA GLU D 212 -20.98 24.77 -2.72
C GLU D 212 -20.58 23.58 -1.86
N GLY D 213 -19.33 23.58 -1.40
CA GLY D 213 -18.83 22.51 -0.56
C GLY D 213 -18.54 21.21 -1.28
N GLU D 214 -18.55 21.21 -2.61
CA GLU D 214 -18.34 19.99 -3.37
C GLU D 214 -17.38 20.13 -4.55
N ALA D 215 -16.95 21.35 -4.89
CA ALA D 215 -16.13 21.54 -6.08
C ALA D 215 -14.75 20.94 -5.90
N GLY D 216 -13.99 21.43 -4.93
CA GLY D 216 -12.62 21.02 -4.72
C GLY D 216 -12.46 20.08 -3.55
N TYR D 217 -11.22 20.00 -3.05
CA TYR D 217 -10.86 19.11 -1.96
C TYR D 217 -10.88 19.81 -0.61
N LEU D 218 -10.35 21.03 -0.54
CA LEU D 218 -10.30 21.79 0.69
C LEU D 218 -11.54 22.65 0.90
N THR D 219 -12.49 22.63 -0.03
CA THR D 219 -13.70 23.44 0.11
C THR D 219 -14.86 22.69 0.74
N GLY D 220 -14.75 21.37 0.90
CA GLY D 220 -15.76 20.64 1.64
C GLY D 220 -15.63 20.74 3.13
N ILE D 221 -14.61 21.45 3.61
CA ILE D 221 -14.41 21.67 5.03
C ILE D 221 -15.58 22.48 5.58
N ASN D 222 -16.01 22.14 6.79
CA ASN D 222 -17.14 22.83 7.40
C ASN D 222 -16.81 24.31 7.63
N ASN D 223 -17.84 25.15 7.50
CA ASN D 223 -17.62 26.59 7.60
C ASN D 223 -17.09 26.98 8.97
N GLU D 224 -17.60 26.34 10.03
CA GLU D 224 -17.10 26.63 11.37
C GLU D 224 -15.63 26.31 11.52
N THR D 225 -15.09 25.42 10.70
CA THR D 225 -13.67 25.10 10.69
C THR D 225 -12.98 25.51 9.39
N LEU D 226 -13.70 26.11 8.44
CA LEU D 226 -13.07 26.70 7.26
C LEU D 226 -12.80 28.19 7.44
N ARG D 227 -13.73 28.92 8.05
CA ARG D 227 -13.51 30.34 8.29
C ARG D 227 -12.28 30.63 9.14
N PRO D 228 -12.03 29.93 10.27
CA PRO D 228 -10.77 30.19 10.99
C PRO D 228 -9.54 29.93 10.15
N MET D 229 -9.57 28.94 9.26
CA MET D 229 -8.44 28.72 8.36
C MET D 229 -8.28 29.89 7.40
N ILE D 230 -9.38 30.44 6.91
CA ILE D 230 -9.30 31.60 6.02
C ILE D 230 -8.71 32.79 6.76
N GLU D 231 -9.12 33.01 8.01
CA GLU D 231 -8.54 34.09 8.80
C GLU D 231 -7.06 33.85 9.07
N ILE D 232 -6.68 32.60 9.32
CA ILE D 232 -5.27 32.27 9.52
C ILE D 232 -4.46 32.63 8.28
N THR D 233 -4.93 32.21 7.11
CA THR D 233 -4.19 32.52 5.88
C THR D 233 -4.19 34.02 5.61
N LYS D 234 -5.27 34.72 5.93
CA LYS D 234 -5.29 36.17 5.79
C LYS D 234 -4.21 36.81 6.64
N GLY D 235 -4.06 36.34 7.88
CA GLY D 235 -3.06 36.90 8.77
C GLY D 235 -1.65 36.35 8.58
N VAL D 236 -1.47 35.35 7.72
CA VAL D 236 -0.16 34.71 7.59
C VAL D 236 0.55 35.21 6.33
N GLU D 237 -0.06 35.01 5.16
CA GLU D 237 0.62 35.38 3.93
C GLU D 237 0.75 36.89 3.82
N THR D 238 1.91 37.34 3.36
CA THR D 238 2.18 38.76 3.19
C THR D 238 1.96 39.23 1.76
N GLY D 239 2.28 38.41 0.77
CA GLY D 239 2.08 38.75 -0.64
C GLY D 239 1.10 37.77 -1.26
N TYR D 240 0.24 38.30 -2.14
CA TYR D 240 -0.77 37.48 -2.78
C TYR D 240 -0.19 36.51 -3.81
N GLY D 241 1.06 36.71 -4.24
CA GLY D 241 1.59 35.88 -5.31
C GLY D 241 1.73 34.42 -4.92
N SER D 242 2.29 34.16 -3.74
CA SER D 242 2.56 32.77 -3.33
C SER D 242 1.27 32.01 -3.08
N ILE D 243 0.35 32.60 -2.32
CA ILE D 243 -0.91 31.94 -2.05
C ILE D 243 -1.76 31.87 -3.32
N LEU D 244 -1.55 32.81 -4.25
CA LEU D 244 -2.20 32.71 -5.56
C LEU D 244 -1.69 31.50 -6.33
N ALA D 245 -0.38 31.26 -6.28
CA ALA D 245 0.17 30.05 -6.90
C ALA D 245 -0.38 28.79 -6.24
N ILE D 246 -0.50 28.81 -4.91
CA ILE D 246 -1.08 27.68 -4.20
C ILE D 246 -2.53 27.45 -4.64
N SER D 247 -3.28 28.54 -4.84
CA SER D 247 -4.64 28.42 -5.33
C SER D 247 -4.69 27.91 -6.76
N ASP D 248 -3.68 28.25 -7.58
CA ASP D 248 -3.60 27.67 -8.92
C ASP D 248 -3.34 26.18 -8.86
N MET D 249 -2.48 25.75 -7.94
CA MET D 249 -2.33 24.31 -7.68
C MET D 249 -3.64 23.68 -7.25
N GLU D 250 -4.43 24.39 -6.44
CA GLU D 250 -5.72 23.84 -6.03
C GLU D 250 -6.69 23.78 -7.20
N SER D 251 -6.57 24.72 -8.14
CA SER D 251 -7.33 24.63 -9.38
C SER D 251 -6.95 23.39 -10.18
N ALA D 252 -5.64 23.12 -10.28
CA ALA D 252 -5.19 21.89 -10.91
C ALA D 252 -5.72 20.68 -10.16
N MET D 253 -5.78 20.77 -8.83
CA MET D 253 -6.41 19.75 -8.00
C MET D 253 -7.82 19.47 -8.49
N ARG D 254 -8.63 20.53 -8.59
CA ARG D 254 -10.01 20.39 -9.04
C ARG D 254 -10.08 19.79 -10.44
N ASP D 255 -9.13 20.14 -11.31
CA ASP D 255 -9.18 19.70 -12.70
C ASP D 255 -9.27 18.19 -12.83
N GLU D 256 -8.63 17.45 -11.92
CA GLU D 256 -8.67 16.00 -11.99
C GLU D 256 -10.05 15.46 -11.61
N ARG D 257 -10.60 15.93 -10.49
CA ARG D 257 -11.88 15.42 -10.02
C ARG D 257 -13.07 16.01 -10.76
N ILE D 258 -12.92 17.20 -11.34
CA ILE D 258 -14.02 17.88 -12.00
C ILE D 258 -13.98 17.53 -13.49
N LYS D 259 -15.05 16.91 -13.97
CA LYS D 259 -15.20 16.59 -15.38
C LYS D 259 -16.10 17.62 -16.03
N LYS D 260 -15.59 18.31 -17.04
CA LYS D 260 -16.31 19.36 -17.74
C LYS D 260 -16.51 18.92 -19.19
N THR D 261 -17.70 18.41 -19.50
CA THR D 261 -18.02 17.92 -20.82
C THR D 261 -19.20 18.70 -21.39
N LYS D 262 -19.12 19.05 -22.66
CA LYS D 262 -20.19 19.76 -23.33
C LYS D 262 -21.39 18.84 -23.57
N THR D 263 -22.59 19.41 -23.47
CA THR D 263 -23.80 18.70 -23.81
C THR D 263 -24.85 19.71 -24.24
N VAL D 264 -25.99 19.21 -24.70
CA VAL D 264 -27.12 20.03 -25.10
C VAL D 264 -28.30 19.66 -24.22
N CYS D 265 -28.99 20.66 -23.69
CA CYS D 265 -30.12 20.40 -22.81
C CYS D 265 -31.18 19.55 -23.50
N THR D 266 -31.75 18.62 -22.74
CA THR D 266 -32.75 17.71 -23.29
C THR D 266 -34.16 18.28 -23.26
N TYR D 267 -34.45 19.23 -22.37
CA TYR D 267 -35.82 19.60 -22.10
C TYR D 267 -36.53 20.21 -23.31
N CYS D 268 -36.15 21.40 -23.75
CA CYS D 268 -36.90 22.03 -24.83
C CYS D 268 -36.03 22.21 -26.06
N GLY D 269 -36.66 22.70 -27.13
CA GLY D 269 -36.07 22.70 -28.44
C GLY D 269 -35.11 23.84 -28.73
N VAL D 270 -34.83 24.71 -27.75
CA VAL D 270 -33.81 25.73 -27.96
C VAL D 270 -32.45 25.06 -28.14
N GLY D 271 -32.25 23.90 -27.53
CA GLY D 271 -31.00 23.17 -27.69
C GLY D 271 -29.79 23.91 -27.16
N CYS D 272 -29.93 24.53 -26.00
CA CYS D 272 -28.81 25.25 -25.40
C CYS D 272 -27.71 24.27 -25.03
N SER D 273 -26.48 24.62 -25.41
CA SER D 273 -25.31 23.80 -25.15
C SER D 273 -24.47 24.41 -24.04
N PHE D 274 -23.99 23.56 -23.14
CA PHE D 274 -23.21 24.02 -22.00
C PHE D 274 -22.36 22.88 -21.47
N ASP D 275 -21.28 23.23 -20.78
CA ASP D 275 -20.52 22.23 -20.06
C ASP D 275 -21.26 21.83 -18.79
N VAL D 276 -21.14 20.56 -18.43
CA VAL D 276 -21.74 20.05 -17.21
C VAL D 276 -20.59 19.62 -16.30
N TRP D 277 -20.27 20.46 -15.33
CA TRP D 277 -19.18 20.22 -14.39
C TRP D 277 -19.66 19.23 -13.35
N THR D 278 -19.10 18.02 -13.37
CA THR D 278 -19.49 16.93 -12.48
C THR D 278 -18.29 16.49 -11.65
N LYS D 279 -18.59 15.79 -10.56
CA LYS D 279 -17.58 15.18 -9.69
C LYS D 279 -17.99 13.72 -9.49
N GLY D 280 -17.62 12.86 -10.43
CA GLY D 280 -18.02 11.47 -10.37
C GLY D 280 -19.36 11.23 -11.03
N ARG D 281 -20.42 11.15 -10.23
CA ARG D 281 -21.76 10.95 -10.75
C ARG D 281 -22.71 12.12 -10.50
N ASP D 282 -22.53 12.87 -9.42
CA ASP D 282 -23.39 14.01 -9.16
C ASP D 282 -23.01 15.18 -10.07
N ILE D 283 -23.99 16.04 -10.32
CA ILE D 283 -23.81 17.20 -11.19
C ILE D 283 -23.58 18.41 -10.30
N LEU D 284 -22.41 19.02 -10.42
CA LEU D 284 -22.05 20.15 -9.57
C LEU D 284 -22.54 21.47 -10.17
N LYS D 285 -22.27 21.69 -11.46
CA LYS D 285 -22.63 22.96 -12.08
C LYS D 285 -23.00 22.71 -13.54
N VAL D 286 -23.89 23.55 -14.06
CA VAL D 286 -24.14 23.63 -15.49
C VAL D 286 -23.59 24.98 -15.94
N GLU D 287 -22.41 24.98 -16.54
CA GLU D 287 -21.74 26.20 -16.92
C GLU D 287 -21.91 26.45 -18.41
N PRO D 288 -22.67 27.46 -18.82
CA PRO D 288 -22.70 27.83 -20.23
C PRO D 288 -21.40 28.50 -20.63
N GLN D 289 -21.11 28.44 -21.93
CA GLN D 289 -19.92 29.05 -22.48
C GLN D 289 -20.32 30.06 -23.55
N GLU D 290 -19.51 31.12 -23.68
CA GLU D 290 -19.81 32.15 -24.67
C GLU D 290 -19.82 31.59 -26.09
N GLU D 291 -19.08 30.50 -26.33
CA GLU D 291 -19.02 29.87 -27.63
C GLU D 291 -20.25 29.03 -27.95
N ALA D 292 -21.17 28.87 -27.02
CA ALA D 292 -22.37 28.09 -27.28
C ALA D 292 -23.19 28.77 -28.37
N PRO D 293 -23.54 28.06 -29.44
CA PRO D 293 -24.21 28.71 -30.57
C PRO D 293 -25.64 29.13 -30.28
N ALA D 294 -26.41 28.22 -29.68
CA ALA D 294 -27.84 28.47 -29.50
C ALA D 294 -28.13 29.44 -28.36
N ASN D 295 -27.31 29.45 -27.31
CA ASN D 295 -27.63 30.25 -26.14
C ASN D 295 -26.47 31.13 -25.68
N GLY D 296 -25.24 30.68 -25.92
CA GLY D 296 -24.10 31.34 -25.30
C GLY D 296 -24.13 31.14 -23.80
N ILE D 297 -24.35 32.23 -23.05
CA ILE D 297 -24.51 32.11 -21.59
C ILE D 297 -25.95 31.89 -21.17
N SER D 298 -26.91 32.05 -22.09
CA SER D 298 -28.31 31.97 -21.73
C SER D 298 -28.69 30.57 -21.28
N THR D 299 -29.52 30.49 -20.24
CA THR D 299 -29.96 29.21 -19.70
C THR D 299 -31.25 29.44 -18.93
N CYS D 300 -32.01 28.38 -18.74
CA CYS D 300 -33.22 28.39 -17.95
C CYS D 300 -33.02 27.55 -16.69
N VAL D 301 -34.09 27.43 -15.90
CA VAL D 301 -34.00 26.64 -14.67
C VAL D 301 -33.80 25.18 -15.00
N LYS D 302 -34.48 24.68 -16.04
CA LYS D 302 -34.39 23.26 -16.37
C LYS D 302 -32.96 22.88 -16.72
N GLY D 303 -32.45 23.44 -17.82
CA GLY D 303 -31.14 23.04 -18.32
C GLY D 303 -30.00 23.35 -17.39
N LYS D 304 -30.23 24.18 -16.37
CA LYS D 304 -29.07 24.58 -15.54
C LYS D 304 -29.28 24.15 -14.10
N PHE D 305 -30.40 23.56 -13.78
CA PHE D 305 -30.53 23.09 -12.39
C PHE D 305 -31.48 21.90 -12.36
N GLY D 306 -31.86 21.39 -13.52
CA GLY D 306 -32.87 20.32 -13.61
C GLY D 306 -32.28 18.95 -13.86
N TRP D 307 -30.97 18.81 -13.74
CA TRP D 307 -30.37 17.51 -14.12
C TRP D 307 -30.26 16.52 -12.96
N ASP D 308 -30.97 16.67 -11.85
CA ASP D 308 -30.96 15.67 -10.78
C ASP D 308 -31.66 14.38 -11.18
N PHE D 309 -32.44 14.39 -12.26
CA PHE D 309 -33.10 13.17 -12.70
C PHE D 309 -32.09 12.12 -13.15
N VAL D 310 -30.92 12.55 -13.63
CA VAL D 310 -29.90 11.60 -14.08
C VAL D 310 -29.44 10.73 -12.92
N ASN D 311 -29.23 11.34 -11.75
CA ASN D 311 -28.78 10.62 -10.57
C ASN D 311 -29.93 10.19 -9.68
N SER D 312 -31.17 10.36 -10.13
CA SER D 312 -32.32 9.99 -9.33
C SER D 312 -32.36 8.48 -9.10
N GLU D 313 -32.73 8.07 -7.88
CA GLU D 313 -32.81 6.65 -7.56
C GLU D 313 -33.95 5.95 -8.28
N GLU D 314 -34.96 6.71 -8.73
CA GLU D 314 -36.07 6.11 -9.46
C GLU D 314 -35.65 5.61 -10.83
N ARG D 315 -34.50 6.07 -11.33
CA ARG D 315 -34.03 5.68 -12.66
C ARG D 315 -33.96 4.16 -12.80
N LEU D 316 -34.46 3.67 -13.93
CA LEU D 316 -34.46 2.24 -14.22
C LEU D 316 -33.06 1.81 -14.63
N THR D 317 -32.38 1.09 -13.75
CA THR D 317 -31.02 0.65 -14.02
C THR D 317 -30.96 -0.67 -14.78
N LYS D 318 -32.00 -1.49 -14.71
CA LYS D 318 -32.04 -2.81 -15.30
C LYS D 318 -33.27 -2.94 -16.18
N PRO D 319 -33.23 -3.80 -17.20
CA PRO D 319 -34.46 -4.09 -17.96
C PRO D 319 -35.53 -4.71 -17.08
N LEU D 320 -36.78 -4.34 -17.34
CA LEU D 320 -37.92 -4.86 -16.61
C LEU D 320 -38.80 -5.66 -17.56
N ILE D 321 -39.25 -6.83 -17.10
CA ILE D 321 -40.12 -7.70 -17.89
C ILE D 321 -41.43 -7.87 -17.14
N ARG D 322 -42.55 -7.74 -17.84
CA ARG D 322 -43.86 -7.92 -17.22
C ARG D 322 -44.07 -9.39 -16.93
N GLU D 323 -43.88 -9.77 -15.66
CA GLU D 323 -44.09 -11.13 -15.20
C GLU D 323 -45.39 -11.16 -14.41
N GLY D 324 -46.40 -11.84 -14.94
CA GLY D 324 -47.69 -11.91 -14.29
C GLY D 324 -48.32 -10.55 -14.06
N ASP D 325 -48.34 -10.11 -12.80
CA ASP D 325 -48.90 -8.80 -12.44
C ASP D 325 -47.84 -7.88 -11.87
N HIS D 326 -46.56 -8.10 -12.18
CA HIS D 326 -45.49 -7.27 -11.66
C HIS D 326 -44.43 -7.07 -12.73
N PHE D 327 -43.44 -6.23 -12.40
CA PHE D 327 -42.31 -5.97 -13.27
C PHE D 327 -41.08 -6.61 -12.63
N ARG D 328 -40.63 -7.74 -13.19
CA ARG D 328 -39.45 -8.42 -12.67
C ARG D 328 -38.19 -7.81 -13.29
N GLU D 329 -37.19 -7.60 -12.45
CA GLU D 329 -35.90 -7.05 -12.88
C GLU D 329 -35.12 -8.17 -13.53
N ALA D 330 -35.21 -8.25 -14.86
CA ALA D 330 -34.61 -9.35 -15.61
C ALA D 330 -33.28 -8.94 -16.22
N GLU D 331 -32.53 -9.95 -16.67
CA GLU D 331 -31.24 -9.71 -17.30
C GLU D 331 -31.43 -9.07 -18.67
N TRP D 332 -30.35 -8.42 -19.15
CA TRP D 332 -30.39 -7.77 -20.45
C TRP D 332 -30.61 -8.79 -21.57
N GLU D 333 -29.86 -9.90 -21.53
CA GLU D 333 -29.91 -10.86 -22.63
C GLU D 333 -31.27 -11.53 -22.72
N GLU D 334 -31.85 -11.94 -21.59
CA GLU D 334 -33.14 -12.60 -21.63
C GLU D 334 -34.24 -11.66 -22.09
N ALA D 335 -34.20 -10.40 -21.66
CA ALA D 335 -35.17 -9.42 -22.14
C ALA D 335 -35.02 -9.19 -23.63
N LEU D 336 -33.78 -9.10 -24.12
CA LEU D 336 -33.54 -8.93 -25.54
C LEU D 336 -34.09 -10.12 -26.34
N LEU D 337 -33.84 -11.33 -25.86
CA LEU D 337 -34.36 -12.51 -26.54
C LEU D 337 -35.88 -12.52 -26.54
N LEU D 338 -36.50 -12.13 -25.41
CA LEU D 338 -37.96 -12.10 -25.34
C LEU D 338 -38.54 -11.11 -26.33
N ILE D 339 -38.02 -9.89 -26.36
CA ILE D 339 -38.57 -8.88 -27.26
C ILE D 339 -38.34 -9.28 -28.71
N ALA D 340 -37.16 -9.83 -29.02
CA ALA D 340 -36.87 -10.24 -30.39
C ALA D 340 -37.81 -11.37 -30.83
N SER D 341 -38.00 -12.36 -29.97
CA SER D 341 -38.87 -13.49 -30.32
C SER D 341 -40.31 -13.03 -30.50
N LYS D 342 -40.80 -12.18 -29.60
CA LYS D 342 -42.17 -11.69 -29.74
C LYS D 342 -42.33 -10.88 -31.02
N PHE D 343 -41.35 -10.03 -31.35
CA PHE D 343 -41.46 -9.23 -32.56
C PHE D 343 -41.42 -10.09 -33.80
N THR D 344 -40.56 -11.12 -33.81
CA THR D 344 -40.56 -12.06 -34.94
C THR D 344 -41.90 -12.79 -35.06
N GLU D 345 -42.50 -13.15 -33.91
CA GLU D 345 -43.79 -13.84 -33.94
C GLU D 345 -44.86 -12.96 -34.56
N LEU D 346 -45.02 -11.74 -34.06
CA LEU D 346 -46.03 -10.85 -34.62
C LEU D 346 -45.64 -10.27 -35.98
N LYS D 347 -44.40 -10.46 -36.43
CA LYS D 347 -44.01 -10.05 -37.77
C LYS D 347 -44.28 -11.13 -38.80
N GLU D 348 -44.04 -12.40 -38.46
CA GLU D 348 -44.28 -13.51 -39.35
C GLU D 348 -45.68 -14.10 -39.22
N ALA D 349 -46.48 -13.63 -38.27
CA ALA D 349 -47.87 -14.09 -38.16
C ALA D 349 -48.85 -13.15 -38.85
N PHE D 350 -48.85 -11.87 -38.49
CA PHE D 350 -49.76 -10.90 -39.07
C PHE D 350 -49.07 -9.89 -39.98
N GLY D 351 -47.79 -10.08 -40.26
CA GLY D 351 -47.07 -9.20 -41.14
C GLY D 351 -46.47 -8.01 -40.43
N PRO D 352 -45.41 -7.44 -41.00
CA PRO D 352 -44.79 -6.25 -40.38
C PRO D 352 -45.71 -5.04 -40.33
N ASP D 353 -46.72 -4.98 -41.20
CA ASP D 353 -47.60 -3.81 -41.21
C ASP D 353 -48.35 -3.63 -39.90
N SER D 354 -48.53 -4.71 -39.14
CA SER D 354 -49.16 -4.64 -37.83
C SER D 354 -48.16 -4.33 -36.72
N LEU D 355 -46.99 -3.81 -37.06
CA LEU D 355 -45.98 -3.43 -36.10
C LEU D 355 -45.76 -1.92 -36.17
N ALA D 356 -45.81 -1.26 -35.02
CA ALA D 356 -45.68 0.19 -34.96
C ALA D 356 -44.76 0.57 -33.81
N PHE D 357 -43.75 1.38 -34.11
CA PHE D 357 -42.75 1.78 -33.12
C PHE D 357 -42.64 3.30 -33.09
N ILE D 358 -42.36 3.83 -31.90
CA ILE D 358 -42.30 5.27 -31.68
C ILE D 358 -40.93 5.62 -31.13
N THR D 359 -40.25 6.56 -31.76
CA THR D 359 -39.04 7.12 -31.19
C THR D 359 -39.35 8.35 -30.36
N SER D 360 -38.47 8.62 -29.41
CA SER D 360 -38.60 9.80 -28.55
C SER D 360 -38.01 11.02 -29.26
N SER D 361 -38.73 12.13 -29.22
CA SER D 361 -38.15 13.38 -29.66
C SER D 361 -37.12 13.91 -28.68
N LYS D 362 -37.03 13.33 -27.49
CA LYS D 362 -36.02 13.70 -26.50
C LYS D 362 -34.69 13.01 -26.72
N CYS D 363 -34.60 12.09 -27.67
CA CYS D 363 -33.39 11.33 -27.92
C CYS D 363 -32.64 11.90 -29.13
N THR D 364 -31.38 11.47 -29.26
CA THR D 364 -30.50 12.01 -30.28
C THR D 364 -30.97 11.60 -31.68
N ASN D 365 -30.34 12.22 -32.68
CA ASN D 365 -30.66 11.91 -34.06
C ASN D 365 -30.37 10.45 -34.38
N GLU D 366 -29.25 9.93 -33.85
CA GLU D 366 -28.92 8.53 -34.04
C GLU D 366 -30.04 7.63 -33.53
N GLU D 367 -30.67 8.02 -32.42
CA GLU D 367 -31.72 7.22 -31.83
C GLU D 367 -32.93 7.11 -32.76
N SER D 368 -33.40 8.25 -33.28
CA SER D 368 -34.56 8.22 -34.17
C SER D 368 -34.23 7.54 -35.48
N TYR D 369 -33.00 7.74 -35.99
CA TYR D 369 -32.59 7.04 -37.19
C TYR D 369 -32.60 5.53 -36.97
N LEU D 370 -32.15 5.10 -35.79
CA LEU D 370 -32.18 3.67 -35.48
C LEU D 370 -33.60 3.15 -35.34
N MET D 371 -34.50 3.94 -34.75
CA MET D 371 -35.91 3.55 -34.73
C MET D 371 -36.43 3.32 -36.14
N GLN D 372 -36.24 4.30 -37.03
CA GLN D 372 -36.84 4.17 -38.35
C GLN D 372 -36.15 3.08 -39.16
N LYS D 373 -34.85 2.86 -38.95
CA LYS D 373 -34.16 1.77 -39.64
C LYS D 373 -34.66 0.41 -39.14
N LEU D 374 -34.84 0.27 -37.82
CA LEU D 374 -35.39 -0.96 -37.27
C LEU D 374 -36.80 -1.21 -37.81
N ALA D 375 -37.56 -0.14 -38.01
CA ALA D 375 -38.91 -0.30 -38.56
C ALA D 375 -38.89 -0.69 -40.02
N ARG D 376 -38.03 -0.07 -40.82
CA ARG D 376 -38.02 -0.25 -42.26
C ARG D 376 -36.92 -1.18 -42.73
N GLY D 377 -35.67 -0.94 -42.32
CA GLY D 377 -34.56 -1.77 -42.74
C GLY D 377 -34.48 -3.11 -42.04
N VAL D 378 -35.27 -3.30 -40.98
CA VAL D 378 -35.28 -4.56 -40.23
C VAL D 378 -36.68 -5.18 -40.21
N ILE D 379 -37.64 -4.50 -39.59
CA ILE D 379 -39.00 -5.04 -39.52
C ILE D 379 -39.67 -4.98 -40.88
N GLY D 380 -39.52 -3.87 -41.59
CA GLY D 380 -40.19 -3.67 -42.86
C GLY D 380 -41.45 -2.85 -42.80
N THR D 381 -41.78 -2.26 -41.66
CA THR D 381 -42.95 -1.43 -41.51
C THR D 381 -42.58 0.05 -41.63
N ASN D 382 -43.62 0.88 -41.78
CA ASN D 382 -43.45 2.32 -41.87
C ASN D 382 -44.16 3.05 -40.73
N ASN D 383 -44.67 2.32 -39.75
CA ASN D 383 -45.44 2.93 -38.65
C ASN D 383 -44.46 3.45 -37.60
N VAL D 384 -44.04 4.69 -37.78
CA VAL D 384 -43.13 5.37 -36.87
C VAL D 384 -43.64 6.80 -36.67
N ASP D 385 -43.50 7.30 -35.46
CA ASP D 385 -43.83 8.69 -35.15
C ASP D 385 -43.12 9.07 -33.85
N ASN D 386 -43.41 10.26 -33.36
CA ASN D 386 -42.79 10.80 -32.15
C ASN D 386 -43.79 11.79 -31.54
N CYS D 387 -43.31 12.64 -30.62
CA CYS D 387 -44.20 13.68 -30.14
C CYS D 387 -44.52 14.70 -31.23
N SER D 388 -43.73 14.73 -32.31
CA SER D 388 -43.97 15.70 -33.38
C SER D 388 -45.35 15.56 -33.98
N ARG D 389 -45.93 14.35 -33.93
CA ARG D 389 -47.31 14.18 -34.35
C ARG D 389 -48.25 15.05 -33.52
N TYR D 390 -47.94 15.23 -32.24
CA TYR D 390 -48.71 16.12 -31.39
C TYR D 390 -48.17 17.54 -31.38
N CYS D 391 -46.94 17.74 -31.88
CA CYS D 391 -46.20 18.97 -31.64
C CYS D 391 -45.91 19.74 -32.92
N GLN D 392 -45.24 19.11 -33.89
CA GLN D 392 -44.71 19.82 -35.04
C GLN D 392 -45.21 19.27 -36.37
N SER D 393 -46.08 18.27 -36.35
CA SER D 393 -46.63 17.75 -37.59
C SER D 393 -47.38 18.81 -38.39
N PRO D 394 -48.29 19.61 -37.80
CA PRO D 394 -48.96 20.63 -38.62
C PRO D 394 -48.04 21.76 -39.03
N ALA D 395 -47.11 22.16 -38.18
CA ALA D 395 -46.16 23.21 -38.56
C ALA D 395 -45.28 22.76 -39.73
N THR D 396 -44.76 21.54 -39.64
CA THR D 396 -43.96 21.01 -40.74
C THR D 396 -44.80 20.84 -42.00
N ALA D 397 -46.05 20.40 -41.85
CA ALA D 397 -46.93 20.27 -43.00
C ALA D 397 -47.17 21.61 -43.67
N GLY D 398 -47.39 22.67 -42.88
CA GLY D 398 -47.53 24.00 -43.45
C GLY D 398 -46.28 24.48 -44.14
N LEU D 399 -45.12 24.18 -43.55
CA LEU D 399 -43.85 24.56 -44.19
C LEU D 399 -43.69 23.84 -45.53
N PHE D 400 -44.05 22.57 -45.60
CA PHE D 400 -44.05 21.86 -46.88
C PHE D 400 -45.02 22.52 -47.85
N ARG D 401 -46.21 22.85 -47.38
CA ARG D 401 -47.25 23.40 -48.24
C ARG D 401 -46.89 24.77 -48.80
N THR D 402 -46.06 25.54 -48.11
CA THR D 402 -45.66 26.86 -48.59
C THR D 402 -44.18 26.98 -48.87
N VAL D 403 -43.32 26.72 -47.89
CA VAL D 403 -41.89 26.97 -48.04
C VAL D 403 -41.12 25.72 -48.44
N GLY D 404 -41.56 24.53 -48.07
CA GLY D 404 -40.93 23.29 -48.48
C GLY D 404 -39.88 22.75 -47.54
N TYR D 405 -39.34 23.57 -46.64
CA TYR D 405 -38.35 23.13 -45.66
C TYR D 405 -38.95 23.22 -44.27
N GLY D 406 -38.85 22.13 -43.51
CA GLY D 406 -39.25 22.17 -42.12
C GLY D 406 -38.21 22.85 -41.25
N GLY D 407 -38.65 23.25 -40.05
CA GLY D 407 -37.77 23.92 -39.11
C GLY D 407 -37.75 25.43 -39.26
N ASP D 408 -36.98 26.07 -38.40
CA ASP D 408 -36.91 27.52 -38.37
C ASP D 408 -36.20 28.06 -39.60
N SER D 409 -36.50 29.32 -39.94
CA SER D 409 -35.82 29.96 -41.05
C SER D 409 -34.38 30.35 -40.71
N GLY D 410 -34.08 30.55 -39.43
CA GLY D 410 -32.75 30.97 -39.04
C GLY D 410 -32.47 30.62 -37.60
N SER D 411 -31.42 31.22 -37.06
CA SER D 411 -31.00 30.98 -35.69
C SER D 411 -31.66 31.98 -34.75
N ILE D 412 -31.44 31.80 -33.44
CA ILE D 412 -32.00 32.73 -32.45
C ILE D 412 -31.34 34.10 -32.58
N THR D 413 -30.10 34.15 -33.08
CA THR D 413 -29.49 35.44 -33.38
C THR D 413 -30.29 36.19 -34.42
N ASP D 414 -30.77 35.48 -35.44
CA ASP D 414 -31.66 36.11 -36.42
C ASP D 414 -32.99 36.51 -35.78
N ILE D 415 -33.42 35.79 -34.74
CA ILE D 415 -34.62 36.19 -34.01
C ILE D 415 -34.38 37.53 -33.32
N ALA D 416 -33.23 37.68 -32.68
CA ALA D 416 -32.89 38.95 -32.02
C ALA D 416 -32.75 40.07 -33.04
N GLN D 417 -32.16 39.77 -34.20
CA GLN D 417 -31.95 40.79 -35.23
C GLN D 417 -33.24 41.26 -35.87
N ALA D 418 -34.35 40.58 -35.63
CA ALA D 418 -35.62 40.97 -36.24
C ALA D 418 -36.10 42.30 -35.69
N ASP D 419 -36.81 43.06 -36.54
CA ASP D 419 -37.43 44.30 -36.09
C ASP D 419 -38.76 44.03 -35.40
N LEU D 420 -39.49 43.00 -35.84
CA LEU D 420 -40.76 42.62 -35.27
C LEU D 420 -40.83 41.11 -35.15
N VAL D 421 -41.28 40.63 -33.99
CA VAL D 421 -41.49 39.21 -33.75
C VAL D 421 -42.99 38.99 -33.59
N LEU D 422 -43.55 38.12 -34.42
CA LEU D 422 -44.98 37.81 -34.39
C LEU D 422 -45.15 36.44 -33.74
N ILE D 423 -45.35 36.45 -32.43
CA ILE D 423 -45.53 35.23 -31.64
C ILE D 423 -47.02 35.00 -31.46
N ILE D 424 -47.49 33.84 -31.87
CA ILE D 424 -48.91 33.48 -31.79
C ILE D 424 -49.02 32.10 -31.18
N GLY D 425 -49.81 31.98 -30.11
CA GLY D 425 -49.99 30.70 -29.45
C GLY D 425 -48.74 30.13 -28.82
N SER D 426 -47.78 30.98 -28.46
CA SER D 426 -46.51 30.52 -27.91
C SER D 426 -46.31 31.07 -26.51
N ASN D 427 -46.08 30.17 -25.55
CA ASN D 427 -45.64 30.55 -24.21
C ASN D 427 -44.11 30.49 -24.14
N THR D 428 -43.48 31.29 -25.01
CA THR D 428 -42.03 31.24 -25.16
C THR D 428 -41.32 31.51 -23.85
N SER D 429 -41.91 32.31 -22.97
CA SER D 429 -41.31 32.56 -21.67
C SER D 429 -41.22 31.28 -20.85
N GLU D 430 -42.24 30.43 -20.92
CA GLU D 430 -42.32 29.24 -20.08
C GLU D 430 -42.08 27.94 -20.82
N SER D 431 -41.91 27.98 -22.14
CA SER D 431 -41.68 26.77 -22.93
C SER D 431 -40.30 26.74 -23.56
N HIS D 432 -39.93 27.79 -24.30
CA HIS D 432 -38.61 27.94 -24.88
C HIS D 432 -37.93 29.13 -24.22
N PRO D 433 -37.51 28.98 -22.96
CA PRO D 433 -37.14 30.16 -22.17
C PRO D 433 -36.03 31.01 -22.77
N VAL D 434 -34.98 30.39 -23.31
CA VAL D 434 -33.83 31.16 -23.78
C VAL D 434 -34.19 32.00 -25.00
N LEU D 435 -35.03 31.46 -25.89
CA LEU D 435 -35.48 32.24 -27.04
C LEU D 435 -36.28 33.45 -26.57
N SER D 436 -37.09 33.27 -25.53
CA SER D 436 -37.83 34.41 -24.97
C SER D 436 -36.88 35.41 -24.34
N THR D 437 -35.79 34.95 -23.71
CA THR D 437 -34.80 35.88 -23.19
C THR D 437 -34.17 36.70 -24.32
N ARG D 438 -33.88 36.05 -25.44
CA ARG D 438 -33.35 36.78 -26.59
C ARG D 438 -34.35 37.82 -27.09
N ILE D 439 -35.62 37.42 -27.21
CA ILE D 439 -36.64 38.34 -27.72
C ILE D 439 -36.83 39.51 -26.77
N LYS D 440 -36.88 39.23 -25.46
CA LYS D 440 -37.05 40.28 -24.48
C LYS D 440 -35.83 41.19 -24.40
N ARG D 441 -34.64 40.64 -24.62
CA ARG D 441 -33.43 41.45 -24.68
C ARG D 441 -33.49 42.41 -25.87
N ALA D 442 -33.90 41.90 -27.03
CA ALA D 442 -34.03 42.76 -28.20
C ALA D 442 -35.14 43.79 -28.02
N HIS D 443 -36.19 43.44 -27.27
CA HIS D 443 -37.28 44.38 -27.06
C HIS D 443 -36.89 45.48 -26.07
N LYS D 444 -36.20 45.11 -24.99
CA LYS D 444 -35.83 46.07 -23.96
C LYS D 444 -34.66 46.94 -24.38
N LEU D 445 -33.71 46.38 -25.13
CA LEU D 445 -32.49 47.09 -25.50
C LEU D 445 -32.49 47.53 -26.96
N ARG D 446 -32.67 46.60 -27.90
CA ARG D 446 -32.62 46.92 -29.32
C ARG D 446 -33.87 47.65 -29.79
N GLY D 447 -34.92 47.70 -28.98
CA GLY D 447 -36.14 48.41 -29.36
C GLY D 447 -37.09 47.63 -30.22
N GLN D 448 -36.85 46.34 -30.44
CA GLN D 448 -37.76 45.53 -31.25
C GLN D 448 -39.12 45.42 -30.56
N LYS D 449 -40.18 45.58 -31.34
CA LYS D 449 -41.55 45.45 -30.84
C LYS D 449 -42.10 44.10 -31.27
N VAL D 450 -42.73 43.40 -30.33
CA VAL D 450 -43.24 42.05 -30.56
C VAL D 450 -44.76 42.07 -30.39
N ILE D 451 -45.44 41.19 -31.10
CA ILE D 451 -46.89 41.06 -31.04
C ILE D 451 -47.21 39.65 -30.56
N VAL D 452 -47.60 39.53 -29.30
CA VAL D 452 -47.96 38.24 -28.71
C VAL D 452 -49.45 38.03 -28.87
N ALA D 453 -49.83 36.91 -29.47
CA ALA D 453 -51.23 36.59 -29.76
C ALA D 453 -51.55 35.21 -29.19
N ASP D 454 -52.10 35.19 -27.97
CA ASP D 454 -52.52 33.95 -27.34
C ASP D 454 -53.58 34.25 -26.30
N ILE D 455 -54.35 33.21 -25.95
CA ILE D 455 -55.47 33.40 -25.04
C ILE D 455 -55.00 33.75 -23.64
N ARG D 456 -53.89 33.16 -23.20
CA ARG D 456 -53.35 33.42 -21.87
C ARG D 456 -52.45 34.65 -21.88
N LYS D 457 -52.21 35.19 -20.69
CA LYS D 457 -51.33 36.33 -20.50
C LYS D 457 -50.13 35.85 -19.67
N HIS D 458 -49.11 35.33 -20.35
CA HIS D 458 -47.91 34.86 -19.68
C HIS D 458 -46.96 36.03 -19.43
N GLU D 459 -45.72 35.72 -19.06
CA GLU D 459 -44.73 36.78 -18.81
C GLU D 459 -44.48 37.61 -20.05
N MET D 460 -44.37 36.97 -21.21
CA MET D 460 -44.08 37.73 -22.43
C MET D 460 -45.26 38.57 -22.86
N ALA D 461 -46.48 38.09 -22.62
CA ALA D 461 -47.67 38.86 -23.01
C ALA D 461 -47.74 40.18 -22.26
N GLU D 462 -47.44 40.16 -20.96
CA GLU D 462 -47.39 41.39 -20.19
C GLU D 462 -46.15 42.22 -20.49
N ARG D 463 -45.19 41.67 -21.23
CA ARG D 463 -43.99 42.38 -21.65
C ARG D 463 -43.92 42.54 -23.16
N SER D 464 -45.06 42.50 -23.85
CA SER D 464 -45.10 42.62 -25.29
C SER D 464 -45.54 44.02 -25.70
N ASP D 465 -45.13 44.42 -26.90
CA ASP D 465 -45.55 45.71 -27.43
C ASP D 465 -47.06 45.75 -27.66
N LEU D 466 -47.62 44.66 -28.18
CA LEU D 466 -49.05 44.60 -28.47
C LEU D 466 -49.52 43.17 -28.22
N PHE D 467 -50.22 42.96 -27.12
CA PHE D 467 -50.72 41.65 -26.74
C PHE D 467 -52.23 41.62 -26.98
N VAL D 468 -52.65 40.71 -27.86
CA VAL D 468 -54.06 40.54 -28.21
C VAL D 468 -54.44 39.08 -28.03
N GLN D 469 -55.55 38.83 -27.35
CA GLN D 469 -55.97 37.47 -27.05
C GLN D 469 -57.15 37.10 -27.95
N PRO D 470 -56.95 36.24 -28.95
CA PRO D 470 -58.08 35.83 -29.79
C PRO D 470 -58.83 34.65 -29.22
N ARG D 471 -59.88 34.20 -29.90
CA ARG D 471 -60.63 33.06 -29.44
C ARG D 471 -59.85 31.77 -29.65
N ALA D 472 -60.33 30.69 -29.03
CA ALA D 472 -59.67 29.39 -29.11
C ALA D 472 -59.61 28.89 -30.54
N GLY D 473 -58.40 28.86 -31.12
CA GLY D 473 -58.23 28.42 -32.48
C GLY D 473 -58.56 29.44 -33.54
N SER D 474 -58.92 30.66 -33.15
CA SER D 474 -59.31 31.70 -34.10
C SER D 474 -58.12 32.48 -34.65
N ASP D 475 -56.90 31.93 -34.53
CA ASP D 475 -55.74 32.61 -35.08
C ASP D 475 -55.83 32.74 -36.59
N ILE D 476 -56.39 31.71 -37.25
CA ILE D 476 -56.50 31.71 -38.70
C ILE D 476 -57.30 32.90 -39.19
N VAL D 477 -58.40 33.23 -38.50
CA VAL D 477 -59.31 34.27 -38.99
C VAL D 477 -58.62 35.63 -38.99
N TRP D 478 -58.19 36.10 -37.82
CA TRP D 478 -57.57 37.42 -37.76
C TRP D 478 -56.26 37.44 -38.53
N LEU D 479 -55.53 36.33 -38.56
CA LEU D 479 -54.29 36.29 -39.31
C LEU D 479 -54.53 36.48 -40.80
N ASN D 480 -55.51 35.76 -41.36
CA ASN D 480 -55.79 35.89 -42.78
C ASN D 480 -56.40 37.25 -43.09
N ALA D 481 -57.15 37.84 -42.16
CA ALA D 481 -57.62 39.21 -42.36
C ALA D 481 -56.45 40.19 -42.42
N ILE D 482 -55.45 40.00 -41.55
CA ILE D 482 -54.27 40.85 -41.56
C ILE D 482 -53.52 40.69 -42.88
N ALA D 483 -53.38 39.45 -43.34
CA ALA D 483 -52.73 39.21 -44.62
C ALA D 483 -53.50 39.88 -45.77
N LYS D 484 -54.84 39.80 -45.72
CA LYS D 484 -55.66 40.46 -46.74
C LYS D 484 -55.43 41.97 -46.74
N TYR D 485 -55.40 42.57 -45.55
CA TYR D 485 -55.18 44.01 -45.48
C TYR D 485 -53.80 44.38 -46.00
N LEU D 486 -52.78 43.58 -45.65
CA LEU D 486 -51.43 43.86 -46.11
C LEU D 486 -51.32 43.76 -47.62
N ILE D 487 -51.95 42.74 -48.21
CA ILE D 487 -51.86 42.54 -49.66
C ILE D 487 -52.80 43.44 -50.43
N GLU D 488 -53.78 44.06 -49.78
CA GLU D 488 -54.75 44.90 -50.45
C GLU D 488 -54.38 46.38 -50.44
N ASN D 489 -53.66 46.83 -49.41
CA ASN D 489 -53.30 48.24 -49.29
C ASN D 489 -51.93 48.56 -49.85
N GLY D 490 -51.23 47.58 -50.44
CA GLY D 490 -49.95 47.82 -51.06
C GLY D 490 -48.76 47.73 -50.13
N LYS D 491 -48.98 47.54 -48.83
CA LYS D 491 -47.86 47.41 -47.90
C LYS D 491 -47.08 46.12 -48.10
N ALA D 492 -47.69 45.12 -48.74
CA ALA D 492 -46.99 43.86 -48.98
C ALA D 492 -45.86 44.05 -49.98
N ASP D 493 -44.82 43.23 -49.83
CA ASP D 493 -43.67 43.28 -50.72
C ASP D 493 -44.01 42.64 -52.06
N GLU D 494 -44.53 43.44 -53.00
CA GLU D 494 -44.90 42.91 -54.31
C GLU D 494 -43.70 42.38 -55.07
N ARG D 495 -42.53 43.02 -54.91
CA ARG D 495 -41.32 42.55 -55.58
C ARG D 495 -40.97 41.13 -55.13
N PHE D 496 -41.03 40.88 -53.83
CA PHE D 496 -40.78 39.53 -53.32
C PHE D 496 -41.84 38.56 -53.82
N LEU D 497 -43.09 39.01 -53.90
CA LEU D 497 -44.17 38.15 -54.40
C LEU D 497 -43.90 37.71 -55.84
N ARG D 498 -43.46 38.64 -56.69
CA ARG D 498 -43.17 38.29 -58.08
C ARG D 498 -41.89 37.49 -58.19
N GLU D 499 -40.94 37.69 -57.27
CA GLU D 499 -39.64 37.04 -57.39
C GLU D 499 -39.68 35.59 -56.90
N ARG D 500 -40.07 35.38 -55.64
CA ARG D 500 -39.91 34.07 -55.00
C ARG D 500 -41.22 33.46 -54.52
N VAL D 501 -42.37 33.99 -54.95
CA VAL D 501 -43.67 33.49 -54.53
C VAL D 501 -44.51 33.18 -55.76
N ASN D 502 -45.46 32.27 -55.60
CA ASN D 502 -46.35 31.85 -56.67
C ASN D 502 -47.78 31.84 -56.17
N GLY D 503 -48.71 32.03 -57.10
CA GLY D 503 -50.13 32.00 -56.78
C GLY D 503 -50.61 33.11 -55.88
N ARG D 504 -50.14 34.34 -56.12
CA ARG D 504 -50.61 35.48 -55.33
C ARG D 504 -52.10 35.75 -55.56
N ASP D 505 -52.52 35.74 -56.83
CA ASP D 505 -53.91 36.02 -57.14
C ASP D 505 -54.84 34.91 -56.65
N GLU D 506 -54.36 33.66 -56.72
CA GLU D 506 -55.16 32.55 -56.19
C GLU D 506 -55.37 32.71 -54.68
N TYR D 507 -54.30 33.09 -53.96
CA TYR D 507 -54.43 33.31 -52.52
C TYR D 507 -55.36 34.48 -52.23
N VAL D 508 -55.27 35.56 -53.02
CA VAL D 508 -56.17 36.69 -52.85
C VAL D 508 -57.61 36.26 -53.06
N LYS D 509 -57.86 35.42 -54.06
CA LYS D 509 -59.19 34.85 -54.26
C LYS D 509 -59.63 34.06 -53.04
N SER D 510 -58.71 33.29 -52.46
CA SER D 510 -59.02 32.58 -51.23
C SER D 510 -59.31 33.53 -50.07
N LEU D 511 -58.74 34.73 -50.11
CA LEU D 511 -58.94 35.73 -49.08
C LEU D 511 -60.17 36.60 -49.31
N ALA D 512 -60.93 36.33 -50.36
CA ALA D 512 -62.13 37.13 -50.64
C ALA D 512 -63.14 37.13 -49.50
N PRO D 513 -63.51 35.99 -48.89
CA PRO D 513 -64.50 36.05 -47.80
C PRO D 513 -63.98 36.66 -46.51
N TYR D 514 -62.68 36.93 -46.41
CA TYR D 514 -62.08 37.40 -45.17
C TYR D 514 -62.02 38.92 -45.15
N THR D 515 -62.66 39.52 -44.14
CA THR D 515 -62.65 40.95 -43.93
C THR D 515 -62.21 41.26 -42.50
N LEU D 516 -61.85 42.52 -42.27
CA LEU D 516 -61.42 42.92 -40.94
C LEU D 516 -62.54 42.79 -39.91
N GLU D 517 -63.76 43.20 -40.28
CA GLU D 517 -64.89 43.04 -39.37
C GLU D 517 -65.23 41.58 -39.16
N TYR D 518 -65.04 40.75 -40.18
CA TYR D 518 -65.23 39.31 -40.02
C TYR D 518 -64.32 38.77 -38.92
N ALA D 519 -63.04 39.13 -38.98
CA ALA D 519 -62.09 38.69 -37.95
C ALA D 519 -62.42 39.29 -36.60
N GLU D 520 -62.89 40.55 -36.58
CA GLU D 520 -63.28 41.16 -35.32
C GLU D 520 -64.41 40.40 -34.65
N GLU D 521 -65.39 39.96 -35.45
CA GLU D 521 -66.50 39.20 -34.90
C GLU D 521 -66.07 37.81 -34.47
N LYS D 522 -65.25 37.13 -35.28
CA LYS D 522 -64.90 35.75 -34.99
C LYS D 522 -63.95 35.65 -33.80
N THR D 523 -62.90 36.48 -33.78
CA THR D 523 -61.88 36.39 -32.74
C THR D 523 -62.26 37.11 -31.46
N GLY D 524 -63.35 37.87 -31.45
CA GLY D 524 -63.71 38.63 -30.27
C GLY D 524 -62.69 39.69 -29.91
N ILE D 525 -62.11 40.34 -30.92
CA ILE D 525 -61.08 41.35 -30.73
C ILE D 525 -61.47 42.61 -31.51
N ASP D 526 -61.27 43.76 -30.88
CA ASP D 526 -61.67 45.02 -31.50
C ASP D 526 -60.87 45.27 -32.78
N GLN D 527 -61.48 46.04 -33.69
CA GLN D 527 -60.89 46.29 -35.00
C GLN D 527 -59.61 47.12 -34.91
N GLU D 528 -59.53 48.04 -33.96
CA GLU D 528 -58.39 48.94 -33.88
C GLU D 528 -57.08 48.18 -33.65
N THR D 529 -57.09 47.19 -32.76
CA THR D 529 -55.89 46.41 -32.50
C THR D 529 -55.45 45.65 -33.74
N LEU D 530 -56.39 45.02 -34.45
CA LEU D 530 -56.05 44.29 -35.67
C LEU D 530 -55.47 45.22 -36.72
N ILE D 531 -56.09 46.39 -36.93
CA ILE D 531 -55.61 47.28 -37.98
C ILE D 531 -54.24 47.85 -37.61
N GLN D 532 -54.01 48.14 -36.33
CA GLN D 532 -52.71 48.69 -35.95
C GLN D 532 -51.61 47.64 -36.00
N MET D 533 -51.91 46.39 -35.64
CA MET D 533 -50.89 45.37 -35.76
C MET D 533 -50.61 45.03 -37.21
N ALA D 534 -51.63 45.07 -38.08
CA ALA D 534 -51.39 44.90 -39.51
C ALA D 534 -50.53 46.03 -40.06
N GLU D 535 -50.78 47.26 -39.63
CA GLU D 535 -49.94 48.37 -40.05
C GLU D 535 -48.50 48.18 -39.57
N MET D 536 -48.33 47.70 -38.34
CA MET D 536 -46.98 47.43 -37.83
C MET D 536 -46.28 46.36 -38.64
N ILE D 537 -47.00 45.28 -38.97
CA ILE D 537 -46.39 44.20 -39.75
C ILE D 537 -45.99 44.71 -41.13
N GLY D 538 -46.85 45.50 -41.76
CA GLY D 538 -46.50 46.07 -43.05
C GLY D 538 -45.31 46.99 -42.98
N GLN D 539 -45.23 47.79 -41.91
CA GLN D 539 -44.13 48.75 -41.76
C GLN D 539 -42.84 48.07 -41.33
N ALA D 540 -42.92 46.97 -40.58
CA ALA D 540 -41.72 46.32 -40.07
C ALA D 540 -40.86 45.79 -41.22
N ASP D 541 -39.55 46.07 -41.16
CA ASP D 541 -38.65 45.63 -42.21
C ASP D 541 -38.41 44.12 -42.13
N SER D 542 -38.17 43.61 -40.92
CA SER D 542 -37.91 42.20 -40.70
C SER D 542 -38.96 41.64 -39.74
N VAL D 543 -39.58 40.53 -40.13
CA VAL D 543 -40.63 39.90 -39.32
C VAL D 543 -40.22 38.48 -39.02
N CYS D 544 -40.29 38.11 -37.74
CA CYS D 544 -40.02 36.75 -37.30
C CYS D 544 -41.30 36.20 -36.67
N ALA D 545 -41.86 35.17 -37.29
CA ALA D 545 -43.13 34.61 -36.85
C ALA D 545 -42.90 33.29 -36.13
N LEU D 546 -43.24 33.25 -34.85
CA LEU D 546 -43.13 32.06 -34.02
C LEU D 546 -44.54 31.57 -33.70
N TRP D 547 -44.84 30.32 -33.98
CA TRP D 547 -46.12 29.74 -33.60
C TRP D 547 -45.89 28.38 -32.94
N ALA D 548 -46.14 28.31 -31.64
CA ALA D 548 -46.03 27.09 -30.87
C ALA D 548 -47.40 26.40 -30.79
N MET D 549 -47.56 25.47 -29.85
CA MET D 549 -48.72 24.58 -29.85
C MET D 549 -50.05 25.31 -29.63
N GLY D 550 -50.01 26.56 -29.18
CA GLY D 550 -51.27 27.27 -28.97
C GLY D 550 -52.08 27.45 -30.24
N VAL D 551 -51.43 27.34 -31.39
CA VAL D 551 -52.08 27.54 -32.68
C VAL D 551 -52.00 26.29 -33.55
N THR D 552 -50.86 25.60 -33.54
CA THR D 552 -50.73 24.41 -34.39
C THR D 552 -51.45 23.20 -33.82
N GLN D 553 -51.65 23.14 -32.49
CA GLN D 553 -52.38 22.03 -31.88
C GLN D 553 -53.88 22.34 -31.88
N HIS D 554 -54.45 22.28 -33.08
CA HIS D 554 -55.87 22.55 -33.27
C HIS D 554 -56.37 21.72 -34.44
N ILE D 555 -57.70 21.66 -34.58
CA ILE D 555 -58.29 20.94 -35.70
C ILE D 555 -57.83 21.55 -37.02
N GLY D 556 -57.72 22.88 -37.06
CA GLY D 556 -57.20 23.57 -38.22
C GLY D 556 -55.78 24.05 -38.02
N GLY D 557 -55.04 23.39 -37.13
CA GLY D 557 -53.69 23.85 -36.81
C GLY D 557 -52.78 23.89 -38.03
N SER D 558 -52.86 22.88 -38.88
CA SER D 558 -52.07 22.89 -40.12
C SER D 558 -52.50 24.05 -41.02
N ASP D 559 -53.81 24.29 -41.10
CA ASP D 559 -54.30 25.37 -41.96
C ASP D 559 -53.77 26.72 -41.51
N THR D 560 -53.84 27.01 -40.21
CA THR D 560 -53.33 28.27 -39.72
C THR D 560 -51.81 28.32 -39.73
N SER D 561 -51.13 27.18 -39.70
CA SER D 561 -49.68 27.18 -39.89
C SER D 561 -49.32 27.62 -41.31
N THR D 562 -50.01 27.05 -42.30
CA THR D 562 -49.84 27.53 -43.68
C THR D 562 -50.20 28.99 -43.79
N ALA D 563 -51.25 29.42 -43.08
CA ALA D 563 -51.66 30.81 -43.12
C ALA D 563 -50.56 31.73 -42.60
N ILE D 564 -49.92 31.35 -41.50
CA ILE D 564 -48.84 32.17 -40.95
C ILE D 564 -47.68 32.22 -41.92
N SER D 565 -47.29 31.06 -42.44
CA SER D 565 -46.15 31.00 -43.35
C SER D 565 -46.39 31.83 -44.59
N ASN D 566 -47.58 31.73 -45.19
CA ASN D 566 -47.86 32.57 -46.34
C ASN D 566 -48.10 34.02 -45.96
N LEU D 567 -48.40 34.30 -44.69
CA LEU D 567 -48.43 35.69 -44.23
C LEU D 567 -47.04 36.31 -44.31
N LEU D 568 -46.04 35.56 -43.84
CA LEU D 568 -44.64 36.06 -43.96
C LEU D 568 -44.31 36.14 -45.45
N LEU D 569 -44.76 35.16 -46.23
CA LEU D 569 -44.48 35.14 -47.66
C LEU D 569 -45.01 36.40 -48.34
N VAL D 570 -46.23 36.80 -47.99
CA VAL D 570 -46.82 38.03 -48.51
C VAL D 570 -46.03 39.24 -48.02
N THR D 571 -45.70 39.25 -46.73
CA THR D 571 -44.89 40.35 -46.19
C THR D 571 -43.50 40.37 -46.83
N GLY D 572 -42.92 39.20 -47.07
CA GLY D 572 -41.63 39.11 -47.72
C GLY D 572 -40.46 39.10 -46.75
N ASN D 573 -40.49 38.19 -45.78
CA ASN D 573 -39.45 38.10 -44.78
C ASN D 573 -38.52 36.90 -44.97
N TYR D 574 -38.94 35.90 -45.73
CA TYR D 574 -38.08 34.77 -46.00
C TYR D 574 -36.88 35.20 -46.84
N GLY D 575 -35.72 34.64 -46.52
CA GLY D 575 -34.48 34.98 -47.19
C GLY D 575 -33.80 36.22 -46.63
N LYS D 576 -34.55 37.13 -46.02
CA LYS D 576 -33.95 38.29 -45.39
C LYS D 576 -33.24 37.87 -44.10
N PRO D 577 -31.97 38.26 -43.91
CA PRO D 577 -31.32 38.00 -42.62
C PRO D 577 -32.15 38.53 -41.46
N GLY D 578 -32.32 37.66 -40.48
CA GLY D 578 -32.98 38.13 -39.26
C GLY D 578 -34.49 38.05 -39.34
N ALA D 579 -35.03 37.52 -40.41
CA ALA D 579 -36.50 37.40 -40.39
C ALA D 579 -36.95 36.09 -41.01
N GLY D 580 -38.10 35.58 -40.58
CA GLY D 580 -38.63 34.36 -41.19
C GLY D 580 -39.59 33.63 -40.28
N SER D 581 -39.88 32.37 -40.59
CA SER D 581 -40.77 31.54 -39.79
C SER D 581 -39.94 30.63 -38.90
N TYR D 582 -40.27 30.64 -37.61
CA TYR D 582 -39.47 29.86 -36.66
C TYR D 582 -40.41 29.01 -35.84
N PRO D 583 -41.11 27.99 -36.40
CA PRO D 583 -41.99 27.11 -35.62
C PRO D 583 -41.23 26.63 -34.39
N LEU D 584 -41.76 26.87 -33.19
CA LEU D 584 -40.95 26.53 -31.99
C LEU D 584 -40.90 25.02 -31.77
N ARG D 585 -39.85 24.38 -32.26
CA ARG D 585 -39.65 22.96 -32.03
C ARG D 585 -39.60 22.71 -30.53
N GLY D 586 -40.45 21.80 -30.07
CA GLY D 586 -40.62 21.63 -28.64
C GLY D 586 -39.53 20.83 -27.95
N HIS D 587 -39.42 19.54 -28.27
CA HIS D 587 -38.39 18.74 -27.64
C HIS D 587 -37.02 19.16 -28.16
N ASN D 588 -35.99 18.81 -27.40
CA ASN D 588 -34.63 19.18 -27.78
C ASN D 588 -34.27 18.64 -29.16
N ASN D 589 -34.86 17.51 -29.55
CA ASN D 589 -34.53 16.87 -30.82
C ASN D 589 -35.78 16.46 -31.59
N VAL D 590 -36.90 17.14 -31.35
CA VAL D 590 -38.08 16.88 -32.18
C VAL D 590 -37.80 17.27 -33.62
N GLN D 591 -37.07 18.37 -33.82
CA GLN D 591 -36.59 18.71 -35.15
C GLN D 591 -35.67 17.63 -35.70
N GLY D 592 -34.76 17.12 -34.86
CA GLY D 592 -33.88 16.06 -35.30
C GLY D 592 -34.60 14.77 -35.61
N ALA D 593 -35.55 14.40 -34.76
CA ALA D 593 -36.34 13.20 -35.02
C ALA D 593 -37.10 13.32 -36.33
N SER D 594 -37.78 14.46 -36.54
CA SER D 594 -38.46 14.68 -37.80
C SER D 594 -37.50 14.69 -38.97
N ASP D 595 -36.26 15.13 -38.75
CA ASP D 595 -35.25 15.13 -39.81
C ASP D 595 -34.91 13.72 -40.24
N PHE D 596 -34.91 12.77 -39.32
CA PHE D 596 -34.44 11.41 -39.57
C PHE D 596 -35.59 10.43 -39.73
N GLY D 597 -36.67 10.85 -40.38
CA GLY D 597 -37.72 9.94 -40.75
C GLY D 597 -38.61 9.47 -39.62
N SER D 598 -38.76 10.28 -38.56
CA SER D 598 -39.70 9.92 -37.50
C SER D 598 -41.12 9.86 -38.01
N MET D 599 -41.53 10.85 -38.80
CA MET D 599 -42.88 10.83 -39.34
C MET D 599 -43.03 9.68 -40.33
N PRO D 600 -44.18 9.00 -40.32
CA PRO D 600 -44.32 7.80 -41.17
C PRO D 600 -44.33 8.10 -42.66
N ASP D 601 -44.76 9.30 -43.05
CA ASP D 601 -44.88 9.62 -44.47
C ASP D 601 -43.57 10.08 -45.10
N ARG D 602 -42.52 10.27 -44.31
CA ARG D 602 -41.24 10.73 -44.83
C ARG D 602 -40.09 9.90 -44.28
N LEU D 603 -39.02 9.85 -45.05
CA LEU D 603 -37.78 9.16 -44.72
C LEU D 603 -36.78 10.13 -44.14
N PRO D 604 -35.66 9.64 -43.59
CA PRO D 604 -34.58 10.55 -43.21
C PRO D 604 -34.11 11.34 -44.42
N GLY D 605 -33.73 12.59 -44.17
CA GLY D 605 -33.51 13.54 -45.24
C GLY D 605 -34.74 14.30 -45.64
N TYR D 606 -35.84 14.16 -44.89
CA TYR D 606 -37.08 14.91 -45.14
C TYR D 606 -37.64 14.61 -46.52
N GLU D 607 -37.50 13.36 -46.94
CA GLU D 607 -37.98 12.90 -48.24
C GLU D 607 -39.18 11.99 -48.06
N LYS D 608 -40.21 12.20 -48.88
CA LYS D 608 -41.41 11.38 -48.79
C LYS D 608 -41.10 9.93 -49.13
N VAL D 609 -41.78 9.02 -48.42
CA VAL D 609 -41.54 7.59 -48.61
C VAL D 609 -41.98 7.15 -50.00
N THR D 610 -43.06 7.73 -50.54
CA THR D 610 -43.59 7.32 -51.83
C THR D 610 -42.80 7.95 -52.97
N ASP D 611 -41.48 7.79 -52.97
CA ASP D 611 -40.63 8.25 -54.05
C ASP D 611 -39.69 7.12 -54.44
N GLU D 612 -39.62 6.85 -55.74
CA GLU D 612 -38.86 5.69 -56.20
C GLU D 612 -37.36 5.85 -55.96
N GLN D 613 -36.83 7.05 -56.20
CA GLN D 613 -35.38 7.24 -56.10
C GLN D 613 -34.90 7.06 -54.67
N VAL D 614 -35.59 7.68 -53.70
CA VAL D 614 -35.16 7.57 -52.31
C VAL D 614 -35.33 6.15 -51.80
N ARG D 615 -36.41 5.48 -52.22
CA ARG D 615 -36.61 4.09 -51.82
C ARG D 615 -35.50 3.20 -52.38
N GLN D 616 -35.11 3.43 -53.63
CA GLN D 616 -34.02 2.65 -54.21
C GLN D 616 -32.71 2.91 -53.50
N LYS D 617 -32.42 4.17 -53.17
CA LYS D 617 -31.18 4.49 -52.47
C LYS D 617 -31.16 3.84 -51.09
N TYR D 618 -32.28 3.89 -50.37
CA TYR D 618 -32.33 3.30 -49.05
C TYR D 618 -32.28 1.77 -49.11
N GLU D 619 -32.85 1.18 -50.16
CA GLU D 619 -32.69 -0.25 -50.37
C GLU D 619 -31.23 -0.61 -50.61
N ARG D 620 -30.53 0.19 -51.43
CA ARG D 620 -29.13 -0.10 -51.71
C ARG D 620 -28.28 0.00 -50.46
N VAL D 621 -28.50 1.03 -49.63
CA VAL D 621 -27.67 1.20 -48.45
C VAL D 621 -28.03 0.18 -47.38
N TRP D 622 -29.32 -0.11 -47.20
CA TRP D 622 -29.77 -0.99 -46.11
C TRP D 622 -29.78 -2.45 -46.49
N GLY D 623 -30.09 -2.77 -47.76
CA GLY D 623 -30.21 -4.14 -48.19
C GLY D 623 -31.56 -4.78 -47.94
N VAL D 624 -32.54 -4.03 -47.45
CA VAL D 624 -33.87 -4.56 -47.18
C VAL D 624 -34.90 -3.67 -47.87
N PRO D 625 -35.89 -4.25 -48.56
CA PRO D 625 -36.89 -3.43 -49.23
C PRO D 625 -37.67 -2.55 -48.27
N LEU D 626 -38.03 -1.36 -48.74
CA LEU D 626 -38.76 -0.31 -48.04
C LEU D 626 -40.26 -0.51 -48.20
N PRO D 627 -41.03 -0.31 -47.13
CA PRO D 627 -42.49 -0.46 -47.21
C PRO D 627 -43.10 0.63 -48.08
N LYS D 628 -43.75 0.22 -49.17
CA LYS D 628 -44.41 1.18 -50.05
C LYS D 628 -45.57 1.88 -49.33
N GLU D 629 -46.32 1.14 -48.53
CA GLU D 629 -47.46 1.70 -47.82
C GLU D 629 -46.99 2.67 -46.75
N PRO D 630 -47.42 3.93 -46.77
CA PRO D 630 -47.03 4.86 -45.70
C PRO D 630 -47.60 4.42 -44.36
N GLY D 631 -46.83 4.66 -43.31
CA GLY D 631 -47.27 4.28 -41.98
C GLY D 631 -48.39 5.17 -41.47
N MET D 632 -49.13 4.65 -40.50
CA MET D 632 -50.23 5.39 -39.90
C MET D 632 -49.73 6.40 -38.88
N THR D 633 -50.51 7.46 -38.69
CA THR D 633 -50.13 8.51 -37.77
C THR D 633 -50.24 8.02 -36.32
N ASN D 634 -49.51 8.70 -35.44
CA ASN D 634 -49.44 8.28 -34.04
C ASN D 634 -50.81 8.32 -33.37
N HIS D 635 -51.58 9.39 -33.60
CA HIS D 635 -52.88 9.52 -32.95
C HIS D 635 -53.85 8.44 -33.43
N GLU D 636 -53.85 8.15 -34.73
CA GLU D 636 -54.75 7.15 -35.29
C GLU D 636 -54.36 5.73 -34.91
N MET D 637 -53.18 5.53 -34.32
CA MET D 637 -52.76 4.19 -33.90
C MET D 637 -53.72 3.61 -32.89
N ILE D 638 -54.20 4.43 -31.97
CA ILE D 638 -55.10 3.94 -30.92
C ILE D 638 -56.43 3.49 -31.54
N GLU D 639 -56.96 4.27 -32.48
CA GLU D 639 -58.18 3.87 -33.16
C GLU D 639 -57.97 2.59 -33.96
N LYS D 640 -56.81 2.44 -34.59
CA LYS D 640 -56.51 1.21 -35.30
C LYS D 640 -56.44 0.02 -34.35
N ILE D 641 -55.88 0.23 -33.16
CA ILE D 641 -55.84 -0.83 -32.15
C ILE D 641 -57.26 -1.22 -31.75
N HIS D 642 -58.11 -0.23 -31.51
CA HIS D 642 -59.50 -0.51 -31.15
C HIS D 642 -60.24 -1.23 -32.27
N SER D 643 -59.77 -1.10 -33.51
CA SER D 643 -60.26 -1.90 -34.62
C SER D 643 -59.47 -3.20 -34.80
N GLY D 644 -58.42 -3.41 -34.01
CA GLY D 644 -57.63 -4.63 -34.08
C GLY D 644 -56.54 -4.64 -35.14
N GLN D 645 -56.35 -3.54 -35.88
CA GLN D 645 -55.34 -3.51 -36.93
C GLN D 645 -53.94 -3.64 -36.35
N LEU D 646 -53.65 -2.95 -35.25
CA LEU D 646 -52.33 -2.92 -34.65
C LEU D 646 -52.30 -3.79 -33.40
N LYS D 647 -51.17 -4.44 -33.17
CA LYS D 647 -51.04 -5.34 -32.03
C LYS D 647 -49.83 -5.04 -31.16
N ALA D 648 -48.72 -4.56 -31.73
CA ALA D 648 -47.48 -4.39 -31.00
C ALA D 648 -46.98 -2.96 -31.12
N MET D 649 -46.42 -2.45 -30.01
CA MET D 649 -45.81 -1.13 -29.96
C MET D 649 -44.39 -1.23 -29.41
N TYR D 650 -43.47 -0.46 -30.01
CA TYR D 650 -42.14 -0.22 -29.46
C TYR D 650 -41.95 1.30 -29.39
N VAL D 651 -42.46 1.89 -28.31
CA VAL D 651 -42.32 3.32 -28.07
C VAL D 651 -41.18 3.54 -27.09
N LYS D 652 -40.23 4.39 -27.48
CA LYS D 652 -39.07 4.68 -26.66
C LYS D 652 -39.12 6.13 -26.21
N GLY D 653 -38.74 6.35 -24.94
CA GLY D 653 -38.59 7.68 -24.38
C GLY D 653 -39.75 8.63 -24.60
N GLU D 654 -40.93 8.09 -24.90
CA GLU D 654 -42.13 8.89 -25.08
C GLU D 654 -43.24 8.27 -24.23
N GLU D 655 -43.71 9.02 -23.23
CA GLU D 655 -44.81 8.56 -22.39
C GLU D 655 -46.08 9.00 -23.11
N MET D 656 -46.43 8.24 -24.14
CA MET D 656 -47.61 8.57 -24.95
C MET D 656 -48.90 8.07 -24.32
N GLY D 657 -48.82 7.18 -23.33
CA GLY D 657 -50.00 6.80 -22.59
C GLY D 657 -50.54 7.88 -21.68
N LEU D 658 -49.80 8.96 -21.48
CA LEU D 658 -50.25 10.09 -20.67
C LEU D 658 -50.29 11.41 -21.42
N VAL D 659 -49.55 11.55 -22.52
CA VAL D 659 -49.53 12.83 -23.23
C VAL D 659 -50.42 12.85 -24.46
N ASP D 660 -50.85 11.69 -24.96
CA ASP D 660 -51.76 11.66 -26.09
C ASP D 660 -53.15 12.12 -25.65
N SER D 661 -53.95 12.55 -26.62
CA SER D 661 -55.30 13.01 -26.33
C SER D 661 -56.17 11.85 -25.86
N ASN D 662 -57.04 12.14 -24.90
CA ASN D 662 -58.00 11.16 -24.37
C ASN D 662 -57.26 9.93 -23.83
N ILE D 663 -56.51 10.15 -22.76
CA ILE D 663 -55.66 9.08 -22.25
C ILE D 663 -56.47 7.91 -21.70
N ASN D 664 -57.78 8.07 -21.49
CA ASN D 664 -58.63 6.90 -21.31
C ASN D 664 -58.60 6.02 -22.53
N HIS D 665 -58.60 6.63 -23.73
CA HIS D 665 -58.55 5.85 -24.96
C HIS D 665 -57.23 5.11 -25.10
N VAL D 666 -56.10 5.77 -24.78
CA VAL D 666 -54.83 5.07 -24.90
C VAL D 666 -54.73 4.00 -23.83
N HIS D 667 -55.32 4.23 -22.65
CA HIS D 667 -55.33 3.19 -21.62
C HIS D 667 -56.12 1.98 -22.10
N ALA D 668 -57.27 2.19 -22.73
CA ALA D 668 -58.06 1.09 -23.27
C ALA D 668 -57.28 0.35 -24.36
N ALA D 669 -56.61 1.09 -25.24
CA ALA D 669 -55.79 0.45 -26.27
C ALA D 669 -54.66 -0.34 -25.65
N TYR D 670 -54.02 0.21 -24.62
CA TYR D 670 -52.91 -0.47 -23.95
C TYR D 670 -53.38 -1.77 -23.32
N GLU D 671 -54.55 -1.75 -22.66
CA GLU D 671 -55.13 -2.97 -22.12
C GLU D 671 -55.63 -3.89 -23.22
N LYS D 672 -55.81 -3.37 -24.44
CA LYS D 672 -56.32 -4.18 -25.55
C LYS D 672 -55.21 -4.85 -26.35
N LEU D 673 -54.07 -4.16 -26.53
CA LEU D 673 -52.99 -4.72 -27.33
C LEU D 673 -52.30 -5.87 -26.60
N ASP D 674 -51.65 -6.74 -27.39
CA ASP D 674 -51.04 -7.94 -26.83
C ASP D 674 -49.65 -7.65 -26.26
N PHE D 675 -48.72 -7.19 -27.11
CA PHE D 675 -47.33 -7.02 -26.73
C PHE D 675 -46.98 -5.53 -26.73
N PHE D 676 -46.31 -5.10 -25.66
CA PHE D 676 -45.92 -3.70 -25.50
C PHE D 676 -44.51 -3.65 -24.92
N VAL D 677 -43.60 -2.99 -25.63
CA VAL D 677 -42.25 -2.75 -25.14
C VAL D 677 -42.01 -1.25 -25.13
N VAL D 678 -41.54 -0.73 -23.99
CA VAL D 678 -41.28 0.69 -23.82
C VAL D 678 -39.83 0.86 -23.40
N GLN D 679 -39.30 2.05 -23.66
CA GLN D 679 -37.89 2.37 -23.39
C GLN D 679 -37.85 3.76 -22.76
N ASP D 680 -37.90 3.79 -21.43
CA ASP D 680 -37.90 5.05 -20.68
C ASP D 680 -36.90 4.95 -19.54
N ILE D 681 -36.25 6.08 -19.23
CA ILE D 681 -35.31 6.10 -18.11
C ILE D 681 -36.05 5.87 -16.80
N PHE D 682 -37.21 6.48 -16.65
CA PHE D 682 -38.02 6.34 -15.44
C PHE D 682 -39.23 5.47 -15.71
N LEU D 683 -39.80 4.93 -14.64
CA LEU D 683 -41.02 4.13 -14.72
C LEU D 683 -42.19 5.08 -14.96
N SER D 684 -42.27 5.58 -16.19
CA SER D 684 -43.30 6.53 -16.57
C SER D 684 -44.68 5.87 -16.57
N ARG D 685 -45.70 6.67 -16.82
CA ARG D 685 -47.06 6.13 -16.90
C ARG D 685 -47.18 5.11 -18.01
N THR D 686 -46.60 5.43 -19.19
CA THR D 686 -46.60 4.46 -20.28
C THR D 686 -45.78 3.23 -19.91
N ALA D 687 -44.69 3.41 -19.17
CA ALA D 687 -43.87 2.29 -18.74
C ALA D 687 -44.64 1.34 -17.82
N GLU D 688 -45.69 1.82 -17.15
CA GLU D 688 -46.49 0.94 -16.32
C GLU D 688 -47.19 -0.14 -17.15
N PHE D 689 -47.72 0.24 -18.31
CA PHE D 689 -48.41 -0.70 -19.20
C PHE D 689 -47.43 -1.12 -20.29
N ALA D 690 -46.67 -2.19 -20.03
CA ALA D 690 -45.70 -2.67 -20.99
C ALA D 690 -45.39 -4.13 -20.69
N ASP D 691 -45.34 -4.96 -21.75
CA ASP D 691 -44.95 -6.36 -21.58
C ASP D 691 -43.48 -6.50 -21.23
N VAL D 692 -42.65 -5.51 -21.57
CA VAL D 692 -41.25 -5.49 -21.20
C VAL D 692 -40.75 -4.05 -21.23
N VAL D 693 -40.05 -3.65 -20.18
CA VAL D 693 -39.58 -2.26 -20.03
C VAL D 693 -38.07 -2.27 -20.25
N LEU D 694 -37.61 -1.48 -21.20
CA LEU D 694 -36.18 -1.37 -21.46
C LEU D 694 -35.62 -0.12 -20.80
N PRO D 695 -34.52 -0.22 -20.06
CA PRO D 695 -34.02 0.93 -19.31
C PRO D 695 -33.26 1.88 -20.23
N ALA D 696 -33.87 3.03 -20.50
CA ALA D 696 -33.24 4.03 -21.34
C ALA D 696 -32.06 4.68 -20.61
N SER D 697 -31.37 5.57 -21.30
CA SER D 697 -30.28 6.33 -20.72
C SER D 697 -30.48 7.80 -21.07
N PRO D 698 -30.35 8.71 -20.11
CA PRO D 698 -30.54 10.13 -20.40
C PRO D 698 -29.42 10.67 -21.28
N SER D 699 -29.69 11.81 -21.91
CA SER D 699 -28.76 12.39 -22.87
C SER D 699 -27.42 12.73 -22.23
N LEU D 700 -27.37 12.90 -20.91
CA LEU D 700 -26.09 13.14 -20.25
C LEU D 700 -25.20 11.91 -20.34
N GLU D 701 -25.79 10.72 -20.23
CA GLU D 701 -25.04 9.48 -20.20
C GLU D 701 -24.88 8.85 -21.58
N LYS D 702 -25.31 9.53 -22.64
CA LYS D 702 -25.15 9.04 -24.00
C LYS D 702 -24.64 10.15 -24.89
N GLU D 703 -23.97 9.75 -25.97
CA GLU D 703 -23.41 10.68 -26.94
C GLU D 703 -24.24 10.63 -28.22
N GLY D 704 -24.54 11.79 -28.77
CA GLY D 704 -25.33 11.88 -29.97
C GLY D 704 -25.32 13.27 -30.53
N THR D 705 -26.29 13.55 -31.41
CA THR D 705 -26.47 14.88 -31.97
C THR D 705 -27.90 15.32 -31.74
N PHE D 706 -28.06 16.51 -31.17
CA PHE D 706 -29.36 17.12 -30.94
C PHE D 706 -29.59 18.22 -31.96
N THR D 707 -30.74 18.15 -32.62
CA THR D 707 -31.10 19.19 -33.60
C THR D 707 -32.12 20.11 -32.94
N ASN D 708 -31.74 21.33 -32.60
CA ASN D 708 -32.69 22.17 -31.85
C ASN D 708 -33.67 22.84 -32.81
N THR D 709 -34.42 23.83 -32.32
CA THR D 709 -35.46 24.51 -33.13
C THR D 709 -34.82 25.23 -34.30
N GLU D 710 -33.59 25.69 -34.15
CA GLU D 710 -32.97 26.54 -35.19
C GLU D 710 -32.32 25.61 -36.21
N ARG D 711 -32.79 24.37 -36.24
CA ARG D 711 -32.25 23.47 -37.25
C ARG D 711 -30.75 23.41 -37.05
N ARG D 712 -30.29 23.34 -35.81
CA ARG D 712 -28.85 23.24 -35.54
C ARG D 712 -28.56 21.83 -35.04
N ILE D 713 -27.62 21.13 -35.66
CA ILE D 713 -27.24 19.78 -35.19
C ILE D 713 -25.99 19.94 -34.34
N GLN D 714 -26.10 19.88 -33.02
CA GLN D 714 -24.99 20.05 -32.09
C GLN D 714 -24.66 18.70 -31.48
N ARG D 715 -23.39 18.35 -31.48
CA ARG D 715 -22.96 17.05 -30.98
C ARG D 715 -22.84 17.07 -29.46
N LEU D 716 -23.26 15.98 -28.83
CA LEU D 716 -23.21 15.86 -27.38
C LEU D 716 -21.91 15.19 -26.95
N TYR D 717 -21.77 14.97 -25.65
CA TYR D 717 -20.65 14.23 -25.10
C TYR D 717 -21.15 13.37 -23.94
N GLN D 718 -20.51 12.23 -23.75
CA GLN D 718 -20.91 11.31 -22.69
C GLN D 718 -20.49 11.85 -21.33
N VAL D 719 -21.40 12.58 -20.66
CA VAL D 719 -21.06 13.18 -19.38
C VAL D 719 -20.82 12.11 -18.33
N PHE D 720 -21.66 11.08 -18.30
CA PHE D 720 -21.54 10.01 -17.33
C PHE D 720 -21.53 8.66 -18.04
N GLU D 721 -20.87 7.69 -17.43
CA GLU D 721 -21.14 6.31 -17.77
C GLU D 721 -22.57 5.98 -17.35
N PRO D 722 -23.32 5.22 -18.16
CA PRO D 722 -24.74 5.02 -17.87
C PRO D 722 -24.95 4.38 -16.51
N LEU D 723 -26.02 4.81 -15.82
CA LEU D 723 -26.28 4.33 -14.48
C LEU D 723 -26.57 2.84 -14.48
N GLY D 724 -26.05 2.15 -13.47
CA GLY D 724 -26.17 0.69 -13.44
C GLY D 724 -25.50 0.08 -14.65
N GLU D 725 -26.22 -0.82 -15.33
CA GLU D 725 -25.75 -1.37 -16.59
C GLU D 725 -26.70 -1.01 -17.74
N SER D 726 -27.66 -0.12 -17.49
CA SER D 726 -28.54 0.37 -18.53
C SER D 726 -27.71 0.96 -19.66
N LYS D 727 -28.29 0.98 -20.85
CA LYS D 727 -27.51 1.33 -22.02
C LYS D 727 -28.09 2.56 -22.73
N PRO D 728 -27.27 3.31 -23.46
CA PRO D 728 -27.80 4.36 -24.32
C PRO D 728 -28.76 3.75 -25.34
N ASP D 729 -29.81 4.52 -25.66
CA ASP D 729 -30.91 3.97 -26.45
C ASP D 729 -30.44 3.46 -27.81
N TRP D 730 -29.41 4.09 -28.39
CA TRP D 730 -28.88 3.58 -29.64
C TRP D 730 -28.26 2.19 -29.46
N GLN D 731 -27.57 1.97 -28.33
CA GLN D 731 -27.04 0.64 -28.05
C GLN D 731 -28.16 -0.38 -27.91
N ILE D 732 -29.24 0.01 -27.23
CA ILE D 732 -30.37 -0.91 -27.05
C ILE D 732 -31.01 -1.24 -28.39
N ILE D 733 -31.17 -0.23 -29.26
CA ILE D 733 -31.78 -0.48 -30.57
C ILE D 733 -30.87 -1.35 -31.42
N MET D 734 -29.55 -1.12 -31.36
CA MET D 734 -28.62 -1.98 -32.07
C MET D 734 -28.73 -3.41 -31.59
N GLU D 735 -28.80 -3.63 -30.28
CA GLU D 735 -28.93 -4.98 -29.76
C GLU D 735 -30.24 -5.63 -30.18
N VAL D 736 -31.34 -4.87 -30.13
CA VAL D 736 -32.64 -5.41 -30.52
C VAL D 736 -32.64 -5.79 -32.00
N ALA D 737 -32.12 -4.91 -32.85
CA ALA D 737 -32.08 -5.19 -34.29
C ALA D 737 -31.16 -6.37 -34.60
N ASN D 738 -30.03 -6.46 -33.90
CA ASN D 738 -29.14 -7.60 -34.10
C ASN D 738 -29.82 -8.91 -33.69
N LYS D 739 -30.57 -8.89 -32.59
CA LYS D 739 -31.38 -10.04 -32.23
C LYS D 739 -32.51 -10.27 -33.22
N LEU D 740 -32.81 -9.28 -34.07
CA LEU D 740 -33.76 -9.43 -35.16
C LEU D 740 -33.06 -9.72 -36.49
N GLY D 741 -31.79 -10.06 -36.45
CA GLY D 741 -31.03 -10.36 -37.67
C GLY D 741 -30.78 -9.16 -38.56
N ALA D 742 -30.45 -8.01 -37.97
CA ALA D 742 -30.11 -6.84 -38.77
C ALA D 742 -28.65 -6.82 -39.17
N GLY D 743 -27.76 -7.17 -38.25
CA GLY D 743 -26.34 -7.12 -38.53
C GLY D 743 -25.72 -5.74 -38.40
N TRP D 744 -26.28 -4.86 -37.58
CA TRP D 744 -25.70 -3.53 -37.40
C TRP D 744 -24.41 -3.60 -36.59
N LEU D 745 -23.41 -2.83 -37.03
CA LEU D 745 -22.14 -2.70 -36.31
C LEU D 745 -21.84 -1.22 -36.17
N TYR D 746 -22.22 -0.65 -35.03
CA TYR D 746 -21.92 0.76 -34.71
C TYR D 746 -21.24 0.80 -33.34
N GLU D 747 -19.92 0.91 -33.34
CA GLU D 747 -19.20 0.99 -32.07
C GLU D 747 -19.55 2.27 -31.32
N HIS D 748 -19.59 3.39 -32.02
CA HIS D 748 -19.95 4.68 -31.44
C HIS D 748 -20.87 5.41 -32.41
N PRO D 749 -21.73 6.30 -31.90
CA PRO D 749 -22.77 6.90 -32.75
C PRO D 749 -22.26 7.75 -33.91
N ALA D 750 -20.95 7.93 -34.01
CA ALA D 750 -20.40 8.66 -35.15
C ALA D 750 -20.67 7.93 -36.46
N ASP D 751 -20.58 6.59 -36.44
CA ASP D 751 -20.89 5.82 -37.64
C ASP D 751 -22.35 5.98 -38.04
N ILE D 752 -23.26 5.96 -37.06
CA ILE D 752 -24.67 6.19 -37.34
C ILE D 752 -24.88 7.58 -37.93
N MET D 753 -24.20 8.58 -37.34
CA MET D 753 -24.36 9.95 -37.81
C MET D 753 -23.88 10.10 -39.25
N GLU D 754 -22.71 9.52 -39.57
CA GLU D 754 -22.20 9.65 -40.93
C GLU D 754 -23.01 8.85 -41.93
N GLU D 755 -23.53 7.68 -41.53
CA GLU D 755 -24.40 6.93 -42.43
C GLU D 755 -25.67 7.72 -42.75
N ALA D 756 -26.31 8.27 -41.72
CA ALA D 756 -27.49 9.10 -41.94
C ALA D 756 -27.15 10.33 -42.76
N ALA D 757 -25.96 10.90 -42.55
CA ALA D 757 -25.53 12.05 -43.33
C ALA D 757 -25.41 11.70 -44.81
N LYS D 758 -24.84 10.53 -45.11
CA LYS D 758 -24.80 10.07 -46.50
C LYS D 758 -26.20 9.87 -47.05
N LEU D 759 -27.10 9.32 -46.24
CA LEU D 759 -28.46 9.07 -46.72
C LEU D 759 -29.26 10.36 -46.83
N SER D 760 -29.14 11.25 -45.83
CA SER D 760 -29.97 12.44 -45.79
C SER D 760 -29.39 13.53 -46.67
N PRO D 761 -30.09 13.99 -47.71
CA PRO D 761 -29.56 15.12 -48.50
C PRO D 761 -29.40 16.39 -47.70
N ILE D 762 -30.31 16.66 -46.75
CA ILE D 762 -30.19 17.87 -45.93
C ILE D 762 -29.02 17.76 -44.98
N TYR D 763 -28.80 16.57 -44.41
CA TYR D 763 -27.71 16.33 -43.48
C TYR D 763 -26.45 15.86 -44.20
N ALA D 764 -26.28 16.20 -45.47
CA ALA D 764 -25.19 15.65 -46.26
C ALA D 764 -23.82 15.98 -45.66
N GLY D 765 -23.69 17.12 -44.99
CA GLY D 765 -22.39 17.57 -44.55
C GLY D 765 -22.07 17.41 -43.07
N VAL D 766 -23.04 17.01 -42.25
CA VAL D 766 -22.81 16.91 -40.82
C VAL D 766 -22.00 15.66 -40.51
N THR D 767 -20.88 15.85 -39.81
CA THR D 767 -20.01 14.75 -39.41
C THR D 767 -19.47 15.06 -38.03
N TYR D 768 -19.01 14.01 -37.34
CA TYR D 768 -18.60 14.16 -35.95
C TYR D 768 -17.32 14.99 -35.83
N GLU D 769 -16.42 14.90 -36.80
CA GLU D 769 -15.24 15.76 -36.78
C GLU D 769 -15.57 17.20 -37.16
N ARG D 770 -16.72 17.45 -37.77
CA ARG D 770 -17.19 18.80 -38.03
C ARG D 770 -18.10 19.33 -36.92
N LEU D 771 -18.38 18.51 -35.90
CA LEU D 771 -19.23 18.90 -34.79
C LEU D 771 -18.48 18.85 -33.46
N GLU D 772 -17.16 18.85 -33.49
CA GLU D 772 -16.37 18.76 -32.27
C GLU D 772 -16.53 20.03 -31.42
N GLY D 773 -16.44 19.85 -30.12
CA GLY D 773 -16.57 20.97 -29.21
C GLY D 773 -17.95 21.61 -29.31
N TYR D 774 -17.97 22.93 -29.40
CA TYR D 774 -19.21 23.68 -29.50
C TYR D 774 -19.60 23.98 -30.94
N ASN D 775 -18.83 23.51 -31.91
CA ASN D 775 -19.18 23.73 -33.31
C ASN D 775 -20.48 23.00 -33.64
N SER D 776 -21.37 23.70 -34.33
CA SER D 776 -22.68 23.16 -34.67
C SER D 776 -23.01 23.53 -36.11
N LEU D 777 -23.77 22.68 -36.77
CA LEU D 777 -24.06 22.94 -38.20
C LEU D 777 -25.57 23.09 -38.31
N GLN D 778 -26.06 23.95 -39.17
CA GLN D 778 -27.54 24.04 -39.22
C GLN D 778 -28.02 23.41 -40.53
N TRP D 779 -28.83 22.36 -40.44
CA TRP D 779 -29.39 21.70 -41.65
C TRP D 779 -30.30 22.71 -42.33
N PRO D 780 -30.36 22.79 -43.67
CA PRO D 780 -29.59 21.92 -44.55
C PRO D 780 -28.08 22.14 -44.60
N VAL D 781 -27.29 21.07 -44.68
CA VAL D 781 -25.81 21.21 -44.85
C VAL D 781 -25.39 20.41 -46.09
N ASN D 782 -24.56 20.95 -46.98
CA ASN D 782 -24.16 20.27 -48.24
C ASN D 782 -22.96 19.36 -48.00
N ALA D 783 -22.43 18.68 -49.02
CA ALA D 783 -21.37 17.72 -48.74
C ALA D 783 -20.06 18.40 -48.38
N ASP D 784 -19.85 19.64 -48.86
CA ASP D 784 -18.63 20.37 -48.54
C ASP D 784 -18.53 20.72 -47.05
N GLY D 785 -19.65 20.71 -46.33
CA GLY D 785 -19.67 21.06 -44.93
C GLY D 785 -20.14 22.46 -44.62
N LYS D 786 -20.52 23.24 -45.63
CA LYS D 786 -21.02 24.59 -45.42
C LYS D 786 -22.52 24.50 -45.14
N ASP D 787 -22.91 24.83 -43.91
CA ASP D 787 -24.32 24.77 -43.53
C ASP D 787 -25.07 25.98 -44.06
N SER D 788 -26.34 26.10 -43.71
CA SER D 788 -27.20 27.19 -44.13
C SER D 788 -27.82 27.83 -42.89
N PRO D 789 -27.14 28.82 -42.30
CA PRO D 789 -27.71 29.46 -41.10
C PRO D 789 -29.08 30.08 -41.34
N LEU D 790 -29.31 30.62 -42.53
CA LEU D 790 -30.59 31.19 -42.91
C LEU D 790 -31.20 30.38 -44.04
N LEU D 791 -32.49 30.08 -43.93
CA LEU D 791 -33.17 29.28 -44.93
C LEU D 791 -33.69 30.17 -46.05
N PHE D 792 -33.94 29.55 -47.19
CA PHE D 792 -34.57 30.35 -48.26
C PHE D 792 -33.72 31.58 -48.53
N THR D 793 -32.43 31.52 -48.25
CA THR D 793 -31.60 32.73 -48.42
C THR D 793 -31.56 33.14 -49.89
N GLU D 794 -31.35 32.19 -50.79
CA GLU D 794 -31.26 32.51 -52.23
C GLU D 794 -32.44 31.91 -52.99
N ARG D 795 -32.80 30.66 -52.71
CA ARG D 795 -33.89 30.01 -53.46
C ARG D 795 -34.72 29.13 -52.53
N PHE D 796 -35.94 28.82 -52.92
CA PHE D 796 -36.75 27.87 -52.12
C PHE D 796 -36.44 26.47 -52.65
N PRO D 797 -36.65 25.40 -51.85
CA PRO D 797 -36.40 24.00 -52.24
C PRO D 797 -37.27 23.51 -53.37
N PHE D 798 -38.36 24.19 -53.69
CA PHE D 798 -39.28 23.72 -54.72
C PHE D 798 -38.59 23.70 -56.08
N PRO D 799 -39.05 22.84 -57.00
CA PRO D 799 -38.36 22.72 -58.29
C PRO D 799 -38.26 24.03 -59.05
N ASP D 800 -39.28 24.88 -58.97
CA ASP D 800 -39.21 26.19 -59.61
C ASP D 800 -38.35 27.18 -58.83
N GLY D 801 -38.02 26.87 -57.57
CA GLY D 801 -37.26 27.77 -56.74
C GLY D 801 -38.06 28.87 -56.10
N LYS D 802 -39.37 28.88 -56.27
CA LYS D 802 -40.24 29.91 -55.72
C LYS D 802 -41.34 29.27 -54.91
N ALA D 803 -41.64 29.83 -53.74
CA ALA D 803 -42.63 29.26 -52.84
C ALA D 803 -44.04 29.50 -53.37
N ILE D 804 -45.00 28.80 -52.77
CA ILE D 804 -46.39 28.84 -53.19
C ILE D 804 -47.27 29.17 -51.99
N LEU D 805 -48.18 30.13 -52.17
CA LEU D 805 -49.16 30.44 -51.14
C LEU D 805 -50.23 29.36 -51.12
N TYR D 806 -50.57 28.87 -49.93
CA TYR D 806 -51.55 27.80 -49.80
C TYR D 806 -52.90 28.37 -49.40
N PRO D 807 -53.93 28.24 -50.25
CA PRO D 807 -55.27 28.76 -49.89
C PRO D 807 -55.87 27.92 -48.77
N VAL D 808 -56.08 28.56 -47.61
CA VAL D 808 -56.70 27.90 -46.46
C VAL D 808 -57.73 28.84 -45.85
N GLN D 809 -58.66 28.25 -45.10
CA GLN D 809 -59.74 28.98 -44.45
C GLN D 809 -59.74 28.64 -42.97
N TRP D 810 -60.73 29.18 -42.25
CA TRP D 810 -60.90 28.90 -40.83
C TRP D 810 -61.57 27.55 -40.67
N THR D 811 -60.83 26.57 -40.15
CA THR D 811 -61.42 25.29 -39.82
C THR D 811 -62.06 25.39 -38.44
N GLU D 812 -63.32 24.97 -38.34
CA GLU D 812 -64.08 25.14 -37.11
C GLU D 812 -63.46 24.33 -35.99
N PRO D 813 -63.08 24.96 -34.87
CA PRO D 813 -62.58 24.19 -33.73
C PRO D 813 -63.64 23.23 -33.22
N LYS D 814 -63.19 22.04 -32.82
CA LYS D 814 -64.10 21.00 -32.32
C LYS D 814 -64.46 21.26 -30.86
N GLU D 815 -64.92 22.48 -30.60
CA GLU D 815 -65.38 22.75 -29.21
C GLU D 815 -66.59 21.85 -29.00
N PHE D 816 -66.69 21.21 -27.85
CA PHE D 816 -67.80 20.24 -27.60
C PHE D 816 -69.12 21.00 -27.68
N GLY D 817 -69.17 22.22 -27.16
CA GLY D 817 -70.39 23.04 -27.13
C GLY D 817 -71.24 22.69 -25.92
N GLU D 818 -72.41 23.29 -25.79
CA GLU D 818 -73.37 22.89 -24.73
C GLU D 818 -72.75 22.96 -23.33
N GLU D 819 -72.92 21.90 -22.54
CA GLU D 819 -72.52 21.96 -21.11
C GLU D 819 -71.02 22.14 -20.95
N TYR D 820 -70.23 21.82 -21.97
CA TYR D 820 -68.78 22.08 -21.87
C TYR D 820 -68.63 23.58 -22.09
N ASP D 821 -68.97 24.40 -21.08
CA ASP D 821 -68.87 25.85 -21.21
C ASP D 821 -67.43 26.35 -21.01
N ILE D 822 -66.84 26.04 -19.85
CA ILE D 822 -65.50 26.52 -19.55
C ILE D 822 -64.49 25.83 -20.45
N HIS D 823 -63.71 26.61 -21.19
CA HIS D 823 -62.75 26.10 -22.15
C HIS D 823 -61.38 26.08 -21.50
N VAL D 824 -61.03 24.93 -20.91
CA VAL D 824 -59.74 24.80 -20.24
C VAL D 824 -58.63 24.74 -21.28
N ASN D 825 -57.52 25.40 -20.98
CA ASN D 825 -56.35 25.43 -21.84
C ASN D 825 -55.23 24.63 -21.19
N ASN D 826 -54.51 23.86 -22.00
CA ASN D 826 -53.42 23.02 -21.54
C ASN D 826 -52.09 23.51 -22.10
N GLY D 827 -51.07 23.46 -21.26
CA GLY D 827 -49.75 23.92 -21.66
C GLY D 827 -48.65 23.33 -20.81
N ARG D 828 -47.66 24.14 -20.48
CA ARG D 828 -46.53 23.67 -19.69
C ARG D 828 -45.97 24.84 -18.88
N LEU D 829 -45.45 24.52 -17.70
CA LEU D 829 -44.82 25.53 -16.86
C LEU D 829 -43.35 25.67 -17.23
N LEU D 830 -42.77 26.79 -16.79
CA LEU D 830 -41.35 27.04 -17.03
C LEU D 830 -40.47 26.04 -16.29
N GLU D 831 -40.72 25.84 -15.00
CA GLU D 831 -39.85 24.99 -14.20
C GLU D 831 -40.06 23.51 -14.51
N HIS D 832 -41.31 23.10 -14.70
CA HIS D 832 -41.63 21.69 -14.90
C HIS D 832 -41.71 21.36 -16.38
N PHE D 833 -41.39 20.11 -16.71
CA PHE D 833 -41.32 19.63 -18.08
C PHE D 833 -42.38 18.56 -18.29
N HIS D 834 -43.47 18.93 -18.95
CA HIS D 834 -44.59 18.02 -19.24
C HIS D 834 -45.07 17.45 -17.89
N GLU D 835 -45.34 16.15 -17.81
CA GLU D 835 -45.75 15.54 -16.55
C GLU D 835 -44.67 15.62 -15.49
N GLY D 836 -43.42 15.86 -15.89
CA GLY D 836 -42.36 16.03 -14.93
C GLY D 836 -41.67 14.74 -14.54
N ASN D 837 -41.43 13.87 -15.53
CA ASN D 837 -40.64 12.67 -15.27
C ASN D 837 -39.19 12.98 -14.96
N LEU D 838 -38.75 14.21 -15.21
CA LEU D 838 -37.36 14.62 -14.97
C LEU D 838 -37.25 15.74 -13.96
N THR D 839 -38.07 16.80 -14.09
CA THR D 839 -37.97 17.93 -13.18
C THR D 839 -38.40 17.56 -11.77
N TYR D 840 -39.45 16.74 -11.63
CA TYR D 840 -39.92 16.36 -10.30
C TYR D 840 -38.84 15.66 -9.50
N LYS D 841 -37.93 14.95 -10.17
CA LYS D 841 -36.86 14.27 -9.46
C LYS D 841 -35.85 15.25 -8.89
N SER D 842 -35.85 16.49 -9.36
CA SER D 842 -35.00 17.54 -8.80
C SER D 842 -35.74 18.23 -7.66
N LYS D 843 -35.12 18.28 -6.49
CA LYS D 843 -35.79 18.79 -5.30
C LYS D 843 -36.12 20.26 -5.43
N GLY D 844 -35.23 21.05 -6.03
CA GLY D 844 -35.46 22.49 -6.12
C GLY D 844 -36.69 22.84 -6.94
N ILE D 845 -36.84 22.24 -8.11
CA ILE D 845 -37.99 22.51 -8.95
C ILE D 845 -39.27 22.06 -8.26
N SER D 846 -39.21 20.94 -7.53
CA SER D 846 -40.36 20.50 -6.77
C SER D 846 -40.73 21.52 -5.68
N GLU D 847 -39.73 22.09 -5.03
CA GLU D 847 -40.01 23.15 -4.05
C GLU D 847 -40.64 24.35 -4.71
N LYS D 848 -40.14 24.74 -5.90
CA LYS D 848 -40.71 25.89 -6.60
C LYS D 848 -42.14 25.62 -7.05
N THR D 849 -42.42 24.41 -7.53
CA THR D 849 -43.75 24.03 -7.98
C THR D 849 -44.00 22.58 -7.60
N PRO D 850 -44.73 22.33 -6.51
CA PRO D 850 -44.90 20.95 -6.04
C PRO D 850 -45.95 20.16 -6.79
N GLU D 851 -47.03 20.83 -7.23
CA GLU D 851 -48.15 20.10 -7.80
C GLU D 851 -48.80 20.95 -8.88
N VAL D 852 -49.56 20.28 -9.75
CA VAL D 852 -50.32 20.97 -10.79
C VAL D 852 -51.33 21.91 -10.14
N PHE D 853 -51.69 22.95 -10.88
CA PHE D 853 -52.73 23.88 -10.46
C PHE D 853 -53.53 24.31 -11.68
N LEU D 854 -54.78 24.68 -11.44
CA LEU D 854 -55.65 25.21 -12.48
C LEU D 854 -55.72 26.72 -12.31
N GLU D 855 -55.07 27.46 -13.20
CA GLU D 855 -55.11 28.91 -13.17
C GLU D 855 -56.48 29.37 -13.65
N ILE D 856 -57.17 30.15 -12.83
CA ILE D 856 -58.55 30.53 -13.10
C ILE D 856 -58.64 32.05 -13.06
N SER D 857 -59.47 32.61 -13.95
CA SER D 857 -59.55 34.05 -14.12
C SER D 857 -60.31 34.69 -12.96
N PRO D 858 -59.92 35.92 -12.57
CA PRO D 858 -60.64 36.61 -11.50
C PRO D 858 -62.10 36.86 -11.82
N GLU D 859 -62.42 37.14 -13.09
CA GLU D 859 -63.82 37.38 -13.47
C GLU D 859 -64.65 36.13 -13.26
N LEU D 860 -64.13 34.96 -13.67
CA LEU D 860 -64.85 33.72 -13.46
C LEU D 860 -64.84 33.28 -12.01
N ALA D 861 -63.96 33.86 -11.18
CA ALA D 861 -63.96 33.54 -9.75
C ALA D 861 -65.16 34.13 -9.03
N ALA D 862 -65.90 35.04 -9.67
CA ALA D 862 -67.06 35.67 -9.04
C ALA D 862 -68.35 34.93 -9.37
N GLU D 863 -68.63 34.71 -10.66
CA GLU D 863 -69.86 34.05 -11.06
C GLU D 863 -69.91 32.61 -10.55
N ARG D 864 -68.81 31.88 -10.66
CA ARG D 864 -68.74 30.50 -10.17
C ARG D 864 -68.37 30.42 -8.69
N GLY D 865 -67.96 31.53 -8.08
CA GLY D 865 -67.58 31.55 -6.68
C GLY D 865 -66.48 30.57 -6.33
N ILE D 866 -65.30 30.79 -6.91
CA ILE D 866 -64.17 29.89 -6.70
C ILE D 866 -63.03 30.67 -6.05
N GLN D 867 -62.24 29.98 -5.24
CA GLN D 867 -61.15 30.61 -4.50
C GLN D 867 -59.83 29.89 -4.74
N ASP D 868 -58.80 30.26 -3.99
CA ASP D 868 -57.48 29.69 -4.15
C ASP D 868 -57.31 28.45 -3.27
N GLY D 869 -56.46 27.54 -3.73
CA GLY D 869 -56.21 26.32 -2.97
C GLY D 869 -57.38 25.38 -2.87
N THR D 870 -58.29 25.42 -3.83
CA THR D 870 -59.51 24.63 -3.80
C THR D 870 -59.43 23.48 -4.79
N LEU D 871 -59.76 22.28 -4.34
CA LEU D 871 -59.82 21.12 -5.22
C LEU D 871 -61.11 21.17 -6.03
N VAL D 872 -60.98 21.20 -7.36
CA VAL D 872 -62.11 21.31 -8.26
C VAL D 872 -62.06 20.19 -9.27
N ARG D 873 -63.21 19.91 -9.88
CA ARG D 873 -63.38 18.79 -10.80
C ARG D 873 -63.67 19.30 -12.20
N LEU D 874 -62.98 18.74 -13.19
CA LEU D 874 -63.21 19.07 -14.59
C LEU D 874 -63.58 17.79 -15.34
N THR D 875 -64.75 17.78 -15.97
CA THR D 875 -65.29 16.58 -16.60
C THR D 875 -65.52 16.84 -18.08
N SER D 876 -65.00 15.94 -18.91
CA SER D 876 -65.08 15.98 -20.36
C SER D 876 -65.48 14.59 -20.83
N PRO D 877 -66.09 14.45 -22.02
CA PRO D 877 -66.55 13.12 -22.45
C PRO D 877 -65.44 12.09 -22.53
N PHE D 878 -64.21 12.52 -22.25
CA PHE D 878 -63.04 11.68 -22.36
C PHE D 878 -62.27 11.53 -21.05
N GLY D 879 -62.65 12.26 -20.00
CA GLY D 879 -61.91 12.17 -18.76
C GLY D 879 -62.58 12.97 -17.66
N ASN D 880 -61.99 12.88 -16.46
CA ASN D 880 -62.50 13.55 -15.27
C ASN D 880 -61.34 13.74 -14.31
N VAL D 881 -60.91 14.99 -14.13
CA VAL D 881 -59.71 15.31 -13.36
C VAL D 881 -60.11 16.08 -12.11
N LYS D 882 -59.31 15.91 -11.05
CA LYS D 882 -59.45 16.65 -9.80
C LYS D 882 -58.17 17.45 -9.60
N VAL D 883 -58.24 18.75 -9.87
CA VAL D 883 -57.06 19.62 -9.84
C VAL D 883 -57.30 20.74 -8.85
N LYS D 884 -56.23 21.20 -8.21
CA LYS D 884 -56.32 22.35 -7.33
C LYS D 884 -56.54 23.61 -8.16
N CYS D 885 -56.77 24.73 -7.47
CA CYS D 885 -57.11 25.97 -8.13
C CYS D 885 -56.13 27.07 -7.72
N LEU D 886 -55.94 28.02 -8.64
CA LEU D 886 -55.07 29.17 -8.43
C LEU D 886 -55.76 30.40 -8.98
N ILE D 887 -55.64 31.52 -8.28
CA ILE D 887 -56.26 32.77 -8.68
C ILE D 887 -55.19 33.67 -9.29
N THR D 888 -55.38 34.02 -10.56
CA THR D 888 -54.44 34.89 -11.25
C THR D 888 -55.16 35.53 -12.44
N ASP D 889 -54.60 36.64 -12.91
CA ASP D 889 -55.15 37.37 -14.04
C ASP D 889 -54.56 36.92 -15.38
N ARG D 890 -53.72 35.89 -15.38
CA ARG D 890 -53.12 35.42 -16.62
C ARG D 890 -54.18 34.92 -17.60
N VAL D 891 -55.17 34.18 -17.10
CA VAL D 891 -56.27 33.72 -17.92
C VAL D 891 -57.42 34.71 -17.82
N LYS D 892 -58.29 34.69 -18.83
CA LYS D 892 -59.40 35.64 -18.92
C LYS D 892 -60.71 34.89 -19.12
N GLY D 893 -61.74 35.34 -18.43
CA GLY D 893 -63.08 34.80 -18.64
C GLY D 893 -63.17 33.34 -18.28
N LYS D 894 -63.98 32.60 -19.05
CA LYS D 894 -64.15 31.18 -18.81
C LYS D 894 -62.86 30.42 -19.05
N GLU D 895 -62.11 30.79 -20.08
CA GLU D 895 -60.90 30.06 -20.45
C GLU D 895 -59.90 30.04 -19.29
N VAL D 896 -59.37 28.86 -18.99
CA VAL D 896 -58.48 28.65 -17.86
C VAL D 896 -57.29 27.83 -18.32
N TYR D 897 -56.20 27.94 -17.58
CA TYR D 897 -54.94 27.29 -17.91
C TYR D 897 -54.71 26.11 -16.99
N LEU D 898 -54.45 24.93 -17.59
CA LEU D 898 -54.14 23.71 -16.85
C LEU D 898 -52.81 23.16 -17.36
N PRO D 899 -51.70 23.51 -16.71
CA PRO D 899 -50.40 22.98 -17.14
C PRO D 899 -50.32 21.47 -16.97
N MET D 900 -49.43 20.86 -17.74
CA MET D 900 -49.32 19.41 -17.79
C MET D 900 -48.39 18.85 -16.72
N ASN D 901 -48.16 19.60 -15.65
CA ASN D 901 -47.11 19.25 -14.70
C ASN D 901 -47.54 18.25 -13.64
N ASP D 902 -48.55 17.42 -13.93
CA ASP D 902 -48.89 16.29 -13.08
C ASP D 902 -49.11 15.04 -13.93
N SER D 903 -48.75 13.89 -13.38
CA SER D 903 -48.88 12.61 -14.05
C SER D 903 -49.89 11.68 -13.41
N GLY D 904 -50.65 12.14 -12.42
CA GLY D 904 -51.64 11.31 -11.78
C GLY D 904 -53.04 11.52 -12.33
N GLU D 905 -54.03 11.53 -11.44
CA GLU D 905 -55.41 11.76 -11.85
C GLU D 905 -55.67 13.21 -12.25
N ALA D 906 -54.74 14.12 -11.99
CA ALA D 906 -54.91 15.54 -12.26
C ALA D 906 -54.32 15.96 -13.60
N ALA D 907 -53.80 15.01 -14.38
CA ALA D 907 -53.26 15.35 -15.69
C ALA D 907 -54.37 15.84 -16.61
N ILE D 908 -54.10 16.93 -17.33
CA ILE D 908 -55.12 17.53 -18.20
C ILE D 908 -55.55 16.57 -19.28
N ASN D 909 -54.64 15.69 -19.72
CA ASN D 909 -54.88 14.86 -20.90
C ASN D 909 -56.10 13.96 -20.78
N LEU D 910 -56.73 13.86 -19.61
CA LEU D 910 -58.01 13.17 -19.54
C LEU D 910 -59.07 13.92 -20.35
N LEU D 911 -59.08 15.25 -20.26
CA LEU D 911 -60.18 16.03 -20.80
C LEU D 911 -60.16 16.08 -22.32
N THR D 912 -58.98 16.15 -22.92
CA THR D 912 -58.89 16.27 -24.37
C THR D 912 -59.45 15.02 -25.04
N GLY D 913 -59.97 15.21 -26.26
CA GLY D 913 -60.61 14.15 -27.00
C GLY D 913 -59.83 13.75 -28.25
N SER D 914 -60.31 12.69 -28.88
CA SER D 914 -59.67 12.15 -30.08
C SER D 914 -60.14 12.86 -31.34
N HIS D 915 -60.08 14.19 -31.32
CA HIS D 915 -60.34 15.03 -32.49
C HIS D 915 -59.03 15.69 -32.87
N ALA D 916 -58.60 15.49 -34.11
CA ALA D 916 -57.27 15.89 -34.55
C ALA D 916 -57.35 16.66 -35.85
N ASP D 917 -56.20 17.18 -36.28
CA ASP D 917 -56.12 17.94 -37.52
C ASP D 917 -56.40 17.06 -38.73
N LYS D 918 -56.92 17.68 -39.78
CA LYS D 918 -57.22 16.94 -41.01
C LYS D 918 -55.94 16.54 -41.73
N ASP D 919 -54.97 17.44 -41.81
CA ASP D 919 -53.77 17.19 -42.61
C ASP D 919 -52.84 16.18 -41.94
N THR D 920 -52.61 16.31 -40.63
CA THR D 920 -51.59 15.52 -39.96
C THR D 920 -52.09 14.71 -38.78
N ASP D 921 -53.39 14.73 -38.48
CA ASP D 921 -53.96 14.00 -37.35
C ASP D 921 -53.27 14.37 -36.04
N THR D 922 -53.06 15.68 -35.83
CA THR D 922 -52.49 16.17 -34.59
C THR D 922 -53.61 16.48 -33.61
N PRO D 923 -53.62 15.87 -32.43
CA PRO D 923 -54.73 16.08 -31.50
C PRO D 923 -54.87 17.54 -31.09
N ALA D 924 -56.11 17.98 -30.97
CA ALA D 924 -56.41 19.37 -30.59
C ALA D 924 -56.44 19.48 -29.07
N TYR D 925 -55.23 19.48 -28.48
CA TYR D 925 -55.12 19.59 -27.03
C TYR D 925 -55.64 20.94 -26.54
N LYS D 926 -55.36 22.01 -27.29
CA LYS D 926 -55.85 23.33 -26.90
C LYS D 926 -57.36 23.47 -27.02
N GLU D 927 -58.04 22.49 -27.63
CA GLU D 927 -59.49 22.53 -27.80
C GLU D 927 -60.11 21.60 -26.76
N THR D 928 -60.33 22.13 -25.56
CA THR D 928 -60.84 21.35 -24.45
C THR D 928 -61.89 22.15 -23.69
N SER D 929 -62.96 21.47 -23.27
CA SER D 929 -64.00 22.06 -22.45
C SER D 929 -64.44 21.08 -21.38
N ALA D 930 -64.92 21.61 -20.26
CA ALA D 930 -65.30 20.77 -19.13
C ALA D 930 -66.34 21.49 -18.29
N LYS D 931 -66.48 21.05 -17.05
CA LYS D 931 -67.31 21.66 -16.03
C LYS D 931 -66.44 22.38 -15.00
N MET D 932 -67.10 22.87 -13.94
CA MET D 932 -66.42 23.47 -12.78
C MET D 932 -67.19 23.04 -11.54
N GLU D 933 -66.74 21.96 -10.92
CA GLU D 933 -67.34 21.44 -9.69
C GLU D 933 -66.45 21.81 -8.51
N ILE D 934 -67.07 22.33 -7.45
CA ILE D 934 -66.36 22.79 -6.27
C ILE D 934 -66.45 21.70 -5.22
N LEU D 935 -65.30 21.15 -4.83
CA LEU D 935 -65.24 20.07 -3.84
C LEU D 935 -64.86 20.59 -2.46
N LYS D 936 -63.71 21.24 -2.34
CA LYS D 936 -63.18 21.67 -1.05
C LYS D 936 -63.04 23.18 -1.07
N HIS D 937 -63.75 23.85 -0.17
CA HIS D 937 -63.72 25.31 -0.10
C HIS D 937 -62.35 25.82 0.33
N ASP D 938 -61.83 25.29 1.45
CA ASP D 938 -60.60 25.78 2.05
C ASP D 938 -59.53 24.71 1.98
N GLY D 939 -58.37 25.05 1.42
CA GLY D 939 -57.29 24.11 1.30
C GLY D 939 -55.98 24.83 1.03
N ILE D 940 -54.91 24.03 0.97
CA ILE D 940 -53.57 24.56 0.77
C ILE D 940 -53.43 25.04 -0.67
N SER D 941 -52.87 26.24 -0.83
CA SER D 941 -52.66 26.77 -2.17
C SER D 941 -51.60 25.97 -2.89
N PRO D 942 -51.88 25.44 -4.09
CA PRO D 942 -50.86 24.66 -4.81
C PRO D 942 -49.61 25.45 -5.13
N LEU D 943 -49.74 26.75 -5.39
CA LEU D 943 -48.58 27.58 -5.67
C LEU D 943 -48.05 28.16 -4.37
N PRO D 944 -46.85 27.79 -3.94
CA PRO D 944 -46.30 28.33 -2.70
C PRO D 944 -45.83 29.78 -2.89
N LYS D 945 -45.58 30.43 -1.75
CA LYS D 945 -45.05 31.79 -1.79
C LYS D 945 -43.68 31.83 -2.46
N ILE D 946 -42.91 30.73 -2.35
CA ILE D 946 -41.57 30.68 -2.94
C ILE D 946 -41.58 30.47 -4.44
N ASN D 947 -42.75 30.38 -5.06
CA ASN D 947 -42.80 30.26 -6.51
C ASN D 947 -42.45 31.58 -7.19
N HIS D 948 -41.86 31.48 -8.38
CA HIS D 948 -41.39 32.67 -9.08
C HIS D 948 -42.54 33.53 -9.60
N ARG D 949 -43.74 32.96 -9.77
CA ARG D 949 -44.86 33.75 -10.24
C ARG D 949 -45.39 34.71 -9.18
N ASN D 950 -45.10 34.45 -7.90
CA ASN D 950 -45.62 35.28 -6.83
C ASN D 950 -44.82 36.56 -6.61
N GLY D 951 -43.61 36.65 -7.18
CA GLY D 951 -42.80 37.83 -6.97
C GLY D 951 -43.17 38.99 -7.86
N ASN D 952 -42.57 40.13 -7.57
CA ASN D 952 -42.79 41.37 -8.32
C ASN D 952 -41.45 41.89 -8.86
N PRO D 953 -41.10 41.57 -10.11
CA PRO D 953 -39.81 42.02 -10.64
C PRO D 953 -39.75 43.53 -10.77
N GLN D 954 -38.52 44.06 -10.70
CA GLN D 954 -38.29 45.49 -10.85
C GLN D 954 -37.69 45.75 -12.22
N PRO D 955 -38.43 46.32 -13.17
CA PRO D 955 -37.90 46.54 -14.52
C PRO D 955 -37.01 47.78 -14.58
N GLN D 956 -35.71 47.55 -14.75
CA GLN D 956 -34.76 48.64 -14.97
C GLN D 956 -33.78 48.23 -16.06
N ILE D 957 -33.31 49.22 -16.80
CA ILE D 957 -32.36 48.91 -17.91
C ILE D 957 -30.94 49.01 -17.40
N GLY D 958 -30.21 47.90 -17.36
CA GLY D 958 -28.81 47.92 -16.92
C GLY D 958 -28.66 47.85 -15.41
N VAL D 959 -27.44 48.02 -14.91
CA VAL D 959 -27.17 47.93 -13.45
C VAL D 959 -27.50 49.29 -12.85
N GLN D 960 -27.85 50.24 -13.70
CA GLN D 960 -28.15 51.60 -13.22
C GLN D 960 -26.93 52.14 -12.48
N VAL D 961 -25.74 51.94 -13.04
CA VAL D 961 -24.49 52.39 -12.36
C VAL D 961 -24.62 53.86 -11.95
N HIS D 962 -25.32 54.68 -12.70
CA HIS D 962 -25.36 56.11 -12.39
C HIS D 962 -25.76 56.35 -10.94
N LYS D 963 -26.56 55.44 -10.36
CA LYS D 963 -26.86 55.53 -8.94
C LYS D 963 -25.60 55.30 -8.11
N LYS D 964 -24.76 54.35 -8.51
CA LYS D 964 -23.50 54.13 -7.80
C LYS D 964 -22.59 55.34 -7.93
N TRP D 965 -22.51 55.93 -9.11
CA TRP D 965 -21.62 57.06 -9.32
C TRP D 965 -22.07 58.28 -8.52
N ALA D 966 -23.37 58.39 -8.22
CA ALA D 966 -23.88 59.50 -7.43
C ALA D 966 -23.50 59.40 -5.96
N ARG D 967 -23.04 58.24 -5.51
CA ARG D 967 -22.65 58.09 -4.11
C ARG D 967 -21.41 58.91 -3.81
N LYS D 968 -21.41 59.60 -2.66
CA LYS D 968 -20.26 60.39 -2.27
C LYS D 968 -19.05 59.51 -1.96
N ASP D 969 -19.28 58.36 -1.33
CA ASP D 969 -18.18 57.47 -0.98
C ASP D 969 -17.47 56.91 -2.20
N TYR D 970 -18.18 56.78 -3.32
CA TYR D 970 -17.56 56.27 -4.54
C TYR D 970 -16.63 57.32 -5.13
N ILE D 971 -15.43 56.87 -5.53
CA ILE D 971 -14.45 57.72 -6.18
C ILE D 971 -13.93 57.00 -7.41
N PHE D 972 -13.92 57.71 -8.54
CA PHE D 972 -13.45 57.11 -9.79
C PHE D 972 -11.92 56.98 -9.75
N PRO D 973 -11.38 55.78 -9.98
CA PRO D 973 -9.92 55.62 -9.91
C PRO D 973 -9.16 56.49 -10.88
N GLY D 974 -9.73 56.77 -12.06
CA GLY D 974 -9.03 57.59 -13.04
C GLY D 974 -8.70 58.98 -12.52
N ASP D 975 -9.67 59.63 -11.89
CA ASP D 975 -9.43 60.91 -11.25
C ASP D 975 -8.96 60.79 -9.82
N ALA D 976 -9.02 59.58 -9.24
CA ALA D 976 -8.42 59.37 -7.92
C ALA D 976 -6.90 59.39 -8.00
N VAL D 977 -6.33 58.77 -9.04
CA VAL D 977 -4.89 58.83 -9.23
C VAL D 977 -4.47 60.24 -9.62
N LYS D 978 -5.20 60.85 -10.57
CA LYS D 978 -4.97 62.22 -11.06
C LYS D 978 -3.50 62.59 -11.21
N ALA E 2 18.37 -53.48 -1.24
CA ALA E 2 18.39 -52.30 -2.09
C ALA E 2 19.77 -52.07 -2.68
N LYS E 3 19.80 -51.69 -3.96
CA LYS E 3 21.04 -51.41 -4.66
C LYS E 3 21.46 -49.95 -4.44
N ALA E 4 22.54 -49.55 -5.10
CA ALA E 4 23.08 -48.20 -4.97
C ALA E 4 22.45 -47.30 -6.02
N ILE E 5 21.61 -46.37 -5.57
CA ILE E 5 21.02 -45.36 -6.43
C ILE E 5 21.20 -44.00 -5.79
N LYS E 6 21.66 -43.03 -6.58
CA LYS E 6 22.03 -41.72 -6.06
C LYS E 6 21.16 -40.61 -6.63
N ARG E 7 20.82 -40.70 -7.91
CA ARG E 7 20.09 -39.63 -8.58
C ARG E 7 18.72 -39.43 -7.93
N ILE E 8 18.29 -38.16 -7.90
CA ILE E 8 17.06 -37.75 -7.24
C ILE E 8 16.09 -37.26 -8.30
N GLN E 9 14.89 -37.84 -8.31
CA GLN E 9 13.83 -37.45 -9.24
C GLN E 9 12.95 -36.43 -8.51
N LYS E 10 13.31 -35.16 -8.64
CA LYS E 10 12.52 -34.09 -8.03
C LYS E 10 11.12 -34.07 -8.61
N ILE E 11 10.13 -33.81 -7.74
CA ILE E 11 8.74 -33.79 -8.19
C ILE E 11 8.54 -32.64 -9.17
N GLU E 12 7.69 -32.88 -10.17
CA GLU E 12 7.48 -31.91 -11.25
C GLU E 12 6.40 -30.92 -10.82
N VAL E 13 6.83 -29.90 -10.09
CA VAL E 13 5.94 -28.81 -9.70
C VAL E 13 5.93 -27.80 -10.84
N THR E 14 4.83 -27.76 -11.58
CA THR E 14 4.71 -26.85 -12.71
C THR E 14 4.57 -25.42 -12.23
N GLU E 15 4.47 -24.49 -13.18
CA GLU E 15 4.31 -23.09 -12.83
C GLU E 15 3.00 -22.85 -12.08
N GLU E 16 1.94 -23.57 -12.47
CA GLU E 16 0.65 -23.40 -11.81
C GLU E 16 0.72 -23.80 -10.34
N ASP E 17 1.35 -24.93 -10.04
CA ASP E 17 1.43 -25.39 -8.65
C ASP E 17 2.28 -24.46 -7.80
N GLN E 18 3.43 -24.01 -8.33
CA GLN E 18 4.27 -23.08 -7.59
C GLN E 18 3.56 -21.76 -7.36
N ARG E 19 2.85 -21.27 -8.38
CA ARG E 19 2.08 -20.04 -8.22
C ARG E 19 1.00 -20.20 -7.16
N LYS E 20 0.30 -21.33 -7.17
CA LYS E 20 -0.71 -21.57 -6.15
C LYS E 20 -0.11 -21.63 -4.76
N ARG E 21 1.04 -22.29 -4.62
CA ARG E 21 1.69 -22.38 -3.32
C ARG E 21 2.11 -21.00 -2.82
N ASP E 22 2.69 -20.18 -3.69
CA ASP E 22 3.15 -18.86 -3.25
C ASP E 22 1.97 -17.93 -2.97
N LEU E 23 0.90 -18.03 -3.76
CA LEU E 23 -0.29 -17.24 -3.48
C LEU E 23 -0.92 -17.68 -2.15
N ARG E 24 -0.89 -18.98 -1.85
CA ARG E 24 -1.36 -19.44 -0.55
C ARG E 24 -0.49 -18.92 0.57
N GLU E 25 0.83 -18.83 0.34
CA GLU E 25 1.72 -18.26 1.34
C GLU E 25 1.40 -16.78 1.58
N ILE E 26 1.13 -16.03 0.51
CA ILE E 26 0.78 -14.62 0.65
C ILE E 26 -0.56 -14.48 1.36
N GLU E 27 -1.51 -15.37 1.07
CA GLU E 27 -2.80 -15.35 1.75
C GLU E 27 -2.63 -15.66 3.23
N ASP E 28 -1.75 -16.59 3.57
CA ASP E 28 -1.48 -16.89 4.98
C ASP E 28 -0.84 -15.71 5.68
N ALA E 29 0.07 -15.01 5.00
CA ALA E 29 0.66 -13.81 5.56
C ALA E 29 -0.41 -12.74 5.79
N LEU E 30 -1.35 -12.60 4.85
CA LEU E 30 -2.47 -11.70 5.05
C LEU E 30 -3.30 -12.12 6.26
N ILE E 31 -3.49 -13.44 6.43
CA ILE E 31 -4.27 -13.95 7.55
C ILE E 31 -3.61 -13.58 8.87
N ASP E 32 -2.28 -13.74 8.95
CA ASP E 32 -1.57 -13.40 10.18
C ASP E 32 -1.75 -11.93 10.53
N HIS E 33 -1.86 -11.07 9.52
CA HIS E 33 -2.03 -9.63 9.71
C HIS E 33 -3.42 -9.17 9.28
N LYS E 34 -4.44 -9.97 9.62
CA LYS E 34 -5.83 -9.61 9.33
C LYS E 34 -6.19 -8.24 9.87
N GLU E 35 -5.91 -8.01 11.16
CA GLU E 35 -6.24 -6.74 11.78
C GLU E 35 -5.49 -5.59 11.12
N ALA E 36 -4.22 -5.83 10.76
CA ALA E 36 -3.44 -4.81 10.08
C ALA E 36 -4.02 -4.45 8.72
N ILE E 37 -4.44 -5.45 7.96
CA ILE E 37 -5.03 -5.19 6.65
C ILE E 37 -6.34 -4.45 6.80
N LEU E 38 -7.15 -4.82 7.80
CA LEU E 38 -8.38 -4.09 8.07
C LEU E 38 -8.09 -2.63 8.41
N GLU E 39 -7.07 -2.41 9.24
CA GLU E 39 -6.72 -1.05 9.62
C GLU E 39 -6.23 -0.24 8.42
N THR E 40 -5.46 -0.86 7.52
CA THR E 40 -4.98 -0.14 6.34
C THR E 40 -6.12 0.16 5.37
N LEU E 41 -7.06 -0.77 5.21
CA LEU E 41 -8.23 -0.49 4.39
C LEU E 41 -9.06 0.64 4.98
N HIS E 42 -9.22 0.64 6.30
CA HIS E 42 -9.88 1.77 6.96
C HIS E 42 -9.09 3.06 6.78
N MET E 43 -7.76 2.94 6.75
CA MET E 43 -6.90 4.10 6.49
C MET E 43 -7.28 4.73 5.17
N LEU E 44 -7.31 3.90 4.13
CA LEU E 44 -7.63 4.39 2.80
C LEU E 44 -9.05 4.95 2.75
N GLY E 45 -9.99 4.28 3.42
CA GLY E 45 -11.36 4.77 3.41
C GLY E 45 -11.50 6.13 4.06
N HIS E 46 -10.89 6.30 5.23
CA HIS E 46 -11.00 7.57 5.94
C HIS E 46 -10.23 8.68 5.21
N MET E 47 -9.09 8.35 4.61
CA MET E 47 -8.37 9.35 3.82
C MET E 47 -9.18 9.79 2.61
N ASN E 48 -9.81 8.84 1.92
CA ASN E 48 -10.61 9.18 0.76
C ASN E 48 -11.84 10.00 1.15
N GLU E 49 -12.48 9.64 2.27
CA GLU E 49 -13.62 10.42 2.74
C GLU E 49 -13.19 11.83 3.12
N ARG E 50 -12.04 11.98 3.78
CA ARG E 50 -11.54 13.28 4.17
C ARG E 50 -11.02 14.10 2.99
N GLY E 51 -10.92 13.51 1.81
CA GLY E 51 -10.41 14.23 0.66
C GLY E 51 -8.90 14.24 0.55
N VAL E 52 -8.17 13.65 1.50
CA VAL E 52 -6.73 13.57 1.39
C VAL E 52 -6.33 12.76 0.18
N LEU E 53 -6.91 11.57 0.03
CA LEU E 53 -6.64 10.75 -1.15
C LEU E 53 -7.10 11.43 -2.44
N PRO E 54 -8.31 12.00 -2.53
CA PRO E 54 -8.63 12.80 -3.72
C PRO E 54 -7.73 14.01 -3.91
N LEU E 55 -7.26 14.64 -2.83
CA LEU E 55 -6.33 15.76 -2.98
C LEU E 55 -5.04 15.28 -3.65
N LEU E 56 -4.51 14.15 -3.21
CA LEU E 56 -3.34 13.60 -3.86
C LEU E 56 -3.65 13.13 -5.28
N ARG E 57 -4.89 12.72 -5.54
CA ARG E 57 -5.27 12.30 -6.88
C ARG E 57 -5.24 13.49 -7.84
N GLY E 58 -5.73 14.64 -7.38
CA GLY E 58 -5.54 15.86 -8.14
C GLY E 58 -4.08 16.26 -8.26
N LEU E 59 -3.30 16.00 -7.21
CA LEU E 59 -1.88 16.36 -7.23
C LEU E 59 -1.11 15.56 -8.27
N PHE E 60 -1.39 14.26 -8.38
CA PHE E 60 -0.63 13.39 -9.26
C PHE E 60 -1.29 13.15 -10.61
N GLY E 61 -2.55 13.54 -10.79
CA GLY E 61 -3.16 13.46 -12.10
C GLY E 61 -2.87 14.68 -12.95
N GLN E 62 -3.01 15.87 -12.37
CA GLN E 62 -2.61 17.11 -13.02
C GLN E 62 -1.23 17.55 -12.55
N GLY E 63 -0.35 16.59 -12.27
CA GLY E 63 0.96 16.91 -11.72
C GLY E 63 1.79 17.80 -12.62
N ASP E 64 1.65 17.64 -13.94
CA ASP E 64 2.35 18.52 -14.86
C ASP E 64 1.91 19.96 -14.68
N LYS E 65 0.60 20.18 -14.53
CA LYS E 65 0.11 21.53 -14.30
C LYS E 65 0.60 22.10 -12.97
N VAL E 66 0.65 21.25 -11.94
CA VAL E 66 1.13 21.71 -10.63
C VAL E 66 2.59 22.14 -10.72
N LEU E 67 3.42 21.31 -11.36
CA LEU E 67 4.82 21.66 -11.53
C LEU E 67 4.98 22.92 -12.37
N ASP E 68 4.15 23.07 -13.40
CA ASP E 68 4.21 24.26 -14.24
C ASP E 68 3.88 25.50 -13.42
N ILE E 69 2.84 25.45 -12.60
CA ILE E 69 2.48 26.59 -11.76
C ILE E 69 3.61 26.89 -10.78
N LEU E 70 4.18 25.85 -10.17
CA LEU E 70 5.25 26.05 -9.20
C LEU E 70 6.45 26.73 -9.84
N VAL E 71 6.88 26.25 -11.02
CA VAL E 71 8.08 26.83 -11.63
C VAL E 71 7.78 28.24 -12.15
N LYS E 72 6.61 28.47 -12.72
CA LYS E 72 6.30 29.79 -13.25
C LYS E 72 6.16 30.82 -12.14
N LYS E 73 5.69 30.43 -10.97
CA LYS E 73 5.68 31.38 -9.87
C LYS E 73 7.07 31.55 -9.26
N ALA E 74 7.84 30.46 -9.17
CA ALA E 74 9.14 30.53 -8.52
C ALA E 74 10.21 31.18 -9.39
N ASP E 75 10.09 31.07 -10.72
CA ASP E 75 11.16 31.50 -11.62
C ASP E 75 11.53 32.97 -11.47
N THR E 76 10.77 33.75 -10.71
CA THR E 76 11.14 35.12 -10.44
C THR E 76 12.50 35.17 -9.74
N GLU E 77 13.30 36.18 -10.08
CA GLU E 77 14.64 36.29 -9.52
C GLU E 77 14.62 36.41 -8.00
N GLU E 78 13.54 36.95 -7.43
CA GLU E 78 13.45 37.08 -5.99
C GLU E 78 13.47 35.72 -5.29
N THR E 79 12.69 34.76 -5.80
CA THR E 79 12.62 33.45 -5.18
C THR E 79 13.93 32.68 -5.34
N ALA E 80 14.53 32.74 -6.53
CA ALA E 80 15.81 32.09 -6.74
C ALA E 80 16.88 32.69 -5.83
N ASN E 81 16.89 34.01 -5.70
CA ASN E 81 17.83 34.65 -4.78
C ASN E 81 17.56 34.23 -3.34
N THR E 82 16.29 34.10 -2.97
CA THR E 82 15.95 33.71 -1.61
C THR E 82 16.48 32.31 -1.30
N LEU E 83 16.25 31.36 -2.21
CA LEU E 83 16.74 30.00 -1.98
C LEU E 83 18.26 29.94 -2.00
N LYS E 84 18.89 30.68 -2.92
CA LYS E 84 20.35 30.71 -2.96
C LYS E 84 20.92 31.27 -1.67
N ASN E 85 20.32 32.35 -1.15
CA ASN E 85 20.82 32.95 0.07
C ASN E 85 20.52 32.10 1.29
N LEU E 86 19.43 31.32 1.26
CA LEU E 86 19.20 30.35 2.34
C LEU E 86 20.28 29.29 2.36
N LEU E 87 20.63 28.75 1.17
CA LEU E 87 21.71 27.77 1.10
C LEU E 87 23.04 28.38 1.55
N LEU E 88 23.30 29.63 1.14
CA LEU E 88 24.53 30.30 1.55
C LEU E 88 24.55 30.55 3.04
N LEU E 89 23.40 30.88 3.63
CA LEU E 89 23.33 31.07 5.07
C LEU E 89 23.61 29.77 5.81
N PHE E 90 23.07 28.66 5.30
CA PHE E 90 23.39 27.36 5.90
C PHE E 90 24.88 27.07 5.81
N GLY E 91 25.48 27.35 4.65
CA GLY E 91 26.91 27.11 4.49
C GLY E 91 27.75 27.96 5.41
N THR E 92 27.38 29.23 5.56
CA THR E 92 28.15 30.13 6.43
C THR E 92 27.98 29.75 7.89
N LEU E 93 26.76 29.42 8.31
CA LEU E 93 26.57 28.94 9.68
C LEU E 93 27.35 27.67 9.94
N GLY E 94 27.49 26.82 8.92
CA GLY E 94 28.39 25.69 9.05
C GLY E 94 29.84 26.11 9.18
N MET E 95 30.24 27.13 8.42
CA MET E 95 31.61 27.64 8.51
C MET E 95 31.90 28.23 9.87
N LEU E 96 30.93 28.93 10.45
CA LEU E 96 31.10 29.52 11.78
C LEU E 96 31.31 28.42 12.81
N ASP E 97 32.35 28.57 13.63
CA ASP E 97 32.68 27.58 14.66
C ASP E 97 31.90 27.91 15.92
N VAL E 98 31.16 26.91 16.43
CA VAL E 98 30.24 27.12 17.53
C VAL E 98 30.77 26.56 18.86
N LYS E 99 31.82 25.74 18.81
CA LYS E 99 32.40 25.21 20.05
C LYS E 99 32.85 26.34 20.97
N GLN E 100 33.50 27.36 20.41
CA GLN E 100 33.86 28.55 21.17
C GLN E 100 32.67 29.46 21.45
N LEU E 101 31.55 29.27 20.74
CA LEU E 101 30.40 30.15 20.86
C LEU E 101 29.49 29.78 22.03
N GLU E 102 29.65 28.59 22.61
CA GLU E 102 28.83 28.22 23.77
C GLU E 102 29.12 29.10 24.99
N PRO E 103 30.38 29.37 25.37
CA PRO E 103 30.59 30.35 26.44
C PRO E 103 30.05 31.73 26.11
N LEU E 104 30.11 32.14 24.84
CA LEU E 104 29.53 33.41 24.44
C LEU E 104 28.02 33.40 24.65
N ILE E 105 27.36 32.28 24.33
CA ILE E 105 25.92 32.17 24.55
C ILE E 105 25.59 32.23 26.03
N LEU E 106 26.39 31.55 26.86
CA LEU E 106 26.17 31.61 28.31
C LEU E 106 26.33 33.03 28.84
N LYS E 107 27.36 33.74 28.37
CA LYS E 107 27.56 35.13 28.77
C LYS E 107 26.40 36.00 28.32
N VAL E 108 25.90 35.76 27.10
CA VAL E 108 24.75 36.52 26.60
C VAL E 108 23.52 36.24 27.45
N ASN E 109 23.34 34.99 27.87
CA ASN E 109 22.24 34.66 28.78
C ASN E 109 22.35 35.45 30.08
N ALA E 110 23.55 35.46 30.67
CA ALA E 110 23.74 36.19 31.92
C ALA E 110 23.51 37.69 31.72
N GLY E 111 23.97 38.22 30.59
CA GLY E 111 23.78 39.64 30.33
C GLY E 111 22.33 40.02 30.12
N VAL E 112 21.56 39.18 29.41
CA VAL E 112 20.15 39.44 29.24
C VAL E 112 19.42 39.35 30.58
N ALA E 113 19.81 38.39 31.42
CA ALA E 113 19.23 38.29 32.75
C ALA E 113 19.51 39.55 33.57
N SER E 114 20.74 40.04 33.51
CA SER E 114 21.09 41.26 34.24
C SER E 114 20.32 42.47 33.69
N ALA E 115 20.17 42.54 32.37
CA ALA E 115 19.47 43.67 31.77
C ALA E 115 17.99 43.68 32.15
N VAL E 116 17.33 42.52 32.07
CA VAL E 116 15.93 42.45 32.46
C VAL E 116 15.77 42.57 33.97
N GLU E 117 16.83 42.32 34.74
CA GLU E 117 16.78 42.49 36.19
C GLU E 117 16.57 43.95 36.58
N GLN E 118 16.93 44.90 35.71
CA GLN E 118 16.81 46.32 36.04
C GLN E 118 15.38 46.80 35.87
N LYS E 119 14.43 46.12 36.53
CA LYS E 119 13.01 46.47 36.51
C LYS E 119 12.48 46.66 35.09
N PHE E 128 25.62 60.06 32.68
CA PHE E 128 26.48 59.89 33.83
C PHE E 128 26.78 58.41 34.08
N ASP E 129 26.12 57.55 33.33
CA ASP E 129 26.23 56.11 33.57
C ASP E 129 27.57 55.56 33.07
N ILE E 130 28.06 56.07 31.95
CA ILE E 130 29.26 55.49 31.33
C ILE E 130 30.50 55.75 32.18
N ILE E 131 30.60 56.94 32.76
CA ILE E 131 31.77 57.29 33.56
C ILE E 131 31.87 56.36 34.77
N ARG E 132 30.74 56.13 35.45
CA ARG E 132 30.76 55.19 36.57
C ARG E 132 30.96 53.76 36.11
N SER E 133 30.44 53.41 34.93
CA SER E 133 30.52 52.03 34.46
C SER E 133 31.95 51.64 34.08
N LEU E 134 32.71 52.58 33.50
CA LEU E 134 34.05 52.25 33.05
C LEU E 134 34.93 51.81 34.21
N LYS E 135 34.69 52.34 35.41
CA LYS E 135 35.46 51.94 36.59
C LYS E 135 35.01 50.59 37.14
N ASP E 136 33.87 50.08 36.74
CA ASP E 136 33.41 48.78 37.22
C ASP E 136 34.35 47.69 36.72
N PRO E 137 34.95 46.89 37.61
CA PRO E 137 35.86 45.84 37.13
C PRO E 137 35.18 44.83 36.21
N GLU E 138 33.92 44.49 36.50
CA GLU E 138 33.18 43.57 35.64
C GLU E 138 32.99 44.19 34.24
N ILE E 139 32.58 45.46 34.19
CA ILE E 139 32.42 46.14 32.92
C ILE E 139 33.75 46.24 32.19
N ASN E 140 34.82 46.55 32.93
CA ASN E 140 36.15 46.66 32.30
C ASN E 140 36.57 45.34 31.68
N LYS E 141 36.42 44.24 32.42
CA LYS E 141 36.79 42.94 31.88
C LYS E 141 35.92 42.56 30.69
N SER E 142 34.62 42.84 30.77
CA SER E 142 33.71 42.49 29.68
C SER E 142 34.05 43.28 28.41
N ILE E 143 34.31 44.58 28.56
CA ILE E 143 34.64 45.39 27.39
C ILE E 143 36.01 45.03 26.85
N THR E 144 36.93 44.58 27.71
CA THR E 144 38.19 44.05 27.23
C THR E 144 37.96 42.78 26.41
N LEU E 145 37.02 41.94 26.84
CA LEU E 145 36.67 40.75 26.06
C LEU E 145 36.09 41.14 24.70
N LEU E 146 35.19 42.14 24.68
CA LEU E 146 34.64 42.60 23.40
C LEU E 146 35.72 43.18 22.51
N PHE E 147 36.69 43.89 23.08
CA PHE E 147 37.76 44.44 22.26
C PHE E 147 38.71 43.37 21.77
N SER E 148 38.90 42.29 22.54
CA SER E 148 39.64 41.14 22.03
C SER E 148 38.90 40.48 20.87
N PHE E 149 37.57 40.39 20.98
CA PHE E 149 36.75 39.93 19.87
C PHE E 149 36.96 40.82 18.65
N LEU E 150 36.93 42.13 18.86
CA LEU E 150 37.10 43.08 17.76
C LEU E 150 38.48 42.94 17.12
N LYS E 151 39.52 42.73 17.94
CA LYS E 151 40.86 42.51 17.41
C LYS E 151 40.92 41.22 16.60
N GLY E 152 40.28 40.16 17.09
CA GLY E 152 40.34 38.89 16.39
C GLY E 152 39.75 38.95 15.00
N MET E 153 38.63 39.64 14.85
CA MET E 153 38.02 39.78 13.53
C MET E 153 38.84 40.75 12.68
N GLY E 154 38.80 40.54 11.37
CA GLY E 154 39.67 41.29 10.48
C GLY E 154 41.13 41.02 10.69
N GLN E 155 41.49 39.78 11.01
CA GLN E 155 42.88 39.42 11.27
C GLN E 155 43.69 39.48 9.98
N ASP E 156 44.97 39.83 10.12
CA ASP E 156 45.86 39.89 8.95
C ASP E 156 46.02 38.52 8.30
N THR E 157 46.19 37.49 9.11
CA THR E 157 46.36 36.12 8.64
C THR E 157 47.47 35.99 7.60
N LYS F 4 -39.23 35.21 40.20
CA LYS F 4 -39.07 35.80 41.53
C LYS F 4 -37.60 35.87 41.92
N LYS F 5 -37.33 36.53 43.05
CA LYS F 5 -35.97 36.71 43.57
C LYS F 5 -35.05 37.31 42.50
N THR F 6 -35.38 38.55 42.12
CA THR F 6 -34.68 39.21 41.02
C THR F 6 -33.18 39.32 41.34
N ILE F 7 -32.36 39.09 40.31
CA ILE F 7 -30.91 39.08 40.45
C ILE F 7 -30.32 39.88 39.30
N THR F 8 -29.04 40.23 39.44
CA THR F 8 -28.28 40.83 38.36
C THR F 8 -26.96 40.10 38.23
N ILE F 9 -26.71 39.53 37.06
CA ILE F 9 -25.48 38.80 36.77
C ILE F 9 -24.83 39.41 35.54
N ASN F 10 -23.51 39.59 35.60
CA ASN F 10 -22.73 40.17 34.51
C ASN F 10 -23.18 41.59 34.16
N GLY F 11 -23.78 42.29 35.12
CA GLY F 11 -24.32 43.61 34.88
C GLY F 11 -25.66 43.63 34.17
N VAL F 12 -26.30 42.48 34.01
CA VAL F 12 -27.55 42.35 33.29
C VAL F 12 -28.58 41.70 34.22
N GLU F 13 -29.79 42.25 34.23
CA GLU F 13 -30.86 41.72 35.08
C GLU F 13 -31.25 40.32 34.62
N MET F 14 -31.50 39.44 35.59
CA MET F 14 -31.92 38.07 35.34
C MET F 14 -32.83 37.63 36.47
N GLU F 15 -33.64 36.61 36.18
CA GLU F 15 -34.58 36.06 37.16
C GLU F 15 -34.00 34.81 37.81
N ALA F 16 -34.55 34.47 38.98
CA ALA F 16 -34.13 33.30 39.73
C ALA F 16 -35.19 32.21 39.65
N SER F 17 -34.74 30.98 39.80
CA SER F 17 -35.58 29.78 39.74
C SER F 17 -35.51 29.06 41.08
N GLU F 18 -36.05 27.83 41.11
CA GLU F 18 -36.01 27.01 42.31
C GLU F 18 -34.59 26.66 42.73
N GLU F 19 -33.61 26.85 41.86
CA GLU F 19 -32.22 26.56 42.20
C GLU F 19 -31.78 27.35 43.42
N GLN F 20 -31.03 26.70 44.30
CA GLN F 20 -30.63 27.29 45.56
C GLN F 20 -29.29 28.02 45.47
N THR F 21 -28.36 27.52 44.68
CA THR F 21 -27.02 28.07 44.60
C THR F 21 -26.82 28.88 43.32
N VAL F 22 -25.84 29.77 43.36
CA VAL F 22 -25.54 30.63 42.21
C VAL F 22 -25.05 29.80 41.03
N LEU F 23 -24.37 28.68 41.30
CA LEU F 23 -23.77 27.89 40.24
C LEU F 23 -24.83 27.35 39.28
N GLN F 24 -25.97 26.92 39.80
CA GLN F 24 -27.04 26.43 38.94
C GLN F 24 -27.55 27.53 38.02
N LEU F 25 -27.72 28.74 38.56
CA LEU F 25 -28.16 29.86 37.73
C LEU F 25 -27.13 30.19 36.66
N LEU F 26 -25.84 30.19 37.03
CA LEU F 26 -24.80 30.48 36.05
C LEU F 26 -24.77 29.43 34.96
N ASN F 27 -24.94 28.15 35.32
CA ASN F 27 -25.01 27.09 34.32
C ASN F 27 -26.21 27.28 33.39
N ASN F 28 -27.36 27.62 33.97
CA ASN F 28 -28.54 27.88 33.15
C ASN F 28 -28.39 29.14 32.33
N SER F 29 -27.60 30.10 32.80
CA SER F 29 -27.30 31.31 32.06
C SER F 29 -26.13 31.15 31.10
N SER F 30 -25.52 29.96 31.07
CA SER F 30 -24.39 29.66 30.19
C SER F 30 -23.22 30.61 30.43
N ILE F 31 -22.99 30.95 31.70
CA ILE F 31 -21.84 31.75 32.09
C ILE F 31 -20.67 30.80 32.31
N GLU F 32 -19.53 31.10 31.69
CA GLU F 32 -18.36 30.23 31.73
C GLU F 32 -17.63 30.40 33.06
N VAL F 33 -18.24 29.87 34.11
CA VAL F 33 -17.66 29.87 35.45
C VAL F 33 -17.00 28.50 35.67
N PRO F 34 -15.72 28.46 36.02
CA PRO F 34 -15.07 27.17 36.26
C PRO F 34 -15.73 26.43 37.42
N GLN F 35 -16.14 25.18 37.15
CA GLN F 35 -16.78 24.33 38.14
C GLN F 35 -16.15 22.94 38.03
N VAL F 36 -15.09 22.72 38.79
CA VAL F 36 -14.37 21.45 38.75
C VAL F 36 -14.94 20.44 39.74
N CYS F 37 -15.15 20.87 40.98
CA CYS F 37 -15.60 19.97 42.03
C CYS F 37 -17.10 19.78 42.07
N TYR F 38 -17.86 20.48 41.22
CA TYR F 38 -19.32 20.39 41.25
C TYR F 38 -19.81 19.36 40.24
N HIS F 39 -20.69 18.47 40.71
CA HIS F 39 -21.37 17.52 39.86
C HIS F 39 -22.86 17.64 40.15
N PRO F 40 -23.71 17.68 39.12
CA PRO F 40 -25.15 17.91 39.37
C PRO F 40 -25.78 16.92 40.33
N SER F 41 -25.40 15.63 40.24
CA SER F 41 -25.93 14.64 41.16
C SER F 41 -25.28 14.72 42.54
N LEU F 42 -24.00 15.10 42.59
CA LEU F 42 -23.29 15.11 43.87
C LEU F 42 -23.72 16.28 44.74
N GLY F 43 -23.88 17.43 44.14
CA GLY F 43 -24.22 18.59 44.97
C GLY F 43 -22.98 19.37 45.32
N PRO F 44 -23.08 20.54 46.01
CA PRO F 44 -21.91 21.37 46.29
C PRO F 44 -20.93 20.62 47.19
N ILE F 45 -19.69 20.43 46.71
CA ILE F 45 -18.68 19.69 47.50
C ILE F 45 -17.73 20.75 48.04
N GLU F 46 -17.65 21.88 47.37
CA GLU F 46 -16.81 23.00 47.83
C GLU F 46 -15.38 22.59 48.14
N THR F 47 -14.70 21.90 47.24
CA THR F 47 -13.32 21.53 47.64
C THR F 47 -12.38 21.98 46.55
N CYS F 48 -12.86 22.60 45.47
CA CYS F 48 -11.87 22.96 44.41
C CYS F 48 -11.71 24.47 44.32
N ASP F 49 -12.66 25.22 44.87
CA ASP F 49 -12.46 26.69 44.95
C ASP F 49 -12.23 27.31 43.58
N THR F 50 -12.51 26.61 42.49
CA THR F 50 -12.42 27.23 41.18
C THR F 50 -13.72 27.91 40.76
N CYS F 51 -14.76 27.84 41.58
CA CYS F 51 -16.04 28.45 41.28
C CYS F 51 -16.22 29.80 41.95
N ILE F 52 -15.12 30.51 42.20
CA ILE F 52 -15.18 31.78 42.90
C ILE F 52 -15.84 32.83 42.02
N VAL F 53 -16.91 33.44 42.54
CA VAL F 53 -17.56 34.57 41.88
C VAL F 53 -17.81 35.65 42.93
N SER F 54 -18.03 36.87 42.45
CA SER F 54 -18.26 38.01 43.32
C SER F 54 -19.75 38.10 43.62
N ILE F 55 -20.15 37.57 44.78
CA ILE F 55 -21.52 37.72 45.26
C ILE F 55 -21.53 38.87 46.26
N ASN F 56 -22.43 39.83 46.04
CA ASN F 56 -22.52 41.03 46.88
C ASN F 56 -21.18 41.76 46.96
N GLY F 57 -20.36 41.61 45.93
CA GLY F 57 -19.04 42.19 45.89
C GLY F 57 -17.95 41.34 46.51
N GLU F 58 -18.29 40.48 47.46
CA GLU F 58 -17.32 39.62 48.12
C GLU F 58 -17.12 38.34 47.32
N LEU F 59 -15.88 37.85 47.29
CA LEU F 59 -15.56 36.64 46.55
C LEU F 59 -16.00 35.42 47.36
N LYS F 60 -16.84 34.58 46.76
CA LYS F 60 -17.34 33.39 47.43
C LYS F 60 -17.56 32.29 46.40
N ARG F 61 -17.63 31.06 46.90
CA ARG F 61 -17.81 29.90 46.05
C ARG F 61 -19.23 29.87 45.49
N SER F 62 -19.36 29.99 44.17
CA SER F 62 -20.68 29.94 43.55
C SER F 62 -21.33 28.58 43.67
N CYS F 63 -20.55 27.52 43.90
CA CYS F 63 -21.13 26.19 44.05
C CYS F 63 -21.98 26.09 45.31
N SER F 64 -21.70 26.90 46.32
CA SER F 64 -22.44 26.87 47.57
C SER F 64 -22.99 28.23 47.98
N ALA F 65 -22.85 29.25 47.13
CA ALA F 65 -23.40 30.56 47.45
C ALA F 65 -24.90 30.55 47.22
N GLU F 66 -25.66 30.77 48.30
CA GLU F 66 -27.11 30.75 48.19
C GLU F 66 -27.59 31.91 47.31
N LEU F 67 -28.57 31.62 46.45
CA LEU F 67 -29.09 32.59 45.50
C LEU F 67 -30.09 33.52 46.20
N LYS F 68 -29.54 34.40 47.04
CA LYS F 68 -30.36 35.37 47.75
C LYS F 68 -30.85 36.44 46.79
N ASP F 69 -31.99 37.04 47.13
CA ASP F 69 -32.59 38.04 46.27
C ASP F 69 -31.77 39.32 46.23
N GLY F 70 -31.61 39.88 45.03
CA GLY F 70 -30.98 41.17 44.86
C GLY F 70 -29.46 41.18 44.85
N ASP F 71 -28.82 40.01 44.82
CA ASP F 71 -27.37 39.98 44.80
C ASP F 71 -26.82 40.38 43.43
N VAL F 72 -25.57 40.84 43.42
CA VAL F 72 -24.87 41.24 42.21
C VAL F 72 -23.85 40.17 41.87
N ILE F 73 -23.87 39.70 40.63
CA ILE F 73 -22.99 38.62 40.18
C ILE F 73 -22.12 39.15 39.06
N ASP F 74 -20.81 38.95 39.18
CA ASP F 74 -19.86 39.31 38.14
C ASP F 74 -18.87 38.17 37.96
N THR F 75 -18.54 37.86 36.70
CA THR F 75 -17.68 36.72 36.40
C THR F 75 -16.51 37.04 35.48
N LEU F 76 -16.49 38.19 34.82
CA LEU F 76 -15.36 38.59 33.99
C LEU F 76 -14.46 39.59 34.68
N SER F 77 -14.70 39.88 35.95
CA SER F 77 -13.87 40.83 36.67
C SER F 77 -12.46 40.29 36.81
N PRO F 78 -11.43 41.14 36.74
CA PRO F 78 -10.07 40.66 37.01
C PRO F 78 -9.93 39.98 38.35
N ASP F 79 -10.68 40.41 39.36
CA ASP F 79 -10.58 39.80 40.69
C ASP F 79 -11.06 38.36 40.68
N VAL F 80 -12.25 38.11 40.13
CA VAL F 80 -12.77 36.74 40.11
C VAL F 80 -11.95 35.86 39.18
N LYS F 81 -11.46 36.43 38.07
CA LYS F 81 -10.60 35.67 37.17
C LYS F 81 -9.30 35.26 37.86
N LYS F 82 -8.70 36.18 38.61
CA LYS F 82 -7.48 35.86 39.35
C LYS F 82 -7.75 34.82 40.43
N ALA F 83 -8.88 34.92 41.11
CA ALA F 83 -9.21 33.93 42.13
C ALA F 83 -9.39 32.55 41.52
N GLN F 84 -10.09 32.46 40.39
CA GLN F 84 -10.26 31.18 39.71
C GLN F 84 -8.94 30.64 39.20
N VAL F 85 -8.07 31.51 38.69
CA VAL F 85 -6.76 31.08 38.22
C VAL F 85 -5.93 30.53 39.38
N ILE F 86 -5.98 31.19 40.55
CA ILE F 86 -5.25 30.70 41.71
C ILE F 86 -5.79 29.36 42.16
N GLY F 87 -7.13 29.21 42.19
CA GLY F 87 -7.72 27.95 42.57
C GLY F 87 -7.32 26.82 41.63
N MET F 88 -7.35 27.08 40.33
CA MET F 88 -6.98 26.04 39.38
C MET F 88 -5.47 25.76 39.41
N ASP F 89 -4.66 26.77 39.75
CA ASP F 89 -3.24 26.53 39.94
C ASP F 89 -3.01 25.60 41.13
N LYS F 90 -3.75 25.82 42.22
CA LYS F 90 -3.68 24.90 43.35
C LYS F 90 -4.13 23.51 42.95
N ILE F 91 -5.16 23.42 42.10
CA ILE F 91 -5.64 22.12 41.63
C ILE F 91 -4.55 21.42 40.82
N LEU F 92 -3.96 22.13 39.86
CA LEU F 92 -2.92 21.56 39.00
C LEU F 92 -1.64 21.27 39.78
N TYR F 93 -1.47 21.88 40.96
CA TYR F 93 -0.38 21.48 41.83
C TYR F 93 -0.52 20.02 42.26
N ASN F 94 -1.75 19.51 42.26
CA ASN F 94 -2.01 18.12 42.60
C ASN F 94 -2.28 17.25 41.38
N HIS F 95 -2.25 17.81 40.18
CA HIS F 95 -2.57 17.07 38.95
C HIS F 95 -1.42 17.24 37.97
N GLU F 96 -0.86 16.11 37.52
CA GLU F 96 0.26 16.17 36.58
C GLU F 96 -0.17 16.73 35.23
N LEU F 97 -1.40 16.43 34.80
CA LEU F 97 -1.98 17.02 33.59
C LEU F 97 -1.19 16.62 32.34
N TYR F 98 -1.07 15.30 32.15
CA TYR F 98 -0.50 14.75 30.92
C TYR F 98 -1.62 14.32 29.98
N CYS F 99 -2.36 15.32 29.48
CA CYS F 99 -3.62 15.06 28.81
C CYS F 99 -3.44 14.19 27.58
N THR F 100 -2.38 14.42 26.80
CA THR F 100 -2.22 13.69 25.54
C THR F 100 -2.09 12.18 25.78
N VAL F 101 -1.39 11.78 26.84
CA VAL F 101 -1.17 10.37 27.12
C VAL F 101 -1.98 9.90 28.33
N CYS F 102 -3.12 10.55 28.56
CA CYS F 102 -3.98 10.20 29.73
C CYS F 102 -5.28 9.60 29.25
N ASP F 103 -5.67 8.47 29.81
CA ASP F 103 -6.85 7.75 29.33
C ASP F 103 -8.11 8.60 29.51
N TYR F 104 -8.23 9.36 30.59
CA TYR F 104 -9.52 10.05 30.80
C TYR F 104 -9.67 11.18 29.79
N ASN F 105 -8.69 11.46 28.95
CA ASN F 105 -8.84 12.62 28.04
C ASN F 105 -9.67 12.09 26.90
N ASN F 106 -10.92 11.78 27.18
CA ASN F 106 -11.82 11.37 26.09
C ASN F 106 -12.66 12.61 25.83
N GLY F 107 -12.19 13.73 26.37
CA GLY F 107 -12.86 15.02 26.13
C GLY F 107 -13.85 15.38 27.19
N GLY F 108 -14.09 14.46 28.11
CA GLY F 108 -15.05 14.74 29.19
C GLY F 108 -14.35 15.04 30.49
N CYS F 109 -13.05 15.19 30.44
CA CYS F 109 -12.35 15.33 31.73
C CYS F 109 -12.49 16.74 32.24
N GLU F 110 -13.05 16.93 33.42
CA GLU F 110 -13.33 18.32 33.88
C GLU F 110 -12.05 19.11 34.06
N ILE F 111 -10.98 18.53 34.58
CA ILE F 111 -9.78 19.41 34.66
C ILE F 111 -9.46 19.87 33.24
N HIS F 112 -9.37 18.95 32.28
CA HIS F 112 -8.98 19.34 30.89
C HIS F 112 -9.95 20.40 30.36
N ASN F 113 -11.26 20.16 30.47
CA ASN F 113 -12.25 21.07 29.86
C ASN F 113 -12.11 22.41 30.57
N THR F 114 -12.10 22.41 31.89
CA THR F 114 -12.05 23.67 32.62
C THR F 114 -10.74 24.41 32.38
N VAL F 115 -9.63 23.69 32.30
CA VAL F 115 -8.35 24.32 32.00
C VAL F 115 -8.38 24.94 30.61
N LYS F 116 -8.95 24.23 29.64
CA LYS F 116 -9.10 24.80 28.30
C LYS F 116 -10.02 26.01 28.33
N GLU F 117 -11.10 25.95 29.11
CA GLU F 117 -12.06 27.04 29.15
C GLU F 117 -11.44 28.31 29.73
N MET F 118 -10.65 28.17 30.79
CA MET F 118 -10.02 29.36 31.39
C MET F 118 -8.88 29.90 30.54
N LYS F 119 -8.48 29.18 29.49
CA LYS F 119 -7.38 29.60 28.62
C LYS F 119 -6.10 29.83 29.42
N ILE F 120 -5.87 28.98 30.42
CA ILE F 120 -4.66 29.09 31.22
C ILE F 120 -3.47 28.54 30.44
N ASN F 121 -2.29 29.06 30.75
CA ASN F 121 -1.05 28.62 30.12
C ASN F 121 0.05 28.24 31.10
N HIS F 122 0.00 28.70 32.35
CA HIS F 122 1.00 28.37 33.34
C HIS F 122 0.31 28.04 34.66
N GLN F 123 1.00 27.24 35.47
CA GLN F 123 0.59 26.97 36.84
C GLN F 123 1.60 27.63 37.76
N SER F 124 1.12 28.53 38.63
CA SER F 124 2.03 29.24 39.52
C SER F 124 2.76 28.28 40.45
N ILE F 125 2.05 27.29 40.99
CA ILE F 125 2.64 26.26 41.83
C ILE F 125 2.93 25.04 40.95
N PRO F 126 4.18 24.62 40.80
CA PRO F 126 4.47 23.46 39.96
C PRO F 126 3.93 22.19 40.58
N PHE F 127 3.68 21.21 39.71
CA PHE F 127 3.12 19.94 40.16
C PHE F 127 4.08 19.24 41.11
N ASP F 128 3.52 18.68 42.18
CA ASP F 128 4.29 17.96 43.19
C ASP F 128 3.67 16.60 43.41
N HIS F 129 4.44 15.54 43.14
CA HIS F 129 3.95 14.18 43.34
C HIS F 129 3.71 13.92 44.81
N LYS F 130 2.56 13.34 45.13
CA LYS F 130 2.29 12.92 46.50
C LYS F 130 3.14 11.70 46.85
N PRO F 131 3.55 11.55 48.10
CA PRO F 131 4.39 10.41 48.48
C PRO F 131 3.72 9.07 48.28
N TYR F 132 2.39 9.09 48.15
CA TYR F 132 1.62 7.83 48.03
C TYR F 132 1.72 7.24 46.63
N HIS F 133 1.75 5.92 46.51
CA HIS F 133 1.79 5.26 45.21
C HIS F 133 0.38 4.95 44.73
N LYS F 134 0.27 4.64 43.44
CA LYS F 134 -1.02 4.25 42.87
C LYS F 134 -1.51 2.97 43.54
N ASP F 135 -2.79 2.95 43.88
CA ASP F 135 -3.40 1.83 44.60
C ASP F 135 -4.11 0.95 43.58
N GLU F 136 -3.37 -0.02 43.03
CA GLU F 136 -3.91 -0.96 42.06
C GLU F 136 -4.42 -2.24 42.70
N SER F 137 -4.68 -2.23 44.00
CA SER F 137 -5.16 -3.43 44.68
C SER F 137 -6.51 -3.87 44.13
N HIS F 138 -7.39 -2.91 43.84
CA HIS F 138 -8.69 -3.25 43.30
C HIS F 138 -8.56 -3.82 41.89
N PRO F 139 -9.31 -4.87 41.57
CA PRO F 139 -9.22 -5.46 40.22
C PRO F 139 -10.02 -4.72 39.16
N PHE F 140 -10.77 -3.67 39.52
CA PHE F 140 -11.62 -2.96 38.58
C PHE F 140 -11.15 -1.54 38.33
N TYR F 141 -10.99 -0.72 39.36
CA TYR F 141 -10.57 0.66 39.22
C TYR F 141 -9.38 0.94 40.12
N ARG F 142 -8.47 1.78 39.64
CA ARG F 142 -7.32 2.18 40.43
C ARG F 142 -7.45 3.64 40.85
N TYR F 143 -6.73 3.97 41.91
CA TYR F 143 -6.62 5.32 42.44
C TYR F 143 -5.18 5.78 42.31
N ASP F 144 -5.00 7.00 41.79
CA ASP F 144 -3.67 7.56 41.55
C ASP F 144 -3.53 8.84 42.38
N PRO F 145 -3.05 8.74 43.61
CA PRO F 145 -2.93 9.94 44.45
C PRO F 145 -2.04 11.01 43.84
N ASP F 146 -1.10 10.62 42.98
CA ASP F 146 -0.31 11.62 42.26
C ASP F 146 -1.20 12.50 41.39
N GLN F 147 -2.21 11.91 40.75
CA GLN F 147 -3.15 12.64 39.91
C GLN F 147 -4.39 13.08 40.66
N CYS F 148 -4.51 12.74 41.94
CA CYS F 148 -5.67 13.15 42.72
C CYS F 148 -5.60 14.65 43.01
N ILE F 149 -6.69 15.37 42.73
CA ILE F 149 -6.76 16.80 42.98
C ILE F 149 -7.54 17.14 44.23
N LEU F 150 -7.98 16.12 44.98
CA LEU F 150 -8.65 16.31 46.27
C LEU F 150 -9.96 17.07 46.12
N CYS F 151 -10.60 16.95 44.96
CA CYS F 151 -11.88 17.61 44.75
C CYS F 151 -12.98 17.01 45.60
N GLY F 152 -12.82 15.76 46.05
CA GLY F 152 -13.79 15.15 46.93
C GLY F 152 -15.02 14.60 46.26
N ARG F 153 -15.11 14.67 44.92
CA ARG F 153 -16.28 14.14 44.25
C ARG F 153 -16.42 12.64 44.49
N CYS F 154 -15.31 11.91 44.46
CA CYS F 154 -15.35 10.48 44.73
C CYS F 154 -15.80 10.21 46.16
N VAL F 155 -15.28 10.97 47.12
CA VAL F 155 -15.68 10.78 48.51
C VAL F 155 -17.14 11.14 48.71
N GLU F 156 -17.58 12.24 48.11
CA GLU F 156 -18.99 12.61 48.22
C GLU F 156 -19.88 11.55 47.58
N ALA F 157 -19.42 10.93 46.50
CA ALA F 157 -20.19 9.85 45.87
C ALA F 157 -20.29 8.64 46.78
N CYS F 158 -19.16 8.23 47.36
CA CYS F 158 -19.15 7.04 48.20
C CYS F 158 -19.82 7.28 49.55
N GLN F 159 -20.00 8.53 49.95
CA GLN F 159 -20.57 8.83 51.26
C GLN F 159 -22.00 9.34 51.23
N ASP F 160 -22.45 9.95 50.14
CA ASP F 160 -23.73 10.63 50.14
C ASP F 160 -24.69 10.15 49.05
N VAL F 161 -24.20 9.89 47.84
CA VAL F 161 -25.08 9.44 46.77
C VAL F 161 -25.07 7.92 46.60
N GLN F 162 -24.06 7.21 47.12
CA GLN F 162 -24.07 5.72 47.10
C GLN F 162 -24.12 5.22 48.53
N VAL F 163 -23.64 6.03 49.47
CA VAL F 163 -23.73 5.73 50.93
C VAL F 163 -23.07 4.36 51.18
N THR F 164 -21.97 4.05 50.48
CA THR F 164 -21.21 2.83 50.87
C THR F 164 -20.33 3.30 52.03
N GLU F 165 -19.90 4.55 51.96
CA GLU F 165 -19.13 5.18 53.07
C GLU F 165 -17.74 4.52 53.19
N THR F 166 -17.19 4.00 52.09
CA THR F 166 -15.83 3.45 52.19
C THR F 166 -14.76 4.51 51.98
N LEU F 167 -15.10 5.66 51.45
CA LEU F 167 -14.16 6.71 51.11
C LEU F 167 -14.21 7.85 52.12
N THR F 168 -13.04 8.25 52.60
CA THR F 168 -12.87 9.49 53.36
C THR F 168 -11.64 10.20 52.82
N ILE F 169 -11.37 11.39 53.33
CA ILE F 169 -10.17 12.13 52.98
C ILE F 169 -9.44 12.51 54.26
N ASP F 170 -8.17 12.14 54.35
CA ASP F 170 -7.34 12.48 55.50
C ASP F 170 -6.81 13.90 55.33
N TRP F 171 -7.69 14.87 55.58
CA TRP F 171 -7.27 16.27 55.53
C TRP F 171 -6.17 16.56 56.55
N GLU F 172 -6.19 15.86 57.68
CA GLU F 172 -5.17 16.06 58.71
C GLU F 172 -3.78 15.67 58.24
N ARG F 173 -3.67 14.80 57.24
CA ARG F 173 -2.37 14.40 56.75
C ARG F 173 -1.66 15.57 56.07
N LYS F 174 -0.33 15.48 56.00
CA LYS F 174 0.45 16.54 55.37
C LYS F 174 0.08 16.69 53.90
N ARG F 175 -0.04 15.57 53.19
CA ARG F 175 -0.54 15.57 51.82
C ARG F 175 -1.90 14.91 51.80
N PRO F 176 -3.00 15.67 51.71
CA PRO F 176 -4.33 15.05 51.74
C PRO F 176 -4.51 14.11 50.56
N ARG F 177 -5.26 13.04 50.80
CA ARG F 177 -5.53 12.04 49.78
C ARG F 177 -6.81 11.30 50.15
N VAL F 178 -7.35 10.59 49.18
CA VAL F 178 -8.53 9.76 49.41
C VAL F 178 -8.09 8.43 50.01
N ILE F 179 -8.74 8.04 51.10
CA ILE F 179 -8.40 6.82 51.81
C ILE F 179 -9.64 5.96 51.97
N TRP F 180 -9.44 4.65 51.86
CA TRP F 180 -10.58 3.71 51.95
C TRP F 180 -10.66 3.17 53.37
N ASP F 181 -11.80 3.31 54.02
CA ASP F 181 -11.88 2.89 55.43
C ASP F 181 -10.78 3.63 56.18
N ASN F 182 -10.01 2.96 57.03
CA ASN F 182 -8.85 3.63 57.68
C ASN F 182 -7.60 3.44 56.83
N ASP F 183 -7.56 4.01 55.64
CA ASP F 183 -6.36 3.94 54.77
C ASP F 183 -6.07 2.48 54.46
N VAL F 184 -7.10 1.64 54.46
CA VAL F 184 -6.89 0.23 54.07
C VAL F 184 -6.64 0.23 52.58
N PRO F 185 -5.83 -0.68 52.03
CA PRO F 185 -5.70 -0.73 50.59
C PRO F 185 -7.13 -0.87 50.07
N ILE F 186 -7.37 -0.58 48.80
CA ILE F 186 -8.71 -0.54 48.23
C ILE F 186 -9.37 -1.92 48.29
N ASN F 187 -8.63 -2.95 47.85
CA ASN F 187 -9.21 -4.29 47.80
C ASN F 187 -9.57 -4.79 49.19
N GLU F 188 -8.68 -4.61 50.16
CA GLU F 188 -8.93 -5.08 51.52
C GLU F 188 -10.01 -4.27 52.23
N SER F 189 -10.43 -3.14 51.67
CA SER F 189 -11.36 -2.25 52.34
C SER F 189 -12.80 -2.71 52.13
N SER F 190 -13.75 -1.87 52.56
CA SER F 190 -15.17 -2.15 52.42
C SER F 190 -15.75 -1.60 51.13
N CYS F 191 -14.93 -1.46 50.08
CA CYS F 191 -15.40 -0.87 48.84
C CYS F 191 -16.33 -1.84 48.13
N VAL F 192 -17.60 -1.44 47.97
CA VAL F 192 -18.58 -2.22 47.24
C VAL F 192 -18.20 -2.40 45.78
N SER F 193 -17.25 -1.60 45.27
CA SER F 193 -16.89 -1.56 43.86
C SER F 193 -18.04 -1.07 43.00
N CYS F 194 -18.90 -0.23 43.58
CA CYS F 194 -20.09 0.24 42.88
C CYS F 194 -19.72 1.06 41.64
N GLY F 195 -18.61 1.79 41.70
CA GLY F 195 -18.16 2.57 40.58
C GLY F 195 -18.54 4.03 40.63
N HIS F 196 -19.15 4.49 41.71
CA HIS F 196 -19.47 5.92 41.84
C HIS F 196 -18.22 6.77 41.79
N CYS F 197 -17.17 6.36 42.52
CA CYS F 197 -15.95 7.15 42.58
C CYS F 197 -15.29 7.25 41.20
N SER F 198 -15.40 6.17 40.46
CA SER F 198 -14.75 6.19 39.15
C SER F 198 -15.56 7.12 38.25
N THR F 199 -16.87 7.00 38.28
CA THR F 199 -17.76 7.82 37.42
C THR F 199 -17.69 9.28 37.82
N VAL F 200 -17.64 9.58 39.11
CA VAL F 200 -17.72 11.01 39.52
C VAL F 200 -16.33 11.65 39.55
N CYS F 201 -15.26 10.92 39.32
CA CYS F 201 -13.94 11.58 39.44
C CYS F 201 -13.77 12.58 38.30
N PRO F 202 -13.39 13.86 38.52
CA PRO F 202 -13.11 14.75 37.43
C PRO F 202 -11.90 14.25 36.65
N CYS F 203 -10.78 14.04 37.33
CA CYS F 203 -9.53 13.64 36.65
C CYS F 203 -9.38 12.13 36.55
N ASN F 204 -8.22 11.64 36.11
CA ASN F 204 -7.99 10.19 35.96
C ASN F 204 -7.49 9.63 37.27
N ALA F 205 -7.74 10.33 38.36
CA ALA F 205 -7.31 9.85 39.69
C ALA F 205 -8.01 8.52 40.01
N MET F 206 -9.34 8.45 39.87
CA MET F 206 -10.04 7.21 40.28
C MET F 206 -10.65 6.69 39.00
N MET F 207 -9.93 5.87 38.29
CA MET F 207 -10.41 5.45 36.98
C MET F 207 -10.27 3.94 36.83
N GLU F 208 -11.21 3.36 36.08
CA GLU F 208 -11.26 1.92 35.90
C GLU F 208 -9.98 1.39 35.27
N LYS F 209 -9.56 0.21 35.72
CA LYS F 209 -8.40 -0.45 35.12
C LYS F 209 -8.65 -0.84 33.67
N GLY F 210 -9.92 -0.94 33.26
CA GLY F 210 -10.21 -1.23 31.86
C GLY F 210 -9.70 -0.14 30.93
N MET F 211 -9.88 1.12 31.33
CA MET F 211 -9.36 2.22 30.52
C MET F 211 -7.83 2.28 30.58
N GLU F 212 -7.25 1.95 31.73
CA GLU F 212 -5.83 2.12 31.98
C GLU F 212 -4.99 1.43 30.92
N GLY F 213 -4.25 2.23 30.15
CA GLY F 213 -3.39 1.70 29.11
C GLY F 213 -4.10 1.19 27.88
N GLU F 214 -5.40 1.46 27.74
CA GLU F 214 -6.17 0.95 26.61
C GLU F 214 -7.09 1.98 25.96
N ALA F 215 -7.25 3.17 26.55
CA ALA F 215 -8.21 4.14 26.01
C ALA F 215 -7.76 4.68 24.67
N GLY F 216 -6.61 5.35 24.63
CA GLY F 216 -6.12 6.00 23.45
C GLY F 216 -5.01 5.25 22.76
N TYR F 217 -4.25 5.98 21.94
CA TYR F 217 -3.17 5.41 21.16
C TYR F 217 -1.81 5.58 21.83
N LEU F 218 -1.55 6.76 22.39
CA LEU F 218 -0.29 7.05 23.06
C LEU F 218 -0.32 6.69 24.54
N THR F 219 -1.44 6.20 25.06
CA THR F 219 -1.53 5.84 26.47
C THR F 219 -1.22 4.38 26.75
N GLY F 220 -1.12 3.54 25.72
CA GLY F 220 -0.68 2.18 25.92
C GLY F 220 0.81 2.03 26.07
N ILE F 221 1.55 3.13 25.96
CA ILE F 221 2.99 3.12 26.14
C ILE F 221 3.31 2.72 27.58
N ASN F 222 4.36 1.93 27.75
CA ASN F 222 4.75 1.45 29.07
C ASN F 222 5.13 2.63 29.97
N ASN F 223 4.83 2.48 31.26
CA ASN F 223 5.06 3.58 32.20
C ASN F 223 6.55 3.93 32.28
N GLU F 224 7.42 2.92 32.25
CA GLU F 224 8.86 3.18 32.29
C GLU F 224 9.32 3.99 31.09
N THR F 225 8.58 3.96 29.98
CA THR F 225 8.87 4.76 28.81
C THR F 225 7.79 5.80 28.51
N LEU F 226 6.74 5.88 29.34
CA LEU F 226 5.78 6.97 29.24
C LEU F 226 6.11 8.12 30.17
N ARG F 227 6.53 7.83 31.40
CA ARG F 227 6.91 8.88 32.33
C ARG F 227 8.03 9.77 31.83
N PRO F 228 9.13 9.25 31.26
CA PRO F 228 10.14 10.17 30.70
C PRO F 228 9.58 11.05 29.60
N MET F 229 8.65 10.55 28.79
CA MET F 229 8.01 11.41 27.78
C MET F 229 7.19 12.50 28.44
N ILE F 230 6.50 12.18 29.52
CA ILE F 230 5.73 13.20 30.24
C ILE F 230 6.66 14.26 30.80
N GLU F 231 7.79 13.86 31.37
CA GLU F 231 8.76 14.82 31.87
C GLU F 231 9.34 15.67 30.75
N ILE F 232 9.59 15.05 29.59
CA ILE F 232 10.08 15.79 28.43
C ILE F 232 9.08 16.87 28.04
N THR F 233 7.81 16.50 27.91
CA THR F 233 6.80 17.49 27.52
C THR F 233 6.63 18.55 28.60
N LYS F 234 6.75 18.17 29.87
CA LYS F 234 6.70 19.16 30.94
C LYS F 234 7.81 20.19 30.80
N GLY F 235 9.02 19.72 30.48
CA GLY F 235 10.14 20.62 30.32
C GLY F 235 10.24 21.30 28.97
N VAL F 236 9.39 20.94 28.01
CA VAL F 236 9.51 21.48 26.66
C VAL F 236 8.48 22.58 26.42
N GLU F 237 7.20 22.26 26.55
CA GLU F 237 6.17 23.25 26.24
C GLU F 237 6.19 24.37 27.27
N THR F 238 6.03 25.60 26.78
CA THR F 238 6.01 26.77 27.64
C THR F 238 4.61 27.23 27.99
N GLY F 239 3.66 27.11 27.06
CA GLY F 239 2.28 27.49 27.29
C GLY F 239 1.38 26.27 27.16
N TYR F 240 0.37 26.20 28.02
CA TYR F 240 -0.53 25.06 28.01
C TYR F 240 -1.46 25.04 26.80
N GLY F 241 -1.58 26.16 26.07
CA GLY F 241 -2.56 26.20 24.99
C GLY F 241 -2.24 25.25 23.86
N SER F 242 -0.98 25.23 23.42
CA SER F 242 -0.61 24.41 22.26
C SER F 242 -0.71 22.93 22.57
N ILE F 243 -0.13 22.51 23.70
CA ILE F 243 -0.20 21.10 24.07
C ILE F 243 -1.64 20.72 24.46
N LEU F 244 -2.43 21.69 24.91
CA LEU F 244 -3.86 21.44 25.13
C LEU F 244 -4.57 21.15 23.81
N ALA F 245 -4.23 21.91 22.77
CA ALA F 245 -4.79 21.63 21.44
C ALA F 245 -4.35 20.26 20.95
N ILE F 246 -3.08 19.91 21.18
CA ILE F 246 -2.59 18.59 20.80
C ILE F 246 -3.37 17.49 21.54
N SER F 247 -3.66 17.73 22.82
CA SER F 247 -4.45 16.78 23.59
C SER F 247 -5.89 16.70 23.09
N ASP F 248 -6.43 17.82 22.59
CA ASP F 248 -7.75 17.77 21.96
C ASP F 248 -7.73 16.94 20.69
N MET F 249 -6.66 17.08 19.89
CA MET F 249 -6.47 16.17 18.75
C MET F 249 -6.39 14.73 19.20
N GLU F 250 -5.73 14.47 20.34
CA GLU F 250 -5.66 13.09 20.83
C GLU F 250 -7.03 12.61 21.31
N SER F 251 -7.85 13.52 21.82
CA SER F 251 -9.24 13.17 22.13
C SER F 251 -10.00 12.79 20.87
N ALA F 252 -9.82 13.56 19.79
CA ALA F 252 -10.41 13.19 18.52
C ALA F 252 -9.88 11.85 18.05
N MET F 253 -8.59 11.59 18.29
CA MET F 253 -7.99 10.28 18.05
C MET F 253 -8.80 9.19 18.72
N ARG F 254 -9.02 9.34 20.03
CA ARG F 254 -9.78 8.36 20.79
C ARG F 254 -11.19 8.20 20.24
N ASP F 255 -11.79 9.29 19.78
CA ASP F 255 -13.19 9.25 19.35
C ASP F 255 -13.43 8.20 18.27
N GLU F 256 -12.44 7.98 17.39
CA GLU F 256 -12.61 7.00 16.33
C GLU F 256 -12.58 5.57 16.89
N ARG F 257 -11.59 5.26 17.72
CA ARG F 257 -11.46 3.90 18.24
C ARG F 257 -12.41 3.61 19.38
N ILE F 258 -12.87 4.63 20.11
CA ILE F 258 -13.72 4.44 21.27
C ILE F 258 -15.17 4.54 20.83
N LYS F 259 -15.92 3.47 21.03
CA LYS F 259 -17.35 3.43 20.73
C LYS F 259 -18.12 3.61 22.03
N LYS F 260 -18.94 4.65 22.09
CA LYS F 260 -19.72 4.99 23.28
C LYS F 260 -21.20 4.85 22.92
N THR F 261 -21.80 3.73 23.30
CA THR F 261 -23.19 3.45 23.01
C THR F 261 -23.96 3.24 24.32
N LYS F 262 -25.16 3.80 24.38
CA LYS F 262 -26.01 3.65 25.55
C LYS F 262 -26.57 2.23 25.63
N THR F 263 -26.70 1.73 26.86
CA THR F 263 -27.36 0.46 27.10
C THR F 263 -27.95 0.48 28.50
N VAL F 264 -28.68 -0.57 28.84
CA VAL F 264 -29.28 -0.75 30.15
C VAL F 264 -28.71 -2.03 30.75
N CYS F 265 -28.29 -1.97 32.01
CA CYS F 265 -27.70 -3.13 32.65
C CYS F 265 -28.67 -4.31 32.65
N THR F 266 -28.12 -5.50 32.42
CA THR F 266 -28.93 -6.70 32.35
C THR F 266 -29.19 -7.33 33.71
N TYR F 267 -28.33 -7.09 34.70
CA TYR F 267 -28.36 -7.88 35.91
C TYR F 267 -29.65 -7.73 36.71
N CYS F 268 -29.92 -6.57 37.29
CA CYS F 268 -31.10 -6.46 38.14
C CYS F 268 -32.09 -5.46 37.56
N GLY F 269 -33.24 -5.36 38.23
CA GLY F 269 -34.38 -4.66 37.71
C GLY F 269 -34.37 -3.16 37.88
N VAL F 270 -33.30 -2.58 38.44
CA VAL F 270 -33.21 -1.13 38.50
C VAL F 270 -33.12 -0.56 37.09
N GLY F 271 -32.56 -1.32 36.16
CA GLY F 271 -32.48 -0.88 34.77
C GLY F 271 -31.64 0.36 34.58
N CYS F 272 -30.50 0.43 35.26
CA CYS F 272 -29.62 1.59 35.11
C CYS F 272 -29.08 1.65 33.69
N SER F 273 -29.14 2.84 33.10
CA SER F 273 -28.68 3.07 31.74
C SER F 273 -27.37 3.84 31.76
N PHE F 274 -26.44 3.43 30.90
CA PHE F 274 -25.13 4.06 30.85
C PHE F 274 -24.50 3.79 29.50
N ASP F 275 -23.55 4.65 29.12
CA ASP F 275 -22.75 4.38 27.95
C ASP F 275 -21.71 3.32 28.27
N VAL F 276 -21.40 2.48 27.29
CA VAL F 276 -20.39 1.45 27.44
C VAL F 276 -19.27 1.80 26.46
N TRP F 277 -18.20 2.38 26.97
CA TRP F 277 -17.06 2.81 26.17
C TRP F 277 -16.21 1.58 25.86
N THR F 278 -16.19 1.18 24.59
CA THR F 278 -15.48 0.00 24.14
C THR F 278 -14.42 0.38 23.11
N LYS F 279 -13.47 -0.53 22.90
CA LYS F 279 -12.44 -0.40 21.87
C LYS F 279 -12.43 -1.71 21.08
N GLY F 280 -13.31 -1.82 20.10
CA GLY F 280 -13.44 -3.05 19.34
C GLY F 280 -14.40 -4.03 19.98
N ARG F 281 -13.86 -5.01 20.70
CA ARG F 281 -14.69 -5.99 21.39
C ARG F 281 -14.58 -5.93 22.91
N ASP F 282 -13.45 -5.53 23.46
CA ASP F 282 -13.32 -5.44 24.91
C ASP F 282 -14.03 -4.20 25.43
N ILE F 283 -14.45 -4.27 26.69
CA ILE F 283 -15.19 -3.19 27.33
C ILE F 283 -14.19 -2.40 28.18
N LEU F 284 -14.00 -1.13 27.84
CA LEU F 284 -13.03 -0.29 28.53
C LEU F 284 -13.64 0.36 29.77
N LYS F 285 -14.82 0.97 29.62
CA LYS F 285 -15.42 1.69 30.73
C LYS F 285 -16.94 1.57 30.64
N VAL F 286 -17.59 1.60 31.80
CA VAL F 286 -19.04 1.77 31.86
C VAL F 286 -19.26 3.16 32.46
N GLU F 287 -19.58 4.13 31.61
CA GLU F 287 -19.72 5.51 32.03
C GLU F 287 -21.19 5.85 32.17
N PRO F 288 -21.70 6.07 33.38
CA PRO F 288 -23.06 6.59 33.53
C PRO F 288 -23.10 8.06 33.12
N GLN F 289 -24.31 8.49 32.74
CA GLN F 289 -24.54 9.87 32.35
C GLN F 289 -25.61 10.48 33.25
N GLU F 290 -25.49 11.79 33.49
CA GLU F 290 -26.44 12.47 34.34
C GLU F 290 -27.86 12.38 33.78
N GLU F 291 -28.00 12.24 32.46
CA GLU F 291 -29.29 12.14 31.82
C GLU F 291 -29.93 10.76 31.97
N ALA F 292 -29.24 9.81 32.57
CA ALA F 292 -29.82 8.48 32.75
C ALA F 292 -31.02 8.57 33.68
N PRO F 293 -32.18 8.07 33.28
CA PRO F 293 -33.40 8.27 34.08
C PRO F 293 -33.41 7.46 35.37
N ALA F 294 -33.05 6.18 35.27
CA ALA F 294 -33.19 5.29 36.42
C ALA F 294 -32.09 5.50 37.46
N ASN F 295 -30.88 5.87 37.03
CA ASN F 295 -29.76 5.92 37.96
C ASN F 295 -29.00 7.25 37.89
N GLY F 296 -28.98 7.88 36.72
CA GLY F 296 -28.09 9.00 36.52
C GLY F 296 -26.65 8.53 36.55
N ILE F 297 -25.90 8.94 37.58
CA ILE F 297 -24.52 8.45 37.75
C ILE F 297 -24.45 7.18 38.59
N SER F 298 -25.55 6.79 39.24
CA SER F 298 -25.52 5.67 40.15
C SER F 298 -25.26 4.37 39.41
N THR F 299 -24.44 3.50 40.01
CA THR F 299 -24.10 2.22 39.41
C THR F 299 -23.62 1.29 40.52
N CYS F 300 -23.68 0.00 40.25
CA CYS F 300 -23.19 -1.02 41.15
C CYS F 300 -21.96 -1.71 40.53
N VAL F 301 -21.44 -2.71 41.23
CA VAL F 301 -20.28 -3.43 40.72
C VAL F 301 -20.65 -4.20 39.47
N LYS F 302 -21.84 -4.80 39.43
CA LYS F 302 -22.23 -5.61 38.29
C LYS F 302 -22.27 -4.77 37.02
N GLY F 303 -23.19 -3.81 36.98
CA GLY F 303 -23.40 -3.03 35.77
C GLY F 303 -22.22 -2.20 35.34
N LYS F 304 -21.23 -2.02 36.22
CA LYS F 304 -20.14 -1.11 35.83
C LYS F 304 -18.81 -1.84 35.81
N PHE F 305 -18.79 -3.11 36.14
CA PHE F 305 -17.50 -3.80 36.03
C PHE F 305 -17.76 -5.28 35.78
N GLY F 306 -19.01 -5.65 35.52
CA GLY F 306 -19.39 -7.06 35.39
C GLY F 306 -19.58 -7.51 33.96
N TRP F 307 -19.18 -6.69 33.00
CA TRP F 307 -19.49 -7.05 31.60
C TRP F 307 -18.40 -7.88 30.91
N ASP F 308 -17.47 -8.52 31.61
CA ASP F 308 -16.49 -9.40 30.98
C ASP F 308 -17.12 -10.68 30.44
N PHE F 309 -18.35 -11.00 30.86
CA PHE F 309 -19.00 -12.20 30.34
C PHE F 309 -19.28 -12.08 28.84
N VAL F 310 -19.45 -10.86 28.33
CA VAL F 310 -19.72 -10.67 26.91
C VAL F 310 -18.54 -11.16 26.08
N ASN F 311 -17.32 -10.85 26.52
CA ASN F 311 -16.11 -11.26 25.82
C ASN F 311 -15.53 -12.56 26.36
N SER F 312 -16.25 -13.23 27.25
CA SER F 312 -15.75 -14.47 27.82
C SER F 312 -15.63 -15.56 26.75
N GLU F 313 -14.56 -16.35 26.83
CA GLU F 313 -14.35 -17.42 25.86
C GLU F 313 -15.35 -18.55 26.02
N GLU F 314 -15.97 -18.67 27.20
CA GLU F 314 -16.96 -19.71 27.42
C GLU F 314 -18.23 -19.46 26.61
N ARG F 315 -18.43 -18.22 26.15
CA ARG F 315 -19.64 -17.88 25.40
C ARG F 315 -19.86 -18.81 24.22
N LEU F 316 -21.10 -19.26 24.07
CA LEU F 316 -21.47 -20.15 22.97
C LEU F 316 -21.58 -19.35 21.68
N THR F 317 -20.62 -19.53 20.79
CA THR F 317 -20.60 -18.80 19.53
C THR F 317 -21.41 -19.48 18.44
N LYS F 318 -21.63 -20.78 18.53
CA LYS F 318 -22.29 -21.57 17.51
C LYS F 318 -23.43 -22.35 18.13
N PRO F 319 -24.47 -22.69 17.36
CA PRO F 319 -25.50 -23.59 17.88
C PRO F 319 -24.93 -24.96 18.22
N LEU F 320 -25.44 -25.55 19.29
CA LEU F 320 -25.02 -26.87 19.74
C LEU F 320 -26.19 -27.83 19.63
N ILE F 321 -25.92 -29.03 19.11
CA ILE F 321 -26.94 -30.06 18.96
C ILE F 321 -26.51 -31.27 19.77
N ARG F 322 -27.44 -31.84 20.55
CA ARG F 322 -27.15 -33.02 21.34
C ARG F 322 -27.00 -34.22 20.42
N GLU F 323 -25.75 -34.59 20.15
CA GLU F 323 -25.44 -35.76 19.33
C GLU F 323 -24.96 -36.87 20.25
N GLY F 324 -25.75 -37.93 20.36
CA GLY F 324 -25.41 -39.04 21.23
C GLY F 324 -25.25 -38.62 22.68
N ASP F 325 -24.00 -38.61 23.15
CA ASP F 325 -23.70 -38.21 24.53
C ASP F 325 -22.84 -36.95 24.58
N HIS F 326 -22.87 -36.13 23.53
CA HIS F 326 -22.07 -34.91 23.49
C HIS F 326 -22.86 -33.80 22.83
N PHE F 327 -22.26 -32.60 22.83
CA PHE F 327 -22.83 -31.44 22.18
C PHE F 327 -21.97 -31.12 20.96
N ARG F 328 -22.48 -31.43 19.76
CA ARG F 328 -21.76 -31.16 18.54
C ARG F 328 -22.04 -29.73 18.08
N GLU F 329 -20.98 -29.04 17.67
CA GLU F 329 -21.07 -27.66 17.17
C GLU F 329 -21.60 -27.72 15.76
N ALA F 330 -22.92 -27.56 15.61
CA ALA F 330 -23.59 -27.71 14.33
C ALA F 330 -23.85 -26.35 13.68
N GLU F 331 -24.18 -26.40 12.40
CA GLU F 331 -24.48 -25.19 11.65
C GLU F 331 -25.82 -24.60 12.10
N TRP F 332 -26.00 -23.31 11.82
CA TRP F 332 -27.24 -22.63 12.19
C TRP F 332 -28.43 -23.23 11.45
N GLU F 333 -28.30 -23.44 10.15
CA GLU F 333 -29.43 -23.89 9.35
C GLU F 333 -29.87 -25.29 9.74
N GLU F 334 -28.93 -26.21 9.94
CA GLU F 334 -29.30 -27.57 10.30
C GLU F 334 -29.95 -27.63 11.68
N ALA F 335 -29.44 -26.85 12.63
CA ALA F 335 -30.06 -26.79 13.95
C ALA F 335 -31.46 -26.21 13.87
N LEU F 336 -31.65 -25.16 13.05
CA LEU F 336 -32.97 -24.58 12.88
C LEU F 336 -33.94 -25.60 12.27
N LEU F 337 -33.49 -26.34 11.25
CA LEU F 337 -34.34 -27.35 10.66
C LEU F 337 -34.69 -28.44 11.66
N LEU F 338 -33.71 -28.86 12.47
CA LEU F 338 -33.97 -29.90 13.47
C LEU F 338 -35.00 -29.45 14.48
N ILE F 339 -34.84 -28.25 15.04
CA ILE F 339 -35.77 -27.78 16.06
C ILE F 339 -37.16 -27.59 15.46
N ALA F 340 -37.23 -27.04 14.23
CA ALA F 340 -38.52 -26.83 13.59
C ALA F 340 -39.23 -28.16 13.33
N SER F 341 -38.49 -29.14 12.81
CA SER F 341 -39.11 -30.44 12.51
C SER F 341 -39.57 -31.12 13.78
N LYS F 342 -38.75 -31.09 14.84
CA LYS F 342 -39.17 -31.72 16.09
C LYS F 342 -40.40 -31.02 16.67
N PHE F 343 -40.45 -29.69 16.61
CA PHE F 343 -41.60 -28.98 17.15
C PHE F 343 -42.85 -29.26 16.35
N THR F 344 -42.73 -29.34 15.02
CA THR F 344 -43.88 -29.73 14.21
C THR F 344 -44.35 -31.14 14.54
N GLU F 345 -43.39 -32.06 14.79
CA GLU F 345 -43.75 -33.43 15.13
C GLU F 345 -44.55 -33.48 16.42
N LEU F 346 -44.02 -32.88 17.49
CA LEU F 346 -44.74 -32.89 18.76
C LEU F 346 -45.93 -31.94 18.79
N LYS F 347 -46.10 -31.09 17.78
CA LYS F 347 -47.29 -30.25 17.67
C LYS F 347 -48.42 -30.96 16.94
N GLU F 348 -48.11 -31.71 15.88
CA GLU F 348 -49.11 -32.43 15.12
C GLU F 348 -49.34 -33.85 15.62
N ALA F 349 -48.56 -34.30 16.60
CA ALA F 349 -48.79 -35.63 17.19
C ALA F 349 -49.63 -35.56 18.46
N PHE F 350 -49.20 -34.77 19.45
CA PHE F 350 -49.90 -34.66 20.72
C PHE F 350 -50.57 -33.31 20.91
N GLY F 351 -50.56 -32.46 19.90
CA GLY F 351 -51.21 -31.17 19.98
C GLY F 351 -50.30 -30.10 20.54
N PRO F 352 -50.58 -28.83 20.20
CA PRO F 352 -49.77 -27.73 20.74
C PRO F 352 -49.85 -27.59 22.25
N ASP F 353 -50.92 -28.09 22.87
CA ASP F 353 -51.06 -27.93 24.32
C ASP F 353 -49.94 -28.62 25.08
N SER F 354 -49.31 -29.63 24.48
CA SER F 354 -48.18 -30.31 25.09
C SER F 354 -46.85 -29.62 24.78
N LEU F 355 -46.88 -28.37 24.35
CA LEU F 355 -45.70 -27.59 24.07
C LEU F 355 -45.63 -26.41 25.04
N ALA F 356 -44.48 -26.25 25.68
CA ALA F 356 -44.29 -25.20 26.68
C ALA F 356 -42.95 -24.53 26.48
N PHE F 357 -42.96 -23.20 26.37
CA PHE F 357 -41.75 -22.43 26.11
C PHE F 357 -41.60 -21.34 27.17
N ILE F 358 -40.35 -21.03 27.50
CA ILE F 358 -40.03 -20.08 28.56
C ILE F 358 -39.16 -18.98 27.97
N THR F 359 -39.56 -17.73 28.15
CA THR F 359 -38.70 -16.61 27.82
C THR F 359 -37.89 -16.18 29.03
N SER F 360 -36.74 -15.58 28.75
CA SER F 360 -35.87 -15.06 29.80
C SER F 360 -36.35 -13.68 30.23
N SER F 361 -36.40 -13.46 31.54
CA SER F 361 -36.62 -12.12 32.03
C SER F 361 -35.40 -11.23 31.86
N LYS F 362 -34.26 -11.81 31.49
CA LYS F 362 -33.04 -11.04 31.20
C LYS F 362 -33.00 -10.51 29.78
N CYS F 363 -33.97 -10.87 28.94
CA CYS F 363 -33.98 -10.45 27.55
C CYS F 363 -34.95 -9.28 27.34
N THR F 364 -34.82 -8.65 26.18
CA THR F 364 -35.58 -7.44 25.89
C THR F 364 -37.07 -7.75 25.75
N ASN F 365 -37.86 -6.68 25.69
CA ASN F 365 -39.30 -6.83 25.52
C ASN F 365 -39.63 -7.53 24.21
N GLU F 366 -38.90 -7.19 23.14
CA GLU F 366 -39.10 -7.85 21.86
C GLU F 366 -38.91 -9.35 21.99
N GLU F 367 -37.94 -9.78 22.81
CA GLU F 367 -37.66 -11.19 22.98
C GLU F 367 -38.85 -11.93 23.60
N SER F 368 -39.39 -11.40 24.71
CA SER F 368 -40.51 -12.05 25.36
C SER F 368 -41.76 -12.00 24.49
N TYR F 369 -41.96 -10.88 23.77
CA TYR F 369 -43.08 -10.81 22.85
C TYR F 369 -42.96 -11.86 21.76
N LEU F 370 -41.74 -12.08 21.27
CA LEU F 370 -41.53 -13.12 20.26
C LEU F 370 -41.75 -14.51 20.83
N MET F 371 -41.33 -14.75 22.08
CA MET F 371 -41.66 -16.03 22.72
C MET F 371 -43.16 -16.25 22.75
N GLN F 372 -43.91 -15.28 23.26
CA GLN F 372 -45.35 -15.51 23.41
C GLN F 372 -46.05 -15.58 22.06
N LYS F 373 -45.56 -14.84 21.06
CA LYS F 373 -46.14 -14.94 19.72
C LYS F 373 -45.86 -16.30 19.10
N LEU F 374 -44.62 -16.80 19.25
CA LEU F 374 -44.29 -18.13 18.76
C LEU F 374 -45.15 -19.19 19.46
N ALA F 375 -45.45 -18.98 20.73
CA ALA F 375 -46.29 -19.93 21.45
C ALA F 375 -47.73 -19.88 20.99
N ARG F 376 -48.28 -18.68 20.80
CA ARG F 376 -49.69 -18.49 20.50
C ARG F 376 -49.96 -18.23 19.03
N GLY F 377 -49.26 -17.26 18.43
CA GLY F 377 -49.47 -16.93 17.03
C GLY F 377 -48.85 -17.92 16.06
N VAL F 378 -48.02 -18.84 16.55
CA VAL F 378 -47.36 -19.83 15.71
C VAL F 378 -47.70 -21.25 16.17
N ILE F 379 -47.28 -21.62 17.39
CA ILE F 379 -47.55 -22.96 17.89
C ILE F 379 -49.02 -23.12 18.23
N GLY F 380 -49.60 -22.12 18.88
CA GLY F 380 -50.98 -22.20 19.34
C GLY F 380 -51.16 -22.57 20.79
N THR F 381 -50.08 -22.65 21.56
CA THR F 381 -50.15 -22.96 22.98
C THR F 381 -50.09 -21.69 23.81
N ASN F 382 -50.42 -21.84 25.10
CA ASN F 382 -50.38 -20.74 26.05
C ASN F 382 -49.39 -20.99 27.18
N ASN F 383 -48.59 -22.05 27.08
CA ASN F 383 -47.65 -22.43 28.16
C ASN F 383 -46.38 -21.60 28.00
N VAL F 384 -46.39 -20.43 28.63
CA VAL F 384 -45.26 -19.52 28.63
C VAL F 384 -45.09 -18.97 30.04
N ASP F 385 -43.84 -18.79 30.45
CA ASP F 385 -43.53 -18.17 31.74
C ASP F 385 -42.09 -17.68 31.69
N ASN F 386 -41.60 -17.19 32.81
CA ASN F 386 -40.25 -16.64 32.93
C ASN F 386 -39.82 -16.82 34.39
N CYS F 387 -38.77 -16.10 34.80
CA CYS F 387 -38.43 -16.14 36.22
C CYS F 387 -39.50 -15.46 37.06
N SER F 388 -40.37 -14.65 36.46
CA SER F 388 -41.41 -13.95 37.22
C SER F 388 -42.31 -14.91 37.96
N ARG F 389 -42.47 -16.14 37.46
CA ARG F 389 -43.21 -17.15 38.20
C ARG F 389 -42.55 -17.41 39.55
N TYR F 390 -41.23 -17.34 39.62
CA TYR F 390 -40.51 -17.47 40.88
C TYR F 390 -40.30 -16.14 41.57
N CYS F 391 -40.49 -15.03 40.86
CA CYS F 391 -40.01 -13.72 41.30
C CYS F 391 -41.14 -12.73 41.54
N GLN F 392 -41.97 -12.48 40.54
CA GLN F 392 -42.92 -11.38 40.59
C GLN F 392 -44.36 -11.82 40.37
N SER F 393 -44.60 -13.12 40.20
CA SER F 393 -45.97 -13.60 40.05
C SER F 393 -46.85 -13.26 41.25
N PRO F 394 -46.43 -13.50 42.50
CA PRO F 394 -47.32 -13.13 43.62
C PRO F 394 -47.44 -11.63 43.81
N ALA F 395 -46.37 -10.87 43.58
CA ALA F 395 -46.46 -9.42 43.69
C ALA F 395 -47.43 -8.85 42.65
N THR F 396 -47.31 -9.30 41.41
CA THR F 396 -48.22 -8.86 40.37
C THR F 396 -49.65 -9.31 40.66
N ALA F 397 -49.81 -10.52 41.18
CA ALA F 397 -51.14 -11.01 41.55
C ALA F 397 -51.76 -10.13 42.63
N GLY F 398 -50.97 -9.75 43.64
CA GLY F 398 -51.48 -8.85 44.66
C GLY F 398 -51.84 -7.49 44.11
N LEU F 399 -51.02 -6.98 43.19
CA LEU F 399 -51.33 -5.69 42.56
C LEU F 399 -52.64 -5.77 41.78
N PHE F 400 -52.87 -6.87 41.07
CA PHE F 400 -54.16 -7.07 40.41
C PHE F 400 -55.28 -7.12 41.43
N ARG F 401 -55.07 -7.85 42.52
CA ARG F 401 -56.11 -8.05 43.52
C ARG F 401 -56.48 -6.76 44.24
N THR F 402 -55.58 -5.79 44.34
CA THR F 402 -55.87 -4.53 45.00
C THR F 402 -55.81 -3.33 44.08
N VAL F 403 -54.67 -3.09 43.42
CA VAL F 403 -54.48 -1.88 42.64
C VAL F 403 -54.77 -2.07 41.16
N GLY F 404 -54.58 -3.26 40.61
CA GLY F 404 -54.92 -3.55 39.23
C GLY F 404 -53.80 -3.36 38.23
N TYR F 405 -52.75 -2.62 38.58
CA TYR F 405 -51.61 -2.41 37.70
C TYR F 405 -50.38 -3.06 38.31
N GLY F 406 -49.69 -3.88 37.52
CA GLY F 406 -48.43 -4.42 37.96
C GLY F 406 -47.30 -3.42 37.88
N GLY F 407 -46.22 -3.71 38.59
CA GLY F 407 -45.06 -2.83 38.60
C GLY F 407 -45.11 -1.78 39.69
N ASP F 408 -44.05 -0.99 39.74
CA ASP F 408 -43.92 0.03 40.78
C ASP F 408 -44.92 1.15 40.58
N SER F 409 -45.24 1.85 41.67
CA SER F 409 -46.13 3.00 41.59
C SER F 409 -45.44 4.21 40.95
N GLY F 410 -44.12 4.30 41.04
CA GLY F 410 -43.42 5.45 40.51
C GLY F 410 -41.98 5.11 40.22
N SER F 411 -41.18 6.15 40.03
CA SER F 411 -39.77 6.00 39.71
C SER F 411 -38.94 6.00 41.00
N ILE F 412 -37.63 5.76 40.86
CA ILE F 412 -36.73 5.78 42.02
C ILE F 412 -36.62 7.19 42.58
N THR F 413 -36.83 8.22 41.75
CA THR F 413 -36.89 9.58 42.27
C THR F 413 -38.04 9.73 43.24
N ASP F 414 -39.19 9.12 42.93
CA ASP F 414 -40.30 9.11 43.88
C ASP F 414 -39.95 8.30 45.13
N ILE F 415 -39.08 7.28 44.99
CA ILE F 415 -38.62 6.55 46.16
C ILE F 415 -37.82 7.47 47.07
N ALA F 416 -36.92 8.26 46.48
CA ALA F 416 -36.13 9.21 47.27
C ALA F 416 -37.01 10.27 47.90
N GLN F 417 -38.03 10.73 47.16
CA GLN F 417 -38.92 11.78 47.67
C GLN F 417 -39.80 11.30 48.81
N ALA F 418 -39.86 10.00 49.06
CA ALA F 418 -40.71 9.49 50.13
C ALA F 418 -40.20 9.92 51.49
N ASP F 419 -41.15 10.09 52.43
CA ASP F 419 -40.77 10.39 53.81
C ASP F 419 -40.42 9.11 54.57
N LEU F 420 -41.08 8.00 54.24
CA LEU F 420 -40.83 6.71 54.86
C LEU F 420 -40.83 5.63 53.80
N VAL F 421 -39.83 4.74 53.86
CA VAL F 421 -39.73 3.59 52.98
C VAL F 421 -39.93 2.34 53.82
N LEU F 422 -40.92 1.54 53.46
CA LEU F 422 -41.24 0.30 54.18
C LEU F 422 -40.73 -0.87 53.35
N ILE F 423 -39.50 -1.28 53.62
CA ILE F 423 -38.85 -2.38 52.92
C ILE F 423 -39.02 -3.64 53.76
N ILE F 424 -39.60 -4.67 53.17
CA ILE F 424 -39.87 -5.94 53.85
C ILE F 424 -39.38 -7.07 52.96
N GLY F 425 -38.53 -7.94 53.51
CA GLY F 425 -38.01 -9.05 52.75
C GLY F 425 -37.14 -8.68 51.56
N SER F 426 -36.53 -7.49 51.59
CA SER F 426 -35.73 -7.01 50.47
C SER F 426 -34.29 -6.79 50.89
N ASN F 427 -33.36 -7.44 50.18
CA ASN F 427 -31.94 -7.15 50.31
C ASN F 427 -31.53 -6.11 49.26
N THR F 428 -32.18 -4.94 49.34
CA THR F 428 -32.00 -3.91 48.33
C THR F 428 -30.55 -3.49 48.20
N SER F 429 -29.78 -3.56 49.29
CA SER F 429 -28.36 -3.24 49.20
C SER F 429 -27.63 -4.20 48.28
N GLU F 430 -27.98 -5.48 48.32
CA GLU F 430 -27.25 -6.51 47.58
C GLU F 430 -28.00 -7.05 46.38
N SER F 431 -29.25 -6.63 46.16
CA SER F 431 -30.03 -7.11 45.02
C SER F 431 -30.34 -6.01 44.02
N HIS F 432 -30.91 -4.89 44.48
CA HIS F 432 -31.17 -3.72 43.64
C HIS F 432 -30.29 -2.58 44.15
N PRO F 433 -28.98 -2.65 43.89
CA PRO F 433 -28.06 -1.76 44.62
C PRO F 433 -28.35 -0.27 44.45
N VAL F 434 -28.67 0.18 43.23
CA VAL F 434 -28.82 1.61 42.99
C VAL F 434 -30.03 2.17 43.72
N LEU F 435 -31.12 1.39 43.78
CA LEU F 435 -32.29 1.83 44.54
C LEU F 435 -31.94 1.97 46.01
N SER F 436 -31.12 1.06 46.53
CA SER F 436 -30.67 1.17 47.92
C SER F 436 -29.78 2.39 48.10
N THR F 437 -28.95 2.73 47.10
CA THR F 437 -28.17 3.95 47.19
C THR F 437 -29.07 5.18 47.27
N ARG F 438 -30.13 5.19 46.47
CA ARG F 438 -31.09 6.29 46.55
C ARG F 438 -31.73 6.38 47.92
N ILE F 439 -32.16 5.23 48.45
CA ILE F 439 -32.83 5.22 49.75
C ILE F 439 -31.87 5.67 50.85
N LYS F 440 -30.63 5.17 50.81
CA LYS F 440 -29.65 5.55 51.82
C LYS F 440 -29.24 7.01 51.69
N ARG F 441 -29.22 7.54 50.46
CA ARG F 441 -28.96 8.96 50.27
C ARG F 441 -30.06 9.80 50.89
N ALA F 442 -31.32 9.41 50.66
CA ALA F 442 -32.43 10.14 51.25
C ALA F 442 -32.44 9.99 52.78
N HIS F 443 -31.97 8.85 53.29
CA HIS F 443 -31.96 8.66 54.74
C HIS F 443 -30.83 9.47 55.39
N LYS F 444 -29.65 9.48 54.77
CA LYS F 444 -28.50 10.18 55.35
C LYS F 444 -28.60 11.68 55.18
N LEU F 445 -29.15 12.15 54.06
CA LEU F 445 -29.19 13.57 53.74
C LEU F 445 -30.58 14.16 53.90
N ARG F 446 -31.59 13.61 53.23
CA ARG F 446 -32.94 14.15 53.29
C ARG F 446 -33.64 13.85 54.61
N GLY F 447 -33.08 12.96 55.43
CA GLY F 447 -33.68 12.65 56.71
C GLY F 447 -34.78 11.62 56.68
N GLN F 448 -35.02 10.98 55.54
CA GLN F 448 -36.06 9.95 55.46
C GLN F 448 -35.71 8.77 56.35
N LYS F 449 -36.70 8.29 57.10
CA LYS F 449 -36.53 7.12 57.95
C LYS F 449 -37.15 5.91 57.27
N VAL F 450 -36.42 4.79 57.26
CA VAL F 450 -36.85 3.58 56.58
C VAL F 450 -37.02 2.47 57.62
N ILE F 451 -37.93 1.54 57.34
CA ILE F 451 -38.21 0.41 58.21
C ILE F 451 -37.90 -0.86 57.43
N VAL F 452 -36.77 -1.48 57.74
CA VAL F 452 -36.36 -2.72 57.08
C VAL F 452 -36.87 -3.90 57.89
N ALA F 453 -37.60 -4.80 57.25
CA ALA F 453 -38.22 -5.95 57.91
C ALA F 453 -37.82 -7.21 57.16
N ASP F 454 -36.76 -7.87 57.64
CA ASP F 454 -36.33 -9.13 57.05
C ASP F 454 -35.53 -9.91 58.10
N ILE F 455 -35.43 -11.23 57.87
CA ILE F 455 -34.79 -12.09 58.84
C ILE F 455 -33.30 -11.82 58.94
N ARG F 456 -32.66 -11.51 57.82
CA ARG F 456 -31.23 -11.23 57.79
C ARG F 456 -30.96 -9.76 58.11
N LYS F 457 -29.72 -9.48 58.48
CA LYS F 457 -29.25 -8.12 58.76
C LYS F 457 -28.20 -7.76 57.70
N HIS F 458 -28.67 -7.23 56.57
CA HIS F 458 -27.78 -6.84 55.49
C HIS F 458 -27.25 -5.43 55.76
N GLU F 459 -26.63 -4.82 54.75
CA GLU F 459 -26.09 -3.47 54.90
C GLU F 459 -27.19 -2.47 55.23
N MET F 460 -28.33 -2.57 54.55
CA MET F 460 -29.40 -1.61 54.79
C MET F 460 -30.04 -1.80 56.16
N ALA F 461 -30.11 -3.04 56.63
CA ALA F 461 -30.71 -3.29 57.94
C ALA F 461 -29.91 -2.62 59.05
N GLU F 462 -28.58 -2.69 58.98
CA GLU F 462 -27.75 -2.00 59.94
C GLU F 462 -27.70 -0.49 59.70
N ARG F 463 -28.25 -0.02 58.57
CA ARG F 463 -28.34 1.40 58.27
C ARG F 463 -29.78 1.87 58.18
N SER F 464 -30.71 1.17 58.83
CA SER F 464 -32.11 1.53 58.80
C SER F 464 -32.53 2.23 60.08
N ASP F 465 -33.58 3.04 59.98
CA ASP F 465 -34.10 3.72 61.15
C ASP F 465 -34.66 2.71 62.16
N LEU F 466 -35.36 1.70 61.67
CA LEU F 466 -35.98 0.69 62.54
C LEU F 466 -35.93 -0.65 61.81
N PHE F 467 -35.02 -1.52 62.24
CA PHE F 467 -34.85 -2.83 61.64
C PHE F 467 -35.43 -3.88 62.59
N VAL F 468 -36.43 -4.61 62.10
CA VAL F 468 -37.11 -5.65 62.88
C VAL F 468 -37.10 -6.93 62.06
N GLN F 469 -36.71 -8.04 62.68
CA GLN F 469 -36.61 -9.31 61.99
C GLN F 469 -37.76 -10.22 62.39
N PRO F 470 -38.74 -10.44 61.52
CA PRO F 470 -39.85 -11.34 61.87
C PRO F 470 -39.53 -12.78 61.56
N ARG F 471 -40.46 -13.69 61.84
CA ARG F 471 -40.25 -15.09 61.55
C ARG F 471 -40.36 -15.34 60.05
N ALA F 472 -39.94 -16.54 59.63
CA ALA F 472 -39.94 -16.91 58.22
C ALA F 472 -41.35 -16.91 57.66
N GLY F 473 -41.64 -15.95 56.77
CA GLY F 473 -42.95 -15.83 56.19
C GLY F 473 -43.99 -15.17 57.05
N SER F 474 -43.62 -14.69 58.24
CA SER F 474 -44.57 -14.08 59.17
C SER F 474 -44.79 -12.59 58.90
N ASP F 475 -44.43 -12.11 57.70
CA ASP F 475 -44.66 -10.71 57.37
C ASP F 475 -46.14 -10.37 57.36
N ILE F 476 -46.97 -11.32 56.90
CA ILE F 476 -48.41 -11.10 56.82
C ILE F 476 -48.98 -10.77 58.19
N VAL F 477 -48.54 -11.48 59.24
CA VAL F 477 -49.16 -11.33 60.55
C VAL F 477 -48.93 -9.94 61.11
N TRP F 478 -47.66 -9.56 61.30
CA TRP F 478 -47.37 -8.25 61.87
C TRP F 478 -47.83 -7.13 60.94
N LEU F 479 -47.77 -7.35 59.62
CA LEU F 479 -48.21 -6.33 58.69
C LEU F 479 -49.71 -6.07 58.83
N ASN F 480 -50.52 -7.13 58.89
CA ASN F 480 -51.95 -6.95 59.03
C ASN F 480 -52.31 -6.41 60.40
N ALA F 481 -51.53 -6.74 61.43
CA ALA F 481 -51.75 -6.12 62.74
C ALA F 481 -51.48 -4.62 62.69
N ILE F 482 -50.42 -4.22 61.98
CA ILE F 482 -50.11 -2.80 61.82
C ILE F 482 -51.23 -2.10 61.07
N ALA F 483 -51.73 -2.73 60.01
CA ALA F 483 -52.84 -2.16 59.26
C ALA F 483 -54.09 -2.03 60.15
N LYS F 484 -54.35 -3.04 60.98
CA LYS F 484 -55.48 -2.98 61.90
C LYS F 484 -55.34 -1.81 62.87
N TYR F 485 -54.14 -1.63 63.43
CA TYR F 485 -53.93 -0.53 64.36
C TYR F 485 -54.10 0.82 63.65
N LEU F 486 -53.58 0.94 62.43
CA LEU F 486 -53.70 2.19 61.69
C LEU F 486 -55.16 2.51 61.38
N ILE F 487 -55.93 1.50 60.98
CA ILE F 487 -57.33 1.74 60.62
C ILE F 487 -58.25 1.84 61.84
N GLU F 488 -57.78 1.41 63.00
CA GLU F 488 -58.61 1.41 64.20
C GLU F 488 -58.43 2.66 65.05
N ASN F 489 -57.23 3.27 65.02
CA ASN F 489 -56.94 4.44 65.84
C ASN F 489 -57.16 5.75 65.11
N GLY F 490 -57.63 5.72 63.86
CA GLY F 490 -57.93 6.92 63.12
C GLY F 490 -56.77 7.52 62.37
N LYS F 491 -55.56 6.96 62.51
CA LYS F 491 -54.42 7.48 61.77
C LYS F 491 -54.52 7.22 60.28
N ALA F 492 -55.33 6.25 59.87
CA ALA F 492 -55.49 5.95 58.45
C ALA F 492 -56.20 7.10 57.73
N ASP F 493 -55.87 7.26 56.45
CA ASP F 493 -56.47 8.31 55.64
C ASP F 493 -57.89 7.92 55.25
N GLU F 494 -58.87 8.28 56.08
CA GLU F 494 -60.26 7.93 55.79
C GLU F 494 -60.76 8.59 54.52
N ARG F 495 -60.30 9.82 54.24
CA ARG F 495 -60.71 10.51 53.02
C ARG F 495 -60.28 9.72 51.79
N PHE F 496 -59.04 9.24 51.77
CA PHE F 496 -58.57 8.41 50.66
C PHE F 496 -59.37 7.11 50.59
N LEU F 497 -59.70 6.54 51.74
CA LEU F 497 -60.48 5.29 51.76
C LEU F 497 -61.85 5.49 51.12
N ARG F 498 -62.51 6.60 51.42
CA ARG F 498 -63.82 6.87 50.82
C ARG F 498 -63.69 7.27 49.37
N GLU F 499 -62.57 7.89 48.98
CA GLU F 499 -62.43 8.41 47.62
C GLU F 499 -62.05 7.31 46.63
N ARG F 500 -60.93 6.63 46.87
CA ARG F 500 -60.35 5.74 45.86
C ARG F 500 -60.23 4.29 46.33
N VAL F 501 -60.87 3.92 47.43
CA VAL F 501 -60.78 2.57 47.96
C VAL F 501 -62.19 2.02 48.17
N ASN F 502 -62.30 0.69 48.13
CA ASN F 502 -63.57 0.01 48.30
C ASN F 502 -63.42 -1.13 49.30
N GLY F 503 -64.52 -1.47 49.95
CA GLY F 503 -64.52 -2.57 50.90
C GLY F 503 -63.70 -2.36 52.15
N ARG F 504 -63.74 -1.16 52.72
CA ARG F 504 -63.00 -0.90 53.95
C ARG F 504 -63.55 -1.73 55.11
N ASP F 505 -64.88 -1.78 55.25
CA ASP F 505 -65.48 -2.51 56.35
C ASP F 505 -65.28 -4.02 56.19
N GLU F 506 -65.31 -4.50 54.94
CA GLU F 506 -65.05 -5.93 54.71
C GLU F 506 -63.62 -6.28 55.12
N TYR F 507 -62.66 -5.42 54.77
CA TYR F 507 -61.27 -5.67 55.18
C TYR F 507 -61.13 -5.61 56.69
N VAL F 508 -61.81 -4.66 57.34
CA VAL F 508 -61.77 -4.58 58.79
C VAL F 508 -62.33 -5.86 59.41
N LYS F 509 -63.42 -6.38 58.84
CA LYS F 509 -63.95 -7.67 59.29
C LYS F 509 -62.91 -8.77 59.11
N SER F 510 -62.18 -8.74 58.00
CA SER F 510 -61.10 -9.70 57.81
C SER F 510 -59.98 -9.51 58.83
N LEU F 511 -59.82 -8.29 59.34
CA LEU F 511 -58.79 -7.99 60.32
C LEU F 511 -59.25 -8.23 61.75
N ALA F 512 -60.46 -8.74 61.95
CA ALA F 512 -60.94 -9.00 63.30
C ALA F 512 -60.06 -9.96 64.10
N PRO F 513 -59.63 -11.12 63.56
CA PRO F 513 -58.79 -12.01 64.38
C PRO F 513 -57.38 -11.50 64.62
N TYR F 514 -56.98 -10.41 63.97
CA TYR F 514 -55.60 -9.93 64.05
C TYR F 514 -55.47 -8.88 65.14
N THR F 515 -54.60 -9.15 66.12
CA THR F 515 -54.30 -8.23 67.20
C THR F 515 -52.80 -8.01 67.28
N LEU F 516 -52.41 -6.96 68.01
CA LEU F 516 -50.99 -6.66 68.16
C LEU F 516 -50.26 -7.76 68.91
N GLU F 517 -50.86 -8.28 69.99
CA GLU F 517 -50.25 -9.38 70.71
C GLU F 517 -50.21 -10.65 69.88
N TYR F 518 -51.21 -10.85 69.03
CA TYR F 518 -51.19 -11.99 68.10
C TYR F 518 -49.95 -11.93 67.21
N ALA F 519 -49.69 -10.76 66.63
CA ALA F 519 -48.51 -10.59 65.78
C ALA F 519 -47.23 -10.71 66.60
N GLU F 520 -47.23 -10.20 67.83
CA GLU F 520 -46.06 -10.33 68.68
C GLU F 520 -45.72 -11.80 68.94
N GLU F 521 -46.74 -12.62 69.18
CA GLU F 521 -46.51 -14.03 69.41
C GLU F 521 -46.07 -14.75 68.14
N LYS F 522 -46.72 -14.44 67.00
CA LYS F 522 -46.45 -15.18 65.78
C LYS F 522 -45.08 -14.81 65.20
N THR F 523 -44.77 -13.52 65.13
CA THR F 523 -43.54 -13.06 64.49
C THR F 523 -42.33 -13.12 65.41
N GLY F 524 -42.52 -13.40 66.70
CA GLY F 524 -41.41 -13.39 67.63
C GLY F 524 -40.76 -12.03 67.78
N ILE F 525 -41.57 -10.96 67.77
CA ILE F 525 -41.10 -9.60 67.86
C ILE F 525 -41.85 -8.88 68.96
N ASP F 526 -41.13 -8.09 69.75
CA ASP F 526 -41.75 -7.41 70.89
C ASP F 526 -42.79 -6.40 70.41
N GLN F 527 -43.77 -6.13 71.28
CA GLN F 527 -44.89 -5.27 70.94
C GLN F 527 -44.46 -3.83 70.71
N GLU F 528 -43.46 -3.36 71.45
CA GLU F 528 -43.07 -1.95 71.37
C GLU F 528 -42.60 -1.57 69.96
N THR F 529 -41.79 -2.43 69.33
CA THR F 529 -41.32 -2.14 67.99
C THR F 529 -42.48 -2.08 67.00
N LEU F 530 -43.42 -3.02 67.08
CA LEU F 530 -44.57 -3.01 66.18
C LEU F 530 -45.41 -1.75 66.38
N ILE F 531 -45.67 -1.38 67.63
CA ILE F 531 -46.54 -0.22 67.86
C ILE F 531 -45.83 1.07 67.41
N GLN F 532 -44.51 1.16 67.61
CA GLN F 532 -43.81 2.37 67.21
C GLN F 532 -43.69 2.46 65.69
N MET F 533 -43.48 1.34 65.00
CA MET F 533 -43.42 1.41 63.55
C MET F 533 -44.80 1.69 62.96
N ALA F 534 -45.87 1.17 63.57
CA ALA F 534 -47.21 1.53 63.14
C ALA F 534 -47.48 3.01 63.34
N GLU F 535 -47.04 3.57 64.47
CA GLU F 535 -47.19 5.00 64.69
C GLU F 535 -46.42 5.80 63.65
N MET F 536 -45.21 5.34 63.31
CA MET F 536 -44.43 6.02 62.28
C MET F 536 -45.13 5.97 60.93
N ILE F 537 -45.67 4.80 60.57
CA ILE F 537 -46.37 4.68 59.28
C ILE F 537 -47.58 5.60 59.24
N GLY F 538 -48.34 5.64 60.34
CA GLY F 538 -49.48 6.54 60.39
C GLY F 538 -49.08 8.00 60.30
N GLN F 539 -47.97 8.37 60.95
CA GLN F 539 -47.52 9.76 60.95
C GLN F 539 -46.85 10.14 59.63
N ALA F 540 -46.21 9.19 58.95
CA ALA F 540 -45.49 9.50 57.72
C ALA F 540 -46.45 10.00 56.64
N ASP F 541 -46.07 11.11 55.99
CA ASP F 541 -46.91 11.68 54.95
C ASP F 541 -46.88 10.83 53.69
N SER F 542 -45.68 10.41 53.28
CA SER F 542 -45.49 9.61 52.08
C SER F 542 -44.84 8.29 52.46
N VAL F 543 -45.42 7.18 52.01
CA VAL F 543 -44.91 5.84 52.33
C VAL F 543 -44.61 5.12 51.03
N CYS F 544 -43.41 4.55 50.94
CA CYS F 544 -43.00 3.74 49.80
C CYS F 544 -42.72 2.33 50.31
N ALA F 545 -43.51 1.38 49.85
CA ALA F 545 -43.40 0.00 50.32
C ALA F 545 -42.74 -0.86 49.27
N LEU F 546 -41.57 -1.41 49.60
CA LEU F 546 -40.81 -2.29 48.72
C LEU F 546 -40.85 -3.69 49.33
N TRP F 547 -41.27 -4.68 48.57
CA TRP F 547 -41.23 -6.07 49.03
C TRP F 547 -40.62 -6.95 47.94
N ALA F 548 -39.42 -7.45 48.19
CA ALA F 548 -38.71 -8.34 47.30
C ALA F 548 -38.99 -9.80 47.70
N MET F 549 -38.17 -10.73 47.22
CA MET F 549 -38.49 -12.15 47.33
C MET F 549 -38.53 -12.66 48.77
N GLY F 550 -38.01 -11.89 49.72
CA GLY F 550 -38.04 -12.36 51.10
C GLY F 550 -39.45 -12.56 51.63
N VAL F 551 -40.43 -11.92 51.00
CA VAL F 551 -41.81 -11.99 51.45
C VAL F 551 -42.72 -12.58 50.37
N THR F 552 -42.50 -12.23 49.10
CA THR F 552 -43.37 -12.75 48.05
C THR F 552 -43.05 -14.20 47.69
N GLN F 553 -41.81 -14.65 47.91
CA GLN F 553 -41.45 -16.04 47.64
C GLN F 553 -41.77 -16.90 48.86
N HIS F 554 -43.07 -17.11 49.07
CA HIS F 554 -43.55 -17.90 50.19
C HIS F 554 -44.86 -18.57 49.78
N ILE F 555 -45.30 -19.52 50.60
CA ILE F 555 -46.57 -20.20 50.34
C ILE F 555 -47.71 -19.18 50.35
N GLY F 556 -47.64 -18.21 51.26
CA GLY F 556 -48.61 -17.14 51.30
C GLY F 556 -48.06 -15.84 50.74
N GLY F 557 -47.07 -15.94 49.85
CA GLY F 557 -46.43 -14.74 49.33
C GLY F 557 -47.40 -13.80 48.63
N SER F 558 -48.31 -14.36 47.84
CA SER F 558 -49.33 -13.53 47.20
C SER F 558 -50.23 -12.87 48.25
N ASP F 559 -50.60 -13.63 49.28
CA ASP F 559 -51.48 -13.09 50.32
C ASP F 559 -50.83 -11.89 51.02
N THR F 560 -49.57 -12.02 51.41
CA THR F 560 -48.90 -10.92 52.07
C THR F 560 -48.56 -9.79 51.10
N SER F 561 -48.44 -10.08 49.80
CA SER F 561 -48.30 -9.00 48.82
C SER F 561 -49.58 -8.16 48.76
N THR F 562 -50.73 -8.82 48.69
CA THR F 562 -52.00 -8.09 48.78
C THR F 562 -52.10 -7.35 50.10
N ALA F 563 -51.62 -7.96 51.18
CA ALA F 563 -51.67 -7.32 52.49
C ALA F 563 -50.86 -6.03 52.49
N ILE F 564 -49.66 -6.06 51.90
CA ILE F 564 -48.83 -4.85 51.86
C ILE F 564 -49.51 -3.79 51.02
N SER F 565 -50.00 -4.17 49.84
CA SER F 565 -50.63 -3.21 48.95
C SER F 565 -51.84 -2.56 49.60
N ASN F 566 -52.70 -3.36 50.24
CA ASN F 566 -53.83 -2.76 50.93
C ASN F 566 -53.42 -2.04 52.20
N LEU F 567 -52.23 -2.33 52.75
CA LEU F 567 -51.71 -1.52 53.84
C LEU F 567 -51.43 -0.10 53.38
N LEU F 568 -50.80 0.02 52.21
CA LEU F 568 -50.57 1.38 51.64
C LEU F 568 -51.94 1.98 51.32
N LEU F 569 -52.85 1.17 50.81
CA LEU F 569 -54.19 1.65 50.45
C LEU F 569 -54.88 2.26 51.67
N VAL F 570 -54.80 1.58 52.82
CA VAL F 570 -55.36 2.09 54.05
C VAL F 570 -54.63 3.36 54.49
N THR F 571 -53.29 3.34 54.41
CA THR F 571 -52.52 4.53 54.74
C THR F 571 -52.83 5.67 53.78
N GLY F 572 -53.00 5.35 52.50
CA GLY F 572 -53.35 6.35 51.51
C GLY F 572 -52.15 6.98 50.83
N ASN F 573 -51.27 6.14 50.28
CA ASN F 573 -50.06 6.62 49.63
C ASN F 573 -50.12 6.53 48.10
N TYR F 574 -51.01 5.71 47.56
CA TYR F 574 -51.15 5.63 46.12
C TYR F 574 -51.67 6.95 45.56
N GLY F 575 -51.13 7.34 44.41
CA GLY F 575 -51.48 8.59 43.77
C GLY F 575 -50.70 9.79 44.29
N LYS F 576 -50.22 9.73 45.53
CA LYS F 576 -49.40 10.80 46.06
C LYS F 576 -48.01 10.77 45.42
N PRO F 577 -47.52 11.89 44.89
CA PRO F 577 -46.13 11.91 44.40
C PRO F 577 -45.16 11.43 45.46
N GLY F 578 -44.30 10.52 45.03
CA GLY F 578 -43.23 10.11 45.96
C GLY F 578 -43.66 9.00 46.88
N ALA F 579 -44.86 8.48 46.73
CA ALA F 579 -45.17 7.34 47.62
C ALA F 579 -45.96 6.27 46.88
N GLY F 580 -45.83 5.02 47.31
CA GLY F 580 -46.62 3.95 46.69
C GLY F 580 -46.00 2.60 46.88
N SER F 581 -46.44 1.61 46.11
CA SER F 581 -45.92 0.26 46.16
C SER F 581 -44.92 0.05 45.03
N TYR F 582 -43.75 -0.45 45.40
CA TYR F 582 -42.69 -0.59 44.38
C TYR F 582 -42.15 -2.01 44.47
N PRO F 583 -42.92 -3.07 44.12
CA PRO F 583 -42.42 -4.45 44.13
C PRO F 583 -41.08 -4.48 43.40
N LEU F 584 -40.02 -4.95 44.06
CA LEU F 584 -38.70 -4.85 43.40
C LEU F 584 -38.56 -5.87 42.27
N ARG F 585 -38.84 -5.44 41.05
CA ARG F 585 -38.66 -6.30 39.89
C ARG F 585 -37.21 -6.75 39.82
N GLY F 586 -37.01 -8.05 39.77
CA GLY F 586 -35.67 -8.59 39.90
C GLY F 586 -34.80 -8.49 38.66
N HIS F 587 -35.17 -9.20 37.60
CA HIS F 587 -34.37 -9.13 36.39
C HIS F 587 -34.55 -7.77 35.73
N ASN F 588 -33.59 -7.42 34.88
CA ASN F 588 -33.63 -6.13 34.21
C ASN F 588 -34.92 -5.94 33.42
N ASN F 589 -35.51 -7.04 32.94
CA ASN F 589 -36.71 -6.96 32.11
C ASN F 589 -37.76 -7.97 32.54
N VAL F 590 -37.74 -8.36 33.82
CA VAL F 590 -38.83 -9.21 34.33
C VAL F 590 -40.14 -8.45 34.27
N GLN F 591 -40.11 -7.15 34.58
CA GLN F 591 -41.28 -6.30 34.38
C GLN F 591 -41.67 -6.25 32.91
N GLY F 592 -40.67 -6.12 32.02
CA GLY F 592 -40.97 -6.10 30.60
C GLY F 592 -41.51 -7.41 30.09
N ALA F 593 -40.92 -8.52 30.53
CA ALA F 593 -41.43 -9.83 30.13
C ALA F 593 -42.87 -10.01 30.59
N SER F 594 -43.15 -9.70 31.86
CA SER F 594 -44.52 -9.77 32.35
C SER F 594 -45.44 -8.83 31.59
N ASP F 595 -44.91 -7.70 31.12
CA ASP F 595 -45.72 -6.76 30.33
C ASP F 595 -46.15 -7.37 29.02
N PHE F 596 -45.31 -8.19 28.41
CA PHE F 596 -45.54 -8.71 27.06
C PHE F 596 -46.01 -10.16 27.08
N GLY F 597 -46.86 -10.51 28.04
CA GLY F 597 -47.52 -11.79 28.02
C GLY F 597 -46.65 -12.97 28.38
N SER F 598 -45.61 -12.76 29.20
CA SER F 598 -44.80 -13.89 29.66
C SER F 598 -45.63 -14.85 30.50
N MET F 599 -46.43 -14.31 31.43
CA MET F 599 -47.26 -15.17 32.25
C MET F 599 -48.32 -15.85 31.39
N PRO F 600 -48.62 -17.13 31.65
CA PRO F 600 -49.55 -17.85 30.76
C PRO F 600 -50.98 -17.34 30.83
N ASP F 601 -51.39 -16.77 31.96
CA ASP F 601 -52.78 -16.35 32.13
C ASP F 601 -53.05 -14.97 31.54
N ARG F 602 -52.04 -14.26 31.07
CA ARG F 602 -52.22 -12.92 30.51
C ARG F 602 -51.49 -12.78 29.19
N LEU F 603 -52.00 -11.88 28.36
CA LEU F 603 -51.44 -11.53 27.06
C LEU F 603 -50.58 -10.29 27.18
N PRO F 604 -49.83 -9.93 26.13
CA PRO F 604 -49.16 -8.63 26.13
C PRO F 604 -50.18 -7.51 26.28
N GLY F 605 -49.78 -6.45 26.98
CA GLY F 605 -50.71 -5.44 27.42
C GLY F 605 -51.33 -5.73 28.77
N TYR F 606 -50.85 -6.76 29.47
CA TYR F 606 -51.33 -7.10 30.82
C TYR F 606 -52.81 -7.41 30.83
N GLU F 607 -53.27 -8.06 29.76
CA GLU F 607 -54.67 -8.43 29.60
C GLU F 607 -54.83 -9.94 29.73
N LYS F 608 -55.84 -10.36 30.49
CA LYS F 608 -56.07 -11.78 30.68
C LYS F 608 -56.42 -12.46 29.37
N VAL F 609 -55.94 -13.71 29.21
CA VAL F 609 -56.17 -14.45 27.97
C VAL F 609 -57.65 -14.77 27.79
N THR F 610 -58.37 -15.04 28.88
CA THR F 610 -59.77 -15.42 28.79
C THR F 610 -60.67 -14.19 28.61
N ASP F 611 -60.38 -13.36 27.62
CA ASP F 611 -61.20 -12.21 27.28
C ASP F 611 -61.45 -12.22 25.78
N GLU F 612 -62.71 -12.08 25.39
CA GLU F 612 -63.06 -12.21 23.98
C GLU F 612 -62.48 -11.09 23.13
N GLN F 613 -62.51 -9.85 23.64
CA GLN F 613 -62.07 -8.71 22.84
C GLN F 613 -60.59 -8.78 22.54
N VAL F 614 -59.77 -9.07 23.56
CA VAL F 614 -58.32 -9.13 23.34
C VAL F 614 -57.96 -10.31 22.46
N ARG F 615 -58.65 -11.44 22.63
CA ARG F 615 -58.40 -12.59 21.77
C ARG F 615 -58.74 -12.28 20.32
N GLN F 616 -59.86 -11.58 20.10
CA GLN F 616 -60.22 -11.20 18.73
C GLN F 616 -59.22 -10.24 18.13
N LYS F 617 -58.76 -9.26 18.91
CA LYS F 617 -57.77 -8.31 18.40
C LYS F 617 -56.46 -9.02 18.06
N TYR F 618 -56.02 -9.93 18.92
CA TYR F 618 -54.78 -10.64 18.65
C TYR F 618 -54.93 -11.61 17.48
N GLU F 619 -56.11 -12.20 17.30
CA GLU F 619 -56.38 -12.99 16.11
C GLU F 619 -56.30 -12.14 14.85
N ARG F 620 -56.88 -10.94 14.90
CA ARG F 620 -56.85 -10.07 13.72
C ARG F 620 -55.44 -9.65 13.37
N VAL F 621 -54.63 -9.30 14.37
CA VAL F 621 -53.28 -8.84 14.07
C VAL F 621 -52.38 -10.00 13.66
N TRP F 622 -52.51 -11.16 14.32
CA TRP F 622 -51.61 -12.28 14.08
C TRP F 622 -52.08 -13.19 12.97
N GLY F 623 -53.40 -13.36 12.80
CA GLY F 623 -53.93 -14.28 11.82
C GLY F 623 -54.03 -15.72 12.26
N VAL F 624 -53.73 -16.02 13.52
CA VAL F 624 -53.80 -17.38 14.03
C VAL F 624 -54.66 -17.38 15.30
N PRO F 625 -55.58 -18.33 15.45
CA PRO F 625 -56.41 -18.35 16.66
C PRO F 625 -55.60 -18.52 17.93
N LEU F 626 -56.06 -17.89 19.00
CA LEU F 626 -55.48 -17.85 20.33
C LEU F 626 -55.99 -19.03 21.17
N PRO F 627 -55.11 -19.67 21.93
CA PRO F 627 -55.52 -20.79 22.78
C PRO F 627 -56.44 -20.32 23.90
N LYS F 628 -57.67 -20.83 23.91
CA LYS F 628 -58.61 -20.47 24.97
C LYS F 628 -58.14 -20.99 26.33
N GLU F 629 -57.57 -22.18 26.37
CA GLU F 629 -57.11 -22.77 27.61
C GLU F 629 -55.90 -22.01 28.13
N PRO F 630 -55.94 -21.47 29.35
CA PRO F 630 -54.75 -20.80 29.89
C PRO F 630 -53.60 -21.78 30.09
N GLY F 631 -52.39 -21.30 29.87
CA GLY F 631 -51.22 -22.14 30.02
C GLY F 631 -50.93 -22.44 31.48
N MET F 632 -50.18 -23.53 31.68
CA MET F 632 -49.80 -23.95 33.02
C MET F 632 -48.64 -23.12 33.54
N THR F 633 -48.56 -23.01 34.87
CA THR F 633 -47.51 -22.23 35.50
C THR F 633 -46.16 -22.94 35.36
N ASN F 634 -45.09 -22.15 35.48
CA ASN F 634 -43.75 -22.68 35.27
C ASN F 634 -43.40 -23.77 36.28
N HIS F 635 -43.73 -23.55 37.56
CA HIS F 635 -43.38 -24.53 38.58
C HIS F 635 -44.14 -25.84 38.37
N GLU F 636 -45.42 -25.76 38.02
CA GLU F 636 -46.23 -26.96 37.82
C GLU F 636 -45.86 -27.71 36.54
N MET F 637 -45.04 -27.12 35.67
CA MET F 637 -44.62 -27.80 34.45
C MET F 637 -43.89 -29.10 34.76
N ILE F 638 -43.05 -29.08 35.79
CA ILE F 638 -42.27 -30.27 36.13
C ILE F 638 -43.19 -31.39 36.61
N GLU F 639 -44.18 -31.05 37.44
CA GLU F 639 -45.15 -32.05 37.87
C GLU F 639 -45.95 -32.59 36.70
N LYS F 640 -46.31 -31.72 35.75
CA LYS F 640 -47.02 -32.18 34.56
C LYS F 640 -46.15 -33.13 33.74
N ILE F 641 -44.85 -32.83 33.65
CA ILE F 641 -43.92 -33.73 32.95
C ILE F 641 -43.88 -35.08 33.64
N HIS F 642 -43.78 -35.08 34.96
CA HIS F 642 -43.76 -36.34 35.71
C HIS F 642 -45.06 -37.11 35.55
N SER F 643 -46.15 -36.43 35.20
CA SER F 643 -47.39 -37.08 34.81
C SER F 643 -47.47 -37.34 33.31
N GLY F 644 -46.48 -36.90 32.54
CA GLY F 644 -46.45 -37.13 31.11
C GLY F 644 -47.23 -36.15 30.26
N GLN F 645 -47.84 -35.12 30.88
CA GLN F 645 -48.62 -34.16 30.12
C GLN F 645 -47.75 -33.37 29.16
N LEU F 646 -46.58 -32.93 29.60
CA LEU F 646 -45.69 -32.09 28.81
C LEU F 646 -44.53 -32.91 28.27
N LYS F 647 -44.09 -32.58 27.07
CA LYS F 647 -43.01 -33.33 26.44
C LYS F 647 -41.87 -32.45 25.95
N ALA F 648 -42.15 -31.22 25.51
CA ALA F 648 -41.14 -30.38 24.89
C ALA F 648 -41.05 -29.03 25.61
N MET F 649 -39.82 -28.53 25.74
CA MET F 649 -39.54 -27.22 26.31
C MET F 649 -38.70 -26.38 25.36
N TYR F 650 -39.03 -25.09 25.25
CA TYR F 650 -38.17 -24.09 24.61
C TYR F 650 -37.97 -22.96 25.62
N VAL F 651 -37.00 -23.15 26.51
CA VAL F 651 -36.65 -22.15 27.51
C VAL F 651 -35.42 -21.39 27.02
N LYS F 652 -35.53 -20.06 26.97
CA LYS F 652 -34.46 -19.21 26.51
C LYS F 652 -33.93 -18.37 27.67
N GLY F 653 -32.60 -18.22 27.71
CA GLY F 653 -31.94 -17.34 28.67
C GLY F 653 -32.36 -17.49 30.11
N GLU F 654 -32.95 -18.63 30.46
CA GLU F 654 -33.34 -18.92 31.83
C GLU F 654 -32.81 -20.30 32.19
N GLU F 655 -31.89 -20.34 33.17
CA GLU F 655 -31.36 -21.61 33.64
C GLU F 655 -32.31 -22.08 34.74
N MET F 656 -33.45 -22.63 34.29
CA MET F 656 -34.48 -23.08 35.23
C MET F 656 -34.19 -24.46 35.78
N GLY F 657 -33.27 -25.20 35.18
CA GLY F 657 -32.83 -26.46 35.75
C GLY F 657 -32.01 -26.31 37.01
N LEU F 658 -31.58 -25.10 37.34
CA LEU F 658 -30.82 -24.84 38.56
C LEU F 658 -31.47 -23.83 39.49
N VAL F 659 -32.37 -22.97 38.99
CA VAL F 659 -32.97 -21.96 39.85
C VAL F 659 -34.37 -22.33 40.32
N ASP F 660 -35.02 -23.30 39.69
CA ASP F 660 -36.33 -23.74 40.15
C ASP F 660 -36.19 -24.52 41.46
N SER F 661 -37.29 -24.60 42.21
CA SER F 661 -37.28 -25.32 43.47
C SER F 661 -37.09 -26.80 43.24
N ASN F 662 -36.34 -27.44 44.14
CA ASN F 662 -36.10 -28.88 44.10
C ASN F 662 -35.49 -29.29 42.75
N ILE F 663 -34.26 -28.83 42.54
CA ILE F 663 -33.64 -29.05 41.23
C ILE F 663 -33.36 -30.53 40.95
N ASN F 664 -33.45 -31.39 41.97
CA ASN F 664 -33.53 -32.82 41.68
C ASN F 664 -34.77 -33.14 40.88
N HIS F 665 -35.89 -32.48 41.20
CA HIS F 665 -37.13 -32.70 40.46
C HIS F 665 -37.01 -32.23 39.02
N VAL F 666 -36.41 -31.05 38.80
CA VAL F 666 -36.28 -30.58 37.42
C VAL F 666 -35.28 -31.44 36.68
N HIS F 667 -34.26 -31.96 37.36
CA HIS F 667 -33.32 -32.88 36.71
C HIS F 667 -34.04 -34.15 36.28
N ALA F 668 -34.90 -34.70 37.14
CA ALA F 668 -35.67 -35.89 36.78
C ALA F 668 -36.60 -35.60 35.60
N ALA F 669 -37.26 -34.44 35.61
CA ALA F 669 -38.11 -34.07 34.49
C ALA F 669 -37.31 -33.91 33.21
N TYR F 670 -36.12 -33.31 33.31
CA TYR F 670 -35.27 -33.11 32.14
C TYR F 670 -34.84 -34.45 31.56
N GLU F 671 -34.46 -35.40 32.42
CA GLU F 671 -34.15 -36.74 31.95
C GLU F 671 -35.39 -37.49 31.48
N LYS F 672 -36.58 -37.01 31.86
CA LYS F 672 -37.83 -37.68 31.48
C LYS F 672 -38.40 -37.17 30.16
N LEU F 673 -38.27 -35.86 29.90
CA LEU F 673 -38.84 -35.29 28.69
C LEU F 673 -38.04 -35.72 27.46
N ASP F 674 -38.72 -35.67 26.29
CA ASP F 674 -38.11 -36.15 25.06
C ASP F 674 -37.23 -35.09 24.41
N PHE F 675 -37.81 -33.94 24.05
CA PHE F 675 -37.12 -32.91 23.30
C PHE F 675 -36.95 -31.67 24.17
N PHE F 676 -35.73 -31.13 24.16
CA PHE F 676 -35.39 -29.95 24.95
C PHE F 676 -34.51 -29.03 24.13
N VAL F 677 -34.95 -27.79 23.93
CA VAL F 677 -34.16 -26.76 23.27
C VAL F 677 -34.00 -25.60 24.22
N VAL F 678 -32.75 -25.15 24.41
CA VAL F 678 -32.45 -24.05 25.32
C VAL F 678 -31.69 -22.98 24.53
N GLN F 679 -31.75 -21.76 25.03
CA GLN F 679 -31.16 -20.60 24.37
C GLN F 679 -30.44 -19.77 25.44
N ASP F 680 -29.16 -20.06 25.64
CA ASP F 680 -28.35 -19.38 26.65
C ASP F 680 -27.03 -18.97 26.03
N ILE F 681 -26.50 -17.82 26.47
CA ILE F 681 -25.20 -17.37 25.98
C ILE F 681 -24.11 -18.32 26.44
N PHE F 682 -24.19 -18.78 27.68
CA PHE F 682 -23.21 -19.70 28.24
C PHE F 682 -23.80 -21.09 28.37
N LEU F 683 -22.92 -22.08 28.46
CA LEU F 683 -23.32 -23.47 28.66
C LEU F 683 -23.76 -23.62 30.11
N SER F 684 -24.94 -23.09 30.41
CA SER F 684 -25.49 -23.12 31.76
C SER F 684 -25.83 -24.54 32.18
N ARG F 685 -26.26 -24.68 33.43
CA ARG F 685 -26.68 -25.99 33.92
C ARG F 685 -27.86 -26.53 33.12
N THR F 686 -28.84 -25.66 32.85
CA THR F 686 -29.96 -26.07 32.01
C THR F 686 -29.50 -26.39 30.60
N ALA F 687 -28.52 -25.64 30.09
CA ALA F 687 -27.99 -25.90 28.76
C ALA F 687 -27.33 -27.27 28.66
N GLU F 688 -26.89 -27.84 29.78
CA GLU F 688 -26.31 -29.18 29.75
C GLU F 688 -27.34 -30.22 29.33
N PHE F 689 -28.57 -30.10 29.84
CA PHE F 689 -29.65 -31.04 29.50
C PHE F 689 -30.51 -30.39 28.42
N ALA F 690 -30.16 -30.62 27.16
CA ALA F 690 -30.90 -30.05 26.05
C ALA F 690 -30.63 -30.86 24.79
N ASP F 691 -31.70 -31.16 24.03
CA ASP F 691 -31.53 -31.85 22.76
C ASP F 691 -30.87 -30.96 21.71
N VAL F 692 -30.95 -29.64 21.87
CA VAL F 692 -30.27 -28.70 20.99
C VAL F 692 -30.10 -27.38 21.73
N VAL F 693 -28.89 -26.83 21.67
CA VAL F 693 -28.56 -25.60 22.40
C VAL F 693 -28.43 -24.48 21.37
N LEU F 694 -29.20 -23.42 21.56
CA LEU F 694 -29.12 -22.28 20.66
C LEU F 694 -28.28 -21.18 21.29
N PRO F 695 -27.31 -20.61 20.57
CA PRO F 695 -26.41 -19.64 21.17
C PRO F 695 -27.06 -18.27 21.27
N ALA F 696 -27.39 -17.89 22.50
CA ALA F 696 -28.01 -16.59 22.73
C ALA F 696 -26.99 -15.47 22.52
N SER F 697 -27.45 -14.24 22.64
CA SER F 697 -26.59 -13.07 22.55
C SER F 697 -26.88 -12.16 23.73
N PRO F 698 -25.86 -11.66 24.42
CA PRO F 698 -26.10 -10.79 25.57
C PRO F 698 -26.66 -9.45 25.13
N SER F 699 -27.27 -8.75 26.10
CA SER F 699 -27.95 -7.50 25.80
C SER F 699 -27.01 -6.44 25.24
N LEU F 700 -25.70 -6.57 25.48
CA LEU F 700 -24.76 -5.63 24.87
C LEU F 700 -24.72 -5.79 23.36
N GLU F 701 -24.82 -7.04 22.88
CA GLU F 701 -24.70 -7.34 21.46
C GLU F 701 -26.05 -7.35 20.75
N LYS F 702 -27.13 -6.98 21.42
CA LYS F 702 -28.45 -6.92 20.81
C LYS F 702 -29.13 -5.62 21.19
N GLU F 703 -30.06 -5.18 20.34
CA GLU F 703 -30.81 -3.96 20.56
C GLU F 703 -32.25 -4.32 20.94
N GLY F 704 -32.77 -3.64 21.94
CA GLY F 704 -34.12 -3.90 22.40
C GLY F 704 -34.57 -2.84 23.37
N THR F 705 -35.63 -3.17 24.12
CA THR F 705 -36.13 -2.29 25.16
C THR F 705 -36.20 -3.06 26.47
N PHE F 706 -35.61 -2.50 27.51
CA PHE F 706 -35.65 -3.07 28.85
C PHE F 706 -36.61 -2.29 29.71
N THR F 707 -37.52 -3.02 30.35
CA THR F 707 -38.49 -2.38 31.26
C THR F 707 -38.02 -2.63 32.68
N ASN F 708 -37.53 -1.62 33.38
CA ASN F 708 -36.97 -1.89 34.71
C ASN F 708 -38.08 -1.94 35.76
N THR F 709 -37.71 -1.92 37.03
CA THR F 709 -38.69 -2.04 38.14
C THR F 709 -39.63 -0.86 38.13
N GLU F 710 -39.18 0.30 37.67
CA GLU F 710 -40.00 1.52 37.79
C GLU F 710 -40.90 1.58 36.56
N ARG F 711 -41.12 0.42 35.95
CA ARG F 711 -42.03 0.42 34.81
C ARG F 711 -41.50 1.41 33.79
N ARG F 712 -40.19 1.44 33.57
CA ARG F 712 -39.61 2.34 32.57
C ARG F 712 -39.16 1.50 31.38
N ILE F 713 -39.58 1.83 30.17
CA ILE F 713 -39.13 1.11 28.97
C ILE F 713 -38.01 1.92 28.35
N GLN F 714 -36.76 1.53 28.53
CA GLN F 714 -35.59 2.24 28.02
C GLN F 714 -35.00 1.45 26.86
N ARG F 715 -34.74 2.12 25.75
CA ARG F 715 -34.24 1.45 24.56
C ARG F 715 -32.74 1.24 24.65
N LEU F 716 -32.28 0.08 24.20
CA LEU F 716 -30.87 -0.27 24.23
C LEU F 716 -30.20 0.13 22.91
N TYR F 717 -28.92 -0.19 22.80
CA TYR F 717 -28.18 -0.01 21.56
C TYR F 717 -27.22 -1.18 21.38
N GLN F 718 -26.95 -1.52 20.13
CA GLN F 718 -26.08 -2.64 19.83
C GLN F 718 -24.62 -2.26 20.09
N VAL F 719 -24.14 -2.56 21.31
CA VAL F 719 -22.77 -2.19 21.67
C VAL F 719 -21.77 -2.95 20.82
N PHE F 720 -21.99 -4.25 20.62
CA PHE F 720 -21.09 -5.08 19.85
C PHE F 720 -21.86 -5.82 18.77
N GLU F 721 -21.18 -6.13 17.67
CA GLU F 721 -21.66 -7.17 16.79
C GLU F 721 -21.59 -8.50 17.54
N PRO F 722 -22.60 -9.37 17.38
CA PRO F 722 -22.65 -10.59 18.20
C PRO F 722 -21.41 -11.45 18.02
N LEU F 723 -20.96 -12.07 19.11
CA LEU F 723 -19.74 -12.86 19.08
C LEU F 723 -19.91 -14.06 18.16
N GLY F 724 -18.85 -14.36 17.41
CA GLY F 724 -18.93 -15.42 16.42
C GLY F 724 -19.99 -15.10 15.39
N GLU F 725 -20.87 -16.07 15.13
CA GLU F 725 -22.03 -15.84 14.28
C GLU F 725 -23.34 -16.04 15.05
N SER F 726 -23.26 -16.18 16.37
CA SER F 726 -24.44 -16.27 17.20
C SER F 726 -25.32 -15.04 16.97
N LYS F 727 -26.60 -15.20 17.25
CA LYS F 727 -27.54 -14.16 16.86
C LYS F 727 -28.29 -13.61 18.08
N PRO F 728 -28.76 -12.37 18.02
CA PRO F 728 -29.65 -11.87 19.06
C PRO F 728 -30.89 -12.74 19.13
N ASP F 729 -31.40 -12.92 20.37
CA ASP F 729 -32.45 -13.91 20.60
C ASP F 729 -33.70 -13.62 19.77
N TRP F 730 -33.99 -12.35 19.49
CA TRP F 730 -35.12 -12.04 18.63
C TRP F 730 -34.88 -12.57 17.21
N GLN F 731 -33.65 -12.46 16.71
CA GLN F 731 -33.34 -13.03 15.40
C GLN F 731 -33.52 -14.54 15.40
N ILE F 732 -33.08 -15.20 16.48
CA ILE F 732 -33.22 -16.65 16.57
C ILE F 732 -34.69 -17.04 16.60
N ILE F 733 -35.50 -16.31 17.36
CA ILE F 733 -36.93 -16.63 17.44
C ILE F 733 -37.60 -16.38 16.10
N MET F 734 -37.23 -15.31 15.41
CA MET F 734 -37.76 -15.06 14.08
C MET F 734 -37.42 -16.20 13.13
N GLU F 735 -36.17 -16.67 13.17
CA GLU F 735 -35.78 -17.78 12.30
C GLU F 735 -36.53 -19.05 12.64
N VAL F 736 -36.68 -19.34 13.94
CA VAL F 736 -37.39 -20.55 14.36
C VAL F 736 -38.84 -20.50 13.93
N ALA F 737 -39.50 -19.35 14.14
CA ALA F 737 -40.90 -19.21 13.75
C ALA F 737 -41.08 -19.28 12.24
N ASN F 738 -40.15 -18.68 11.49
CA ASN F 738 -40.21 -18.76 10.04
C ASN F 738 -40.05 -20.21 9.56
N LYS F 739 -39.14 -20.96 10.19
CA LYS F 739 -39.05 -22.39 9.92
C LYS F 739 -40.29 -23.14 10.38
N LEU F 740 -41.12 -22.51 11.22
CA LEU F 740 -42.40 -23.06 11.63
C LEU F 740 -43.55 -22.48 10.81
N GLY F 741 -43.25 -21.81 9.71
CA GLY F 741 -44.28 -21.21 8.87
C GLY F 741 -45.01 -20.04 9.49
N ALA F 742 -44.29 -19.16 10.19
CA ALA F 742 -44.93 -17.98 10.75
C ALA F 742 -44.98 -16.84 9.75
N GLY F 743 -43.91 -16.62 9.00
CA GLY F 743 -43.85 -15.52 8.07
C GLY F 743 -43.50 -14.18 8.69
N TRP F 744 -42.77 -14.16 9.80
CA TRP F 744 -42.39 -12.90 10.43
C TRP F 744 -41.31 -12.20 9.61
N LEU F 745 -41.46 -10.88 9.47
CA LEU F 745 -40.47 -10.03 8.80
C LEU F 745 -40.17 -8.85 9.72
N TYR F 746 -39.11 -8.98 10.51
CA TYR F 746 -38.65 -7.90 11.39
C TYR F 746 -37.16 -7.67 11.12
N GLU F 747 -36.85 -6.66 10.32
CA GLU F 747 -35.45 -6.36 10.04
C GLU F 747 -34.72 -5.90 11.30
N HIS F 748 -35.34 -5.03 12.09
CA HIS F 748 -34.78 -4.55 13.35
C HIS F 748 -35.88 -4.52 14.39
N PRO F 749 -35.52 -4.64 15.67
CA PRO F 749 -36.55 -4.82 16.72
C PRO F 749 -37.51 -3.64 16.89
N ALA F 750 -37.30 -2.56 16.14
CA ALA F 750 -38.24 -1.44 16.20
C ALA F 750 -39.62 -1.85 15.70
N ASP F 751 -39.67 -2.68 14.65
CA ASP F 751 -40.95 -3.17 14.15
C ASP F 751 -41.65 -4.02 15.19
N ILE F 752 -40.91 -4.89 15.88
CA ILE F 752 -41.49 -5.69 16.96
C ILE F 752 -42.02 -4.78 18.07
N MET F 753 -41.23 -3.76 18.43
CA MET F 753 -41.64 -2.86 19.49
C MET F 753 -42.92 -2.11 19.13
N GLU F 754 -43.01 -1.59 17.90
CA GLU F 754 -44.20 -0.86 17.51
C GLU F 754 -45.41 -1.76 17.35
N GLU F 755 -45.21 -3.00 16.87
CA GLU F 755 -46.33 -3.93 16.80
C GLU F 755 -46.87 -4.25 18.19
N ALA F 756 -45.98 -4.55 19.13
CA ALA F 756 -46.42 -4.80 20.50
C ALA F 756 -47.06 -3.56 21.10
N ALA F 757 -46.55 -2.37 20.75
CA ALA F 757 -47.14 -1.13 21.24
C ALA F 757 -48.57 -0.97 20.74
N LYS F 758 -48.81 -1.28 19.47
CA LYS F 758 -50.18 -1.27 18.95
C LYS F 758 -51.04 -2.29 19.67
N LEU F 759 -50.50 -3.47 19.94
CA LEU F 759 -51.28 -4.51 20.61
C LEU F 759 -51.49 -4.20 22.09
N SER F 760 -50.44 -3.73 22.77
CA SER F 760 -50.51 -3.53 24.21
C SER F 760 -51.17 -2.20 24.54
N PRO F 761 -52.31 -2.18 25.24
CA PRO F 761 -52.88 -0.88 25.64
C PRO F 761 -51.98 -0.08 26.56
N ILE F 762 -51.25 -0.76 27.46
CA ILE F 762 -50.36 -0.04 28.37
C ILE F 762 -49.17 0.53 27.61
N TYR F 763 -48.64 -0.23 26.65
CA TYR F 763 -47.51 0.19 25.85
C TYR F 763 -47.95 0.94 24.58
N ALA F 764 -49.13 1.55 24.59
CA ALA F 764 -49.68 2.13 23.37
C ALA F 764 -48.77 3.20 22.78
N GLY F 765 -48.02 3.91 23.61
CA GLY F 765 -47.27 5.05 23.13
C GLY F 765 -45.77 4.86 22.95
N VAL F 766 -45.22 3.73 23.38
CA VAL F 766 -43.77 3.53 23.31
C VAL F 766 -43.37 3.21 21.88
N THR F 767 -42.43 3.99 21.35
CA THR F 767 -41.91 3.79 20.01
C THR F 767 -40.42 4.10 20.02
N TYR F 768 -39.72 3.58 19.01
CA TYR F 768 -38.26 3.69 19.00
C TYR F 768 -37.81 5.12 18.78
N GLU F 769 -38.56 5.91 18.02
CA GLU F 769 -38.21 7.33 17.87
C GLU F 769 -38.56 8.13 19.12
N ARG F 770 -39.41 7.61 20.00
CA ARG F 770 -39.68 8.22 21.29
C ARG F 770 -38.77 7.69 22.40
N LEU F 771 -37.89 6.73 22.09
CA LEU F 771 -36.98 6.16 23.05
C LEU F 771 -35.52 6.38 22.67
N GLU F 772 -35.25 7.33 21.79
CA GLU F 772 -33.90 7.58 21.33
C GLU F 772 -33.03 8.13 22.46
N GLY F 773 -31.75 7.80 22.41
CA GLY F 773 -30.83 8.27 23.42
C GLY F 773 -31.19 7.74 24.80
N TYR F 774 -31.20 8.62 25.78
CA TYR F 774 -31.54 8.26 27.15
C TYR F 774 -33.00 8.48 27.48
N ASN F 775 -33.81 8.92 26.51
CA ASN F 775 -35.23 9.11 26.76
C ASN F 775 -35.89 7.76 27.05
N SER F 776 -36.72 7.73 28.08
CA SER F 776 -37.38 6.51 28.51
C SER F 776 -38.83 6.82 28.85
N LEU F 777 -39.70 5.85 28.65
CA LEU F 777 -41.14 6.11 28.89
C LEU F 777 -41.57 5.16 29.99
N GLN F 778 -42.47 5.56 30.87
CA GLN F 778 -42.85 4.57 31.90
C GLN F 778 -44.27 4.08 31.61
N TRP F 779 -44.43 2.79 31.38
CA TRP F 779 -45.77 2.20 31.13
C TRP F 779 -46.58 2.37 32.41
N PRO F 780 -47.89 2.66 32.37
CA PRO F 780 -48.63 2.81 31.12
C PRO F 780 -48.31 4.04 30.28
N VAL F 781 -48.28 3.92 28.95
CA VAL F 781 -48.11 5.10 28.06
C VAL F 781 -49.27 5.13 27.06
N ASN F 782 -49.91 6.27 26.81
CA ASN F 782 -51.09 6.36 25.91
C ASN F 782 -50.64 6.56 24.46
N ALA F 783 -51.56 6.70 23.50
CA ALA F 783 -51.10 6.75 22.12
C ALA F 783 -50.41 8.07 21.79
N ASP F 784 -50.76 9.15 22.52
CA ASP F 784 -50.12 10.44 22.29
C ASP F 784 -48.63 10.43 22.64
N GLY F 785 -48.18 9.48 23.46
CA GLY F 785 -46.80 9.40 23.87
C GLY F 785 -46.52 9.94 25.26
N LYS F 786 -47.54 10.40 25.98
CA LYS F 786 -47.37 10.90 27.34
C LYS F 786 -47.44 9.71 28.29
N ASP F 787 -46.31 9.39 28.92
CA ASP F 787 -46.26 8.27 29.85
C ASP F 787 -46.88 8.66 31.19
N SER F 788 -46.81 7.74 32.16
CA SER F 788 -47.35 7.95 33.49
C SER F 788 -46.24 7.68 34.50
N PRO F 789 -45.45 8.69 34.85
CA PRO F 789 -44.37 8.47 35.84
C PRO F 789 -44.88 7.96 37.18
N LEU F 790 -46.06 8.40 37.60
CA LEU F 790 -46.67 7.94 38.83
C LEU F 790 -47.97 7.20 38.51
N LEU F 791 -48.16 6.06 39.15
CA LEU F 791 -49.34 5.25 38.92
C LEU F 791 -50.50 5.70 39.80
N PHE F 792 -51.70 5.35 39.38
CA PHE F 792 -52.83 5.65 40.28
C PHE F 792 -52.83 7.14 40.60
N THR F 793 -52.26 7.97 39.73
CA THR F 793 -52.16 9.41 40.06
C THR F 793 -53.56 10.01 40.18
N GLU F 794 -54.44 9.72 39.24
CA GLU F 794 -55.81 10.30 39.26
C GLU F 794 -56.85 9.21 39.53
N ARG F 795 -56.73 8.06 38.86
CA ARG F 795 -57.75 7.00 39.02
C ARG F 795 -57.09 5.63 39.02
N PHE F 796 -57.76 4.63 39.55
CA PHE F 796 -57.22 3.25 39.47
C PHE F 796 -57.76 2.65 38.18
N PRO F 797 -57.10 1.62 37.61
CA PRO F 797 -57.51 0.95 36.36
C PRO F 797 -58.84 0.23 36.45
N PHE F 798 -59.35 -0.02 37.64
CA PHE F 798 -60.59 -0.78 37.79
C PHE F 798 -61.75 -0.02 37.18
N PRO F 799 -62.81 -0.73 36.75
CA PRO F 799 -63.92 -0.05 36.06
C PRO F 799 -64.55 1.06 36.89
N ASP F 800 -64.65 0.88 38.20
CA ASP F 800 -65.17 1.94 39.06
C ASP F 800 -64.16 3.05 39.31
N GLY F 801 -62.88 2.82 38.99
CA GLY F 801 -61.84 3.79 39.25
C GLY F 801 -61.33 3.82 40.66
N LYS F 802 -61.79 2.92 41.52
CA LYS F 802 -61.39 2.88 42.92
C LYS F 802 -60.89 1.49 43.25
N ALA F 803 -59.78 1.40 43.99
CA ALA F 803 -59.17 0.13 44.32
C ALA F 803 -59.99 -0.61 45.38
N ILE F 804 -59.66 -1.88 45.55
CA ILE F 804 -60.39 -2.77 46.46
C ILE F 804 -59.39 -3.42 47.42
N LEU F 805 -59.71 -3.39 48.71
CA LEU F 805 -58.93 -4.10 49.70
C LEU F 805 -59.21 -5.60 49.61
N TYR F 806 -58.16 -6.41 49.60
CA TYR F 806 -58.32 -7.86 49.46
C TYR F 806 -58.20 -8.52 50.83
N PRO F 807 -59.27 -9.16 51.32
CA PRO F 807 -59.19 -9.85 52.63
C PRO F 807 -58.29 -11.08 52.53
N VAL F 808 -57.17 -11.04 53.26
CA VAL F 808 -56.24 -12.17 53.31
C VAL F 808 -55.81 -12.40 54.75
N GLN F 809 -55.33 -13.62 55.01
CA GLN F 809 -54.89 -14.03 56.33
C GLN F 809 -53.48 -14.58 56.24
N TRP F 810 -52.97 -15.06 57.37
CA TRP F 810 -51.65 -15.67 57.42
C TRP F 810 -51.72 -17.09 56.89
N THR F 811 -51.12 -17.32 55.72
CA THR F 811 -51.01 -18.67 55.20
C THR F 811 -49.80 -19.35 55.84
N GLU F 812 -50.02 -20.55 56.38
CA GLU F 812 -48.99 -21.23 57.14
C GLU F 812 -47.80 -21.56 56.25
N PRO F 813 -46.59 -21.11 56.58
CA PRO F 813 -45.42 -21.50 55.80
C PRO F 813 -45.22 -23.00 55.84
N LYS F 814 -44.81 -23.56 54.71
CA LYS F 814 -44.60 -25.01 54.59
C LYS F 814 -43.24 -25.40 55.18
N GLU F 815 -43.01 -24.97 56.42
CA GLU F 815 -41.75 -25.41 57.07
C GLU F 815 -41.88 -26.92 57.23
N PHE F 816 -40.82 -27.66 56.94
CA PHE F 816 -40.89 -29.15 56.98
C PHE F 816 -41.22 -29.57 58.41
N GLY F 817 -40.64 -28.90 59.41
CA GLY F 817 -40.84 -29.23 60.83
C GLY F 817 -39.88 -30.33 61.25
N GLU F 818 -39.98 -30.79 62.49
CA GLU F 818 -39.19 -31.96 62.94
C GLU F 818 -37.68 -31.76 62.73
N GLU F 819 -37.02 -32.76 62.14
CA GLU F 819 -35.54 -32.73 62.07
C GLU F 819 -35.03 -31.57 61.23
N TYR F 820 -35.86 -31.01 60.36
CA TYR F 820 -35.43 -29.82 59.60
C TYR F 820 -35.51 -28.66 60.59
N ASP F 821 -34.56 -28.58 61.53
CA ASP F 821 -34.56 -27.50 62.53
C ASP F 821 -34.01 -26.19 61.97
N ILE F 822 -32.78 -26.21 61.47
CA ILE F 822 -32.15 -24.99 60.97
C ILE F 822 -32.84 -24.55 59.69
N HIS F 823 -33.33 -23.31 59.68
CA HIS F 823 -34.09 -22.77 58.56
C HIS F 823 -33.14 -21.94 57.70
N VAL F 824 -32.56 -22.58 56.68
CA VAL F 824 -31.63 -21.89 55.81
C VAL F 824 -32.39 -20.92 54.92
N ASN F 825 -31.80 -19.75 54.71
CA ASN F 825 -32.38 -18.71 53.85
C ASN F 825 -31.54 -18.58 52.59
N ASN F 826 -32.22 -18.41 51.46
CA ASN F 826 -31.57 -18.29 50.16
C ASN F 826 -31.78 -16.90 49.59
N GLY F 827 -30.74 -16.37 48.96
CA GLY F 827 -30.81 -15.04 48.39
C GLY F 827 -29.77 -14.82 47.31
N ARG F 828 -29.17 -13.64 47.29
CA ARG F 828 -28.18 -13.32 46.28
C ARG F 828 -27.19 -12.31 46.86
N LEU F 829 -25.95 -12.40 46.40
CA LEU F 829 -24.92 -11.45 46.82
C LEU F 829 -24.94 -10.23 45.92
N LEU F 830 -24.31 -9.16 46.41
CA LEU F 830 -24.21 -7.92 45.63
C LEU F 830 -23.36 -8.12 44.38
N GLU F 831 -22.17 -8.70 44.53
CA GLU F 831 -21.25 -8.82 43.42
C GLU F 831 -21.69 -9.89 42.43
N HIS F 832 -22.18 -11.02 42.93
CA HIS F 832 -22.54 -12.14 42.07
C HIS F 832 -24.02 -12.11 41.73
N PHE F 833 -24.34 -12.64 40.55
CA PHE F 833 -25.69 -12.63 40.00
C PHE F 833 -26.20 -14.06 39.89
N HIS F 834 -27.07 -14.45 40.82
CA HIS F 834 -27.65 -15.80 40.85
C HIS F 834 -26.49 -16.80 40.89
N GLU F 835 -26.55 -17.89 40.11
CA GLU F 835 -25.45 -18.85 40.07
C GLU F 835 -24.17 -18.24 39.52
N GLY F 836 -24.27 -17.11 38.83
CA GLY F 836 -23.08 -16.44 38.35
C GLY F 836 -22.63 -16.89 36.98
N ASN F 837 -23.59 -17.09 36.07
CA ASN F 837 -23.24 -17.38 34.69
C ASN F 837 -22.59 -16.20 33.99
N LEU F 838 -22.65 -15.01 34.58
CA LEU F 838 -22.08 -13.80 34.00
C LEU F 838 -21.01 -13.18 34.87
N THR F 839 -21.25 -13.03 36.17
CA THR F 839 -20.27 -12.40 37.04
C THR F 839 -19.02 -13.25 37.20
N TYR F 840 -19.17 -14.57 37.30
CA TYR F 840 -18.01 -15.44 37.48
C TYR F 840 -17.04 -15.31 36.33
N LYS F 841 -17.52 -14.99 35.13
CA LYS F 841 -16.64 -14.82 33.99
C LYS F 841 -15.79 -13.56 34.11
N SER F 842 -16.17 -12.64 34.98
CA SER F 842 -15.37 -11.45 35.26
C SER F 842 -14.38 -11.76 36.38
N LYS F 843 -13.10 -11.53 36.13
CA LYS F 843 -12.07 -11.91 37.08
C LYS F 843 -12.18 -11.14 38.38
N GLY F 844 -12.51 -9.85 38.31
CA GLY F 844 -12.56 -9.04 39.51
C GLY F 844 -13.61 -9.51 40.50
N ILE F 845 -14.82 -9.77 40.02
CA ILE F 845 -15.88 -10.24 40.91
C ILE F 845 -15.52 -11.60 41.49
N SER F 846 -14.87 -12.46 40.70
CA SER F 846 -14.42 -13.73 41.21
C SER F 846 -13.38 -13.54 42.33
N GLU F 847 -12.49 -12.58 42.17
CA GLU F 847 -11.53 -12.28 43.23
C GLU F 847 -12.24 -11.79 44.48
N LYS F 848 -13.26 -10.92 44.31
CA LYS F 848 -13.99 -10.41 45.46
C LYS F 848 -14.78 -11.52 46.16
N THR F 849 -15.38 -12.43 45.39
CA THR F 849 -16.14 -13.54 45.94
C THR F 849 -15.92 -14.77 45.08
N PRO F 850 -15.04 -15.69 45.49
CA PRO F 850 -14.71 -16.83 44.63
C PRO F 850 -15.73 -17.95 44.66
N GLU F 851 -16.36 -18.18 45.82
CA GLU F 851 -17.20 -19.35 45.97
C GLU F 851 -18.35 -19.02 46.91
N VAL F 852 -19.41 -19.82 46.82
CA VAL F 852 -20.55 -19.69 47.73
C VAL F 852 -20.09 -19.92 49.17
N PHE F 853 -20.82 -19.33 50.10
CA PHE F 853 -20.59 -19.54 51.52
C PHE F 853 -21.94 -19.57 52.24
N LEU F 854 -21.96 -20.27 53.37
CA LEU F 854 -23.13 -20.32 54.23
C LEU F 854 -22.89 -19.39 55.41
N GLU F 855 -23.56 -18.25 55.43
CA GLU F 855 -23.44 -17.31 56.54
C GLU F 855 -24.20 -17.88 57.74
N ILE F 856 -23.51 -18.03 58.86
CA ILE F 856 -24.06 -18.70 60.03
C ILE F 856 -23.95 -17.76 61.22
N SER F 857 -24.96 -17.80 62.08
CA SER F 857 -25.06 -16.86 63.19
C SER F 857 -24.06 -17.21 64.29
N PRO F 858 -23.52 -16.20 64.98
CA PRO F 858 -22.59 -16.48 66.09
C PRO F 858 -23.22 -17.28 67.21
N GLU F 859 -24.51 -17.06 67.49
CA GLU F 859 -25.18 -17.82 68.56
C GLU F 859 -25.24 -19.29 68.20
N LEU F 860 -25.59 -19.61 66.95
CA LEU F 860 -25.63 -21.00 66.52
C LEU F 860 -24.25 -21.59 66.34
N ALA F 861 -23.21 -20.75 66.28
CA ALA F 861 -21.84 -21.26 66.20
C ALA F 861 -21.36 -21.87 67.51
N ALA F 862 -22.10 -21.66 68.60
CA ALA F 862 -21.71 -22.20 69.91
C ALA F 862 -22.38 -23.55 70.18
N GLU F 863 -23.70 -23.62 70.06
CA GLU F 863 -24.41 -24.86 70.34
C GLU F 863 -24.02 -25.96 69.37
N ARG F 864 -23.92 -25.64 68.08
CA ARG F 864 -23.51 -26.61 67.07
C ARG F 864 -22.00 -26.71 66.92
N GLY F 865 -21.24 -25.81 67.53
CA GLY F 865 -19.79 -25.82 67.45
C GLY F 865 -19.27 -25.76 66.03
N ILE F 866 -19.55 -24.65 65.35
CA ILE F 866 -19.15 -24.48 63.95
C ILE F 866 -18.21 -23.28 63.85
N GLN F 867 -17.28 -23.35 62.90
CA GLN F 867 -16.28 -22.31 62.72
C GLN F 867 -16.26 -21.80 61.29
N ASP F 868 -15.28 -20.96 60.96
CA ASP F 868 -15.16 -20.37 59.64
C ASP F 868 -14.35 -21.26 58.71
N GLY F 869 -14.66 -21.17 57.42
CA GLY F 869 -13.95 -21.96 56.43
C GLY F 869 -14.17 -23.45 56.52
N THR F 870 -15.31 -23.87 57.05
CA THR F 870 -15.60 -25.28 57.28
C THR F 870 -16.62 -25.77 56.26
N LEU F 871 -16.33 -26.90 55.64
CA LEU F 871 -17.27 -27.55 54.72
C LEU F 871 -18.35 -28.26 55.53
N VAL F 872 -19.61 -27.87 55.32
CA VAL F 872 -20.73 -28.42 56.06
C VAL F 872 -21.78 -28.91 55.09
N ARG F 873 -22.65 -29.80 55.58
CA ARG F 873 -23.65 -30.47 54.76
C ARG F 873 -25.05 -30.05 55.19
N LEU F 874 -25.88 -29.72 54.21
CA LEU F 874 -27.28 -29.37 54.45
C LEU F 874 -28.16 -30.33 53.67
N THR F 875 -29.04 -31.04 54.37
CA THR F 875 -29.85 -32.10 53.77
C THR F 875 -31.33 -31.79 53.96
N SER F 876 -32.08 -31.84 52.86
CA SER F 876 -33.50 -31.56 52.79
C SER F 876 -34.13 -32.68 51.97
N PRO F 877 -35.44 -32.96 52.15
CA PRO F 877 -36.05 -34.09 51.42
C PRO F 877 -35.93 -33.97 49.91
N PHE F 878 -35.36 -32.86 49.45
CA PHE F 878 -35.25 -32.57 48.04
C PHE F 878 -33.82 -32.39 47.55
N GLY F 879 -32.83 -32.39 48.45
CA GLY F 879 -31.46 -32.18 48.03
C GLY F 879 -30.50 -32.35 49.19
N ASN F 880 -29.21 -32.25 48.85
CA ASN F 880 -28.12 -32.41 49.82
C ASN F 880 -26.91 -31.65 49.29
N VAL F 881 -26.56 -30.55 49.95
CA VAL F 881 -25.53 -29.65 49.48
C VAL F 881 -24.35 -29.67 50.44
N LYS F 882 -23.15 -29.44 49.90
CA LYS F 882 -21.93 -29.31 50.68
C LYS F 882 -21.39 -27.90 50.44
N VAL F 883 -21.59 -27.03 51.43
CA VAL F 883 -21.23 -25.61 51.29
C VAL F 883 -20.26 -25.23 52.39
N LYS F 884 -19.36 -24.30 52.08
CA LYS F 884 -18.46 -23.78 53.09
C LYS F 884 -19.24 -22.92 54.09
N CYS F 885 -18.54 -22.48 55.15
CA CYS F 885 -19.18 -21.76 56.22
C CYS F 885 -18.50 -20.41 56.43
N LEU F 886 -19.29 -19.45 56.91
CA LEU F 886 -18.82 -18.10 57.21
C LEU F 886 -19.43 -17.66 58.52
N ILE F 887 -18.65 -16.97 59.34
CA ILE F 887 -19.10 -16.49 60.64
C ILE F 887 -19.40 -15.00 60.53
N THR F 888 -20.65 -14.63 60.79
CA THR F 888 -21.06 -13.24 60.74
C THR F 888 -22.34 -13.08 61.56
N ASP F 889 -22.60 -11.84 61.96
CA ASP F 889 -23.77 -11.51 62.74
C ASP F 889 -24.97 -11.12 61.88
N ARG F 890 -24.85 -11.20 60.56
CA ARG F 890 -25.95 -10.82 59.69
C ARG F 890 -27.17 -11.71 59.92
N VAL F 891 -26.95 -13.01 60.07
CA VAL F 891 -28.03 -13.93 60.37
C VAL F 891 -28.13 -14.12 61.87
N LYS F 892 -29.30 -14.54 62.33
CA LYS F 892 -29.59 -14.68 63.76
C LYS F 892 -30.13 -16.07 64.04
N GLY F 893 -29.66 -16.65 65.14
CA GLY F 893 -30.20 -17.93 65.60
C GLY F 893 -29.96 -19.04 64.62
N LYS F 894 -30.94 -19.96 64.53
CA LYS F 894 -30.84 -21.08 63.61
C LYS F 894 -30.82 -20.61 62.16
N GLU F 895 -31.63 -19.62 61.84
CA GLU F 895 -31.76 -19.16 60.45
C GLU F 895 -30.41 -18.70 59.90
N VAL F 896 -30.07 -19.18 58.70
CA VAL F 896 -28.79 -18.92 58.08
C VAL F 896 -29.01 -18.52 56.63
N TYR F 897 -28.04 -17.82 56.07
CA TYR F 897 -28.12 -17.28 54.72
C TYR F 897 -27.25 -18.10 53.79
N LEU F 898 -27.85 -18.57 52.68
CA LEU F 898 -27.13 -19.32 51.65
C LEU F 898 -27.36 -18.63 50.31
N PRO F 899 -26.45 -17.75 49.90
CA PRO F 899 -26.62 -17.07 48.60
C PRO F 899 -26.52 -18.06 47.45
N MET F 900 -27.11 -17.67 46.32
CA MET F 900 -27.23 -18.56 45.17
C MET F 900 -26.01 -18.49 44.25
N ASN F 901 -24.87 -18.04 44.77
CA ASN F 901 -23.73 -17.72 43.91
C ASN F 901 -22.87 -18.92 43.57
N ASP F 902 -23.42 -20.14 43.59
CA ASP F 902 -22.75 -21.31 43.07
C ASP F 902 -23.70 -22.12 42.20
N SER F 903 -23.15 -22.75 41.16
CA SER F 903 -23.92 -23.56 40.23
C SER F 903 -23.58 -25.04 40.28
N GLY F 904 -22.76 -25.48 41.23
CA GLY F 904 -22.41 -26.88 41.34
C GLY F 904 -23.25 -27.62 42.36
N GLU F 905 -22.61 -28.51 43.12
CA GLU F 905 -23.31 -29.25 44.16
C GLU F 905 -23.67 -28.39 45.36
N ALA F 906 -23.14 -27.17 45.45
CA ALA F 906 -23.36 -26.29 46.58
C ALA F 906 -24.50 -25.31 46.36
N ALA F 907 -25.20 -25.40 45.23
CA ALA F 907 -26.32 -24.52 44.99
C ALA F 907 -27.44 -24.79 45.99
N ILE F 908 -28.02 -23.72 46.54
CA ILE F 908 -29.05 -23.86 47.57
C ILE F 908 -30.26 -24.59 47.02
N ASN F 909 -30.54 -24.44 45.73
CA ASN F 909 -31.79 -24.91 45.14
C ASN F 909 -32.01 -26.41 45.30
N LEU F 910 -31.02 -27.17 45.77
CA LEU F 910 -31.28 -28.56 46.11
C LEU F 910 -32.26 -28.66 47.28
N LEU F 911 -32.09 -27.79 48.28
CA LEU F 911 -32.82 -27.95 49.53
C LEU F 911 -34.29 -27.58 49.40
N THR F 912 -34.60 -26.56 48.60
CA THR F 912 -35.99 -26.11 48.48
C THR F 912 -36.84 -27.21 47.85
N GLY F 913 -38.13 -27.20 48.20
CA GLY F 913 -39.07 -28.21 47.77
C GLY F 913 -40.12 -27.66 46.82
N SER F 914 -40.91 -28.57 46.28
CA SER F 914 -41.97 -28.23 45.33
C SER F 914 -43.26 -27.82 46.04
N HIS F 915 -43.14 -26.90 46.99
CA HIS F 915 -44.28 -26.28 47.65
C HIS F 915 -44.31 -24.82 47.24
N ALA F 916 -45.44 -24.38 46.67
CA ALA F 916 -45.53 -23.08 46.04
C ALA F 916 -46.77 -22.35 46.53
N ASP F 917 -46.90 -21.09 46.10
CA ASP F 917 -48.04 -20.26 46.49
C ASP F 917 -49.33 -20.80 45.89
N LYS F 918 -50.43 -20.54 46.58
CA LYS F 918 -51.74 -20.99 46.10
C LYS F 918 -52.18 -20.20 44.88
N ASP F 919 -51.97 -18.88 44.90
CA ASP F 919 -52.49 -18.03 43.83
C ASP F 919 -51.70 -18.18 42.54
N THR F 920 -50.36 -18.20 42.62
CA THR F 920 -49.53 -18.14 41.44
C THR F 920 -48.55 -19.29 41.29
N ASP F 921 -48.55 -20.26 42.20
CA ASP F 921 -47.63 -21.39 42.16
C ASP F 921 -46.17 -20.92 42.10
N THR F 922 -45.85 -19.95 42.96
CA THR F 922 -44.48 -19.47 43.08
C THR F 922 -43.76 -20.27 44.16
N PRO F 923 -42.66 -20.93 43.83
CA PRO F 923 -41.98 -21.78 44.82
C PRO F 923 -41.53 -20.99 46.04
N ALA F 924 -41.67 -21.60 47.21
CA ALA F 924 -41.27 -20.97 48.47
C ALA F 924 -39.79 -21.24 48.74
N TYR F 925 -38.95 -20.50 48.00
CA TYR F 925 -37.51 -20.64 48.16
C TYR F 925 -37.07 -20.22 49.56
N LYS F 926 -37.66 -19.15 50.09
CA LYS F 926 -37.32 -18.69 51.43
C LYS F 926 -37.77 -19.65 52.52
N GLU F 927 -38.57 -20.66 52.18
CA GLU F 927 -39.06 -21.65 53.15
C GLU F 927 -38.25 -22.92 52.98
N THR F 928 -37.09 -22.98 53.65
CA THR F 928 -36.18 -24.10 53.53
C THR F 928 -35.63 -24.47 54.90
N SER F 929 -35.50 -25.77 55.15
CA SER F 929 -34.91 -26.30 56.36
C SER F 929 -34.03 -27.49 56.04
N ALA F 930 -33.01 -27.71 56.87
CA ALA F 930 -32.05 -28.78 56.61
C ALA F 930 -31.43 -29.22 57.93
N LYS F 931 -30.28 -29.88 57.83
CA LYS F 931 -29.44 -30.27 58.94
C LYS F 931 -28.20 -29.39 59.01
N MET F 932 -27.28 -29.75 59.91
CA MET F 932 -25.97 -29.11 60.03
C MET F 932 -24.96 -30.20 60.36
N GLU F 933 -24.32 -30.73 59.32
CA GLU F 933 -23.30 -31.77 59.46
C GLU F 933 -21.92 -31.13 59.28
N ILE F 934 -21.01 -31.44 60.19
CA ILE F 934 -19.67 -30.87 60.18
C ILE F 934 -18.73 -31.89 59.55
N LEU F 935 -18.13 -31.52 58.42
CA LEU F 935 -17.23 -32.40 57.68
C LEU F 935 -15.76 -32.08 57.96
N LYS F 936 -15.35 -30.84 57.69
CA LYS F 936 -13.95 -30.45 57.80
C LYS F 936 -13.83 -29.33 58.83
N HIS F 937 -13.08 -29.59 59.89
CA HIS F 937 -12.92 -28.60 60.96
C HIS F 937 -12.15 -27.37 60.48
N ASP F 938 -10.98 -27.59 59.86
CA ASP F 938 -10.10 -26.51 59.47
C ASP F 938 -9.98 -26.44 57.96
N GLY F 939 -10.24 -25.27 57.39
CA GLY F 939 -10.18 -25.10 55.96
C GLY F 939 -10.09 -23.63 55.59
N ILE F 940 -9.96 -23.39 54.29
CA ILE F 940 -9.82 -22.03 53.77
C ILE F 940 -11.16 -21.31 53.89
N SER F 941 -11.12 -20.08 54.39
CA SER F 941 -12.34 -19.29 54.50
C SER F 941 -12.85 -18.92 53.12
N PRO F 942 -14.11 -19.22 52.80
CA PRO F 942 -14.63 -18.86 51.46
C PRO F 942 -14.61 -17.38 51.19
N LEU F 943 -14.81 -16.54 52.20
CA LEU F 943 -14.77 -15.10 52.03
C LEU F 943 -13.35 -14.61 52.24
N PRO F 944 -12.68 -14.09 51.22
CA PRO F 944 -11.31 -13.59 51.39
C PRO F 944 -11.30 -12.25 52.13
N LYS F 945 -10.10 -11.88 52.57
CA LYS F 945 -9.94 -10.58 53.22
C LYS F 945 -10.27 -9.43 52.27
N ILE F 946 -10.06 -9.64 50.96
CA ILE F 946 -10.33 -8.59 49.97
C ILE F 946 -11.81 -8.43 49.67
N ASN F 947 -12.68 -9.19 50.31
CA ASN F 947 -14.11 -9.01 50.10
C ASN F 947 -14.60 -7.73 50.77
N HIS F 948 -15.64 -7.13 50.18
CA HIS F 948 -16.14 -5.86 50.67
C HIS F 948 -16.85 -5.99 52.02
N ARG F 949 -17.32 -7.20 52.37
CA ARG F 949 -17.98 -7.37 53.66
C ARG F 949 -17.01 -7.33 54.83
N ASN F 950 -15.72 -7.56 54.58
CA ASN F 950 -14.74 -7.61 55.65
C ASN F 950 -14.27 -6.22 56.09
N GLY F 951 -14.54 -5.18 55.30
CA GLY F 951 -14.08 -3.86 55.66
C GLY F 951 -14.96 -3.16 56.67
N ASN F 952 -14.46 -2.03 57.15
CA ASN F 952 -15.17 -1.20 58.14
C ASN F 952 -15.36 0.21 57.58
N PRO F 953 -16.51 0.51 56.98
CA PRO F 953 -16.71 1.84 56.40
C PRO F 953 -16.73 2.92 57.47
N GLN F 954 -16.35 4.14 57.05
CA GLN F 954 -16.35 5.29 57.95
C GLN F 954 -17.53 6.18 57.59
N PRO F 955 -18.59 6.23 58.41
CA PRO F 955 -19.77 7.04 58.08
C PRO F 955 -19.55 8.51 58.40
N GLN F 956 -19.44 9.33 57.35
CA GLN F 956 -19.36 10.78 57.51
C GLN F 956 -20.23 11.43 56.44
N ILE F 957 -20.78 12.58 56.78
CA ILE F 957 -21.67 13.29 55.81
C ILE F 957 -20.84 14.27 54.99
N GLY F 958 -20.71 14.04 53.69
CA GLY F 958 -19.96 14.95 52.82
C GLY F 958 -18.47 14.70 52.83
N VAL F 959 -17.69 15.58 52.20
CA VAL F 959 -16.22 15.41 52.12
C VAL F 959 -15.63 15.96 53.41
N GLN F 960 -16.47 16.51 54.25
CA GLN F 960 -15.98 17.11 55.52
C GLN F 960 -14.95 18.18 55.18
N VAL F 961 -15.24 19.02 54.18
CA VAL F 961 -14.28 20.07 53.76
C VAL F 961 -13.81 20.88 54.98
N HIS F 962 -14.65 21.08 55.98
CA HIS F 962 -14.27 21.94 57.09
C HIS F 962 -12.93 21.51 57.69
N LYS F 963 -12.60 20.22 57.61
CA LYS F 963 -11.28 19.76 58.03
C LYS F 963 -10.21 20.33 57.11
N LYS F 964 -10.47 20.38 55.80
CA LYS F 964 -9.51 20.99 54.88
C LYS F 964 -9.35 22.47 55.16
N TRP F 965 -10.45 23.17 55.42
CA TRP F 965 -10.38 24.61 55.66
C TRP F 965 -9.62 24.93 56.94
N ALA F 966 -9.62 24.01 57.91
CA ALA F 966 -8.90 24.22 59.16
C ALA F 966 -7.39 24.12 58.99
N ARG F 967 -6.92 23.58 57.87
CA ARG F 967 -5.48 23.47 57.65
C ARG F 967 -4.85 24.84 57.47
N LYS F 968 -3.70 25.06 58.10
CA LYS F 968 -3.00 26.33 57.97
C LYS F 968 -2.49 26.54 56.55
N ASP F 969 -2.00 25.47 55.91
CA ASP F 969 -1.46 25.60 54.57
C ASP F 969 -2.53 25.98 53.55
N TYR F 970 -3.79 25.62 53.81
CA TYR F 970 -4.86 25.98 52.88
C TYR F 970 -5.16 27.47 52.98
N ILE F 971 -5.30 28.11 51.82
CA ILE F 971 -5.66 29.51 51.73
C ILE F 971 -6.79 29.67 50.72
N PHE F 972 -7.84 30.38 51.11
CA PHE F 972 -8.98 30.57 50.22
C PHE F 972 -8.61 31.57 49.12
N PRO F 973 -8.78 31.20 47.85
CA PRO F 973 -8.40 32.13 46.77
C PRO F 973 -9.11 33.46 46.81
N GLY F 974 -10.37 33.48 47.27
CA GLY F 974 -11.11 34.73 47.31
C GLY F 974 -10.45 35.78 48.18
N ASP F 975 -10.01 35.39 49.37
CA ASP F 975 -9.26 36.29 50.23
C ASP F 975 -7.77 36.25 49.97
N ALA F 976 -7.29 35.27 49.18
CA ALA F 976 -5.89 35.29 48.77
C ALA F 976 -5.62 36.40 47.78
N VAL F 977 -6.54 36.61 46.82
CA VAL F 977 -6.40 37.72 45.90
C VAL F 977 -6.60 39.04 46.62
N LYS F 978 -7.64 39.12 47.46
CA LYS F 978 -7.98 40.31 48.27
C LYS F 978 -7.77 41.63 47.55
N ALA G 2 -0.40 -22.33 -51.97
CA ALA G 2 -1.14 -21.35 -51.18
C ALA G 2 -1.40 -20.09 -51.99
N LYS G 3 -2.60 -19.54 -51.87
CA LYS G 3 -2.99 -18.32 -52.56
C LYS G 3 -2.59 -17.10 -51.74
N ALA G 4 -2.96 -15.92 -52.22
CA ALA G 4 -2.63 -14.66 -51.57
C ALA G 4 -3.73 -14.29 -50.59
N ILE G 5 -3.43 -14.36 -49.30
CA ILE G 5 -4.34 -13.94 -48.24
C ILE G 5 -3.59 -13.03 -47.29
N LYS G 6 -4.19 -11.89 -46.96
CA LYS G 6 -3.52 -10.85 -46.18
C LYS G 6 -4.20 -10.61 -44.84
N ARG G 7 -5.53 -10.65 -44.82
CA ARG G 7 -6.28 -10.32 -43.61
C ARG G 7 -5.95 -11.30 -42.48
N ILE G 8 -5.93 -10.77 -41.26
CA ILE G 8 -5.54 -11.51 -40.06
C ILE G 8 -6.76 -11.65 -39.17
N GLN G 9 -7.08 -12.90 -38.81
CA GLN G 9 -8.20 -13.19 -37.92
C GLN G 9 -7.63 -13.29 -36.50
N LYS G 10 -7.59 -12.16 -35.80
CA LYS G 10 -7.10 -12.14 -34.43
C LYS G 10 -7.99 -13.01 -33.55
N ILE G 11 -7.35 -13.72 -32.61
CA ILE G 11 -8.10 -14.61 -31.72
C ILE G 11 -9.03 -13.78 -30.84
N GLU G 12 -10.21 -14.33 -30.56
CA GLU G 12 -11.24 -13.61 -29.81
C GLU G 12 -11.00 -13.82 -28.32
N VAL G 13 -10.13 -12.98 -27.77
CA VAL G 13 -9.88 -12.96 -26.33
C VAL G 13 -10.94 -12.06 -25.70
N THR G 14 -11.90 -12.67 -25.02
CA THR G 14 -12.97 -11.91 -24.39
C THR G 14 -12.44 -11.15 -23.18
N GLU G 15 -13.34 -10.40 -22.53
CA GLU G 15 -12.95 -9.66 -21.34
C GLU G 15 -12.50 -10.59 -20.22
N GLU G 16 -13.16 -11.75 -20.10
CA GLU G 16 -12.80 -12.69 -19.04
C GLU G 16 -11.38 -13.22 -19.22
N ASP G 17 -11.01 -13.59 -20.45
CA ASP G 17 -9.68 -14.12 -20.70
C ASP G 17 -8.60 -13.07 -20.48
N GLN G 18 -8.83 -11.84 -20.96
CA GLN G 18 -7.85 -10.78 -20.76
C GLN G 18 -7.71 -10.44 -19.28
N ARG G 19 -8.83 -10.41 -18.56
CA ARG G 19 -8.78 -10.17 -17.12
C ARG G 19 -8.00 -11.27 -16.41
N LYS G 20 -8.24 -12.53 -16.78
CA LYS G 20 -7.50 -13.63 -16.18
C LYS G 20 -6.01 -13.52 -16.48
N ARG G 21 -5.65 -13.17 -17.72
CA ARG G 21 -4.24 -13.04 -18.07
C ARG G 21 -3.58 -11.92 -17.27
N ASP G 22 -4.25 -10.78 -17.14
CA ASP G 22 -3.62 -9.67 -16.42
C ASP G 22 -3.56 -9.95 -14.92
N LEU G 23 -4.58 -10.61 -14.38
CA LEU G 23 -4.53 -11.00 -12.97
C LEU G 23 -3.41 -12.01 -12.72
N ARG G 24 -3.19 -12.92 -13.68
CA ARG G 24 -2.06 -13.84 -13.58
C ARG G 24 -0.74 -13.10 -13.65
N GLU G 25 -0.66 -12.06 -14.48
CA GLU G 25 0.55 -11.24 -14.54
C GLU G 25 0.80 -10.54 -13.20
N ILE G 26 -0.25 -10.00 -12.59
CA ILE G 26 -0.10 -9.35 -11.28
C ILE G 26 0.30 -10.36 -10.22
N GLU G 27 -0.27 -11.57 -10.29
CA GLU G 27 0.11 -12.62 -9.35
C GLU G 27 1.57 -13.01 -9.53
N ASP G 28 2.04 -13.08 -10.76
CA ASP G 28 3.45 -13.38 -11.02
C ASP G 28 4.34 -12.28 -10.49
N ALA G 29 3.93 -11.02 -10.65
CA ALA G 29 4.70 -9.91 -10.09
C ALA G 29 4.74 -10.00 -8.56
N LEU G 30 3.62 -10.39 -7.94
CA LEU G 30 3.62 -10.64 -6.51
C LEU G 30 4.58 -11.76 -6.14
N ILE G 31 4.62 -12.81 -6.98
CA ILE G 31 5.51 -13.94 -6.72
C ILE G 31 6.96 -13.50 -6.75
N ASP G 32 7.32 -12.67 -7.73
CA ASP G 32 8.70 -12.19 -7.81
C ASP G 32 9.09 -11.42 -6.56
N HIS G 33 8.14 -10.71 -5.97
CA HIS G 33 8.38 -9.91 -4.76
C HIS G 33 7.68 -10.51 -3.55
N LYS G 34 7.72 -11.84 -3.43
CA LYS G 34 7.15 -12.53 -2.28
C LYS G 34 7.68 -11.98 -0.96
N GLU G 35 9.01 -11.91 -0.84
CA GLU G 35 9.62 -11.42 0.39
C GLU G 35 9.22 -9.98 0.66
N ALA G 36 9.14 -9.16 -0.39
CA ALA G 36 8.73 -7.77 -0.22
C ALA G 36 7.29 -7.67 0.29
N ILE G 37 6.39 -8.48 -0.26
CA ILE G 37 5.01 -8.45 0.19
C ILE G 37 4.91 -8.93 1.63
N LEU G 38 5.67 -9.96 1.99
CA LEU G 38 5.69 -10.40 3.38
C LEU G 38 6.18 -9.29 4.30
N GLU G 39 7.23 -8.59 3.87
CA GLU G 39 7.77 -7.51 4.69
C GLU G 39 6.76 -6.37 4.84
N THR G 40 6.03 -6.04 3.77
CA THR G 40 5.03 -4.98 3.87
C THR G 40 3.84 -5.39 4.74
N LEU G 41 3.42 -6.64 4.66
CA LEU G 41 2.37 -7.12 5.55
C LEU G 41 2.83 -7.09 7.00
N HIS G 42 4.08 -7.47 7.25
CA HIS G 42 4.64 -7.33 8.60
C HIS G 42 4.72 -5.87 9.01
N MET G 43 4.99 -4.99 8.04
CA MET G 43 5.01 -3.55 8.31
C MET G 43 3.67 -3.13 8.88
N LEU G 44 2.60 -3.48 8.17
CA LEU G 44 1.27 -3.10 8.61
C LEU G 44 0.94 -3.73 9.96
N GLY G 45 1.33 -4.99 10.15
CA GLY G 45 1.05 -5.65 11.43
C GLY G 45 1.73 -4.97 12.60
N HIS G 46 3.02 -4.67 12.44
CA HIS G 46 3.76 -4.04 13.53
C HIS G 46 3.29 -2.60 13.77
N MET G 47 2.95 -1.88 12.71
CA MET G 47 2.41 -0.54 12.89
C MET G 47 1.07 -0.57 13.62
N ASN G 48 0.20 -1.51 13.26
CA ASN G 48 -1.09 -1.61 13.92
C ASN G 48 -0.93 -2.03 15.38
N GLU G 49 -0.01 -2.95 15.66
CA GLU G 49 0.24 -3.34 17.04
C GLU G 49 0.79 -2.17 17.84
N ARG G 50 1.70 -1.39 17.26
CA ARG G 50 2.28 -0.25 17.93
C ARG G 50 1.30 0.91 18.07
N GLY G 51 0.14 0.84 17.44
CA GLY G 51 -0.82 1.93 17.52
C GLY G 51 -0.59 3.04 16.52
N VAL G 52 0.47 2.95 15.71
CA VAL G 52 0.68 3.96 14.67
C VAL G 52 -0.46 3.96 13.67
N LEU G 53 -0.81 2.78 13.16
CA LEU G 53 -1.95 2.68 12.25
C LEU G 53 -3.26 3.07 12.92
N PRO G 54 -3.58 2.61 14.14
CA PRO G 54 -4.76 3.16 14.81
C PRO G 54 -4.67 4.65 15.09
N LEU G 55 -3.48 5.18 15.36
CA LEU G 55 -3.34 6.62 15.56
C LEU G 55 -3.73 7.37 14.29
N LEU G 56 -3.25 6.90 13.14
CA LEU G 56 -3.66 7.50 11.88
C LEU G 56 -5.13 7.27 11.60
N ARG G 57 -5.69 6.16 12.09
CA ARG G 57 -7.11 5.89 11.88
C ARG G 57 -7.96 6.90 12.65
N GLY G 58 -7.56 7.23 13.87
CA GLY G 58 -8.17 8.33 14.57
C GLY G 58 -7.93 9.67 13.88
N LEU G 59 -6.76 9.84 13.28
CA LEU G 59 -6.43 11.09 12.61
C LEU G 59 -7.32 11.33 11.40
N PHE G 60 -7.57 10.29 10.61
CA PHE G 60 -8.30 10.43 9.37
C PHE G 60 -9.79 10.08 9.48
N GLY G 61 -10.22 9.47 10.59
CA GLY G 61 -11.64 9.26 10.79
C GLY G 61 -12.32 10.45 11.42
N GLN G 62 -11.71 11.03 12.45
CA GLN G 62 -12.17 12.27 13.04
C GLN G 62 -11.38 13.46 12.50
N GLY G 63 -10.97 13.40 11.24
CA GLY G 63 -10.12 14.43 10.67
C GLY G 63 -10.75 15.80 10.69
N ASP G 64 -12.08 15.88 10.51
CA ASP G 64 -12.76 17.15 10.60
C ASP G 64 -12.59 17.76 11.98
N LYS G 65 -12.72 16.94 13.03
CA LYS G 65 -12.53 17.45 14.38
C LYS G 65 -11.09 17.89 14.62
N VAL G 66 -10.13 17.15 14.06
CA VAL G 66 -8.72 17.53 14.22
C VAL G 66 -8.45 18.87 13.57
N LEU G 67 -8.94 19.05 12.34
CA LEU G 67 -8.76 20.32 11.65
C LEU G 67 -9.46 21.44 12.40
N ASP G 68 -10.65 21.17 12.94
CA ASP G 68 -11.37 22.18 13.70
C ASP G 68 -10.57 22.61 14.92
N ILE G 69 -10.01 21.65 15.66
CA ILE G 69 -9.20 21.98 16.83
C ILE G 69 -7.98 22.79 16.41
N LEU G 70 -7.32 22.37 15.33
CA LEU G 70 -6.13 23.07 14.87
C LEU G 70 -6.44 24.52 14.51
N VAL G 71 -7.51 24.75 13.75
CA VAL G 71 -7.80 26.12 13.32
C VAL G 71 -8.28 26.96 14.50
N LYS G 72 -9.09 26.39 15.39
CA LYS G 72 -9.60 27.16 16.52
C LYS G 72 -8.49 27.52 17.50
N LYS G 73 -7.47 26.67 17.65
CA LYS G 73 -6.34 27.07 18.47
C LYS G 73 -5.43 28.06 17.74
N ALA G 74 -5.24 27.85 16.43
CA ALA G 74 -4.30 28.70 15.68
C ALA G 74 -4.87 30.08 15.38
N ASP G 75 -6.20 30.20 15.23
CA ASP G 75 -6.80 31.43 14.74
C ASP G 75 -6.48 32.65 15.60
N THR G 76 -5.87 32.47 16.76
CA THR G 76 -5.43 33.60 17.56
C THR G 76 -4.44 34.45 16.77
N GLU G 77 -4.52 35.76 16.97
CA GLU G 77 -3.68 36.69 16.21
C GLU G 77 -2.19 36.43 16.47
N GLU G 78 -1.86 35.90 17.65
CA GLU G 78 -0.46 35.62 17.96
C GLU G 78 0.13 34.58 17.01
N THR G 79 -0.60 33.49 16.77
CA THR G 79 -0.09 32.43 15.90
C THR G 79 0.00 32.89 14.45
N ALA G 80 -1.02 33.61 13.97
CA ALA G 80 -0.97 34.14 12.62
C ALA G 80 0.19 35.10 12.45
N ASN G 81 0.41 35.97 13.43
CA ASN G 81 1.55 36.87 13.40
C ASN G 81 2.86 36.11 13.42
N THR G 82 2.93 35.03 14.20
CA THR G 82 4.15 34.24 14.27
C THR G 82 4.48 33.62 12.92
N LEU G 83 3.49 33.02 12.27
CA LEU G 83 3.73 32.41 10.96
C LEU G 83 4.06 33.46 9.90
N LYS G 84 3.35 34.59 9.94
CA LYS G 84 3.64 35.66 8.99
C LYS G 84 5.06 36.17 9.17
N ASN G 85 5.50 36.36 10.41
CA ASN G 85 6.83 36.86 10.65
C ASN G 85 7.90 35.82 10.35
N LEU G 86 7.58 34.53 10.50
CA LEU G 86 8.51 33.50 10.05
C LEU G 86 8.71 33.56 8.54
N LEU G 87 7.61 33.69 7.79
CA LEU G 87 7.71 33.83 6.34
C LEU G 87 8.48 35.08 5.96
N LEU G 88 8.22 36.19 6.67
CA LEU G 88 8.94 37.43 6.40
C LEU G 88 10.42 37.30 6.73
N LEU G 89 10.75 36.58 7.80
CA LEU G 89 12.15 36.35 8.14
C LEU G 89 12.84 35.53 7.06
N PHE G 90 12.17 34.51 6.54
CA PHE G 90 12.74 33.75 5.43
C PHE G 90 12.96 34.64 4.22
N GLY G 91 11.98 35.50 3.91
CA GLY G 91 12.14 36.39 2.76
C GLY G 91 13.28 37.37 2.93
N THR G 92 13.42 37.92 4.14
CA THR G 92 14.50 38.88 4.39
C THR G 92 15.86 38.21 4.37
N LEU G 93 15.97 37.03 4.98
CA LEU G 93 17.23 36.28 4.90
C LEU G 93 17.58 35.94 3.47
N GLY G 94 16.57 35.69 2.63
CA GLY G 94 16.82 35.54 1.22
C GLY G 94 17.30 36.84 0.58
N MET G 95 16.72 37.96 0.99
CA MET G 95 17.14 39.26 0.47
C MET G 95 18.57 39.58 0.86
N LEU G 96 18.96 39.24 2.09
CA LEU G 96 20.33 39.47 2.55
C LEU G 96 21.31 38.67 1.70
N ASP G 97 22.35 39.34 1.22
CA ASP G 97 23.35 38.71 0.38
C ASP G 97 24.43 38.09 1.27
N VAL G 98 24.70 36.79 1.07
CA VAL G 98 25.58 36.05 1.96
C VAL G 98 26.94 35.77 1.33
N LYS G 99 27.09 35.99 0.02
CA LYS G 99 28.39 35.79 -0.62
C LYS G 99 29.46 36.67 0.01
N GLN G 100 29.12 37.93 0.28
CA GLN G 100 30.02 38.83 1.01
C GLN G 100 30.07 38.53 2.50
N LEU G 101 29.12 37.75 3.02
CA LEU G 101 29.04 37.49 4.45
C LEU G 101 29.94 36.35 4.90
N GLU G 102 30.47 35.54 3.97
CA GLU G 102 31.39 34.47 4.36
C GLU G 102 32.69 35.01 4.95
N PRO G 103 33.37 36.01 4.37
CA PRO G 103 34.52 36.59 5.07
C PRO G 103 34.16 37.20 6.41
N LEU G 104 32.97 37.78 6.53
CA LEU G 104 32.53 38.29 7.83
C LEU G 104 32.38 37.17 8.84
N ILE G 105 31.86 36.01 8.41
CA ILE G 105 31.73 34.87 9.30
C ILE G 105 33.11 34.36 9.72
N LEU G 106 34.05 34.31 8.78
CA LEU G 106 35.41 33.88 9.13
C LEU G 106 36.05 34.83 10.13
N LYS G 107 35.87 36.15 9.92
CA LYS G 107 36.40 37.13 10.86
C LYS G 107 35.74 36.98 12.23
N VAL G 108 34.43 36.71 12.25
CA VAL G 108 33.73 36.50 13.52
C VAL G 108 34.27 35.27 14.22
N ASN G 109 34.56 34.21 13.46
CA ASN G 109 35.17 33.02 14.03
C ASN G 109 36.51 33.35 14.69
N ALA G 110 37.36 34.08 13.97
CA ALA G 110 38.66 34.45 14.51
C ALA G 110 38.50 35.33 15.76
N GLY G 111 37.54 36.25 15.73
CA GLY G 111 37.34 37.12 16.88
C GLY G 111 36.84 36.37 18.10
N VAL G 112 35.91 35.42 17.91
CA VAL G 112 35.44 34.62 19.02
C VAL G 112 36.58 33.76 19.57
N ALA G 113 37.42 33.22 18.69
CA ALA G 113 38.58 32.46 19.15
C ALA G 113 39.51 33.33 19.99
N SER G 114 39.77 34.55 19.53
CA SER G 114 40.63 35.46 20.28
C SER G 114 40.00 35.83 21.62
N ALA G 115 38.69 36.05 21.64
CA ALA G 115 38.01 36.43 22.88
C ALA G 115 38.05 35.30 23.90
N VAL G 116 37.75 34.07 23.47
CA VAL G 116 37.82 32.94 24.39
C VAL G 116 39.25 32.59 24.74
N GLU G 117 40.22 33.02 23.93
CA GLU G 117 41.63 32.80 24.25
C GLU G 117 42.06 33.54 25.51
N GLN G 118 41.35 34.61 25.88
CA GLN G 118 41.73 35.40 27.05
C GLN G 118 41.28 34.73 28.34
N LYS G 119 41.66 33.47 28.53
CA LYS G 119 41.34 32.70 29.73
C LYS G 119 39.85 32.73 30.07
N PHE G 128 41.31 51.58 31.06
CA PHE G 128 42.63 51.83 30.48
C PHE G 128 42.85 51.01 29.22
N ASP G 129 41.90 50.12 28.93
CA ASP G 129 42.07 49.19 27.81
C ASP G 129 41.86 49.88 26.46
N ILE G 130 40.91 50.81 26.40
CA ILE G 130 40.54 51.41 25.11
C ILE G 130 41.66 52.29 24.58
N ILE G 131 42.33 53.03 25.45
CA ILE G 131 43.39 53.94 25.02
C ILE G 131 44.53 53.14 24.39
N ARG G 132 44.92 52.03 25.04
CA ARG G 132 45.96 51.18 24.46
C ARG G 132 45.46 50.46 23.22
N SER G 133 44.18 50.11 23.17
CA SER G 133 43.65 49.34 22.04
C SER G 133 43.57 50.18 20.78
N LEU G 134 43.24 51.48 20.91
CA LEU G 134 43.09 52.31 19.72
C LEU G 134 44.39 52.40 18.93
N LYS G 135 45.54 52.33 19.61
CA LYS G 135 46.83 52.37 18.94
C LYS G 135 47.19 51.03 18.29
N ASP G 136 46.50 49.95 18.62
CA ASP G 136 46.78 48.66 18.01
C ASP G 136 46.43 48.71 16.53
N PRO G 137 47.39 48.41 15.63
CA PRO G 137 47.06 48.47 14.20
C PRO G 137 45.96 47.49 13.80
N GLU G 138 45.93 46.31 14.42
CA GLU G 138 44.87 45.35 14.13
C GLU G 138 43.51 45.92 14.57
N ILE G 139 43.45 46.49 15.77
CA ILE G 139 42.21 47.09 16.26
C ILE G 139 41.81 48.26 15.37
N ASN G 140 42.79 49.08 14.96
CA ASN G 140 42.48 50.23 14.11
C ASN G 140 41.90 49.78 12.78
N LYS G 141 42.51 48.79 12.15
CA LYS G 141 41.99 48.29 10.87
C LYS G 141 40.61 47.67 11.04
N SER G 142 40.42 46.90 12.12
CA SER G 142 39.13 46.26 12.35
C SER G 142 38.03 47.28 12.58
N ILE G 143 38.31 48.31 13.38
CA ILE G 143 37.30 49.33 13.64
C ILE G 143 37.06 50.18 12.40
N THR G 144 38.07 50.36 11.55
CA THR G 144 37.86 51.00 10.27
C THR G 144 36.93 50.17 9.40
N LEU G 145 37.08 48.84 9.44
CA LEU G 145 36.17 47.96 8.71
C LEU G 145 34.74 48.09 9.24
N LEU G 146 34.58 48.12 10.57
CA LEU G 146 33.25 48.30 11.14
C LEU G 146 32.65 49.65 10.77
N PHE G 147 33.48 50.70 10.71
CA PHE G 147 32.96 52.00 10.32
C PHE G 147 32.62 52.06 8.84
N SER G 148 33.35 51.32 8.00
CA SER G 148 32.95 51.19 6.60
C SER G 148 31.61 50.46 6.49
N PHE G 149 31.42 49.43 7.30
CA PHE G 149 30.12 48.76 7.39
C PHE G 149 29.03 49.76 7.78
N LEU G 150 29.32 50.58 8.80
CA LEU G 150 28.35 51.56 9.27
C LEU G 150 28.03 52.59 8.19
N LYS G 151 29.05 53.02 7.43
CA LYS G 151 28.82 53.93 6.32
C LYS G 151 27.96 53.29 5.24
N GLY G 152 28.23 52.02 4.93
CA GLY G 152 27.48 51.36 3.87
C GLY G 152 26.00 51.27 4.16
N MET G 153 25.64 50.96 5.40
CA MET G 153 24.24 50.90 5.77
C MET G 153 23.65 52.31 5.85
N GLY G 154 22.36 52.42 5.59
CA GLY G 154 21.73 53.72 5.48
C GLY G 154 22.25 54.54 4.32
N GLN G 155 22.57 53.90 3.20
CA GLN G 155 23.10 54.61 2.05
C GLN G 155 22.04 55.49 1.41
N ASP G 156 22.49 56.61 0.84
CA ASP G 156 21.57 57.52 0.18
C ASP G 156 20.88 56.87 -1.01
N THR G 157 21.64 56.13 -1.82
CA THR G 157 21.13 55.43 -2.99
C THR G 157 20.36 56.36 -3.93
N LYS H 4 32.42 -12.92 56.37
CA LYS H 4 33.78 -12.69 56.84
C LYS H 4 34.50 -11.68 55.96
N LYS H 5 35.70 -11.27 56.38
CA LYS H 5 36.51 -10.29 55.68
C LYS H 5 35.73 -9.02 55.41
N THR H 6 35.36 -8.34 56.50
CA THR H 6 34.49 -7.17 56.40
C THR H 6 35.14 -6.09 55.53
N ILE H 7 34.32 -5.45 54.71
CA ILE H 7 34.78 -4.44 53.76
C ILE H 7 33.85 -3.25 53.84
N THR H 8 34.30 -2.13 53.26
CA THR H 8 33.45 -0.96 53.09
C THR H 8 33.58 -0.47 51.66
N ILE H 9 32.46 -0.43 50.94
CA ILE H 9 32.41 0.02 49.55
C ILE H 9 31.40 1.15 49.46
N ASN H 10 31.77 2.20 48.72
CA ASN H 10 30.92 3.37 48.52
C ASN H 10 30.57 4.07 49.83
N GLY H 11 31.42 3.91 50.85
CA GLY H 11 31.14 4.46 52.16
C GLY H 11 30.16 3.66 52.99
N VAL H 12 29.77 2.47 52.54
CA VAL H 12 28.79 1.63 53.20
C VAL H 12 29.42 0.27 53.49
N GLU H 13 29.19 -0.22 54.70
CA GLU H 13 29.73 -1.52 55.11
C GLU H 13 29.12 -2.65 54.29
N MET H 14 29.95 -3.61 53.89
CA MET H 14 29.52 -4.77 53.14
C MET H 14 30.39 -5.95 53.53
N GLU H 15 29.86 -7.15 53.27
CA GLU H 15 30.56 -8.40 53.59
C GLU H 15 31.25 -8.95 52.35
N ALA H 16 32.23 -9.81 52.59
CA ALA H 16 32.99 -10.45 51.53
C ALA H 16 32.60 -11.92 51.41
N SER H 17 32.77 -12.46 50.21
CA SER H 17 32.45 -13.84 49.88
C SER H 17 33.73 -14.55 49.44
N GLU H 18 33.55 -15.76 48.89
CA GLU H 18 34.67 -16.53 48.38
C GLU H 18 35.39 -15.85 47.23
N GLU H 19 34.78 -14.84 46.62
CA GLU H 19 35.40 -14.11 45.52
C GLU H 19 36.74 -13.52 45.95
N GLN H 20 37.72 -13.60 45.06
CA GLN H 20 39.07 -13.18 45.37
C GLN H 20 39.34 -11.72 45.01
N THR H 21 38.74 -11.22 43.93
CA THR H 21 39.01 -9.89 43.45
C THR H 21 37.85 -8.93 43.78
N VAL H 22 38.18 -7.65 43.80
CA VAL H 22 37.18 -6.62 44.11
C VAL H 22 36.09 -6.57 43.05
N LEU H 23 36.44 -6.89 41.80
CA LEU H 23 35.49 -6.77 40.70
C LEU H 23 34.28 -7.69 40.90
N GLN H 24 34.51 -8.90 41.40
CA GLN H 24 33.40 -9.81 41.65
C GLN H 24 32.46 -9.24 42.70
N LEU H 25 33.01 -8.67 43.77
CA LEU H 25 32.19 -8.06 44.81
C LEU H 25 31.40 -6.88 44.25
N LEU H 26 32.04 -6.04 43.44
CA LEU H 26 31.35 -4.90 42.86
C LEU H 26 30.22 -5.35 41.94
N ASN H 27 30.46 -6.41 41.15
CA ASN H 27 29.40 -6.95 40.30
C ASN H 27 28.25 -7.49 41.14
N ASN H 28 28.57 -8.21 42.22
CA ASN H 28 27.52 -8.71 43.10
C ASN H 28 26.84 -7.58 43.85
N SER H 29 27.53 -6.48 44.09
CA SER H 29 26.95 -5.30 44.71
C SER H 29 26.28 -4.37 43.71
N SER H 30 26.31 -4.72 42.42
CA SER H 30 25.68 -3.92 41.36
C SER H 30 26.25 -2.51 41.31
N ILE H 31 27.55 -2.38 41.55
CA ILE H 31 28.25 -1.11 41.42
C ILE H 31 28.67 -0.95 39.96
N GLU H 32 28.34 0.19 39.36
CA GLU H 32 28.58 0.44 37.95
C GLU H 32 30.06 0.79 37.73
N VAL H 33 30.90 -0.21 37.86
CA VAL H 33 32.34 -0.08 37.62
C VAL H 33 32.61 -0.57 36.20
N PRO H 34 33.24 0.25 35.35
CA PRO H 34 33.54 -0.20 33.98
C PRO H 34 34.48 -1.41 33.99
N GLN H 35 34.04 -2.48 33.31
CA GLN H 35 34.81 -3.72 33.21
C GLN H 35 34.75 -4.17 31.75
N VAL H 36 35.72 -3.72 30.96
CA VAL H 36 35.76 -4.04 29.54
C VAL H 36 36.53 -5.33 29.28
N CYS H 37 37.72 -5.46 29.86
CA CYS H 37 38.59 -6.60 29.61
C CYS H 37 38.27 -7.81 30.47
N TYR H 38 37.31 -7.71 31.40
CA TYR H 38 37.01 -8.80 32.30
C TYR H 38 35.85 -9.64 31.75
N HIS H 39 36.06 -10.96 31.72
CA HIS H 39 35.02 -11.91 31.38
C HIS H 39 34.97 -12.94 32.49
N PRO H 40 33.78 -13.32 32.98
CA PRO H 40 33.71 -14.24 34.13
C PRO H 40 34.44 -15.55 33.90
N SER H 41 34.35 -16.12 32.69
CA SER H 41 35.07 -17.35 32.41
C SER H 41 36.56 -17.12 32.18
N LEU H 42 36.93 -15.96 31.62
CA LEU H 42 38.33 -15.72 31.29
C LEU H 42 39.15 -15.42 32.54
N GLY H 43 38.60 -14.65 33.44
CA GLY H 43 39.40 -14.29 34.61
C GLY H 43 40.07 -12.96 34.40
N PRO H 44 40.79 -12.39 35.40
CA PRO H 44 41.38 -11.06 35.28
C PRO H 44 42.44 -11.04 34.17
N ILE H 45 42.23 -10.19 33.16
CA ILE H 45 43.19 -10.13 32.02
C ILE H 45 43.99 -8.86 32.24
N GLU H 46 43.42 -7.90 32.95
CA GLU H 46 44.14 -6.66 33.28
C GLU H 46 44.74 -5.97 32.05
N THR H 47 43.98 -5.75 30.99
CA THR H 47 44.64 -5.10 29.85
C THR H 47 43.83 -3.89 29.45
N CYS H 48 42.71 -3.60 30.11
CA CYS H 48 41.92 -2.43 29.61
C CYS H 48 41.97 -1.30 30.63
N ASP H 49 42.34 -1.58 31.85
CA ASP H 49 42.55 -0.48 32.83
C ASP H 49 41.31 0.39 32.98
N THR H 50 40.14 -0.05 32.53
CA THR H 50 38.93 0.71 32.80
C THR H 50 38.27 0.32 34.12
N CYS H 51 38.83 -0.65 34.84
CA CYS H 51 38.27 -1.09 36.12
C CYS H 51 38.98 -0.45 37.30
N ILE H 52 39.50 0.75 37.13
CA ILE H 52 40.27 1.41 38.18
C ILE H 52 39.32 1.82 39.31
N VAL H 53 39.62 1.36 40.52
CA VAL H 53 38.91 1.79 41.72
C VAL H 53 39.94 2.10 42.80
N SER H 54 39.50 2.87 43.79
CA SER H 54 40.37 3.28 44.89
C SER H 54 40.33 2.21 45.98
N ILE H 55 41.32 1.33 45.97
CA ILE H 55 41.50 0.35 47.04
C ILE H 55 42.54 0.90 48.01
N ASN H 56 42.19 0.95 49.30
CA ASN H 56 43.05 1.51 50.33
C ASN H 56 43.48 2.94 49.99
N GLY H 57 42.65 3.64 49.22
CA GLY H 57 42.94 4.98 48.78
C GLY H 57 43.74 5.06 47.49
N GLU H 58 44.53 4.05 47.18
CA GLU H 58 45.34 4.02 45.97
C GLU H 58 44.53 3.48 44.80
N LEU H 59 44.75 4.04 43.62
CA LEU H 59 44.03 3.62 42.42
C LEU H 59 44.64 2.32 41.90
N LYS H 60 43.81 1.28 41.78
CA LYS H 60 44.28 0.00 41.29
C LYS H 60 43.16 -0.68 40.51
N ARG H 61 43.55 -1.66 39.70
CA ARG H 61 42.61 -2.38 38.87
C ARG H 61 41.75 -3.30 39.72
N SER H 62 40.44 -3.04 39.76
CA SER H 62 39.53 -3.89 40.53
C SER H 62 39.42 -5.29 39.96
N CYS H 63 39.75 -5.48 38.68
CA CYS H 63 39.69 -6.81 38.10
C CYS H 63 40.71 -7.75 38.72
N SER H 64 41.80 -7.22 39.25
CA SER H 64 42.86 -8.04 39.85
C SER H 64 43.21 -7.61 41.26
N ALA H 65 42.49 -6.65 41.84
CA ALA H 65 42.74 -6.23 43.21
C ALA H 65 42.19 -7.27 44.17
N GLU H 66 43.08 -7.89 44.95
CA GLU H 66 42.64 -8.91 45.89
C GLU H 66 41.75 -8.30 46.96
N LEU H 67 40.68 -9.01 47.30
CA LEU H 67 39.70 -8.53 48.27
C LEU H 67 40.21 -8.77 49.69
N LYS H 68 41.20 -7.97 50.07
CA LYS H 68 41.77 -8.05 51.41
C LYS H 68 40.79 -7.48 52.43
N ASP H 69 40.90 -7.97 53.67
CA ASP H 69 40.00 -7.56 54.72
C ASP H 69 40.22 -6.11 55.11
N GLY H 70 39.13 -5.37 55.29
CA GLY H 70 39.18 -4.02 55.81
C GLY H 70 39.52 -2.93 54.82
N ASP H 71 39.56 -3.24 53.53
CA ASP H 71 39.86 -2.21 52.54
C ASP H 71 38.68 -1.28 52.34
N VAL H 72 38.99 -0.08 51.84
CA VAL H 72 37.99 0.95 51.55
C VAL H 72 37.82 1.03 50.04
N ILE H 73 36.59 0.96 49.57
CA ILE H 73 36.28 0.96 48.14
C ILE H 73 35.42 2.18 47.83
N ASP H 74 35.82 2.95 46.83
CA ASP H 74 35.05 4.09 46.36
C ASP H 74 35.02 4.08 44.84
N THR H 75 33.86 4.36 44.26
CA THR H 75 33.68 4.28 42.81
C THR H 75 33.08 5.52 42.18
N LEU H 76 32.51 6.44 42.95
CA LEU H 76 31.98 7.69 42.40
C LEU H 76 32.93 8.86 42.62
N SER H 77 34.13 8.61 43.14
CA SER H 77 35.06 9.69 43.37
C SER H 77 35.49 10.30 42.04
N PRO H 78 35.70 11.62 41.98
CA PRO H 78 36.24 12.23 40.76
C PRO H 78 37.54 11.58 40.31
N ASP H 79 38.38 11.13 41.23
CA ASP H 79 39.65 10.51 40.85
C ASP H 79 39.45 9.21 40.10
N VAL H 80 38.63 8.31 40.64
CA VAL H 80 38.40 7.03 39.97
C VAL H 80 37.63 7.22 38.68
N LYS H 81 36.70 8.18 38.65
CA LYS H 81 35.97 8.48 37.42
C LYS H 81 36.91 8.99 36.34
N LYS H 82 37.83 9.87 36.70
CA LYS H 82 38.81 10.38 35.74
C LYS H 82 39.72 9.26 35.25
N ALA H 83 40.14 8.38 36.16
CA ALA H 83 40.99 7.27 35.75
C ALA H 83 40.28 6.35 34.77
N GLN H 84 39.01 6.03 35.05
CA GLN H 84 38.23 5.19 34.15
C GLN H 84 38.00 5.88 32.81
N VAL H 85 37.76 7.18 32.84
CA VAL H 85 37.57 7.94 31.59
C VAL H 85 38.85 7.92 30.76
N ILE H 86 40.01 8.08 31.41
CA ILE H 86 41.28 8.03 30.68
C ILE H 86 41.52 6.64 30.09
N GLY H 87 41.23 5.60 30.87
CA GLY H 87 41.39 4.25 30.37
C GLY H 87 40.50 3.97 29.17
N MET H 88 39.24 4.40 29.24
CA MET H 88 38.33 4.17 28.11
C MET H 88 38.69 5.05 26.92
N ASP H 89 39.26 6.23 27.17
CA ASP H 89 39.76 7.05 26.07
C ASP H 89 40.90 6.35 25.35
N LYS H 90 41.81 5.74 26.12
CA LYS H 90 42.87 4.93 25.51
C LYS H 90 42.29 3.77 24.73
N ILE H 91 41.23 3.15 25.26
CA ILE H 91 40.58 2.04 24.56
C ILE H 91 40.00 2.52 23.24
N LEU H 92 39.23 3.62 23.28
CA LEU H 92 38.61 4.16 22.07
C LEU H 92 39.63 4.71 21.10
N TYR H 93 40.85 4.99 21.55
CA TYR H 93 41.92 5.33 20.62
C TYR H 93 42.21 4.16 19.69
N ASN H 94 41.91 2.94 20.11
CA ASN H 94 42.09 1.75 19.30
C ASN H 94 40.79 1.23 18.70
N HIS H 95 39.66 1.88 18.97
CA HIS H 95 38.36 1.42 18.50
C HIS H 95 37.67 2.56 17.76
N GLU H 96 37.29 2.30 16.50
CA GLU H 96 36.64 3.34 15.71
C GLU H 96 35.26 3.69 16.26
N LEU H 97 34.54 2.70 16.81
CA LEU H 97 33.28 2.93 17.50
C LEU H 97 32.21 3.48 16.55
N TYR H 98 31.97 2.73 15.47
CA TYR H 98 30.87 3.03 14.56
C TYR H 98 29.68 2.13 14.89
N CYS H 99 29.08 2.38 16.06
CA CYS H 99 28.13 1.45 16.63
C CYS H 99 26.91 1.25 15.74
N THR H 100 26.42 2.32 15.12
CA THR H 100 25.19 2.21 14.33
C THR H 100 25.35 1.25 13.16
N VAL H 101 26.51 1.27 12.51
CA VAL H 101 26.75 0.42 11.35
C VAL H 101 27.71 -0.73 11.67
N CYS H 102 27.72 -1.16 12.93
CA CYS H 102 28.64 -2.25 13.37
C CYS H 102 27.84 -3.48 13.72
N ASP H 103 28.23 -4.62 13.20
CA ASP H 103 27.45 -5.86 13.41
C ASP H 103 27.39 -6.22 14.88
N TYR H 104 28.46 -6.02 15.65
CA TYR H 104 28.41 -6.53 17.04
C TYR H 104 27.47 -5.67 17.86
N ASN H 105 26.90 -4.60 17.33
CA ASN H 105 26.05 -3.75 18.19
C ASN H 105 24.72 -4.46 18.23
N ASN H 106 24.69 -5.62 18.86
CA ASN H 106 23.40 -6.30 19.03
C ASN H 106 23.04 -6.02 20.48
N GLY H 107 23.74 -5.06 21.06
CA GLY H 107 23.43 -4.62 22.43
C GLY H 107 24.27 -5.31 23.47
N GLY H 108 25.05 -6.28 23.05
CA GLY H 108 25.90 -7.01 24.00
C GLY H 108 27.34 -6.58 23.89
N CYS H 109 27.59 -5.54 23.14
CA CYS H 109 29.02 -5.23 22.92
C CYS H 109 29.57 -4.48 24.11
N GLU H 110 30.60 -5.01 24.75
CA GLU H 110 31.07 -4.37 26.01
C GLU H 110 31.59 -2.96 25.77
N ILE H 111 32.29 -2.70 24.69
CA ILE H 111 32.70 -1.28 24.55
C ILE H 111 31.42 -0.44 24.53
N HIS H 112 30.45 -0.79 23.69
CA HIS H 112 29.21 0.04 23.57
C HIS H 112 28.54 0.17 24.94
N ASN H 113 28.34 -0.95 25.65
CA ASN H 113 27.58 -0.93 26.91
C ASN H 113 28.39 -0.07 27.89
N THR H 114 29.67 -0.35 28.02
CA THR H 114 30.47 0.37 29.01
C THR H 114 30.57 1.86 28.67
N VAL H 115 30.71 2.18 27.38
CA VAL H 115 30.75 3.58 26.97
C VAL H 115 29.43 4.27 27.30
N LYS H 116 28.31 3.59 27.05
CA LYS H 116 27.01 4.14 27.44
C LYS H 116 26.90 4.29 28.94
N GLU H 117 27.41 3.31 29.69
CA GLU H 117 27.31 3.34 31.15
C GLU H 117 28.09 4.52 31.73
N MET H 118 29.29 4.77 31.22
CA MET H 118 30.08 5.88 31.74
C MET H 118 29.54 7.24 31.31
N LYS H 119 28.58 7.26 30.39
CA LYS H 119 28.00 8.51 29.88
C LYS H 119 29.08 9.41 29.29
N ILE H 120 30.06 8.80 28.61
CA ILE H 120 31.11 9.58 27.98
C ILE H 120 30.59 10.22 26.71
N ASN H 121 31.20 11.34 26.34
CA ASN H 121 30.83 12.07 25.13
C ASN H 121 32.01 12.39 24.23
N HIS H 122 33.23 12.40 24.73
CA HIS H 122 34.41 12.69 23.93
C HIS H 122 35.52 11.70 24.27
N GLN H 123 36.40 11.49 23.31
CA GLN H 123 37.63 10.73 23.52
C GLN H 123 38.80 11.70 23.44
N SER H 124 39.59 11.78 24.52
CA SER H 124 40.71 12.72 24.54
C SER H 124 41.72 12.40 23.44
N ILE H 125 42.01 11.12 23.24
CA ILE H 125 42.90 10.68 22.17
C ILE H 125 42.04 10.26 20.99
N PRO H 126 42.15 10.90 19.83
CA PRO H 126 41.33 10.51 18.68
C PRO H 126 41.73 9.14 18.16
N PHE H 127 40.77 8.49 17.52
CA PHE H 127 40.99 7.14 16.99
C PHE H 127 42.09 7.16 15.93
N ASP H 128 42.97 6.17 16.00
CA ASP H 128 44.08 6.03 15.07
C ASP H 128 44.06 4.63 14.49
N HIS H 129 43.92 4.53 13.17
CA HIS H 129 43.91 3.24 12.51
C HIS H 129 45.28 2.58 12.63
N LYS H 130 45.29 1.30 13.00
CA LYS H 130 46.52 0.55 13.01
C LYS H 130 46.98 0.27 11.57
N PRO H 131 48.29 0.19 11.34
CA PRO H 131 48.77 -0.05 9.97
C PRO H 131 48.35 -1.38 9.39
N TYR H 132 47.91 -2.29 10.27
CA TYR H 132 47.55 -3.66 9.84
C TYR H 132 46.16 -3.68 9.19
N HIS H 133 45.98 -4.53 8.18
CA HIS H 133 44.68 -4.66 7.52
C HIS H 133 43.88 -5.78 8.18
N LYS H 134 42.58 -5.80 7.88
CA LYS H 134 41.72 -6.86 8.39
C LYS H 134 42.17 -8.19 7.83
N ASP H 135 42.21 -9.20 8.70
CA ASP H 135 42.70 -10.53 8.35
C ASP H 135 41.49 -11.41 8.06
N GLU H 136 41.06 -11.42 6.79
CA GLU H 136 39.94 -12.23 6.35
C GLU H 136 40.37 -13.58 5.80
N SER H 137 41.59 -14.04 6.12
CA SER H 137 42.06 -15.32 5.62
C SER H 137 41.18 -16.46 6.13
N HIS H 138 40.77 -16.39 7.39
CA HIS H 138 39.93 -17.43 7.95
C HIS H 138 38.55 -17.42 7.29
N PRO H 139 38.00 -18.59 6.97
CA PRO H 139 36.68 -18.64 6.33
C PRO H 139 35.51 -18.50 7.30
N PHE H 140 35.77 -18.41 8.61
CA PHE H 140 34.70 -18.34 9.60
C PHE H 140 34.64 -17.00 10.31
N TYR H 141 35.74 -16.56 10.92
CA TYR H 141 35.77 -15.31 11.66
C TYR H 141 36.94 -14.46 11.18
N ARG H 142 36.73 -13.15 11.14
CA ARG H 142 37.79 -12.23 10.76
C ARG H 142 38.25 -11.43 11.97
N TYR H 143 39.47 -10.92 11.85
CA TYR H 143 40.10 -10.06 12.85
C TYR H 143 40.32 -8.69 12.23
N ASP H 144 39.94 -7.64 12.94
CA ASP H 144 40.03 -6.26 12.46
C ASP H 144 40.95 -5.48 13.39
N PRO H 145 42.25 -5.46 13.13
CA PRO H 145 43.17 -4.75 14.04
C PRO H 145 42.84 -3.27 14.18
N ASP H 146 42.19 -2.68 13.17
CA ASP H 146 41.74 -1.29 13.31
C ASP H 146 40.74 -1.16 14.46
N GLN H 147 39.86 -2.14 14.63
CA GLN H 147 38.88 -2.15 15.70
C GLN H 147 39.36 -2.90 16.93
N CYS H 148 40.54 -3.48 16.90
CA CYS H 148 41.07 -4.20 18.05
C CYS H 148 41.46 -3.21 19.14
N ILE H 149 40.99 -3.45 20.37
CA ILE H 149 41.31 -2.59 21.50
C ILE H 149 42.37 -3.19 22.40
N LEU H 150 42.94 -4.34 22.02
CA LEU H 150 44.05 -4.96 22.74
C LEU H 150 43.65 -5.36 24.15
N CYS H 151 42.37 -5.65 24.36
CA CYS H 151 41.91 -6.09 25.69
C CYS H 151 42.46 -7.45 26.06
N GLY H 152 42.86 -8.26 25.07
CA GLY H 152 43.46 -9.55 25.36
C GLY H 152 42.48 -10.65 25.70
N ARG H 153 41.17 -10.39 25.66
CA ARG H 153 40.22 -11.44 25.97
C ARG H 153 40.32 -12.59 24.98
N CYS H 154 40.50 -12.28 23.69
CA CYS H 154 40.67 -13.32 22.69
C CYS H 154 41.94 -14.12 22.94
N VAL H 155 43.04 -13.44 23.26
CA VAL H 155 44.29 -14.15 23.53
C VAL H 155 44.17 -15.00 24.79
N GLU H 156 43.56 -14.45 25.83
CA GLU H 156 43.37 -15.23 27.05
C GLU H 156 42.48 -16.44 26.79
N ALA H 157 41.49 -16.29 25.90
CA ALA H 157 40.64 -17.43 25.55
C ALA H 157 41.43 -18.50 24.82
N CYS H 158 42.22 -18.09 23.82
CA CYS H 158 42.97 -19.06 23.02
C CYS H 158 44.14 -19.66 23.79
N GLN H 159 44.57 -19.03 24.88
CA GLN H 159 45.74 -19.52 25.62
C GLN H 159 45.41 -20.19 26.94
N ASP H 160 44.29 -19.87 27.58
CA ASP H 160 44.04 -20.34 28.93
C ASP H 160 42.74 -21.11 29.09
N VAL H 161 41.65 -20.69 28.44
CA VAL H 161 40.38 -21.39 28.58
C VAL H 161 40.13 -22.36 27.43
N GLN H 162 40.82 -22.22 26.29
CA GLN H 162 40.70 -23.22 25.19
C GLN H 162 42.05 -23.89 25.00
N VAL H 163 43.13 -23.21 25.39
CA VAL H 163 44.51 -23.77 25.37
C VAL H 163 44.81 -24.27 23.95
N THR H 164 44.36 -23.55 22.91
CA THR H 164 44.83 -23.90 21.55
C THR H 164 46.19 -23.20 21.44
N GLU H 165 46.30 -22.04 22.08
CA GLU H 165 47.59 -21.30 22.15
C GLU H 165 47.98 -20.78 20.75
N THR H 166 47.00 -20.50 19.89
CA THR H 166 47.38 -19.92 18.58
C THR H 166 47.48 -18.40 18.64
N LEU H 167 46.96 -17.77 19.67
CA LEU H 167 46.91 -16.31 19.78
C LEU H 167 47.95 -15.81 20.77
N THR H 168 48.70 -14.81 20.34
CA THR H 168 49.55 -14.02 21.23
C THR H 168 49.36 -12.55 20.89
N ILE H 169 49.99 -11.67 21.65
CA ILE H 169 49.96 -10.24 21.36
C ILE H 169 51.40 -9.74 21.29
N ASP H 170 51.74 -9.08 20.20
CA ASP H 170 53.08 -8.52 20.01
C ASP H 170 53.11 -7.15 20.70
N TRP H 171 53.22 -7.18 22.03
CA TRP H 171 53.35 -5.94 22.79
C TRP H 171 54.60 -5.18 22.38
N GLU H 172 55.66 -5.89 21.98
CA GLU H 172 56.91 -5.24 21.58
C GLU H 172 56.75 -4.41 20.32
N ARG H 173 55.74 -4.70 19.49
CA ARG H 173 55.53 -3.94 18.28
C ARG H 173 55.10 -2.51 18.61
N LYS H 174 55.34 -1.61 17.65
CA LYS H 174 54.96 -0.21 17.85
C LYS H 174 53.46 -0.07 18.05
N ARG H 175 52.67 -0.76 17.23
CA ARG H 175 51.22 -0.82 17.42
C ARG H 175 50.86 -2.23 17.83
N PRO H 176 50.58 -2.49 19.10
CA PRO H 176 50.26 -3.86 19.53
C PRO H 176 49.01 -4.37 18.82
N ARG H 177 49.01 -5.67 18.56
CA ARG H 177 47.89 -6.31 17.88
C ARG H 177 47.92 -7.80 18.22
N VAL H 178 46.81 -8.46 17.95
CA VAL H 178 46.71 -9.91 18.14
C VAL H 178 47.31 -10.60 16.92
N ILE H 179 48.20 -11.56 17.18
CA ILE H 179 48.89 -12.28 16.12
C ILE H 179 48.72 -13.77 16.33
N TRP H 180 48.57 -14.48 15.21
CA TRP H 180 48.34 -15.94 15.28
C TRP H 180 49.67 -16.66 15.07
N ASP H 181 50.05 -17.51 16.01
CA ASP H 181 51.38 -18.15 15.90
C ASP H 181 52.40 -17.02 15.80
N ASN H 182 53.36 -17.10 14.88
CA ASN H 182 54.31 -15.97 14.69
C ASN H 182 53.74 -15.02 13.62
N ASP H 183 52.63 -14.36 13.89
CA ASP H 183 52.04 -13.36 12.96
C ASP H 183 51.72 -14.07 11.64
N VAL H 184 51.44 -15.36 11.71
CA VAL H 184 51.02 -16.08 10.48
C VAL H 184 49.62 -15.59 10.16
N PRO H 185 49.21 -15.49 8.89
CA PRO H 185 47.85 -15.14 8.62
C PRO H 185 47.01 -16.14 9.39
N ILE H 186 45.74 -15.86 9.63
CA ILE H 186 44.88 -16.67 10.49
C ILE H 186 44.70 -18.07 9.91
N ASN H 187 44.38 -18.14 8.61
CA ASN H 187 44.12 -19.44 8.00
C ASN H 187 45.35 -20.32 8.01
N GLU H 188 46.51 -19.77 7.66
CA GLU H 188 47.75 -20.54 7.62
C GLU H 188 48.24 -20.92 9.01
N SER H 189 47.68 -20.35 10.07
CA SER H 189 48.18 -20.56 11.42
C SER H 189 47.61 -21.85 12.01
N SER H 190 47.87 -22.06 13.30
CA SER H 190 47.39 -23.23 14.02
C SER H 190 46.04 -23.01 14.68
N CYS H 191 45.23 -22.12 14.13
CA CYS H 191 43.94 -21.79 14.74
C CYS H 191 42.98 -22.96 14.56
N VAL H 192 42.56 -23.56 15.68
CA VAL H 192 41.57 -24.63 15.68
C VAL H 192 40.23 -24.17 15.14
N SER H 193 40.01 -22.86 15.05
CA SER H 193 38.73 -22.27 14.69
C SER H 193 37.66 -22.59 15.72
N CYS H 194 38.08 -22.76 16.97
CA CYS H 194 37.16 -23.15 18.04
C CYS H 194 36.09 -22.09 18.27
N GLY H 195 36.45 -20.82 18.08
CA GLY H 195 35.50 -19.74 18.24
C GLY H 195 35.56 -19.05 19.59
N HIS H 196 36.50 -19.40 20.46
CA HIS H 196 36.64 -18.71 21.73
C HIS H 196 36.94 -17.23 21.53
N CYS H 197 37.85 -16.91 20.61
CA CYS H 197 38.23 -15.52 20.39
C CYS H 197 37.05 -14.70 19.89
N SER H 198 36.24 -15.34 19.07
CA SER H 198 35.10 -14.59 18.53
C SER H 198 34.11 -14.36 19.65
N THR H 199 33.83 -15.38 20.43
CA THR H 199 32.86 -15.29 21.54
C THR H 199 33.35 -14.34 22.62
N VAL H 200 34.63 -14.38 22.95
CA VAL H 200 35.11 -13.57 24.10
C VAL H 200 35.48 -12.16 23.66
N CYS H 201 35.46 -11.83 22.38
CA CYS H 201 35.91 -10.46 22.02
C CYS H 201 34.91 -9.45 22.52
N PRO H 202 35.29 -8.36 23.24
CA PRO H 202 34.34 -7.35 23.60
C PRO H 202 33.83 -6.65 22.35
N CYS H 203 34.73 -6.13 21.52
CA CYS H 203 34.33 -5.36 20.32
C CYS H 203 34.17 -6.25 19.09
N ASN H 204 33.98 -5.65 17.92
CA ASN H 204 33.79 -6.42 16.67
C ASN H 204 35.14 -6.71 16.06
N ALA H 205 36.18 -6.65 16.87
CA ALA H 205 37.54 -6.95 16.37
C ALA H 205 37.61 -8.39 15.88
N MET H 206 37.17 -9.37 16.69
CA MET H 206 37.34 -10.78 16.27
C MET H 206 35.93 -11.30 16.16
N MET H 207 35.34 -11.18 15.00
CA MET H 207 33.93 -11.53 14.86
C MET H 207 33.74 -12.41 13.64
N GLU H 208 32.75 -13.31 13.75
CA GLU H 208 32.48 -14.27 12.70
C GLU H 208 32.11 -13.58 11.39
N LYS H 209 32.57 -14.16 10.28
CA LYS H 209 32.21 -13.64 8.96
C LYS H 209 30.72 -13.78 8.68
N GLY H 210 30.03 -14.67 9.40
CA GLY H 210 28.59 -14.78 9.23
C GLY H 210 27.87 -13.49 9.61
N MET H 211 28.30 -12.85 10.70
CA MET H 211 27.70 -11.58 11.09
C MET H 211 28.10 -10.47 10.13
N GLU H 212 29.34 -10.52 9.62
CA GLU H 212 29.90 -9.43 8.83
C GLU H 212 29.01 -9.07 7.66
N GLY H 213 28.48 -7.85 7.68
CA GLY H 213 27.64 -7.37 6.60
C GLY H 213 26.25 -7.97 6.56
N GLU H 214 25.83 -8.68 7.60
CA GLU H 214 24.54 -9.34 7.62
C GLU H 214 23.76 -9.18 8.92
N ALA H 215 24.37 -8.61 9.97
CA ALA H 215 23.69 -8.54 11.27
C ALA H 215 22.51 -7.58 11.24
N GLY H 216 22.79 -6.30 10.96
CA GLY H 216 21.78 -5.27 11.01
C GLY H 216 21.32 -4.83 9.64
N TYR H 217 20.75 -3.64 9.59
CA TYR H 217 20.19 -3.07 8.36
C TYR H 217 21.16 -2.13 7.66
N LEU H 218 21.84 -1.27 8.42
CA LEU H 218 22.79 -0.32 7.87
C LEU H 218 24.20 -0.89 7.78
N THR H 219 24.42 -2.13 8.21
CA THR H 219 25.75 -2.72 8.16
C THR H 219 26.00 -3.55 6.91
N GLY H 220 24.97 -3.81 6.10
CA GLY H 220 25.18 -4.45 4.82
C GLY H 220 25.65 -3.52 3.74
N ILE H 221 25.79 -2.23 4.06
CA ILE H 221 26.29 -1.24 3.11
C ILE H 221 27.73 -1.59 2.76
N ASN H 222 28.08 -1.40 1.49
CA ASN H 222 29.42 -1.72 1.02
C ASN H 222 30.46 -0.84 1.73
N ASN H 223 31.64 -1.43 1.96
CA ASN H 223 32.67 -0.72 2.72
C ASN H 223 33.11 0.55 2.01
N GLU H 224 33.22 0.51 0.68
CA GLU H 224 33.59 1.70 -0.07
C GLU H 224 32.57 2.82 0.10
N THR H 225 31.33 2.50 0.44
CA THR H 225 30.31 3.49 0.72
C THR H 225 29.84 3.48 2.17
N LEU H 226 30.41 2.61 3.02
CA LEU H 226 30.16 2.67 4.45
C LEU H 226 31.22 3.48 5.19
N ARG H 227 32.49 3.33 4.81
CA ARG H 227 33.55 4.10 5.44
C ARG H 227 33.37 5.61 5.31
N PRO H 228 33.03 6.17 4.13
CA PRO H 228 32.77 7.62 4.09
C PRO H 228 31.63 8.04 5.00
N MET H 229 30.60 7.21 5.16
CA MET H 229 29.53 7.53 6.10
C MET H 229 30.05 7.54 7.54
N ILE H 230 30.93 6.60 7.87
CA ILE H 230 31.52 6.58 9.21
C ILE H 230 32.34 7.84 9.44
N GLU H 231 33.13 8.26 8.45
CA GLU H 231 33.89 9.49 8.58
C GLU H 231 32.97 10.71 8.71
N ILE H 232 31.88 10.72 7.96
CA ILE H 232 30.90 11.81 8.06
C ILE H 232 30.37 11.89 9.48
N THR H 233 29.93 10.77 10.03
CA THR H 233 29.39 10.79 11.39
C THR H 233 30.46 11.15 12.41
N LYS H 234 31.70 10.71 12.18
CA LYS H 234 32.79 11.11 13.06
C LYS H 234 32.97 12.62 13.07
N GLY H 235 32.90 13.24 11.90
CA GLY H 235 33.05 14.68 11.81
C GLY H 235 31.81 15.48 12.10
N VAL H 236 30.66 14.83 12.29
CA VAL H 236 29.41 15.56 12.47
C VAL H 236 29.02 15.61 13.93
N GLU H 237 28.83 14.45 14.56
CA GLU H 237 28.36 14.45 15.94
C GLU H 237 29.44 14.99 16.88
N THR H 238 29.00 15.80 17.84
CA THR H 238 29.90 16.40 18.81
C THR H 238 29.95 15.62 20.12
N GLY H 239 28.83 15.06 20.56
CA GLY H 239 28.77 14.28 21.79
C GLY H 239 28.36 12.85 21.46
N TYR H 240 28.96 11.90 22.17
CA TYR H 240 28.68 10.50 21.92
C TYR H 240 27.29 10.07 22.39
N GLY H 241 26.63 10.88 23.23
CA GLY H 241 25.35 10.45 23.79
C GLY H 241 24.27 10.27 22.74
N SER H 242 24.12 11.25 21.85
CA SER H 242 23.02 11.21 20.88
C SER H 242 23.22 10.09 19.87
N ILE H 243 24.42 9.98 19.30
CA ILE H 243 24.67 8.92 18.35
C ILE H 243 24.70 7.55 19.05
N LEU H 244 25.03 7.54 20.34
CA LEU H 244 24.90 6.31 21.12
C LEU H 244 23.44 5.88 21.25
N ALA H 245 22.55 6.85 21.48
CA ALA H 245 21.12 6.54 21.49
C ALA H 245 20.65 6.04 20.13
N ILE H 246 21.14 6.66 19.06
CA ILE H 246 20.80 6.21 17.71
C ILE H 246 21.28 4.77 17.49
N SER H 247 22.47 4.45 18.00
CA SER H 247 22.97 3.10 17.90
C SER H 247 22.16 2.12 18.74
N ASP H 248 21.62 2.58 19.87
CA ASP H 248 20.71 1.74 20.65
C ASP H 248 19.42 1.47 19.88
N MET H 249 18.90 2.49 19.20
CA MET H 249 17.78 2.26 18.27
C MET H 249 18.14 1.25 17.20
N GLU H 250 19.37 1.31 16.69
CA GLU H 250 19.78 0.34 15.68
C GLU H 250 19.92 -1.06 16.27
N SER H 251 20.28 -1.14 17.54
CA SER H 251 20.25 -2.43 18.24
C SER H 251 18.83 -2.97 18.33
N ALA H 252 17.87 -2.10 18.67
CA ALA H 252 16.48 -2.50 18.65
C ALA H 252 16.05 -2.92 17.25
N MET H 253 16.56 -2.22 16.23
CA MET H 253 16.38 -2.62 14.84
C MET H 253 16.79 -4.07 14.64
N ARG H 254 18.02 -4.39 15.03
CA ARG H 254 18.52 -5.75 14.88
C ARG H 254 17.66 -6.75 15.64
N ASP H 255 17.14 -6.36 16.81
CA ASP H 255 16.41 -7.29 17.65
C ASP H 255 15.24 -7.93 16.92
N GLU H 256 14.59 -7.20 16.01
CA GLU H 256 13.47 -7.75 15.28
C GLU H 256 13.91 -8.80 14.27
N ARG H 257 14.94 -8.47 13.46
CA ARG H 257 15.38 -9.39 12.42
C ARG H 257 16.27 -10.51 12.95
N ILE H 258 16.92 -10.31 14.10
CA ILE H 258 17.85 -11.28 14.64
C ILE H 258 17.10 -12.16 15.63
N LYS H 259 17.06 -13.46 15.35
CA LYS H 259 16.45 -14.44 16.24
C LYS H 259 17.54 -15.14 17.02
N LYS H 260 17.48 -15.05 18.34
CA LYS H 260 18.48 -15.63 19.23
C LYS H 260 17.80 -16.70 20.07
N THR H 261 17.96 -17.96 19.68
CA THR H 261 17.35 -19.08 20.37
C THR H 261 18.43 -20.03 20.85
N LYS H 262 18.26 -20.53 22.07
CA LYS H 262 19.19 -21.49 22.65
C LYS H 262 19.05 -22.85 21.97
N THR H 263 20.19 -23.54 21.82
CA THR H 263 20.19 -24.90 21.34
C THR H 263 21.42 -25.61 21.89
N VAL H 264 21.51 -26.90 21.63
CA VAL H 264 22.65 -27.72 22.03
C VAL H 264 23.27 -28.29 20.77
N CYS H 265 24.60 -28.22 20.68
CA CYS H 265 25.28 -28.71 19.49
C CYS H 265 25.00 -30.18 19.26
N THR H 266 24.82 -30.54 17.99
CA THR H 266 24.49 -31.91 17.63
C THR H 266 25.71 -32.80 17.47
N TYR H 267 26.88 -32.23 17.18
CA TYR H 267 28.01 -33.03 16.75
C TYR H 267 28.50 -34.02 17.80
N CYS H 268 29.08 -33.55 18.90
CA CYS H 268 29.64 -34.51 19.85
C CYS H 268 28.92 -34.42 21.18
N GLY H 269 29.32 -35.32 22.09
CA GLY H 269 28.60 -35.56 23.32
C GLY H 269 28.86 -34.58 24.44
N VAL H 270 29.68 -33.56 24.22
CA VAL H 270 29.85 -32.53 25.25
C VAL H 270 28.54 -31.79 25.45
N GLY H 271 27.71 -31.70 24.42
CA GLY H 271 26.41 -31.06 24.55
C GLY H 271 26.50 -29.60 24.90
N CYS H 272 27.41 -28.87 24.27
CA CYS H 272 27.53 -27.44 24.52
C CYS H 272 26.29 -26.72 24.06
N SER H 273 25.77 -25.84 24.92
CA SER H 273 24.56 -25.08 24.64
C SER H 273 24.93 -23.63 24.35
N PHE H 274 24.28 -23.06 23.34
CA PHE H 274 24.56 -21.69 22.93
C PHE H 274 23.37 -21.14 22.18
N ASP H 275 23.28 -19.81 22.14
CA ASP H 275 22.30 -19.17 21.28
C ASP H 275 22.78 -19.20 19.84
N VAL H 276 21.84 -19.34 18.92
CA VAL H 276 22.16 -19.33 17.49
C VAL H 276 21.48 -18.09 16.91
N TRP H 277 22.26 -17.05 16.69
CA TRP H 277 21.75 -15.78 16.16
C TRP H 277 21.58 -15.93 14.66
N THR H 278 20.32 -15.92 14.21
CA THR H 278 19.97 -16.11 12.81
C THR H 278 19.23 -14.88 12.29
N LYS H 279 19.18 -14.77 10.96
CA LYS H 279 18.42 -13.73 10.26
C LYS H 279 17.58 -14.43 9.21
N GLY H 280 16.41 -14.93 9.60
CA GLY H 280 15.57 -15.68 8.69
C GLY H 280 15.92 -17.15 8.67
N ARG H 281 16.68 -17.58 7.67
CA ARG H 281 17.10 -18.96 7.55
C ARG H 281 18.60 -19.17 7.69
N ASP H 282 19.42 -18.20 7.30
CA ASP H 282 20.86 -18.35 7.43
C ASP H 282 21.29 -18.15 8.88
N ILE H 283 22.41 -18.76 9.24
CA ILE H 283 22.94 -18.69 10.60
C ILE H 283 24.03 -17.63 10.61
N LEU H 284 23.83 -16.58 11.39
CA LEU H 284 24.78 -15.48 11.45
C LEU H 284 25.87 -15.72 12.47
N LYS H 285 25.51 -16.13 13.68
CA LYS H 285 26.50 -16.32 14.73
C LYS H 285 26.06 -17.46 15.63
N VAL H 286 27.03 -18.15 16.22
CA VAL H 286 26.79 -19.08 17.31
C VAL H 286 27.40 -18.44 18.56
N GLU H 287 26.56 -17.84 19.39
CA GLU H 287 27.03 -17.11 20.55
C GLU H 287 26.85 -17.95 21.79
N PRO H 288 27.93 -18.43 22.42
CA PRO H 288 27.80 -19.08 23.72
C PRO H 288 27.48 -18.05 24.79
N GLN H 289 26.86 -18.54 25.88
CA GLN H 289 26.52 -17.70 27.01
C GLN H 289 27.19 -18.25 28.26
N GLU H 290 27.53 -17.33 29.18
CA GLU H 290 28.19 -17.74 30.41
C GLU H 290 27.32 -18.70 31.23
N GLU H 291 26.00 -18.61 31.07
CA GLU H 291 25.07 -19.47 31.78
C GLU H 291 24.99 -20.88 31.20
N ALA H 292 25.66 -21.15 30.10
CA ALA H 292 25.63 -22.49 29.51
C ALA H 292 26.27 -23.48 30.48
N PRO H 293 25.58 -24.56 30.84
CA PRO H 293 26.10 -25.47 31.87
C PRO H 293 27.30 -26.28 31.42
N ALA H 294 27.21 -26.86 30.22
CA ALA H 294 28.24 -27.79 29.77
C ALA H 294 29.51 -27.09 29.31
N ASN H 295 29.38 -25.88 28.74
CA ASN H 295 30.54 -25.24 28.14
C ASN H 295 30.73 -23.80 28.60
N GLY H 296 29.64 -23.12 28.94
CA GLY H 296 29.72 -21.69 29.15
C GLY H 296 30.04 -20.98 27.86
N ILE H 297 31.24 -20.39 27.77
CA ILE H 297 31.69 -19.77 26.52
C ILE H 297 32.45 -20.74 25.63
N SER H 298 32.80 -21.92 26.13
CA SER H 298 33.62 -22.84 25.37
C SER H 298 32.88 -23.37 24.15
N THR H 299 33.59 -23.48 23.03
CA THR H 299 33.01 -23.97 21.79
C THR H 299 34.14 -24.49 20.91
N CYS H 300 33.78 -25.33 19.95
CA CYS H 300 34.70 -25.85 18.97
C CYS H 300 34.33 -25.30 17.58
N VAL H 301 35.06 -25.75 16.57
CA VAL H 301 34.78 -25.29 15.21
C VAL H 301 33.44 -25.81 14.75
N LYS H 302 33.10 -27.05 15.09
CA LYS H 302 31.84 -27.63 14.62
C LYS H 302 30.66 -26.84 15.14
N GLY H 303 30.47 -26.84 16.46
CA GLY H 303 29.29 -26.22 17.05
C GLY H 303 29.19 -24.73 16.84
N LYS H 304 30.28 -24.09 16.41
CA LYS H 304 30.21 -22.62 16.32
C LYS H 304 30.44 -22.15 14.89
N PHE H 305 30.69 -23.06 13.98
CA PHE H 305 30.83 -22.57 12.59
C PHE H 305 30.45 -23.70 11.65
N GLY H 306 29.88 -24.78 12.17
CA GLY H 306 29.58 -25.97 11.36
C GLY H 306 28.12 -26.10 11.00
N TRP H 307 27.32 -25.07 11.24
CA TRP H 307 25.87 -25.24 11.04
C TRP H 307 25.40 -24.87 9.62
N ASP H 308 26.25 -24.78 8.61
CA ASP H 308 25.81 -24.54 7.24
C ASP H 308 25.06 -25.73 6.65
N PHE H 309 25.16 -26.90 7.27
CA PHE H 309 24.43 -28.06 6.76
C PHE H 309 22.93 -27.87 6.87
N VAL H 310 22.47 -27.07 7.84
CA VAL H 310 21.04 -26.84 8.00
C VAL H 310 20.47 -26.15 6.77
N ASN H 311 21.19 -25.16 6.24
CA ASN H 311 20.75 -24.42 5.06
C ASN H 311 21.33 -24.99 3.77
N SER H 312 21.99 -26.14 3.84
CA SER H 312 22.58 -26.73 2.65
C SER H 312 21.50 -27.15 1.65
N GLU H 313 21.77 -26.92 0.36
CA GLU H 313 20.81 -27.29 -0.67
C GLU H 313 20.67 -28.79 -0.83
N GLU H 314 21.66 -29.56 -0.39
CA GLU H 314 21.59 -31.01 -0.47
C GLU H 314 20.53 -31.58 0.47
N ARG H 315 20.11 -30.81 1.47
CA ARG H 315 19.14 -31.28 2.44
C ARG H 315 17.88 -31.81 1.77
N LEU H 316 17.42 -32.97 2.25
CA LEU H 316 16.22 -33.60 1.71
C LEU H 316 14.99 -32.87 2.24
N THR H 317 14.32 -32.12 1.38
CA THR H 317 13.16 -31.35 1.77
C THR H 317 11.87 -32.16 1.69
N LYS H 318 11.82 -33.20 0.88
CA LYS H 318 10.63 -33.99 0.64
C LYS H 318 10.94 -35.46 0.86
N PRO H 319 9.93 -36.27 1.23
CA PRO H 319 10.15 -37.72 1.29
C PRO H 319 10.52 -38.28 -0.07
N LEU H 320 11.41 -39.27 -0.05
CA LEU H 320 11.86 -39.94 -1.26
C LEU H 320 11.42 -41.40 -1.21
N ILE H 321 10.91 -41.90 -2.34
CA ILE H 321 10.46 -43.29 -2.44
C ILE H 321 11.28 -43.96 -3.54
N ARG H 322 11.78 -45.16 -3.26
CA ARG H 322 12.56 -45.91 -4.25
C ARG H 322 11.61 -46.41 -5.33
N GLU H 323 11.60 -45.71 -6.47
CA GLU H 323 10.80 -46.09 -7.62
C GLU H 323 11.74 -46.69 -8.67
N GLY H 324 11.60 -47.98 -8.92
CA GLY H 324 12.45 -48.66 -9.87
C GLY H 324 13.92 -48.57 -9.52
N ASP H 325 14.67 -47.77 -10.28
CA ASP H 325 16.10 -47.57 -10.05
C ASP H 325 16.42 -46.13 -9.67
N HIS H 326 15.45 -45.38 -9.16
CA HIS H 326 15.67 -43.99 -8.79
C HIS H 326 14.91 -43.67 -7.51
N PHE H 327 15.13 -42.45 -7.01
CA PHE H 327 14.43 -41.94 -5.84
C PHE H 327 13.45 -40.86 -6.30
N ARG H 328 12.17 -41.19 -6.33
CA ARG H 328 11.15 -40.23 -6.73
C ARG H 328 10.74 -39.38 -5.53
N GLU H 329 10.62 -38.07 -5.77
CA GLU H 329 10.20 -37.12 -4.74
C GLU H 329 8.70 -37.24 -4.57
N ALA H 330 8.27 -38.04 -3.60
CA ALA H 330 6.86 -38.35 -3.41
C ALA H 330 6.26 -37.50 -2.30
N GLU H 331 4.93 -37.49 -2.25
CA GLU H 331 4.22 -36.75 -1.23
C GLU H 331 4.38 -37.40 0.14
N TRP H 332 4.15 -36.61 1.19
CA TRP H 332 4.28 -37.11 2.55
C TRP H 332 3.26 -38.22 2.82
N GLU H 333 2.00 -38.00 2.43
CA GLU H 333 0.94 -38.93 2.77
C GLU H 333 1.13 -40.26 2.06
N GLU H 334 1.48 -40.25 0.77
CA GLU H 334 1.67 -41.50 0.05
C GLU H 334 2.86 -42.28 0.58
N ALA H 335 3.95 -41.60 0.92
CA ALA H 335 5.09 -42.28 1.52
C ALA H 335 4.73 -42.88 2.86
N LEU H 336 3.96 -42.14 3.68
CA LEU H 336 3.53 -42.66 4.97
C LEU H 336 2.66 -43.91 4.79
N LEU H 337 1.72 -43.87 3.84
CA LEU H 337 0.89 -45.03 3.59
C LEU H 337 1.71 -46.21 3.11
N LEU H 338 2.70 -45.96 2.24
CA LEU H 338 3.54 -47.05 1.75
C LEU H 338 4.33 -47.70 2.87
N ILE H 339 4.98 -46.90 3.71
CA ILE H 339 5.79 -47.47 4.79
C ILE H 339 4.90 -48.20 5.78
N ALA H 340 3.73 -47.63 6.11
CA ALA H 340 2.83 -48.27 7.05
C ALA H 340 2.33 -49.62 6.51
N SER H 341 1.93 -49.63 5.24
CA SER H 341 1.42 -50.88 4.65
C SER H 341 2.51 -51.94 4.58
N LYS H 342 3.72 -51.55 4.18
CA LYS H 342 4.81 -52.53 4.13
C LYS H 342 5.13 -53.06 5.52
N PHE H 343 5.15 -52.19 6.53
CA PHE H 343 5.46 -52.65 7.87
C PHE H 343 4.38 -53.57 8.41
N THR H 344 3.11 -53.26 8.13
CA THR H 344 2.03 -54.17 8.52
C THR H 344 2.16 -55.52 7.81
N GLU H 345 2.56 -55.50 6.53
CA GLU H 345 2.73 -56.74 5.79
C GLU H 345 3.80 -57.62 6.41
N LEU H 346 5.00 -57.06 6.62
CA LEU H 346 6.07 -57.85 7.23
C LEU H 346 5.89 -58.08 8.72
N LYS H 347 4.92 -57.41 9.36
CA LYS H 347 4.61 -57.69 10.76
C LYS H 347 3.58 -58.81 10.91
N GLU H 348 2.58 -58.86 10.03
CA GLU H 348 1.57 -59.90 10.08
C GLU H 348 1.92 -61.12 9.22
N ALA H 349 3.03 -61.07 8.48
CA ALA H 349 3.46 -62.24 7.71
C ALA H 349 4.51 -63.06 8.45
N PHE H 350 5.62 -62.44 8.85
CA PHE H 350 6.70 -63.14 9.54
C PHE H 350 6.82 -62.74 11.01
N GLY H 351 5.88 -61.95 11.53
CA GLY H 351 5.89 -61.58 12.92
C GLY H 351 6.71 -60.33 13.17
N PRO H 352 6.40 -59.61 14.26
CA PRO H 352 7.17 -58.41 14.60
C PRO H 352 8.63 -58.69 14.91
N ASP H 353 8.97 -59.91 15.31
CA ASP H 353 10.35 -60.22 15.68
C ASP H 353 11.30 -60.03 14.51
N SER H 354 10.81 -60.14 13.28
CA SER H 354 11.61 -59.91 12.09
C SER H 354 11.65 -58.43 11.68
N LEU H 355 11.30 -57.53 12.59
CA LEU H 355 11.34 -56.10 12.35
C LEU H 355 12.37 -55.47 13.28
N ALA H 356 13.27 -54.67 12.71
CA ALA H 356 14.35 -54.06 13.48
C ALA H 356 14.49 -52.60 13.07
N PHE H 357 14.48 -51.69 14.04
CA PHE H 357 14.55 -50.26 13.79
C PHE H 357 15.67 -49.65 14.60
N ILE H 358 16.30 -48.62 14.04
CA ILE H 358 17.46 -47.98 14.65
C ILE H 358 17.15 -46.50 14.82
N THR H 359 17.32 -46.00 16.04
CA THR H 359 17.26 -44.56 16.26
C THR H 359 18.64 -43.94 16.17
N SER H 360 18.68 -42.66 15.84
CA SER H 360 19.92 -41.91 15.75
C SER H 360 20.32 -41.42 17.13
N SER H 361 21.59 -41.59 17.47
CA SER H 361 22.11 -40.96 18.66
C SER H 361 22.27 -39.45 18.49
N LYS H 362 22.13 -38.94 17.27
CA LYS H 362 22.17 -37.50 17.00
C LYS H 362 20.83 -36.82 17.23
N CYS H 363 19.78 -37.57 17.51
CA CYS H 363 18.45 -37.02 17.69
C CYS H 363 18.10 -36.88 19.16
N THR H 364 17.04 -36.12 19.42
CA THR H 364 16.67 -35.80 20.80
C THR H 364 16.17 -37.04 21.53
N ASN H 365 16.00 -36.88 22.85
CA ASN H 365 15.50 -37.97 23.68
C ASN H 365 14.11 -38.40 23.23
N GLU H 366 13.26 -37.43 22.89
CA GLU H 366 11.93 -37.74 22.39
C GLU H 366 12.00 -38.64 21.16
N GLU H 367 12.99 -38.41 20.30
CA GLU H 367 13.13 -39.18 19.08
C GLU H 367 13.42 -40.65 19.38
N SER H 368 14.40 -40.91 20.26
CA SER H 368 14.75 -42.30 20.59
C SER H 368 13.62 -42.97 21.37
N TYR H 369 12.94 -42.21 22.24
CA TYR H 369 11.80 -42.77 22.94
C TYR H 369 10.70 -43.16 21.96
N LEU H 370 10.49 -42.34 20.94
CA LEU H 370 9.49 -42.67 19.92
C LEU H 370 9.91 -43.87 19.10
N MET H 371 11.20 -43.99 18.77
CA MET H 371 11.67 -45.21 18.11
C MET H 371 11.34 -46.44 18.94
N GLN H 372 11.73 -46.44 20.22
CA GLN H 372 11.54 -47.65 21.01
C GLN H 372 10.07 -47.92 21.28
N LYS H 373 9.25 -46.87 21.40
CA LYS H 373 7.81 -47.06 21.57
C LYS H 373 7.18 -47.64 20.30
N LEU H 374 7.58 -47.12 19.14
CA LEU H 374 7.10 -47.67 17.87
C LEU H 374 7.51 -49.14 17.73
N ALA H 375 8.70 -49.48 18.23
CA ALA H 375 9.14 -50.87 18.15
C ALA H 375 8.37 -51.76 19.10
N ARG H 376 8.14 -51.31 20.33
CA ARG H 376 7.54 -52.14 21.37
C ARG H 376 6.07 -51.84 21.58
N GLY H 377 5.70 -50.57 21.77
CA GLY H 377 4.32 -50.21 22.01
C GLY H 377 3.45 -50.23 20.76
N VAL H 378 4.06 -50.34 19.59
CA VAL H 378 3.33 -50.37 18.33
C VAL H 378 3.61 -51.65 17.54
N ILE H 379 4.86 -51.85 17.12
CA ILE H 379 5.21 -53.04 16.36
C ILE H 379 5.20 -54.27 17.25
N GLY H 380 5.76 -54.16 18.45
CA GLY H 380 5.89 -55.29 19.35
C GLY H 380 7.24 -55.96 19.34
N THR H 381 8.23 -55.41 18.66
CA THR H 381 9.57 -55.96 18.62
C THR H 381 10.47 -55.25 19.61
N ASN H 382 11.63 -55.85 19.86
CA ASN H 382 12.64 -55.28 20.75
C ASN H 382 13.95 -54.98 20.02
N ASN H 383 13.97 -55.11 18.70
CA ASN H 383 15.19 -54.91 17.92
C ASN H 383 15.39 -53.42 17.67
N VAL H 384 16.07 -52.77 18.61
CA VAL H 384 16.39 -51.36 18.54
C VAL H 384 17.83 -51.16 18.98
N ASP H 385 18.52 -50.24 18.33
CA ASP H 385 19.87 -49.86 18.73
C ASP H 385 20.19 -48.50 18.13
N ASN H 386 21.42 -48.05 18.28
CA ASN H 386 21.89 -46.76 17.82
C ASN H 386 23.38 -46.87 17.56
N CYS H 387 24.06 -45.72 17.43
CA CYS H 387 25.52 -45.81 17.33
C CYS H 387 26.13 -46.30 18.63
N SER H 388 25.40 -46.25 19.74
CA SER H 388 25.95 -46.68 21.03
C SER H 388 26.41 -48.12 21.00
N ARG H 389 25.80 -48.94 20.14
CA ARG H 389 26.30 -50.31 19.95
C ARG H 389 27.74 -50.29 19.47
N TYR H 390 28.10 -49.31 18.66
CA TYR H 390 29.49 -49.16 18.21
C TYR H 390 30.30 -48.26 19.13
N CYS H 391 29.63 -47.50 20.01
CA CYS H 391 30.25 -46.38 20.71
C CYS H 391 30.29 -46.58 22.21
N GLN H 392 29.14 -46.79 22.85
CA GLN H 392 29.04 -46.75 24.30
C GLN H 392 28.47 -48.03 24.90
N SER H 393 28.18 -49.03 24.08
CA SER H 393 27.70 -50.30 24.61
C SER H 393 28.68 -50.95 25.57
N PRO H 394 29.97 -51.07 25.25
CA PRO H 394 30.89 -51.69 26.23
C PRO H 394 31.14 -50.81 27.44
N ALA H 395 31.20 -49.50 27.27
CA ALA H 395 31.38 -48.62 28.43
C ALA H 395 30.19 -48.71 29.38
N THR H 396 28.98 -48.66 28.83
CA THR H 396 27.79 -48.80 29.65
C THR H 396 27.73 -50.18 30.29
N ALA H 397 28.12 -51.22 29.55
CA ALA H 397 28.14 -52.57 30.12
C ALA H 397 29.11 -52.66 31.29
N GLY H 398 30.30 -52.05 31.16
CA GLY H 398 31.23 -52.02 32.27
C GLY H 398 30.69 -51.26 33.47
N LEU H 399 30.01 -50.14 33.20
CA LEU H 399 29.42 -49.37 34.29
C LEU H 399 28.35 -50.19 35.01
N PHE H 400 27.54 -50.95 34.28
CA PHE H 400 26.60 -51.86 34.91
C PHE H 400 27.33 -52.91 35.74
N ARG H 401 28.40 -53.47 35.16
CA ARG H 401 29.13 -54.56 35.81
C ARG H 401 29.81 -54.11 37.10
N THR H 402 30.18 -52.84 37.22
CA THR H 402 30.84 -52.35 38.42
C THR H 402 30.03 -51.31 39.17
N VAL H 403 29.66 -50.20 38.53
CA VAL H 403 29.02 -49.09 39.22
C VAL H 403 27.51 -49.12 39.11
N GLY H 404 26.94 -49.66 38.04
CA GLY H 404 25.50 -49.81 37.90
C GLY H 404 24.79 -48.68 37.20
N TYR H 405 25.42 -47.51 37.10
CA TYR H 405 24.84 -46.36 36.39
C TYR H 405 25.67 -46.05 35.16
N GLY H 406 25.00 -45.93 34.01
CA GLY H 406 25.68 -45.49 32.82
C GLY H 406 25.92 -43.99 32.81
N GLY H 407 26.83 -43.56 31.95
CA GLY H 407 27.16 -42.15 31.84
C GLY H 407 28.28 -41.72 32.77
N ASP H 408 28.62 -40.44 32.66
CA ASP H 408 29.72 -39.88 33.44
C ASP H 408 29.37 -39.81 34.92
N SER H 409 30.40 -39.80 35.76
CA SER H 409 30.19 -39.65 37.19
C SER H 409 29.81 -38.22 37.57
N GLY H 410 30.20 -37.23 36.77
CA GLY H 410 29.91 -35.85 37.10
C GLY H 410 29.93 -34.99 35.86
N SER H 411 29.99 -33.68 36.08
CA SER H 411 29.99 -32.70 35.01
C SER H 411 31.43 -32.38 34.59
N ILE H 412 31.57 -31.58 33.53
CA ILE H 412 32.90 -31.17 33.08
C ILE H 412 33.57 -30.27 34.11
N THR H 413 32.77 -29.55 34.92
CA THR H 413 33.35 -28.80 36.03
C THR H 413 34.05 -29.73 37.00
N ASP H 414 33.45 -30.88 37.28
CA ASP H 414 34.12 -31.88 38.10
C ASP H 414 35.36 -32.43 37.40
N ILE H 415 35.36 -32.46 36.06
CA ILE H 415 36.55 -32.87 35.33
C ILE H 415 37.68 -31.87 35.58
N ALA H 416 37.36 -30.58 35.51
CA ALA H 416 38.37 -29.55 35.78
C ALA H 416 38.84 -29.61 37.22
N GLN H 417 37.92 -29.86 38.15
CA GLN H 417 38.29 -29.90 39.58
C GLN H 417 39.16 -31.09 39.93
N ALA H 418 39.32 -32.06 39.04
CA ALA H 418 40.12 -33.23 39.32
C ALA H 418 41.60 -32.87 39.46
N ASP H 419 42.30 -33.62 40.30
CA ASP H 419 43.74 -33.44 40.42
C ASP H 419 44.48 -34.20 39.32
N LEU H 420 43.94 -35.34 38.90
CA LEU H 420 44.52 -36.16 37.84
C LEU H 420 43.42 -36.65 36.93
N VAL H 421 43.66 -36.55 35.62
CA VAL H 421 42.74 -37.06 34.60
C VAL H 421 43.44 -38.21 33.89
N LEU H 422 42.82 -39.39 33.92
CA LEU H 422 43.37 -40.58 33.29
C LEU H 422 42.60 -40.83 31.99
N ILE H 423 43.12 -40.28 30.90
CA ILE H 423 42.52 -40.41 29.58
C ILE H 423 43.21 -41.55 28.85
N ILE H 424 42.44 -42.52 28.40
CA ILE H 424 42.97 -43.71 27.72
C ILE H 424 42.14 -43.93 26.46
N GLY H 425 42.81 -44.01 25.31
CA GLY H 425 42.12 -44.22 24.06
C GLY H 425 41.19 -43.11 23.64
N SER H 426 41.43 -41.89 24.11
CA SER H 426 40.55 -40.76 23.83
C SER H 426 41.30 -39.67 23.07
N ASN H 427 40.77 -39.29 21.91
CA ASN H 427 41.25 -38.11 21.20
C ASN H 427 40.38 -36.90 21.58
N THR H 428 40.38 -36.61 22.89
CA THR H 428 39.51 -35.58 23.43
C THR H 428 39.74 -34.23 22.76
N SER H 429 40.96 -33.96 22.32
CA SER H 429 41.21 -32.71 21.61
C SER H 429 40.43 -32.64 20.31
N GLU H 430 40.31 -33.75 19.60
CA GLU H 430 39.69 -33.76 18.27
C GLU H 430 38.32 -34.41 18.25
N SER H 431 37.84 -34.97 19.36
CA SER H 431 36.53 -35.62 19.40
C SER H 431 35.56 -34.89 20.31
N HIS H 432 35.94 -34.64 21.56
CA HIS H 432 35.15 -33.88 22.51
C HIS H 432 35.91 -32.60 22.83
N PRO H 433 35.95 -31.65 21.89
CA PRO H 433 36.92 -30.55 22.02
C PRO H 433 36.78 -29.73 23.30
N VAL H 434 35.56 -29.40 23.71
CA VAL H 434 35.37 -28.50 24.85
C VAL H 434 35.85 -29.15 26.14
N LEU H 435 35.61 -30.45 26.29
CA LEU H 435 36.12 -31.15 27.47
C LEU H 435 37.64 -31.12 27.50
N SER H 436 38.27 -31.26 26.33
CA SER H 436 39.72 -31.15 26.28
C SER H 436 40.18 -29.73 26.60
N THR H 437 39.42 -28.71 26.20
CA THR H 437 39.75 -27.35 26.59
C THR H 437 39.70 -27.19 28.11
N ARG H 438 38.69 -27.78 28.74
CA ARG H 438 38.62 -27.74 30.20
C ARG H 438 39.82 -28.43 30.83
N ILE H 439 40.16 -29.62 30.32
CA ILE H 439 41.27 -30.37 30.90
C ILE H 439 42.58 -29.62 30.72
N LYS H 440 42.80 -29.06 29.52
CA LYS H 440 44.02 -28.31 29.25
C LYS H 440 44.08 -27.01 30.05
N ARG H 441 42.92 -26.39 30.30
CA ARG H 441 42.88 -25.22 31.16
C ARG H 441 43.29 -25.57 32.58
N ALA H 442 42.76 -26.68 33.10
CA ALA H 442 43.13 -27.11 34.44
C ALA H 442 44.60 -27.54 34.50
N HIS H 443 45.13 -28.07 33.40
CA HIS H 443 46.53 -28.49 33.40
C HIS H 443 47.47 -27.28 33.33
N LYS H 444 47.14 -26.30 32.49
CA LYS H 444 48.01 -25.15 32.31
C LYS H 444 47.91 -24.17 33.47
N LEU H 445 46.72 -24.02 34.05
CA LEU H 445 46.49 -23.03 35.10
C LEU H 445 46.38 -23.66 36.49
N ARG H 446 45.46 -24.61 36.67
CA ARG H 446 45.25 -25.22 37.97
C ARG H 446 46.35 -26.20 38.35
N GLY H 447 47.23 -26.57 37.41
CA GLY H 447 48.31 -27.48 37.71
C GLY H 447 47.97 -28.94 37.68
N GLN H 448 46.76 -29.30 37.23
CA GLN H 448 46.39 -30.72 37.16
C GLN H 448 47.26 -31.44 36.14
N LYS H 449 47.73 -32.62 36.52
CA LYS H 449 48.52 -33.46 35.62
C LYS H 449 47.64 -34.57 35.07
N VAL H 450 47.74 -34.79 33.76
CA VAL H 450 46.90 -35.77 33.07
C VAL H 450 47.80 -36.85 32.47
N ILE H 451 47.26 -38.06 32.35
CA ILE H 451 47.98 -39.19 31.79
C ILE H 451 47.20 -39.66 30.57
N VAL H 452 47.72 -39.33 29.38
CA VAL H 452 47.10 -39.72 28.12
C VAL H 452 47.70 -41.04 27.67
N ALA H 453 46.85 -42.03 27.43
CA ALA H 453 47.28 -43.38 27.05
C ALA H 453 46.57 -43.79 25.77
N ASP H 454 47.22 -43.57 24.63
CA ASP H 454 46.68 -43.98 23.34
C ASP H 454 47.83 -44.15 22.35
N ILE H 455 47.55 -44.91 21.28
CA ILE H 455 48.58 -45.24 20.32
C ILE H 455 49.04 -44.00 19.55
N ARG H 456 48.10 -43.10 19.24
CA ARG H 456 48.42 -41.89 18.49
C ARG H 456 48.88 -40.78 19.44
N LYS H 457 49.54 -39.79 18.86
CA LYS H 457 50.00 -38.61 19.59
C LYS H 457 49.23 -37.39 19.05
N HIS H 458 48.06 -37.14 19.63
CA HIS H 458 47.24 -36.01 19.22
C HIS H 458 47.71 -34.75 19.95
N GLU H 459 46.90 -33.69 19.88
CA GLU H 459 47.26 -32.44 20.54
C GLU H 459 47.39 -32.62 22.04
N MET H 460 46.46 -33.36 22.65
CA MET H 460 46.51 -33.53 24.10
C MET H 460 47.69 -34.40 24.52
N ALA H 461 48.06 -35.39 23.71
CA ALA H 461 49.18 -36.25 24.05
C ALA H 461 50.47 -35.46 24.15
N GLU H 462 50.70 -34.55 23.20
CA GLU H 462 51.87 -33.69 23.26
C GLU H 462 51.74 -32.60 24.32
N ARG H 463 50.56 -32.44 24.91
CA ARG H 463 50.33 -31.49 25.99
C ARG H 463 49.94 -32.19 27.29
N SER H 464 50.33 -33.46 27.45
CA SER H 464 50.00 -34.21 28.64
C SER H 464 51.19 -34.30 29.58
N ASP H 465 50.90 -34.49 30.87
CA ASP H 465 51.98 -34.67 31.84
C ASP H 465 52.76 -35.95 31.57
N LEU H 466 52.06 -37.02 31.22
CA LEU H 466 52.71 -38.31 30.98
C LEU H 466 51.93 -39.02 29.88
N PHE H 467 52.50 -39.05 28.68
CA PHE H 467 51.87 -39.68 27.52
C PHE H 467 52.59 -40.99 27.23
N VAL H 468 51.86 -42.09 27.31
CA VAL H 468 52.38 -43.43 27.06
C VAL H 468 51.51 -44.11 26.02
N GLN H 469 52.14 -44.71 25.01
CA GLN H 469 51.40 -45.33 23.92
C GLN H 469 51.48 -46.84 24.06
N PRO H 470 50.40 -47.51 24.45
CA PRO H 470 50.44 -48.98 24.55
C PRO H 470 50.11 -49.65 23.23
N ARG H 471 50.12 -50.98 23.21
CA ARG H 471 49.79 -51.70 22.00
C ARG H 471 48.29 -51.63 21.72
N ALA H 472 47.91 -52.04 20.51
CA ALA H 472 46.52 -52.00 20.09
C ALA H 472 45.65 -52.89 20.97
N GLY H 473 44.78 -52.27 21.78
CA GLY H 473 43.92 -53.01 22.67
C GLY H 473 44.57 -53.49 23.94
N SER H 474 45.84 -53.16 24.18
CA SER H 474 46.57 -53.61 25.36
C SER H 474 46.35 -52.72 26.57
N ASP H 475 45.29 -51.89 26.56
CA ASP H 475 45.01 -51.05 27.72
C ASP H 475 44.69 -51.88 28.95
N ILE H 476 43.99 -53.01 28.75
CA ILE H 476 43.60 -53.88 29.86
C ILE H 476 44.82 -54.35 30.63
N VAL H 477 45.90 -54.73 29.92
CA VAL H 477 47.05 -55.35 30.58
C VAL H 477 47.73 -54.37 31.53
N TRP H 478 48.22 -53.25 30.98
CA TRP H 478 48.92 -52.28 31.83
C TRP H 478 47.98 -51.67 32.86
N LEU H 479 46.70 -51.50 32.51
CA LEU H 479 45.76 -50.94 33.47
C LEU H 479 45.58 -51.86 34.67
N ASN H 480 45.39 -53.16 34.42
CA ASN H 480 45.21 -54.09 35.52
C ASN H 480 46.49 -54.27 36.31
N ALA H 481 47.65 -54.16 35.65
CA ALA H 481 48.91 -54.17 36.39
C ALA H 481 49.01 -52.96 37.32
N ILE H 482 48.59 -51.79 36.84
CA ILE H 482 48.60 -50.60 37.67
C ILE H 482 47.66 -50.77 38.86
N ALA H 483 46.47 -51.32 38.61
CA ALA H 483 45.53 -51.59 39.69
C ALA H 483 46.12 -52.57 40.70
N LYS H 484 46.80 -53.60 40.22
CA LYS H 484 47.45 -54.57 41.11
C LYS H 484 48.50 -53.89 41.98
N TYR H 485 49.32 -53.03 41.38
CA TYR H 485 50.34 -52.34 42.16
C TYR H 485 49.70 -51.41 43.19
N LEU H 486 48.64 -50.70 42.81
CA LEU H 486 47.96 -49.80 43.74
C LEU H 486 47.36 -50.56 44.91
N ILE H 487 46.74 -51.71 44.64
CA ILE H 487 46.08 -52.47 45.70
C ILE H 487 47.06 -53.31 46.50
N GLU H 488 48.28 -53.51 46.00
CA GLU H 488 49.25 -54.35 46.68
C GLU H 488 50.20 -53.56 47.58
N ASN H 489 50.48 -52.30 47.23
CA ASN H 489 51.41 -51.48 47.99
C ASN H 489 50.73 -50.61 49.03
N GLY H 490 49.42 -50.71 49.19
CA GLY H 490 48.70 -49.96 50.20
C GLY H 490 48.27 -48.57 49.80
N LYS H 491 48.64 -48.11 48.60
CA LYS H 491 48.22 -46.80 48.15
C LYS H 491 46.73 -46.73 47.86
N ALA H 492 46.09 -47.87 47.64
CA ALA H 492 44.66 -47.89 47.38
C ALA H 492 43.87 -47.48 48.62
N ASP H 493 42.71 -46.87 48.38
CA ASP H 493 41.85 -46.44 49.47
C ASP H 493 41.12 -47.62 50.08
N GLU H 494 41.73 -48.25 51.09
CA GLU H 494 41.11 -49.42 51.71
C GLU H 494 39.80 -49.07 52.40
N ARG H 495 39.71 -47.86 52.97
CA ARG H 495 38.48 -47.44 53.63
C ARG H 495 37.33 -47.40 52.63
N PHE H 496 37.56 -46.83 51.45
CA PHE H 496 36.54 -46.83 50.41
C PHE H 496 36.21 -48.24 49.96
N LEU H 497 37.22 -49.10 49.88
CA LEU H 497 36.98 -50.49 49.48
C LEU H 497 36.06 -51.20 50.46
N ARG H 498 36.27 -51.00 51.75
CA ARG H 498 35.41 -51.63 52.75
C ARG H 498 34.04 -50.96 52.82
N GLU H 499 33.97 -49.67 52.49
CA GLU H 499 32.71 -48.94 52.64
C GLU H 499 31.77 -49.20 51.48
N ARG H 500 32.20 -48.90 50.25
CA ARG H 500 31.31 -48.88 49.10
C ARG H 500 31.70 -49.85 47.99
N VAL H 501 32.60 -50.79 48.25
CA VAL H 501 33.05 -51.74 47.25
C VAL H 501 32.90 -53.15 47.80
N ASN H 502 32.75 -54.11 46.89
CA ASN H 502 32.58 -55.51 47.23
C ASN H 502 33.52 -56.37 46.39
N GLY H 503 33.88 -57.52 46.94
CA GLY H 503 34.74 -58.45 46.23
C GLY H 503 36.15 -57.98 45.97
N ARG H 504 36.77 -57.33 46.95
CA ARG H 504 38.15 -56.89 46.78
C ARG H 504 39.11 -58.08 46.65
N ASP H 505 38.94 -59.09 47.52
CA ASP H 505 39.82 -60.24 47.48
C ASP H 505 39.61 -61.07 46.22
N GLU H 506 38.37 -61.16 45.75
CA GLU H 506 38.11 -61.87 44.49
C GLU H 506 38.81 -61.17 43.33
N TYR H 507 38.74 -59.83 43.29
CA TYR H 507 39.43 -59.09 42.24
C TYR H 507 40.95 -59.27 42.34
N VAL H 508 41.48 -59.26 43.57
CA VAL H 508 42.91 -59.48 43.76
C VAL H 508 43.30 -60.86 43.24
N LYS H 509 42.47 -61.87 43.51
CA LYS H 509 42.71 -63.21 42.96
C LYS H 509 42.70 -63.16 41.44
N SER H 510 41.78 -62.39 40.86
CA SER H 510 41.78 -62.21 39.40
C SER H 510 43.03 -61.50 38.92
N LEU H 511 43.64 -60.68 39.77
CA LEU H 511 44.85 -59.94 39.42
C LEU H 511 46.13 -60.73 39.69
N ALA H 512 46.01 -61.98 40.13
CA ALA H 512 47.20 -62.78 40.40
C ALA H 512 48.11 -62.96 39.19
N PRO H 513 47.62 -63.31 37.99
CA PRO H 513 48.54 -63.48 36.86
C PRO H 513 49.13 -62.18 36.33
N TYR H 514 48.66 -61.03 36.80
CA TYR H 514 49.07 -59.74 36.26
C TYR H 514 50.23 -59.18 37.07
N THR H 515 51.36 -58.94 36.40
CA THR H 515 52.54 -58.33 37.00
C THR H 515 52.97 -57.13 36.17
N LEU H 516 53.83 -56.31 36.77
CA LEU H 516 54.32 -55.12 36.07
C LEU H 516 55.14 -55.49 34.85
N GLU H 517 56.02 -56.50 34.98
CA GLU H 517 56.80 -56.94 33.83
C GLU H 517 55.92 -57.59 32.77
N TYR H 518 54.85 -58.26 33.19
CA TYR H 518 53.88 -58.81 32.25
C TYR H 518 53.31 -57.70 31.38
N ALA H 519 52.87 -56.61 32.01
CA ALA H 519 52.33 -55.48 31.26
C ALA H 519 53.40 -54.81 30.41
N GLU H 520 54.63 -54.74 30.91
CA GLU H 520 55.71 -54.16 30.13
C GLU H 520 55.95 -54.95 28.85
N GLU H 521 55.89 -56.28 28.94
CA GLU H 521 56.09 -57.11 27.76
C GLU H 521 54.90 -57.01 26.81
N LYS H 522 53.67 -57.03 27.35
CA LYS H 522 52.50 -57.07 26.49
C LYS H 522 52.27 -55.73 25.79
N THR H 523 52.35 -54.63 26.54
CA THR H 523 52.03 -53.31 25.99
C THR H 523 53.20 -52.68 25.26
N GLY H 524 54.39 -53.27 25.31
CA GLY H 524 55.55 -52.66 24.67
C GLY H 524 55.92 -51.32 25.27
N ILE H 525 55.80 -51.19 26.60
CA ILE H 525 56.08 -49.96 27.30
C ILE H 525 57.03 -50.25 28.46
N ASP H 526 58.01 -49.38 28.65
CA ASP H 526 59.01 -49.59 29.69
C ASP H 526 58.37 -49.56 31.07
N GLN H 527 59.02 -50.27 32.01
CA GLN H 527 58.49 -50.42 33.36
C GLN H 527 58.45 -49.10 34.12
N GLU H 528 59.43 -48.23 33.88
CA GLU H 528 59.52 -46.99 34.66
C GLU H 528 58.29 -46.11 34.48
N THR H 529 57.80 -45.97 33.24
CA THR H 529 56.62 -45.16 33.00
C THR H 529 55.40 -45.74 33.71
N LEU H 530 55.21 -47.06 33.64
CA LEU H 530 54.08 -47.68 34.31
C LEU H 530 54.16 -47.49 35.82
N ILE H 531 55.33 -47.69 36.41
CA ILE H 531 55.44 -47.58 37.86
C ILE H 531 55.24 -46.12 38.30
N GLN H 532 55.74 -45.16 37.53
CA GLN H 532 55.58 -43.77 37.91
C GLN H 532 54.14 -43.30 37.73
N MET H 533 53.44 -43.75 36.69
CA MET H 533 52.05 -43.36 36.55
C MET H 533 51.19 -44.04 37.61
N ALA H 534 51.51 -45.27 38.00
CA ALA H 534 50.80 -45.90 39.11
C ALA H 534 51.03 -45.15 40.41
N GLU H 535 52.27 -44.71 40.65
CA GLU H 535 52.54 -43.90 41.83
C GLU H 535 51.75 -42.60 41.80
N MET H 536 51.66 -41.97 40.63
CA MET H 536 50.87 -40.74 40.50
C MET H 536 49.40 -40.99 40.79
N ILE H 537 48.86 -42.08 40.24
CA ILE H 537 47.44 -42.39 40.47
C ILE H 537 47.19 -42.64 41.95
N GLY H 538 48.08 -43.38 42.61
CA GLY H 538 47.93 -43.61 44.03
C GLY H 538 48.02 -42.33 44.84
N GLN H 539 48.93 -41.43 44.45
CA GLN H 539 49.12 -40.18 45.18
C GLN H 539 48.01 -39.17 44.88
N ALA H 540 47.44 -39.20 43.68
CA ALA H 540 46.43 -38.22 43.30
C ALA H 540 45.19 -38.34 44.19
N ASP H 541 44.71 -37.20 44.69
CA ASP H 541 43.55 -37.20 45.57
C ASP H 541 42.27 -37.48 44.78
N SER H 542 42.12 -36.82 43.63
CA SER H 542 40.94 -36.97 42.78
C SER H 542 41.39 -37.47 41.41
N VAL H 543 40.74 -38.53 40.92
CA VAL H 543 41.08 -39.13 39.64
C VAL H 543 39.84 -39.12 38.76
N CYS H 544 39.99 -38.62 37.54
CA CYS H 544 38.93 -38.63 36.54
C CYS H 544 39.39 -39.48 35.37
N ALA H 545 38.72 -40.59 35.14
CA ALA H 545 39.11 -41.53 34.09
C ALA H 545 38.18 -41.41 32.89
N LEU H 546 38.73 -41.00 31.75
CA LEU H 546 38.00 -40.87 30.50
C LEU H 546 38.50 -41.96 29.55
N TRP H 547 37.60 -42.76 29.01
CA TRP H 547 37.97 -43.75 28.01
C TRP H 547 36.99 -43.68 26.84
N ALA H 548 37.48 -43.21 25.70
CA ALA H 548 36.71 -43.11 24.47
C ALA H 548 36.95 -44.38 23.63
N MET H 549 36.60 -44.31 22.34
CA MET H 549 36.55 -45.51 21.50
C MET H 549 37.91 -46.18 21.31
N GLY H 550 39.00 -45.49 21.63
CA GLY H 550 40.31 -46.11 21.45
C GLY H 550 40.49 -47.36 22.30
N VAL H 551 39.70 -47.50 23.35
CA VAL H 551 39.81 -48.63 24.27
C VAL H 551 38.52 -49.45 24.30
N THR H 552 37.36 -48.79 24.29
CA THR H 552 36.11 -49.54 24.36
C THR H 552 35.74 -50.21 23.04
N GLN H 553 36.21 -49.67 21.91
CA GLN H 553 35.95 -50.28 20.61
C GLN H 553 37.00 -51.34 20.31
N HIS H 554 36.89 -52.45 21.04
CA HIS H 554 37.83 -53.56 20.90
C HIS H 554 37.09 -54.86 21.23
N ILE H 555 37.73 -55.98 20.89
CA ILE H 555 37.15 -57.28 21.20
C ILE H 555 36.97 -57.42 22.72
N GLY H 556 37.92 -56.91 23.49
CA GLY H 556 37.81 -56.90 24.93
C GLY H 556 37.47 -55.52 25.47
N GLY H 557 36.83 -54.70 24.64
CA GLY H 557 36.54 -53.32 25.06
C GLY H 557 35.70 -53.25 26.32
N SER H 558 34.69 -54.10 26.42
CA SER H 558 33.89 -54.15 27.65
C SER H 558 34.74 -54.57 28.84
N ASP H 559 35.62 -55.55 28.63
CA ASP H 559 36.46 -56.03 29.73
C ASP H 559 37.37 -54.93 30.27
N THR H 560 38.02 -54.19 29.37
CA THR H 560 38.88 -53.11 29.82
C THR H 560 38.08 -51.91 30.33
N SER H 561 36.83 -51.75 29.90
CA SER H 561 35.98 -50.72 30.50
C SER H 561 35.68 -51.06 31.96
N THR H 562 35.32 -52.31 32.22
CA THR H 562 35.17 -52.75 33.61
C THR H 562 36.47 -52.60 34.37
N ALA H 563 37.59 -52.90 33.71
CA ALA H 563 38.88 -52.77 34.37
C ALA H 563 39.16 -51.33 34.78
N ILE H 564 38.85 -50.38 33.91
CA ILE H 564 39.07 -48.96 34.25
C ILE H 564 38.17 -48.57 35.40
N SER H 565 36.89 -48.93 35.31
CA SER H 565 35.94 -48.54 36.35
C SER H 565 36.33 -49.12 37.71
N ASN H 566 36.71 -50.40 37.75
CA ASN H 566 37.17 -50.95 39.01
C ASN H 566 38.55 -50.44 39.41
N LEU H 567 39.33 -49.90 38.47
CA LEU H 567 40.57 -49.22 38.84
C LEU H 567 40.26 -47.97 39.65
N LEU H 568 39.27 -47.19 39.20
CA LEU H 568 38.85 -46.00 39.99
C LEU H 568 38.28 -46.51 41.31
N LEU H 569 37.52 -47.60 41.26
CA LEU H 569 36.90 -48.16 42.47
C LEU H 569 37.97 -48.50 43.51
N VAL H 570 39.06 -49.14 43.07
CA VAL H 570 40.17 -49.46 43.95
C VAL H 570 40.84 -48.18 44.45
N THR H 571 41.06 -47.22 43.55
CA THR H 571 41.63 -45.94 43.96
C THR H 571 40.69 -45.20 44.90
N GLY H 572 39.39 -45.27 44.64
CA GLY H 572 38.41 -44.64 45.52
C GLY H 572 38.06 -43.22 45.11
N ASN H 573 37.68 -43.04 43.85
CA ASN H 573 37.34 -41.72 43.34
C ASN H 573 35.84 -41.50 43.14
N TYR H 574 35.06 -42.57 43.07
CA TYR H 574 33.62 -42.42 42.95
C TYR H 574 33.05 -41.80 44.21
N GLY H 575 32.07 -40.91 44.02
CA GLY H 575 31.46 -40.19 45.11
C GLY H 575 32.21 -38.94 45.55
N LYS H 576 33.51 -38.90 45.32
CA LYS H 576 34.29 -37.71 45.62
C LYS H 576 33.97 -36.61 44.60
N PRO H 577 33.64 -35.40 45.06
CA PRO H 577 33.48 -34.28 44.11
C PRO H 577 34.70 -34.14 43.21
N GLY H 578 34.42 -34.04 41.92
CA GLY H 578 35.54 -33.74 41.01
C GLY H 578 36.27 -34.99 40.57
N ALA H 579 35.82 -36.15 40.96
CA ALA H 579 36.54 -37.32 40.42
C ALA H 579 35.57 -38.45 40.08
N GLY H 580 35.94 -39.28 39.11
CA GLY H 580 35.10 -40.43 38.77
C GLY H 580 35.34 -40.93 37.36
N SER H 581 34.43 -41.74 36.85
CA SER H 581 34.51 -42.29 35.50
C SER H 581 33.63 -41.47 34.57
N TYR H 582 34.22 -41.04 33.46
CA TYR H 582 33.46 -40.18 32.55
C TYR H 582 33.58 -40.75 31.15
N PRO H 583 32.99 -41.94 30.84
CA PRO H 583 33.04 -42.51 29.49
C PRO H 583 32.63 -41.41 28.49
N LEU H 584 33.48 -41.11 27.51
CA LEU H 584 33.14 -39.96 26.64
C LEU H 584 32.01 -40.31 25.67
N ARG H 585 30.79 -39.97 26.04
CA ARG H 585 29.64 -40.17 25.18
C ARG H 585 29.88 -39.42 23.87
N GLY H 586 29.79 -40.13 22.76
CA GLY H 586 30.18 -39.56 21.50
C GLY H 586 29.19 -38.62 20.86
N HIS H 587 28.03 -39.13 20.46
CA HIS H 587 27.04 -38.27 19.85
C HIS H 587 26.44 -37.34 20.91
N ASN H 588 25.85 -36.24 20.45
CA ASN H 588 25.27 -35.27 21.36
C ASN H 588 24.23 -35.90 22.27
N ASN H 589 23.55 -36.95 21.79
CA ASN H 589 22.48 -37.59 22.55
C ASN H 589 22.60 -39.10 22.55
N VAL H 590 23.83 -39.62 22.38
CA VAL H 590 24.02 -41.06 22.53
C VAL H 590 23.71 -41.48 23.96
N GLN H 591 24.10 -40.65 24.93
CA GLN H 591 23.70 -40.88 26.32
C GLN H 591 22.18 -40.82 26.46
N GLY H 592 21.56 -39.84 25.80
CA GLY H 592 20.11 -39.74 25.86
C GLY H 592 19.40 -40.90 25.19
N ALA H 593 19.90 -41.31 24.02
CA ALA H 593 19.31 -42.46 23.34
C ALA H 593 19.42 -43.71 24.21
N SER H 594 20.61 -43.96 24.77
CA SER H 594 20.78 -45.10 25.68
C SER H 594 19.88 -44.96 26.90
N ASP H 595 19.62 -43.74 27.34
CA ASP H 595 18.73 -43.52 28.48
C ASP H 595 17.32 -43.96 28.18
N PHE H 596 16.87 -43.78 26.95
CA PHE H 596 15.47 -44.01 26.57
C PHE H 596 15.29 -45.31 25.82
N GLY H 597 16.01 -46.36 26.22
CA GLY H 597 15.77 -47.68 25.70
C GLY H 597 16.24 -47.92 24.28
N SER H 598 17.29 -47.22 23.84
CA SER H 598 17.84 -47.49 22.52
C SER H 598 18.41 -48.89 22.44
N MET H 599 19.16 -49.30 23.46
CA MET H 599 19.72 -50.64 23.47
C MET H 599 18.60 -51.67 23.58
N PRO H 600 18.70 -52.79 22.86
CA PRO H 600 17.59 -53.75 22.84
C PRO H 600 17.37 -54.44 24.17
N ASP H 601 18.41 -54.60 24.99
CA ASP H 601 18.28 -55.34 26.24
C ASP H 601 17.74 -54.50 27.39
N ARG H 602 17.55 -53.19 27.19
CA ARG H 602 17.05 -52.32 28.24
C ARG H 602 15.94 -51.42 27.72
N LEU H 603 15.08 -51.01 28.64
CA LEU H 603 13.96 -50.10 28.39
C LEU H 603 14.35 -48.69 28.75
N PRO H 604 13.53 -47.70 28.41
CA PRO H 604 13.75 -46.34 28.93
C PRO H 604 13.74 -46.36 30.45
N GLY H 605 14.58 -45.51 31.04
CA GLY H 605 14.86 -45.59 32.45
C GLY H 605 16.01 -46.51 32.80
N TYR H 606 16.74 -47.01 31.80
CA TYR H 606 17.91 -47.85 32.00
C TYR H 606 17.57 -49.12 32.75
N GLU H 607 16.38 -49.66 32.46
CA GLU H 607 15.88 -50.87 33.10
C GLU H 607 15.89 -52.02 32.09
N LYS H 608 16.37 -53.18 32.53
CA LYS H 608 16.42 -54.34 31.65
C LYS H 608 15.02 -54.77 31.24
N VAL H 609 14.90 -55.23 29.98
CA VAL H 609 13.59 -55.63 29.45
C VAL H 609 13.06 -56.85 30.17
N THR H 610 13.94 -57.78 30.57
CA THR H 610 13.50 -59.02 31.21
C THR H 610 13.22 -58.80 32.69
N ASP H 611 12.37 -57.83 33.01
CA ASP H 611 11.93 -57.59 34.37
C ASP H 611 10.41 -57.45 34.37
N GLU H 612 9.75 -58.17 35.27
CA GLU H 612 8.29 -58.22 35.25
C GLU H 612 7.68 -56.88 35.61
N GLN H 613 8.24 -56.18 36.60
CA GLN H 613 7.63 -54.94 37.07
C GLN H 613 7.67 -53.86 36.00
N VAL H 614 8.83 -53.68 35.35
CA VAL H 614 8.95 -52.64 34.34
C VAL H 614 8.09 -52.98 33.12
N ARG H 615 8.03 -54.27 32.76
CA ARG H 615 7.18 -54.68 31.64
C ARG H 615 5.71 -54.41 31.95
N GLN H 616 5.28 -54.69 33.19
CA GLN H 616 3.91 -54.43 33.57
C GLN H 616 3.60 -52.93 33.56
N LYS H 617 4.53 -52.12 34.06
CA LYS H 617 4.31 -50.67 34.05
C LYS H 617 4.23 -50.13 32.62
N TYR H 618 5.11 -50.61 31.74
CA TYR H 618 5.08 -50.14 30.37
C TYR H 618 3.85 -50.65 29.62
N GLU H 619 3.37 -51.85 29.96
CA GLU H 619 2.11 -52.32 29.41
C GLU H 619 0.96 -51.43 29.85
N ARG H 620 0.94 -51.05 31.14
CA ARG H 620 -0.13 -50.22 31.64
C ARG H 620 -0.14 -48.85 30.97
N VAL H 621 1.05 -48.24 30.81
CA VAL H 621 1.09 -46.91 30.22
C VAL H 621 0.82 -46.96 28.72
N TRP H 622 1.35 -47.96 28.02
CA TRP H 622 1.25 -48.02 26.57
C TRP H 622 0.01 -48.73 26.08
N GLY H 623 -0.46 -49.75 26.81
CA GLY H 623 -1.60 -50.53 26.38
C GLY H 623 -1.28 -51.66 25.43
N VAL H 624 -0.01 -51.91 25.15
CA VAL H 624 0.39 -52.98 24.23
C VAL H 624 1.44 -53.85 24.93
N PRO H 625 1.31 -55.18 24.85
CA PRO H 625 2.29 -56.04 25.52
C PRO H 625 3.70 -55.84 24.98
N LEU H 626 4.69 -55.97 25.88
CA LEU H 626 6.11 -55.81 25.66
C LEU H 626 6.74 -57.13 25.21
N PRO H 627 7.64 -57.09 24.23
CA PRO H 627 8.30 -58.32 23.77
C PRO H 627 9.20 -58.88 24.85
N LYS H 628 8.91 -60.11 25.28
CA LYS H 628 9.75 -60.76 26.28
C LYS H 628 11.15 -61.05 25.73
N GLU H 629 11.23 -61.46 24.47
CA GLU H 629 12.51 -61.77 23.86
C GLU H 629 13.34 -60.52 23.68
N PRO H 630 14.55 -60.44 24.23
CA PRO H 630 15.38 -59.26 24.00
C PRO H 630 15.77 -59.13 22.54
N GLY H 631 15.86 -57.89 22.07
CA GLY H 631 16.22 -57.65 20.69
C GLY H 631 17.69 -57.95 20.42
N MET H 632 17.98 -58.18 19.14
CA MET H 632 19.34 -58.48 18.73
C MET H 632 20.17 -57.20 18.62
N THR H 633 21.48 -57.35 18.80
CA THR H 633 22.38 -56.21 18.74
C THR H 633 22.51 -55.69 17.31
N ASN H 634 22.91 -54.42 17.20
CA ASN H 634 22.98 -53.77 15.90
C ASN H 634 23.97 -54.46 14.96
N HIS H 635 25.15 -54.82 15.49
CA HIS H 635 26.16 -55.44 14.63
C HIS H 635 25.71 -56.81 14.14
N GLU H 636 25.08 -57.60 15.01
CA GLU H 636 24.63 -58.94 14.63
C GLU H 636 23.43 -58.91 13.70
N MET H 637 22.81 -57.74 13.50
CA MET H 637 21.66 -57.64 12.58
C MET H 637 22.05 -58.05 11.18
N ILE H 638 23.24 -57.65 10.74
CA ILE H 638 23.68 -57.96 9.38
C ILE H 638 23.86 -59.47 9.21
N GLU H 639 24.47 -60.12 10.20
CA GLU H 639 24.61 -61.57 10.15
C GLU H 639 23.25 -62.26 10.16
N LYS H 640 22.30 -61.74 10.94
CA LYS H 640 20.96 -62.31 10.93
C LYS H 640 20.30 -62.15 9.57
N ILE H 641 20.52 -61.00 8.92
CA ILE H 641 19.99 -60.79 7.57
C ILE H 641 20.60 -61.81 6.61
N HIS H 642 21.91 -62.02 6.69
CA HIS H 642 22.56 -62.99 5.82
C HIS H 642 22.06 -64.40 6.09
N SER H 643 21.51 -64.66 7.28
CA SER H 643 20.81 -65.89 7.58
C SER H 643 19.32 -65.81 7.27
N GLY H 644 18.82 -64.65 6.86
CA GLY H 644 17.42 -64.48 6.52
C GLY H 644 16.49 -64.20 7.68
N GLN H 645 17.01 -64.08 8.91
CA GLN H 645 16.15 -63.84 10.06
C GLN H 645 15.46 -62.49 9.98
N LEU H 646 16.19 -61.46 9.57
CA LEU H 646 15.67 -60.09 9.51
C LEU H 646 15.36 -59.70 8.08
N LYS H 647 14.31 -58.92 7.90
CA LYS H 647 13.90 -58.51 6.57
C LYS H 647 13.73 -57.01 6.41
N ALA H 648 13.32 -56.30 7.47
CA ALA H 648 13.01 -54.88 7.36
C ALA H 648 13.80 -54.07 8.37
N MET H 649 14.24 -52.88 7.95
CA MET H 649 14.94 -51.93 8.79
C MET H 649 14.25 -50.57 8.75
N TYR H 650 14.16 -49.91 9.92
CA TYR H 650 13.79 -48.50 10.02
C TYR H 650 14.89 -47.82 10.83
N VAL H 651 15.97 -47.43 10.15
CA VAL H 651 17.08 -46.72 10.76
C VAL H 651 16.92 -45.24 10.47
N LYS H 652 16.94 -44.42 11.51
CA LYS H 652 16.78 -42.98 11.39
C LYS H 652 18.08 -42.29 11.78
N GLY H 653 18.43 -41.25 11.02
CA GLY H 653 19.56 -40.39 11.34
C GLY H 653 20.86 -41.09 11.65
N GLU H 654 21.00 -42.36 11.24
CA GLU H 654 22.22 -43.11 11.43
C GLU H 654 22.62 -43.73 10.09
N GLU H 655 23.76 -43.30 9.56
CA GLU H 655 24.26 -43.87 8.31
C GLU H 655 25.09 -45.09 8.71
N MET H 656 24.36 -46.18 9.01
CA MET H 656 25.01 -47.41 9.46
C MET H 656 25.53 -48.24 8.30
N GLY H 657 25.11 -47.95 7.07
CA GLY H 657 25.68 -48.60 5.91
C GLY H 657 27.11 -48.18 5.61
N LEU H 658 27.60 -47.13 6.26
CA LEU H 658 28.97 -46.67 6.08
C LEU H 658 29.78 -46.65 7.36
N VAL H 659 29.15 -46.62 8.54
CA VAL H 659 29.90 -46.55 9.79
C VAL H 659 30.04 -47.90 10.49
N ASP H 660 29.21 -48.88 10.13
CA ASP H 660 29.34 -50.20 10.71
C ASP H 660 30.59 -50.90 10.19
N SER H 661 31.06 -51.89 10.93
CA SER H 661 32.25 -52.63 10.53
C SER H 661 31.97 -53.44 9.27
N ASN H 662 32.98 -53.51 8.40
CA ASN H 662 32.90 -54.30 7.17
C ASN H 662 31.71 -53.86 6.32
N ILE H 663 31.80 -52.62 5.82
CA ILE H 663 30.66 -52.05 5.10
C ILE H 663 30.36 -52.78 3.80
N ASN H 664 31.27 -53.63 3.32
CA ASN H 664 30.89 -54.59 2.29
C ASN H 664 29.81 -55.51 2.79
N HIS H 665 29.91 -55.94 4.06
CA HIS H 665 28.90 -56.82 4.63
C HIS H 665 27.55 -56.12 4.75
N VAL H 666 27.55 -54.86 5.21
CA VAL H 666 26.27 -54.17 5.32
C VAL H 666 25.71 -53.87 3.94
N HIS H 667 26.58 -53.63 2.95
CA HIS H 667 26.11 -53.44 1.59
C HIS H 667 25.44 -54.71 1.06
N ALA H 668 26.05 -55.87 1.32
CA ALA H 668 25.45 -57.14 0.91
C ALA H 668 24.11 -57.36 1.61
N ALA H 669 24.05 -57.06 2.91
CA ALA H 669 22.79 -57.19 3.64
C ALA H 669 21.74 -56.25 3.08
N TYR H 670 22.13 -55.01 2.75
CA TYR H 670 21.21 -54.02 2.21
C TYR H 670 20.65 -54.49 0.88
N GLU H 671 21.51 -55.04 0.01
CA GLU H 671 21.04 -55.61 -1.24
C GLU H 671 20.27 -56.90 -1.02
N LYS H 672 20.38 -57.51 0.16
CA LYS H 672 19.70 -58.77 0.44
C LYS H 672 18.32 -58.56 1.06
N LEU H 673 18.17 -57.54 1.92
CA LEU H 673 16.90 -57.31 2.59
C LEU H 673 15.86 -56.77 1.62
N ASP H 674 14.58 -56.98 1.97
CA ASP H 674 13.49 -56.61 1.08
C ASP H 674 13.11 -55.13 1.23
N PHE H 675 12.71 -54.71 2.42
CA PHE H 675 12.20 -53.37 2.66
C PHE H 675 13.16 -52.59 3.55
N PHE H 676 13.46 -51.36 3.15
CA PHE H 676 14.38 -50.50 3.88
C PHE H 676 13.84 -49.08 3.89
N VAL H 677 13.62 -48.53 5.08
CA VAL H 677 13.23 -47.14 5.24
C VAL H 677 14.26 -46.45 6.10
N VAL H 678 14.76 -45.30 5.64
CA VAL H 678 15.78 -44.53 6.34
C VAL H 678 15.24 -43.12 6.54
N GLN H 679 15.80 -42.44 7.55
CA GLN H 679 15.36 -41.11 7.94
C GLN H 679 16.61 -40.27 8.20
N ASP H 680 17.07 -39.59 7.15
CA ASP H 680 18.28 -38.77 7.24
C ASP H 680 18.01 -37.42 6.59
N ILE H 681 18.63 -36.37 7.15
CA ILE H 681 18.48 -35.04 6.58
C ILE H 681 19.11 -34.99 5.19
N PHE H 682 20.27 -35.61 5.03
CA PHE H 682 20.97 -35.64 3.77
C PHE H 682 20.88 -37.02 3.13
N LEU H 683 21.10 -37.07 1.82
CA LEU H 683 21.12 -38.33 1.08
C LEU H 683 22.43 -39.04 1.41
N SER H 684 22.48 -39.60 2.62
CA SER H 684 23.67 -40.28 3.11
C SER H 684 23.91 -41.57 2.33
N ARG H 685 25.02 -42.23 2.64
CA ARG H 685 25.32 -43.50 1.99
C ARG H 685 24.25 -44.55 2.30
N THR H 686 23.81 -44.61 3.56
CA THR H 686 22.71 -45.51 3.91
C THR H 686 21.43 -45.09 3.21
N ALA H 687 21.20 -43.79 3.07
CA ALA H 687 20.01 -43.30 2.38
C ALA H 687 19.98 -43.73 0.92
N GLU H 688 21.13 -44.02 0.32
CA GLU H 688 21.15 -44.50 -1.06
C GLU H 688 20.44 -45.85 -1.19
N PHE H 689 20.66 -46.75 -0.24
CA PHE H 689 20.03 -48.08 -0.25
C PHE H 689 18.84 -48.03 0.68
N ALA H 690 17.67 -47.67 0.14
CA ALA H 690 16.46 -47.59 0.95
C ALA H 690 15.25 -47.67 0.03
N ASP H 691 14.25 -48.47 0.43
CA ASP H 691 13.01 -48.55 -0.32
C ASP H 691 12.19 -47.27 -0.22
N VAL H 692 12.41 -46.47 0.83
CA VAL H 692 11.77 -45.18 0.99
C VAL H 692 12.61 -44.33 1.93
N VAL H 693 12.86 -43.09 1.55
CA VAL H 693 13.71 -42.18 2.31
C VAL H 693 12.82 -41.12 2.94
N LEU H 694 12.89 -41.01 4.26
CA LEU H 694 12.11 -40.00 4.96
C LEU H 694 12.98 -38.80 5.28
N PRO H 695 12.53 -37.58 4.98
CA PRO H 695 13.38 -36.40 5.17
C PRO H 695 13.42 -35.98 6.63
N ALA H 696 14.56 -36.22 7.26
CA ALA H 696 14.73 -35.84 8.65
C ALA H 696 14.82 -34.32 8.79
N SER H 697 14.92 -33.85 10.02
CA SER H 697 15.09 -32.44 10.31
C SER H 697 16.24 -32.29 11.30
N PRO H 698 17.17 -31.37 11.07
CA PRO H 698 18.28 -31.20 12.00
C PRO H 698 17.81 -30.61 13.32
N SER H 699 18.66 -30.78 14.34
CA SER H 699 18.30 -30.37 15.69
C SER H 699 18.03 -28.87 15.79
N LEU H 700 18.54 -28.07 14.86
CA LEU H 700 18.23 -26.65 14.87
C LEU H 700 16.76 -26.41 14.56
N GLU H 701 16.19 -27.22 13.65
CA GLU H 701 14.82 -27.04 13.20
C GLU H 701 13.82 -27.85 14.00
N LYS H 702 14.25 -28.53 15.06
CA LYS H 702 13.37 -29.29 15.92
C LYS H 702 13.67 -29.00 17.37
N GLU H 703 12.66 -29.19 18.22
CA GLU H 703 12.78 -28.96 19.65
C GLU H 703 12.80 -30.30 20.38
N GLY H 704 13.70 -30.43 21.33
CA GLY H 704 13.82 -31.66 22.09
C GLY H 704 14.72 -31.48 23.27
N THR H 705 15.20 -32.61 23.81
CA THR H 705 16.15 -32.60 24.90
C THR H 705 17.36 -33.44 24.52
N PHE H 706 18.54 -32.86 24.66
CA PHE H 706 19.80 -33.55 24.39
C PHE H 706 20.47 -33.90 25.71
N THR H 707 20.83 -35.17 25.83
CA THR H 707 21.54 -35.62 27.05
C THR H 707 23.02 -35.76 26.70
N ASN H 708 23.86 -34.87 27.20
CA ASN H 708 25.27 -34.93 26.76
C ASN H 708 26.04 -35.98 27.57
N THR H 709 27.36 -35.96 27.48
CA THR H 709 28.21 -36.97 28.16
C THR H 709 28.06 -36.86 29.66
N GLU H 710 27.79 -35.67 30.17
CA GLU H 710 27.79 -35.46 31.63
C GLU H 710 26.39 -35.80 32.14
N ARG H 711 25.68 -36.61 31.36
CA ARG H 711 24.36 -37.02 31.84
C ARG H 711 23.55 -35.77 32.12
N ARG H 712 23.64 -34.77 31.25
CA ARG H 712 22.84 -33.54 31.44
C ARG H 712 21.75 -33.54 30.37
N ILE H 713 20.50 -33.36 30.78
CA ILE H 713 19.39 -33.27 29.81
C ILE H 713 19.09 -31.80 29.61
N GLN H 714 19.52 -31.20 28.51
CA GLN H 714 19.33 -29.78 28.21
C GLN H 714 18.29 -29.66 27.11
N ARG H 715 17.32 -28.78 27.32
CA ARG H 715 16.23 -28.62 26.36
C ARG H 715 16.64 -27.71 25.22
N LEU H 716 16.23 -28.07 24.01
CA LEU H 716 16.56 -27.29 22.82
C LEU H 716 15.46 -26.28 22.53
N TYR H 717 15.61 -25.55 21.43
CA TYR H 717 14.59 -24.65 20.95
C TYR H 717 14.56 -24.70 19.42
N GLN H 718 13.38 -24.48 18.86
CA GLN H 718 13.22 -24.54 17.41
C GLN H 718 13.83 -23.30 16.76
N VAL H 719 15.10 -23.41 16.34
CA VAL H 719 15.78 -22.27 15.76
C VAL H 719 15.14 -21.88 14.43
N PHE H 720 14.81 -22.85 13.60
CA PHE H 720 14.21 -22.60 12.30
C PHE H 720 12.94 -23.43 12.15
N GLU H 721 12.01 -22.92 11.36
CA GLU H 721 10.98 -23.77 10.81
C GLU H 721 11.64 -24.77 9.86
N PRO H 722 11.21 -26.04 9.86
CA PRO H 722 11.92 -27.06 9.08
C PRO H 722 11.96 -26.71 7.60
N LEU H 723 13.08 -27.03 6.97
CA LEU H 723 13.29 -26.68 5.57
C LEU H 723 12.28 -27.41 4.68
N GLY H 724 11.77 -26.70 3.68
CA GLY H 724 10.71 -27.26 2.85
C GLY H 724 9.50 -27.58 3.68
N GLU H 725 8.98 -28.80 3.52
CA GLU H 725 7.91 -29.30 4.36
C GLU H 725 8.35 -30.53 5.16
N SER H 726 9.65 -30.84 5.13
CA SER H 726 10.18 -31.92 5.95
C SER H 726 9.84 -31.69 7.42
N LYS H 727 9.80 -32.77 8.19
CA LYS H 727 9.28 -32.65 9.53
C LYS H 727 10.34 -33.08 10.56
N PRO H 728 10.24 -32.57 11.78
CA PRO H 728 11.08 -33.09 12.86
C PRO H 728 10.82 -34.58 13.04
N ASP H 729 11.90 -35.32 13.38
CA ASP H 729 11.82 -36.77 13.36
C ASP H 729 10.76 -37.30 14.31
N TRP H 730 10.49 -36.60 15.42
CA TRP H 730 9.42 -37.03 16.30
C TRP H 730 8.06 -36.91 15.61
N GLN H 731 7.86 -35.86 14.82
CA GLN H 731 6.61 -35.73 14.06
C GLN H 731 6.49 -36.87 13.05
N ILE H 732 7.59 -37.23 12.39
CA ILE H 732 7.56 -38.31 11.41
C ILE H 732 7.23 -39.63 12.09
N ILE H 733 7.83 -39.88 13.26
CA ILE H 733 7.56 -41.13 13.97
C ILE H 733 6.13 -41.17 14.47
N MET H 734 5.61 -40.04 14.94
CA MET H 734 4.21 -39.98 15.33
C MET H 734 3.30 -40.30 14.16
N GLU H 735 3.58 -39.72 12.99
CA GLU H 735 2.76 -40.00 11.82
C GLU H 735 2.85 -41.47 11.41
N VAL H 736 4.05 -42.03 11.44
CA VAL H 736 4.23 -43.43 11.04
C VAL H 736 3.48 -44.35 12.00
N ALA H 737 3.61 -44.10 13.30
CA ALA H 737 2.92 -44.93 14.30
C ALA H 737 1.41 -44.78 14.20
N ASN H 738 0.93 -43.56 13.95
CA ASN H 738 -0.51 -43.35 13.79
C ASN H 738 -1.03 -44.10 12.56
N LYS H 739 -0.25 -44.10 11.46
CA LYS H 739 -0.59 -44.92 10.32
C LYS H 739 -0.46 -46.40 10.63
N LEU H 740 0.21 -46.75 11.72
CA LEU H 740 0.28 -48.13 12.21
C LEU H 740 -0.74 -48.39 13.32
N GLY H 741 -1.70 -47.49 13.50
CA GLY H 741 -2.71 -47.65 14.53
C GLY H 741 -2.20 -47.53 15.95
N ALA H 742 -1.31 -46.57 16.20
CA ALA H 742 -0.82 -46.35 17.57
C ALA H 742 -1.74 -45.42 18.34
N GLY H 743 -2.21 -44.35 17.70
CA GLY H 743 -3.04 -43.37 18.39
C GLY H 743 -2.27 -42.36 19.21
N TRP H 744 -1.03 -42.07 18.86
CA TRP H 744 -0.25 -41.08 19.61
C TRP H 744 -0.76 -39.67 19.33
N LEU H 745 -0.85 -38.87 20.39
CA LEU H 745 -1.22 -37.45 20.30
C LEU H 745 -0.18 -36.65 21.07
N TYR H 746 0.82 -36.14 20.36
CA TYR H 746 1.85 -35.27 20.95
C TYR H 746 1.93 -34.00 20.10
N GLU H 747 1.29 -32.93 20.56
CA GLU H 747 1.35 -31.67 19.83
C GLU H 747 2.77 -31.11 19.82
N HIS H 748 3.45 -31.14 20.95
CA HIS H 748 4.82 -30.68 21.08
C HIS H 748 5.60 -31.66 21.93
N PRO H 749 6.92 -31.76 21.75
CA PRO H 749 7.70 -32.83 22.41
C PRO H 749 7.71 -32.76 23.93
N ALA H 750 7.10 -31.73 24.52
CA ALA H 750 7.02 -31.67 25.98
C ALA H 750 6.19 -32.82 26.53
N ASP H 751 5.11 -33.19 25.83
CA ASP H 751 4.30 -34.33 26.27
C ASP H 751 5.10 -35.62 26.22
N ILE H 752 5.89 -35.81 25.15
CA ILE H 752 6.76 -36.99 25.06
C ILE H 752 7.76 -36.99 26.20
N MET H 753 8.36 -35.82 26.48
CA MET H 753 9.36 -35.73 27.53
C MET H 753 8.77 -36.07 28.89
N GLU H 754 7.58 -35.53 29.20
CA GLU H 754 6.98 -35.81 30.49
C GLU H 754 6.49 -37.24 30.60
N GLU H 755 6.00 -37.84 29.52
CA GLU H 755 5.61 -39.24 29.55
C GLU H 755 6.82 -40.12 29.82
N ALA H 756 7.92 -39.89 29.11
CA ALA H 756 9.14 -40.65 29.36
C ALA H 756 9.66 -40.41 30.77
N ALA H 757 9.51 -39.18 31.27
CA ALA H 757 9.91 -38.87 32.64
C ALA H 757 9.13 -39.69 33.64
N LYS H 758 7.81 -39.79 33.44
CA LYS H 758 7.00 -40.66 34.30
C LYS H 758 7.45 -42.11 34.19
N LEU H 759 7.76 -42.57 32.98
CA LEU H 759 8.17 -43.96 32.81
C LEU H 759 9.57 -44.20 33.33
N SER H 760 10.50 -43.29 33.05
CA SER H 760 11.90 -43.50 33.40
C SER H 760 12.15 -43.15 34.86
N PRO H 761 12.58 -44.10 35.70
CA PRO H 761 12.93 -43.74 37.10
C PRO H 761 14.06 -42.75 37.18
N ILE H 762 15.06 -42.86 36.30
CA ILE H 762 16.20 -41.94 36.34
C ILE H 762 15.76 -40.55 35.88
N TYR H 763 14.90 -40.47 34.87
CA TYR H 763 14.40 -39.22 34.35
C TYR H 763 13.12 -38.77 35.06
N ALA H 764 12.90 -39.21 36.30
CA ALA H 764 11.62 -38.96 36.96
C ALA H 764 11.32 -37.47 37.09
N GLY H 765 12.35 -36.63 37.21
CA GLY H 765 12.12 -35.23 37.50
C GLY H 765 12.27 -34.25 36.36
N VAL H 766 12.74 -34.70 35.20
CA VAL H 766 12.99 -33.79 34.09
C VAL H 766 11.67 -33.42 33.43
N THR H 767 11.42 -32.11 33.32
CA THR H 767 10.22 -31.59 32.69
C THR H 767 10.58 -30.33 31.93
N TYR H 768 9.73 -29.96 30.98
CA TYR H 768 10.05 -28.85 30.10
C TYR H 768 10.04 -27.52 30.83
N GLU H 769 9.17 -27.36 31.83
CA GLU H 769 9.20 -26.15 32.64
C GLU H 769 10.38 -26.12 33.60
N ARG H 770 11.02 -27.25 33.87
CA ARG H 770 12.25 -27.31 34.64
C ARG H 770 13.49 -27.25 33.76
N LEU H 771 13.32 -27.19 32.44
CA LEU H 771 14.44 -27.13 31.50
C LEU H 771 14.41 -25.86 30.66
N GLU H 772 13.67 -24.84 31.11
CA GLU H 772 13.55 -23.62 30.34
C GLU H 772 14.89 -22.87 30.29
N GLY H 773 15.10 -22.16 29.19
CA GLY H 773 16.32 -21.40 29.04
C GLY H 773 17.54 -22.30 29.03
N TYR H 774 18.55 -21.93 29.80
CA TYR H 774 19.78 -22.69 29.90
C TYR H 774 19.79 -23.66 31.06
N ASN H 775 18.69 -23.74 31.82
CA ASN H 775 18.63 -24.68 32.93
C ASN H 775 18.67 -26.11 32.39
N SER H 776 19.48 -26.94 33.04
CA SER H 776 19.68 -28.32 32.62
C SER H 776 19.70 -29.22 33.84
N LEU H 777 19.25 -30.45 33.67
CA LEU H 777 19.17 -31.35 34.85
C LEU H 777 20.08 -32.52 34.54
N GLN H 778 20.76 -33.08 35.53
CA GLN H 778 21.61 -34.23 35.16
C GLN H 778 20.98 -35.51 35.70
N TRP H 779 20.64 -36.44 34.82
CA TRP H 779 20.06 -37.74 35.25
C TRP H 779 21.12 -38.47 36.05
N PRO H 780 20.81 -39.20 37.12
CA PRO H 780 19.44 -39.37 37.59
C PRO H 780 18.77 -38.15 38.21
N VAL H 781 17.48 -37.93 37.96
CA VAL H 781 16.72 -36.83 38.62
C VAL H 781 15.49 -37.43 39.30
N ASN H 782 15.18 -37.08 40.55
CA ASN H 782 14.04 -37.67 41.30
C ASN H 782 12.75 -36.91 41.00
N ALA H 783 11.61 -37.27 41.61
CA ALA H 783 10.37 -36.62 41.20
C ALA H 783 10.30 -35.18 41.69
N ASP H 784 10.99 -34.86 42.79
CA ASP H 784 10.99 -33.50 43.30
C ASP H 784 11.67 -32.51 42.35
N GLY H 785 12.50 -33.00 41.43
CA GLY H 785 13.21 -32.15 40.51
C GLY H 785 14.66 -31.88 40.86
N LYS H 786 15.17 -32.45 41.95
CA LYS H 786 16.55 -32.28 42.35
C LYS H 786 17.39 -33.32 41.62
N ASP H 787 18.24 -32.87 40.72
CA ASP H 787 19.08 -33.77 39.94
C ASP H 787 20.27 -34.23 40.79
N SER H 788 21.17 -34.99 40.16
CA SER H 788 22.36 -35.52 40.81
C SER H 788 23.57 -35.12 39.98
N PRO H 789 24.15 -33.95 40.25
CA PRO H 789 25.34 -33.54 39.47
C PRO H 789 26.49 -34.52 39.57
N LEU H 790 26.67 -35.15 40.72
CA LEU H 790 27.70 -36.16 40.92
C LEU H 790 27.05 -37.51 41.20
N LEU H 791 27.56 -38.55 40.55
CA LEU H 791 27.02 -39.89 40.71
C LEU H 791 27.63 -40.59 41.90
N PHE H 792 26.93 -41.60 42.38
CA PHE H 792 27.57 -42.38 43.45
C PHE H 792 27.98 -41.46 44.60
N THR H 793 27.31 -40.32 44.74
CA THR H 793 27.73 -39.36 45.78
C THR H 793 27.58 -39.98 47.17
N GLU H 794 26.45 -40.61 47.43
CA GLU H 794 26.20 -41.20 48.77
C GLU H 794 26.16 -42.73 48.68
N ARG H 795 25.46 -43.27 47.68
CA ARG H 795 25.32 -44.74 47.58
C ARG H 795 25.38 -45.18 46.13
N PHE H 796 25.69 -46.44 45.89
CA PHE H 796 25.64 -46.96 44.50
C PHE H 796 24.22 -47.48 44.27
N PRO H 797 23.75 -47.57 43.01
CA PRO H 797 22.41 -48.05 42.65
C PRO H 797 22.15 -49.50 43.01
N PHE H 798 23.18 -50.29 43.29
CA PHE H 798 23.00 -51.71 43.56
C PHE H 798 22.19 -51.90 44.83
N PRO H 799 21.48 -53.04 44.96
CA PRO H 799 20.61 -53.24 46.12
C PRO H 799 21.34 -53.12 47.45
N ASP H 800 22.59 -53.59 47.53
CA ASP H 800 23.37 -53.43 48.75
C ASP H 800 23.91 -52.02 48.92
N GLY H 801 23.87 -51.20 47.88
CA GLY H 801 24.41 -49.86 47.94
C GLY H 801 25.90 -49.77 47.77
N LYS H 802 26.58 -50.87 47.50
CA LYS H 802 28.03 -50.91 47.35
C LYS H 802 28.38 -51.55 46.02
N ALA H 803 29.34 -50.97 45.31
CA ALA H 803 29.72 -51.45 43.99
C ALA H 803 30.52 -52.75 44.09
N ILE H 804 30.68 -53.40 42.95
CA ILE H 804 31.35 -54.70 42.87
C ILE H 804 32.46 -54.63 41.83
N LEU H 805 33.64 -55.11 42.20
CA LEU H 805 34.74 -55.23 41.26
C LEU H 805 34.50 -56.42 40.34
N TYR H 806 34.67 -56.20 39.03
CA TYR H 806 34.41 -57.25 38.05
C TYR H 806 35.72 -57.89 37.62
N PRO H 807 35.92 -59.19 37.91
CA PRO H 807 37.17 -59.86 37.48
C PRO H 807 37.19 -60.02 35.97
N VAL H 808 38.16 -59.35 35.33
CA VAL H 808 38.35 -59.45 33.89
C VAL H 808 39.83 -59.60 33.59
N GLN H 809 40.12 -60.13 32.39
CA GLN H 809 41.48 -60.36 31.93
C GLN H 809 41.67 -59.70 30.58
N TRP H 810 42.86 -59.90 30.00
CA TRP H 810 43.17 -59.37 28.67
C TRP H 810 42.54 -60.26 27.62
N THR H 811 41.53 -59.74 26.92
CA THR H 811 40.96 -60.45 25.79
C THR H 811 41.82 -60.17 24.56
N GLU H 812 42.23 -61.25 23.88
CA GLU H 812 43.15 -61.12 22.76
C GLU H 812 42.53 -60.31 21.64
N PRO H 813 43.15 -59.21 21.22
CA PRO H 813 42.63 -58.47 20.06
C PRO H 813 42.63 -59.34 18.81
N LYS H 814 41.58 -59.18 18.00
CA LYS H 814 41.43 -59.97 16.78
C LYS H 814 42.28 -59.39 15.66
N GLU H 815 43.56 -59.20 15.95
CA GLU H 815 44.45 -58.73 14.86
C GLU H 815 44.48 -59.86 13.84
N PHE H 816 44.39 -59.54 12.56
CA PHE H 816 44.33 -60.59 11.51
C PHE H 816 45.62 -61.41 11.57
N GLY H 817 46.76 -60.75 11.79
CA GLY H 817 48.07 -61.41 11.82
C GLY H 817 48.64 -61.54 10.42
N GLU H 818 49.79 -62.18 10.28
CA GLU H 818 50.33 -62.50 8.93
C GLU H 818 50.48 -61.24 8.06
N GLU H 819 49.98 -61.31 6.83
CA GLU H 819 50.26 -60.22 5.85
C GLU H 819 49.63 -58.91 6.29
N TYR H 820 48.64 -58.95 7.16
CA TYR H 820 48.06 -57.68 7.67
C TYR H 820 49.09 -57.18 8.69
N ASP H 821 50.22 -56.63 8.22
CA ASP H 821 51.25 -56.13 9.13
C ASP H 821 50.91 -54.74 9.68
N ILE H 822 50.71 -53.77 8.79
CA ILE H 822 50.45 -52.41 9.24
C ILE H 822 49.07 -52.33 9.88
N HIS H 823 49.02 -51.86 11.12
CA HIS H 823 47.80 -51.80 11.90
C HIS H 823 47.23 -50.39 11.80
N VAL H 824 46.33 -50.19 10.84
CA VAL H 824 45.73 -48.88 10.64
C VAL H 824 44.76 -48.59 11.76
N ASN H 825 44.76 -47.34 12.23
CA ASN H 825 43.87 -46.88 13.29
C ASN H 825 42.84 -45.94 12.69
N ASN H 826 41.59 -46.06 13.15
CA ASN H 826 40.49 -45.26 12.67
C ASN H 826 39.97 -44.36 13.78
N GLY H 827 39.62 -43.13 13.42
CA GLY H 827 39.13 -42.17 14.39
C GLY H 827 38.34 -41.06 13.74
N ARG H 828 38.52 -39.84 14.22
CA ARG H 828 37.79 -38.70 13.69
C ARG H 828 38.64 -37.44 13.86
N LEU H 829 38.47 -36.52 12.92
CA LEU H 829 39.17 -35.24 12.99
C LEU H 829 38.36 -34.24 13.81
N LEU H 830 39.05 -33.18 14.23
CA LEU H 830 38.39 -32.13 15.00
C LEU H 830 37.36 -31.39 14.16
N GLU H 831 37.74 -30.96 12.96
CA GLU H 831 36.85 -30.14 12.15
C GLU H 831 35.72 -30.97 11.54
N HIS H 832 36.03 -32.18 11.08
CA HIS H 832 35.05 -33.01 10.39
C HIS H 832 34.38 -33.97 11.35
N PHE H 833 33.13 -34.31 11.05
CA PHE H 833 32.29 -35.15 11.89
C PHE H 833 31.97 -36.45 11.16
N HIS H 834 32.66 -37.52 11.54
CA HIS H 834 32.48 -38.85 10.93
C HIS H 834 32.71 -38.69 9.42
N GLU H 835 31.88 -39.30 8.58
CA GLU H 835 32.02 -39.15 7.13
C GLU H 835 31.82 -37.71 6.68
N GLY H 836 31.19 -36.88 7.50
CA GLY H 836 31.03 -35.48 7.17
C GLY H 836 29.77 -35.17 6.40
N ASN H 837 28.66 -35.81 6.78
CA ASN H 837 27.38 -35.46 6.18
C ASN H 837 26.93 -34.06 6.55
N LEU H 838 27.56 -33.44 7.54
CA LEU H 838 27.20 -32.10 8.00
C LEU H 838 28.32 -31.10 7.84
N THR H 839 29.55 -31.45 8.25
CA THR H 839 30.65 -30.51 8.17
C THR H 839 31.05 -30.22 6.73
N TYR H 840 31.02 -31.23 5.85
CA TYR H 840 31.39 -31.01 4.46
C TYR H 840 30.51 -29.99 3.79
N LYS H 841 29.25 -29.88 4.21
CA LYS H 841 28.35 -28.89 3.63
C LYS H 841 28.74 -27.47 4.02
N SER H 842 29.56 -27.30 5.05
CA SER H 842 30.08 -26.00 5.43
C SER H 842 31.38 -25.74 4.67
N LYS H 843 31.44 -24.61 3.96
CA LYS H 843 32.57 -24.32 3.09
C LYS H 843 33.86 -24.17 3.88
N GLY H 844 33.79 -23.53 5.05
CA GLY H 844 35.01 -23.26 5.81
C GLY H 844 35.70 -24.53 6.26
N ILE H 845 34.95 -25.48 6.82
CA ILE H 845 35.54 -26.73 7.27
C ILE H 845 36.10 -27.51 6.09
N SER H 846 35.42 -27.45 4.94
CA SER H 846 35.94 -28.09 3.74
C SER H 846 37.28 -27.46 3.31
N GLU H 847 37.38 -26.14 3.42
CA GLU H 847 38.65 -25.47 3.12
C GLU H 847 39.74 -25.92 4.09
N LYS H 848 39.40 -26.03 5.38
CA LYS H 848 40.38 -26.46 6.37
C LYS H 848 40.81 -27.90 6.14
N THR H 849 39.87 -28.78 5.79
CA THR H 849 40.17 -30.18 5.53
C THR H 849 39.30 -30.66 4.38
N PRO H 850 39.84 -30.73 3.16
CA PRO H 850 39.01 -31.07 2.00
C PRO H 850 38.74 -32.56 1.85
N GLU H 851 39.71 -33.40 2.22
CA GLU H 851 39.60 -34.83 1.93
C GLU H 851 40.28 -35.62 3.04
N VAL H 852 39.89 -36.89 3.12
CA VAL H 852 40.52 -37.81 4.07
C VAL H 852 42.01 -37.93 3.75
N PHE H 853 42.80 -38.26 4.78
CA PHE H 853 44.21 -38.53 4.61
C PHE H 853 44.60 -39.66 5.56
N LEU H 854 45.65 -40.38 5.18
CA LEU H 854 46.21 -41.43 6.02
C LEU H 854 47.48 -40.89 6.67
N GLU H 855 47.42 -40.61 7.96
CA GLU H 855 48.58 -40.13 8.69
C GLU H 855 49.54 -41.29 8.89
N ILE H 856 50.78 -41.14 8.44
CA ILE H 856 51.75 -42.23 8.44
C ILE H 856 52.99 -41.77 9.19
N SER H 857 53.60 -42.70 9.93
CA SER H 857 54.71 -42.37 10.80
C SER H 857 55.99 -42.12 10.00
N PRO H 858 56.84 -41.20 10.47
CA PRO H 858 58.11 -40.96 9.76
C PRO H 858 59.01 -42.18 9.70
N GLU H 859 59.00 -43.01 10.75
CA GLU H 859 59.84 -44.22 10.74
C GLU H 859 59.39 -45.17 9.65
N LEU H 860 58.07 -45.38 9.51
CA LEU H 860 57.56 -46.24 8.47
C LEU H 860 57.67 -45.61 7.09
N ALA H 861 57.89 -44.29 7.02
CA ALA H 861 58.08 -43.63 5.73
C ALA H 861 59.43 -43.98 5.10
N ALA H 862 60.34 -44.59 5.85
CA ALA H 862 61.66 -44.94 5.34
C ALA H 862 61.69 -46.38 4.81
N GLU H 863 61.27 -47.35 5.63
CA GLU H 863 61.31 -48.75 5.20
C GLU H 863 60.38 -49.00 4.02
N ARG H 864 59.17 -48.44 4.05
CA ARG H 864 58.22 -48.59 2.96
C ARG H 864 58.41 -47.54 1.86
N GLY H 865 59.23 -46.53 2.10
CA GLY H 865 59.48 -45.48 1.12
C GLY H 865 58.22 -44.77 0.67
N ILE H 866 57.57 -44.08 1.60
CA ILE H 866 56.31 -43.40 1.31
C ILE H 866 56.50 -41.91 1.57
N GLN H 867 55.78 -41.09 0.81
CA GLN H 867 55.90 -39.64 0.90
C GLN H 867 54.54 -38.98 1.11
N ASP H 868 54.50 -37.66 1.04
CA ASP H 868 53.28 -36.90 1.27
C ASP H 868 52.50 -36.73 -0.03
N GLY H 869 51.18 -36.62 0.11
CA GLY H 869 50.33 -36.43 -1.06
C GLY H 869 50.28 -37.60 -2.00
N THR H 870 50.52 -38.81 -1.50
CA THR H 870 50.57 -40.00 -2.33
C THR H 870 49.32 -40.85 -2.13
N LEU H 871 48.71 -41.27 -3.23
CA LEU H 871 47.57 -42.17 -3.18
C LEU H 871 48.07 -43.59 -2.90
N VAL H 872 47.60 -44.18 -1.81
CA VAL H 872 48.04 -45.51 -1.39
C VAL H 872 46.82 -46.38 -1.16
N ARG H 873 47.04 -47.70 -1.20
CA ARG H 873 45.98 -48.69 -1.13
C ARG H 873 46.11 -49.50 0.16
N LEU H 874 44.99 -49.67 0.85
CA LEU H 874 44.93 -50.49 2.06
C LEU H 874 43.91 -51.60 1.85
N THR H 875 44.35 -52.84 1.98
CA THR H 875 43.52 -54.00 1.67
C THR H 875 43.38 -54.89 2.90
N SER H 876 42.15 -55.23 3.24
CA SER H 876 41.77 -56.05 4.38
C SER H 876 40.76 -57.07 3.88
N PRO H 877 40.62 -58.23 4.56
CA PRO H 877 39.71 -59.27 4.05
C PRO H 877 38.27 -58.79 3.90
N PHE H 878 38.02 -57.54 4.30
CA PHE H 878 36.69 -56.97 4.29
C PHE H 878 36.56 -55.73 3.42
N GLY H 879 37.65 -55.21 2.87
CA GLY H 879 37.57 -54.00 2.07
C GLY H 879 38.90 -53.67 1.42
N ASN H 880 38.87 -52.61 0.62
CA ASN H 880 40.05 -52.15 -0.12
C ASN H 880 39.85 -50.67 -0.42
N VAL H 881 40.64 -49.82 0.24
CA VAL H 881 40.47 -48.38 0.17
C VAL H 881 41.68 -47.76 -0.53
N LYS H 882 41.44 -46.63 -1.20
CA LYS H 882 42.48 -45.83 -1.84
C LYS H 882 42.46 -44.45 -1.17
N VAL H 883 43.42 -44.22 -0.29
CA VAL H 883 43.46 -42.99 0.51
C VAL H 883 44.78 -42.28 0.27
N LYS H 884 44.74 -40.95 0.33
CA LYS H 884 45.95 -40.17 0.22
C LYS H 884 46.80 -40.35 1.48
N CYS H 885 48.01 -39.79 1.46
CA CYS H 885 48.96 -39.99 2.54
C CYS H 885 49.39 -38.65 3.11
N LEU H 886 49.75 -38.66 4.39
CA LEU H 886 50.23 -37.49 5.11
C LEU H 886 51.39 -37.91 5.99
N ILE H 887 52.41 -37.06 6.07
CA ILE H 887 53.60 -37.34 6.86
C ILE H 887 53.52 -36.53 8.15
N THR H 888 53.51 -37.24 9.28
CA THR H 888 53.45 -36.58 10.58
C THR H 888 53.97 -37.56 11.63
N ASP H 889 54.39 -37.01 12.76
CA ASP H 889 54.90 -37.79 13.87
C ASP H 889 53.82 -38.20 14.86
N ARG H 890 52.55 -37.89 14.58
CA ARG H 890 51.48 -38.24 15.50
C ARG H 890 51.37 -39.75 15.67
N VAL H 891 51.49 -40.50 14.58
CA VAL H 891 51.48 -41.95 14.64
C VAL H 891 52.91 -42.46 14.73
N LYS H 892 53.06 -43.67 15.24
CA LYS H 892 54.37 -44.27 15.48
C LYS H 892 54.44 -45.65 14.83
N GLY H 893 55.58 -45.93 14.21
CA GLY H 893 55.83 -47.26 13.67
C GLY H 893 54.85 -47.63 12.58
N LYS H 894 54.49 -48.92 12.54
CA LYS H 894 53.55 -49.41 11.54
C LYS H 894 52.17 -48.78 11.72
N GLU H 895 51.74 -48.63 12.97
CA GLU H 895 50.39 -48.12 13.25
C GLU H 895 50.19 -46.74 12.63
N VAL H 896 49.08 -46.57 11.93
CA VAL H 896 48.77 -45.34 11.20
C VAL H 896 47.34 -44.94 11.51
N TYR H 897 47.06 -43.65 11.31
CA TYR H 897 45.75 -43.07 11.62
C TYR H 897 45.00 -42.80 10.33
N LEU H 898 43.76 -43.31 10.26
CA LEU H 898 42.87 -43.08 9.12
C LEU H 898 41.55 -42.50 9.65
N PRO H 899 41.42 -41.18 9.66
CA PRO H 899 40.16 -40.58 10.13
C PRO H 899 39.00 -40.93 9.21
N MET H 900 37.79 -40.85 9.77
CA MET H 900 36.59 -41.28 9.06
C MET H 900 35.98 -40.18 8.21
N ASN H 901 36.77 -39.17 7.84
CA ASN H 901 36.21 -37.97 7.23
C ASN H 901 36.00 -38.08 5.73
N ASP H 902 35.82 -39.30 5.21
CA ASP H 902 35.39 -39.49 3.83
C ASP H 902 34.27 -40.53 3.78
N SER H 903 33.36 -40.34 2.83
CA SER H 903 32.23 -41.23 2.64
C SER H 903 32.26 -41.99 1.32
N GLY H 904 33.35 -41.90 0.56
CA GLY H 904 33.44 -42.60 -0.70
C GLY H 904 34.20 -43.91 -0.59
N GLU H 905 35.02 -44.21 -1.59
CA GLU H 905 35.83 -45.42 -1.57
C GLU H 905 36.97 -45.35 -0.57
N ALA H 906 37.25 -44.18 0.00
CA ALA H 906 38.36 -43.98 0.92
C ALA H 906 37.95 -44.09 2.38
N ALA H 907 36.69 -44.42 2.65
CA ALA H 907 36.25 -44.59 4.04
C ALA H 907 36.96 -45.77 4.67
N ILE H 908 37.43 -45.58 5.90
CA ILE H 908 38.19 -46.63 6.59
C ILE H 908 37.34 -47.87 6.80
N ASN H 909 36.02 -47.70 6.96
CA ASN H 909 35.14 -48.78 7.37
C ASN H 909 35.15 -49.98 6.42
N LEU H 910 35.78 -49.87 5.25
CA LEU H 910 35.96 -51.06 4.44
C LEU H 910 36.88 -52.07 5.13
N LEU H 911 37.95 -51.57 5.77
CA LEU H 911 38.99 -52.46 6.27
C LEU H 911 38.55 -53.24 7.50
N THR H 912 37.76 -52.62 8.38
CA THR H 912 37.36 -53.28 9.61
C THR H 912 36.49 -54.50 9.30
N GLY H 913 36.54 -55.48 10.20
CA GLY H 913 35.84 -56.73 10.02
C GLY H 913 34.72 -56.93 11.04
N SER H 914 33.96 -57.98 10.82
CA SER H 914 32.82 -58.31 11.67
C SER H 914 33.24 -59.11 12.90
N HIS H 915 34.24 -58.60 13.61
CA HIS H 915 34.67 -59.14 14.89
C HIS H 915 34.35 -58.11 15.96
N ALA H 916 33.58 -58.50 16.96
CA ALA H 916 33.02 -57.57 17.92
C ALA H 916 33.26 -58.07 19.34
N ASP H 917 32.90 -57.23 20.31
CA ASP H 917 33.07 -57.57 21.72
C ASP H 917 32.16 -58.73 22.11
N LYS H 918 32.60 -59.48 23.11
CA LYS H 918 31.81 -60.62 23.59
C LYS H 918 30.58 -60.15 24.34
N ASP H 919 30.72 -59.13 25.18
CA ASP H 919 29.61 -58.71 26.05
C ASP H 919 28.53 -57.96 25.28
N THR H 920 28.91 -57.05 24.38
CA THR H 920 27.95 -56.16 23.75
C THR H 920 27.96 -56.19 22.23
N ASP H 921 28.78 -57.04 21.61
CA ASP H 921 28.88 -57.12 20.15
C ASP H 921 29.19 -55.76 19.53
N THR H 922 30.15 -55.05 20.13
CA THR H 922 30.61 -53.79 19.59
C THR H 922 31.76 -54.03 18.64
N PRO H 923 31.66 -53.61 17.38
CA PRO H 923 32.72 -53.90 16.41
C PRO H 923 34.06 -53.31 16.83
N ALA H 924 35.13 -54.06 16.58
CA ALA H 924 36.48 -53.62 16.93
C ALA H 924 37.06 -52.80 15.78
N TYR H 925 36.58 -51.55 15.69
CA TYR H 925 37.05 -50.65 14.64
C TYR H 925 38.53 -50.35 14.82
N LYS H 926 38.98 -50.16 16.06
CA LYS H 926 40.39 -49.89 16.31
C LYS H 926 41.29 -51.08 16.01
N GLU H 927 40.72 -52.26 15.76
CA GLU H 927 41.49 -53.47 15.45
C GLU H 927 41.43 -53.71 13.95
N THR H 928 42.33 -53.06 13.23
CA THR H 928 42.35 -53.13 11.77
C THR H 928 43.79 -53.27 11.27
N SER H 929 43.98 -54.10 10.25
CA SER H 929 45.26 -54.28 9.60
C SER H 929 45.06 -54.38 8.10
N ALA H 930 46.09 -53.98 7.35
CA ALA H 930 45.99 -53.95 5.90
C ALA H 930 47.39 -54.07 5.29
N LYS H 931 47.50 -53.67 4.03
CA LYS H 931 48.75 -53.57 3.30
C LYS H 931 49.16 -52.11 3.15
N MET H 932 50.21 -51.88 2.37
CA MET H 932 50.67 -50.54 1.99
C MET H 932 51.14 -50.62 0.54
N GLU H 933 50.25 -50.30 -0.39
CA GLU H 933 50.55 -50.29 -1.82
C GLU H 933 50.73 -48.85 -2.27
N ILE H 934 51.80 -48.59 -3.02
CA ILE H 934 52.13 -47.25 -3.48
C ILE H 934 51.66 -47.12 -4.92
N LEU H 935 50.72 -46.21 -5.17
CA LEU H 935 50.16 -46.01 -6.49
C LEU H 935 50.78 -44.80 -7.20
N LYS H 936 50.68 -43.62 -6.59
CA LYS H 936 51.13 -42.38 -7.21
C LYS H 936 52.22 -41.77 -6.35
N HIS H 937 53.42 -41.62 -6.92
CA HIS H 937 54.55 -41.07 -6.18
C HIS H 937 54.33 -39.60 -5.83
N ASP H 938 53.99 -38.79 -6.82
CA ASP H 938 53.88 -37.35 -6.66
C ASP H 938 52.43 -36.91 -6.85
N GLY H 939 51.90 -36.19 -5.86
CA GLY H 939 50.52 -35.73 -5.93
C GLY H 939 50.29 -34.61 -4.94
N ILE H 940 49.07 -34.09 -4.98
CA ILE H 940 48.68 -32.97 -4.12
C ILE H 940 48.53 -33.47 -2.69
N SER H 941 49.10 -32.72 -1.75
CA SER H 941 48.99 -33.09 -0.35
C SER H 941 47.55 -32.92 0.12
N PRO H 942 46.94 -33.96 0.70
CA PRO H 942 45.55 -33.81 1.17
C PRO H 942 45.37 -32.74 2.22
N LEU H 943 46.36 -32.54 3.08
CA LEU H 943 46.30 -31.51 4.11
C LEU H 943 46.85 -30.21 3.55
N PRO H 944 46.04 -29.17 3.39
CA PRO H 944 46.55 -27.90 2.87
C PRO H 944 47.35 -27.15 3.93
N LYS H 945 48.08 -26.14 3.46
CA LYS H 945 48.83 -25.29 4.38
C LYS H 945 47.90 -24.56 5.36
N ILE H 946 46.67 -24.29 4.93
CA ILE H 946 45.71 -23.57 5.78
C ILE H 946 45.09 -24.45 6.84
N ASN H 947 45.47 -25.72 6.93
CA ASN H 947 44.95 -26.57 7.98
C ASN H 947 45.57 -26.21 9.33
N HIS H 948 44.80 -26.42 10.40
CA HIS H 948 45.25 -26.04 11.72
C HIS H 948 46.38 -26.92 12.24
N ARG H 949 46.55 -28.13 11.69
CA ARG H 949 47.63 -28.99 12.14
C ARG H 949 49.00 -28.51 11.65
N ASN H 950 49.04 -27.70 10.60
CA ASN H 950 50.29 -27.24 10.03
C ASN H 950 50.92 -26.08 10.79
N GLY H 951 50.15 -25.41 11.66
CA GLY H 951 50.68 -24.27 12.37
C GLY H 951 51.51 -24.65 13.58
N ASN H 952 52.16 -23.64 14.15
CA ASN H 952 53.01 -23.79 15.34
C ASN H 952 52.51 -22.87 16.44
N PRO H 953 51.69 -23.37 17.37
CA PRO H 953 51.17 -22.50 18.43
C PRO H 953 52.27 -22.02 19.36
N GLN H 954 52.03 -20.84 19.96
CA GLN H 954 52.97 -20.26 20.91
C GLN H 954 52.41 -20.44 22.31
N PRO H 955 52.97 -21.33 23.14
CA PRO H 955 52.43 -21.56 24.48
C PRO H 955 52.88 -20.49 25.46
N GLN H 956 51.94 -19.65 25.88
CA GLN H 956 52.20 -18.66 26.92
C GLN H 956 51.01 -18.62 27.87
N ILE H 957 51.28 -18.32 29.13
CA ILE H 957 50.19 -18.28 30.13
C ILE H 957 49.64 -16.86 30.23
N GLY H 958 48.39 -16.65 29.83
CA GLY H 958 47.77 -15.32 29.92
C GLY H 958 48.11 -14.42 28.75
N VAL H 959 47.73 -13.15 28.81
CA VAL H 959 47.96 -12.19 27.70
C VAL H 959 49.38 -11.68 27.86
N GLN H 960 50.05 -12.08 28.92
CA GLN H 960 51.43 -11.60 29.17
C GLN H 960 51.40 -10.08 29.25
N VAL H 961 50.42 -9.52 29.96
CA VAL H 961 50.29 -8.04 30.05
C VAL H 961 51.63 -7.42 30.47
N HIS H 962 52.43 -8.09 31.29
CA HIS H 962 53.65 -7.48 31.79
C HIS H 962 54.51 -6.93 30.65
N LYS H 963 54.41 -7.55 29.47
CA LYS H 963 55.09 -7.00 28.30
C LYS H 963 54.49 -5.66 27.91
N LYS H 964 53.16 -5.54 27.98
CA LYS H 964 52.52 -4.26 27.69
C LYS H 964 52.92 -3.21 28.72
N TRP H 965 52.97 -3.57 30.00
CA TRP H 965 53.30 -2.62 31.04
C TRP H 965 54.74 -2.13 30.91
N ALA H 966 55.62 -2.94 30.33
CA ALA H 966 57.01 -2.55 30.15
C ALA H 966 57.19 -1.51 29.05
N ARG H 967 56.17 -1.29 28.22
CA ARG H 967 56.27 -0.29 27.17
C ARG H 967 56.32 1.11 27.75
N LYS H 968 57.22 1.94 27.21
CA LYS H 968 57.32 3.32 27.68
C LYS H 968 56.08 4.12 27.34
N ASP H 969 55.49 3.89 26.16
CA ASP H 969 54.31 4.64 25.75
C ASP H 969 53.11 4.35 26.64
N TYR H 970 53.05 3.16 27.23
CA TYR H 970 51.94 2.82 28.11
C TYR H 970 52.05 3.58 29.43
N ILE H 971 50.93 4.15 29.86
CA ILE H 971 50.85 4.85 31.13
C ILE H 971 49.62 4.36 31.89
N PHE H 972 49.81 4.00 33.15
CA PHE H 972 48.71 3.50 33.96
C PHE H 972 47.79 4.65 34.34
N PRO H 973 46.48 4.56 34.04
CA PRO H 973 45.58 5.68 34.36
C PRO H 973 45.54 6.04 35.83
N GLY H 974 45.70 5.07 36.72
CA GLY H 974 45.65 5.36 38.15
C GLY H 974 46.71 6.36 38.58
N ASP H 975 47.95 6.16 38.13
CA ASP H 975 49.00 7.12 38.39
C ASP H 975 49.09 8.21 37.34
N ALA H 976 48.37 8.06 36.21
CA ALA H 976 48.29 9.16 35.25
C ALA H 976 47.45 10.30 35.80
N VAL H 977 46.33 9.98 36.46
CA VAL H 977 45.53 11.03 37.09
C VAL H 977 46.28 11.61 38.28
N LYS H 978 46.85 10.74 39.12
CA LYS H 978 47.64 11.12 40.31
C LYS H 978 47.07 12.31 41.08
CAD 11A I . -2.96 -0.49 -2.17
CAE 11A I . -4.04 -1.05 -3.09
CAF 11A I . -4.50 -2.41 -2.57
CAG 11A I . -5.57 -2.97 -3.49
CAH 11A I . -5.79 -4.44 -3.16
CAI 11A I . -6.85 -5.03 -4.08
CAJ 11A I . -6.89 -6.54 -3.91
CAK 11A I . -8.00 -7.14 -4.78
CAL 11A I . -7.86 -8.66 -4.80
CAM 11A I . -8.97 -9.26 -5.65
OAC 11A I . -9.56 -8.55 -6.50
OAB 11A I . -9.31 -10.47 -5.48
C7 A1H2V J . 22.20 12.71 14.18
C8 A1H2V J . 23.06 13.39 15.22
C9 A1H2V J . 22.59 13.18 16.65
C1 A1H2V J . 24.85 10.42 8.03
C5 A1H2V J . 24.22 12.33 12.68
C6 A1H2V J . 22.77 12.79 12.76
C4 A1H2V J . 24.84 12.48 11.30
C3 A1H2V J . 24.41 11.44 10.29
C2 A1H2V J . 25.14 11.57 8.97
C10 A1H2V J . 21.38 14.01 17.06
C11 A1H2V J . 21.71 15.47 17.34
C12 A1H2V J . 22.79 15.66 18.38
C13 A1H2V J . 23.05 17.13 18.75
C14 A1H2V J . 22.01 17.71 19.66
C17 A1H2V J . 24.00 18.42 20.78
C18 A1H2V J . 24.40 18.30 22.24
C19 A1H2V J . 25.81 17.79 22.44
C25 A1H2V J . 25.31 16.77 26.49
C26 A1H2V J . 23.97 16.73 27.19
C27 A1H2V J . 23.61 15.33 27.65
C31 A1H2V J . 23.30 16.16 22.63
C33 A1H2V J . 22.22 15.51 23.44
C34 A1H2V J . 21.39 14.55 22.60
C35 A1H2V J . 20.10 14.09 23.27
C36 A1H2V J . 19.32 13.07 22.46
C37 A1H2V J . 19.08 13.48 21.02
C38 A1H2V J . 18.16 14.67 20.84
C39 A1H2V J . 16.73 14.41 21.31
C40 A1H2V J . 15.79 15.56 21.05
C41 A1H2V J . 14.36 15.32 21.55
C42 A1H2V J . 13.68 14.13 20.90
C43 A1H2V J . 12.30 13.84 21.46
C44 A1H2V J . 11.59 12.68 20.79
C45 A1H2V J . 10.26 12.34 21.42
O15 A1H2V J . 20.82 17.61 19.50
O16 A1H2V J . 22.56 18.37 20.69
O20 A1H2V J . 25.97 17.39 23.82
O22 A1H2V J . 27.93 17.93 25.27
O23 A1H2V J . 26.43 19.81 24.41
O24 A1H2V J . 25.58 18.13 26.09
O28 A1H2V J . 23.54 14.43 26.55
O29 A1H2V J . 23.98 17.61 28.30
O30 A1H2V J . 23.43 17.46 22.96
O32 A1H2V J . 23.97 15.60 21.82
P21 A1H2V J . 26.58 18.41 24.88
C7 A1H2V K . 40.11 64.56 18.84
C8 A1H2V K . 38.98 63.57 18.95
C9 A1H2V K . 37.67 64.17 18.48
C1 A1H2V K . 42.66 70.52 20.69
C5 A1H2V K . 40.77 67.00 19.06
C6 A1H2V K . 39.70 65.96 19.25
C4 A1H2V K . 42.00 66.79 19.92
C3 A1H2V K . 42.79 68.05 20.11
C2 A1H2V K . 41.94 69.20 20.62
C10 A1H2V K . 36.47 63.25 18.66
C11 A1H2V K . 36.60 61.94 17.93
C12 A1H2V K . 35.27 61.29 17.65
C13 A1H2V K . 34.41 61.22 18.89
C14 A1H2V K . 34.98 60.23 19.87
C17 A1H2V K . 35.32 57.92 20.25
C18 A1H2V K . 35.93 56.89 19.34
C19 A1H2V K . 36.42 55.69 20.11
C25 A1H2V K . 32.32 53.26 19.14
C26 A1H2V K . 31.95 51.80 19.19
C27 A1H2V K . 32.13 51.12 17.85
C31 A1H2V K . 38.15 57.88 19.20
C33 A1H2V K . 39.09 58.58 18.27
C34 A1H2V K . 39.91 59.66 18.97
C35 A1H2V K . 41.08 59.08 19.75
C36 A1H2V K . 41.46 59.86 20.99
C37 A1H2V K . 41.64 61.34 20.75
C38 A1H2V K . 42.61 62.00 21.70
C39 A1H2V K . 44.00 61.37 21.68
C40 A1H2V K . 45.11 62.37 21.87
C41 A1H2V K . 44.82 63.42 22.91
C42 A1H2V K . 46.05 64.24 23.30
C43 A1H2V K . 46.87 64.68 22.11
C44 A1H2V K . 48.07 65.52 22.50
C45 A1H2V K . 47.73 66.71 23.37
O15 A1H2V K . 35.49 60.51 20.92
O16 A1H2V K . 34.83 58.99 19.41
O20 A1H2V K . 35.79 54.52 19.57
O22 A1H2V K . 35.05 52.68 21.11
O23 A1H2V K . 33.82 54.92 21.07
O24 A1H2V K . 33.76 53.35 19.10
O28 A1H2V K . 31.69 49.77 17.90
O29 A1H2V K . 32.74 51.14 20.18
O30 A1H2V K . 37.00 57.54 18.58
O32 A1H2V K . 38.38 57.68 20.37
P21 A1H2V K . 34.58 53.87 20.37
C15 A1H2V K . 48.92 67.59 23.69
C16 A1H2V K . 48.60 68.67 24.71
C20 A1H2V K . 44.10 70.40 21.15
C21 A1H2V K . 44.55 71.55 22.04
C22 A1H2V K . 44.09 72.90 21.53
C23 A1H2V K . 44.56 74.03 22.41
C1 SHV L . 38.91 67.86 14.96
O1 SHV L . 38.97 66.97 15.84
O2 SHV L . 38.13 67.87 13.99
C2 SHV L . 39.90 69.02 15.11
C3 SHV L . 40.17 69.48 16.53
C4 SHV L . 41.20 70.60 16.62
C5 SHV L . 40.61 71.99 16.37
C6 SHV L . 41.53 73.12 16.80
C7 SHV L . 40.88 74.48 16.67
C1 SHV M . 43.48 62.87 16.24
O1 SHV M . 42.59 63.41 15.56
O2 SHV M . 43.88 61.70 16.13
C2 SHV M . 44.13 63.75 17.31
C3 SHV M . 44.77 65.04 16.85
C4 SHV M . 45.18 65.95 18.00
C5 SHV M . 45.86 67.24 17.56
C6 SHV M . 47.18 67.02 16.83
C7 SHV M . 47.93 68.32 16.57
CAA 11A N . 33.44 73.34 15.89
CAD 11A N . 32.40 73.01 14.82
CAE 11A N . 32.87 73.55 13.46
CAF 11A N . 31.79 73.30 12.42
CAG 11A N . 31.57 71.79 12.26
CAH 11A N . 30.36 71.54 11.36
CAI 11A N . 30.15 70.03 11.20
CAJ 11A N . 29.96 69.39 12.57
CAK 11A N . 29.64 67.91 12.40
CAL 11A N . 28.27 67.76 11.75
CAM 11A N . 28.03 66.29 11.43
OAC 11A N . 28.61 65.39 12.09
OAB 11A N . 27.23 65.97 10.50
CAA 11A O . 49.69 64.00 7.16
CAD 11A O . 48.61 63.07 7.67
CAE 11A O . 47.56 62.84 6.59
CAF 11A O . 46.55 61.79 7.05
CAG 11A O . 45.61 61.45 5.90
CAH 11A O . 44.96 60.09 6.15
CAI 11A O . 44.34 59.58 4.85
CAJ 11A O . 43.88 58.14 5.03
CAK 11A O . 42.72 58.09 6.00
CAL 11A O . 42.17 56.67 6.08
CAM 11A O . 41.03 56.49 5.07
OAC 11A O . 40.93 57.27 4.10
OAB 11A O . 40.19 55.56 5.23
C1 KNA P . 38.85 67.06 9.09
O1 KNA P . 38.16 67.76 8.31
C2 KNA P . 40.19 67.65 9.54
O2 KNA P . 38.53 65.93 9.52
C3 KNA P . 40.18 69.13 9.92
C4 KNA P . 41.50 69.58 10.55
C5 KNA P . 41.55 71.07 10.84
C6 KNA P . 42.78 71.49 11.63
C7 KNA P . 43.46 72.74 11.08
C8 KNA P . 42.64 74.01 11.28
C9 KNA P . 42.58 74.44 12.74
CAA 11A Q . 49.21 57.37 5.92
CAD 11A Q . 48.07 56.51 6.47
CAE 11A Q . 47.42 55.75 5.33
CAF 11A Q . 46.21 54.98 5.86
CAG 11A Q . 45.51 54.27 4.71
CAH 11A Q . 44.31 53.49 5.24
CAI 11A Q . 43.66 52.70 4.10
CAJ 11A Q . 43.15 53.67 3.04
CAK 11A Q . 42.57 52.88 1.87
CAL 11A Q . 41.38 52.04 2.35
CAM 11A Q . 41.01 51.02 1.28
OAC 11A Q . 40.34 51.37 0.28
OAB 11A Q . 41.38 49.81 1.41
CAA 11A R . 41.12 75.00 25.03
CAD 11A R . 40.81 73.73 25.81
CAE 11A R . 40.96 72.52 24.88
CAF 11A R . 39.81 72.49 23.89
CAG 11A R . 38.58 71.86 24.54
CAH 11A R . 38.87 70.40 24.84
CAI 11A R . 38.97 69.63 23.53
CAJ 11A R . 37.60 69.04 23.18
CAK 11A R . 37.51 67.62 23.71
CAL 11A R . 36.30 66.92 23.09
CAM 11A R . 36.58 65.42 22.97
OAC 11A R . 37.68 65.02 22.52
OAB 11A R . 35.70 64.59 23.33
CAA 11A S . 12.67 55.44 31.43
CAD 11A S . 12.45 54.20 32.29
CAE 11A S . 11.56 53.20 31.55
CAF 11A S . 12.21 52.83 30.22
CAG 11A S . 12.59 51.36 30.22
CAH 11A S . 11.32 50.51 30.34
CAI 11A S . 11.54 49.17 29.62
CAJ 11A S . 12.41 48.26 30.48
CAK 11A S . 11.53 47.21 31.16
CAL 11A S . 10.72 46.46 30.10
CAM 11A S . 9.95 45.31 30.77
OAC 11A S . 9.63 45.39 31.98
OAB 11A S . 9.66 44.29 30.10
C1 MYR T . 4.04 7.10 9.00
O1 MYR T . 3.27 6.51 8.20
O2 MYR T . 3.62 8.00 9.76
C2 MYR T . 5.52 6.70 9.04
C3 MYR T . 5.70 5.29 8.46
C4 MYR T . 6.12 5.39 7.00
C5 MYR T . 5.56 4.20 6.23
C6 MYR T . 6.42 3.95 4.99
C7 MYR T . 5.61 3.18 3.95
C8 MYR T . 6.56 2.45 3.01
C9 MYR T . 6.05 2.53 1.59
C10 MYR T . 4.70 1.81 1.48
C11 MYR T . 4.60 1.17 0.10
C12 MYR T . 3.17 0.69 -0.14
C7 A1H2V U . 15.19 7.92 1.42
C8 A1H2V U . 14.68 6.84 2.37
C9 A1H2V U . 15.65 6.50 3.50
C1 A1H2V U . 12.25 11.98 -2.55
C5 A1H2V U . 12.88 8.88 0.94
C6 A1H2V U . 14.17 8.33 0.37
C4 A1H2V U . 11.74 9.01 -0.06
C3 A1H2V U . 11.60 10.39 -0.69
C2 A1H2V U . 12.54 10.67 -1.84
C10 A1H2V U . 16.95 5.85 3.02
C11 A1H2V U . 17.99 5.70 4.12
C12 A1H2V U . 17.59 4.77 5.24
C13 A1H2V U . 17.69 3.29 4.88
C14 A1H2V U . 19.10 2.82 4.69
C17 A1H2V U . 20.48 1.22 3.63
C18 A1H2V U . 20.65 1.04 2.15
C19 A1H2V U . 22.03 0.57 1.79
C25 A1H2V U . 21.32 -3.06 1.38
C26 A1H2V U . 21.09 -3.66 2.75
C27 A1H2V U . 22.06 -4.77 3.06
C31 A1H2V U . 19.99 2.39 0.27
C33 A1H2V U . 19.78 3.80 -0.20
C34 A1H2V U . 18.30 4.15 -0.28
C35 A1H2V U . 18.06 5.51 -0.93
C36 A1H2V U . 18.73 6.66 -0.21
C37 A1H2V U . 18.50 8.01 -0.87
C38 A1H2V U . 19.13 9.17 -0.14
C39 A1H2V U . 18.87 10.51 -0.79
C40 A1H2V U . 17.41 10.82 -1.00
C41 A1H2V U . 17.12 12.26 -1.41
C42 A1H2V U . 17.71 12.66 -2.76
C43 A1H2V U . 17.07 11.96 -3.94
C44 A1H2V U . 17.31 12.66 -5.27
C45 A1H2V U . 16.65 11.99 -6.46
O15 A1H2V U . 20.07 3.34 5.19
O16 A1H2V U . 19.17 1.76 3.89
O20 A1H2V U . 22.02 -0.02 0.47
O22 A1H2V U . 22.31 -1.98 -1.03
O23 A1H2V U . 24.32 -0.99 0.20
O24 A1H2V U . 22.49 -2.22 1.43
O28 A1H2V U . 21.93 -5.84 2.14
O29 A1H2V U . 21.18 -2.63 3.74
O30 A1H2V U . 20.43 2.35 1.54
O32 A1H2V U . 19.80 1.41 -0.40
P21 A1H2V U . 22.88 -1.33 0.16
C15 A1H2V U . 16.62 12.83 -7.72
C16 A1H2V U . 17.98 13.31 -8.15
C20 A1H2V U . 13.08 12.23 -3.79
C21 A1H2V U . 12.71 13.50 -4.54
C22 A1H2V U . 13.51 13.74 -5.81
C23 A1H2V U . 13.09 15.00 -6.55
FE1 FES V . 40.31 18.81 -26.41
FE2 FES V . 42.93 18.33 -26.84
S1 FES V . 41.39 16.91 -26.17
S2 FES V . 41.88 20.27 -26.92
FE1 SF4 W . 24.95 17.54 -17.93
FE2 SF4 W . 23.60 16.95 -20.24
FE3 SF4 W . 26.27 16.39 -20.03
FE4 SF4 W . 25.42 18.99 -20.20
S1 SF4 W . 25.21 17.38 -21.79
S2 SF4 W . 26.97 18.14 -18.76
S3 SF4 W . 23.47 18.88 -19.03
S4 SF4 W . 24.58 15.47 -18.81
FE1 SF4 X . 30.60 18.86 -29.99
FE2 SF4 X . 28.55 20.53 -30.69
FE3 SF4 X . 28.00 18.05 -29.67
FE4 SF4 X . 29.07 18.30 -32.19
S1 SF4 X . 27.03 19.03 -31.47
S2 SF4 X . 29.73 16.85 -30.57
S3 SF4 X . 30.44 20.10 -31.89
S4 SF4 X . 29.05 19.77 -28.60
FE1 SF4 Y . 26.27 10.59 -39.69
FE2 SF4 Y . 25.61 12.74 -38.14
FE3 SF4 Y . 24.24 12.27 -40.46
FE4 SF4 Y . 26.85 13.12 -40.54
S1 SF4 Y . 25.05 14.27 -39.74
S2 SF4 Y . 25.92 11.45 -41.77
S3 SF4 Y . 27.71 12.07 -38.72
S4 SF4 Y . 24.30 10.94 -38.61
FE1 SF4 Z . 23.99 -2.48 -38.65
FE2 SF4 Z . 25.24 -2.63 -41.06
FE3 SF4 Z . 26.61 -1.73 -38.88
FE4 SF4 Z . 24.64 -0.19 -39.99
S1 SF4 Z . 26.60 -0.81 -40.97
S2 SF4 Z . 24.96 -0.60 -37.78
S3 SF4 Z . 23.16 -1.80 -40.65
S4 SF4 Z . 25.75 -3.81 -39.19
PB MGD AA . 14.62 -9.64 -46.35
O1B MGD AA . 13.28 -9.88 -46.96
O2B MGD AA . 15.24 -8.29 -46.18
O3B MGD AA . 15.67 -10.75 -46.79
O3A MGD AA . 15.99 -11.45 -49.03
PA MGD AA . 15.99 -12.13 -47.47
O1A MGD AA . 17.40 -12.58 -47.23
O2A MGD AA . 14.83 -13.08 -47.39
O5' MGD AA . 14.37 -10.38 -44.78
C5' MGD AA . 13.64 -11.52 -44.73
C4' MGD AA . 12.65 -11.49 -43.56
O4' MGD AA . 13.38 -11.74 -42.38
C3' MGD AA . 11.96 -10.13 -43.35
O3' MGD AA . 10.65 -10.30 -43.79
C2' MGD AA . 11.95 -9.94 -41.81
O2' MGD AA . 10.64 -9.82 -41.38
C1' MGD AA . 12.58 -11.29 -41.32
N9 MGD AA . 13.45 -11.12 -40.16
C8 MGD AA . 14.19 -10.00 -39.73
N7 MGD AA . 14.87 -10.25 -38.59
C5 MGD AA . 14.57 -11.58 -38.28
C6 MGD AA . 15.01 -12.39 -37.19
O6 MGD AA . 15.75 -12.12 -36.25
N1 MGD AA . 14.47 -13.72 -37.22
C2 MGD AA . 13.60 -14.14 -38.23
N2 MGD AA . 13.14 -15.48 -38.16
N3 MGD AA . 13.18 -13.41 -39.26
C4 MGD AA . 13.69 -12.12 -39.24
C10 MGD AA . 16.95 -10.62 -49.51
C11 MGD AA . 17.56 -11.42 -50.70
O11 MGD AA . 17.16 -10.77 -51.86
C12 MGD AA . 19.04 -11.47 -50.65
S12 MGD AA . 19.57 -11.21 -49.03
C13 MGD AA . 19.78 -11.42 -51.77
S13 MGD AA . 21.50 -11.27 -51.60
C14 MGD AA . 19.14 -11.29 -53.12
N15 MGD AA . 19.40 -9.95 -53.63
C16 MGD AA . 18.60 -9.56 -54.70
C17 MGD AA . 19.13 -8.54 -55.60
O17 MGD AA . 20.22 -7.98 -55.52
N18 MGD AA . 18.29 -8.16 -56.68
C19 MGD AA . 17.04 -8.77 -56.82
N19 MGD AA . 16.24 -8.37 -57.91
N20 MGD AA . 16.55 -9.70 -56.01
C21 MGD AA . 17.36 -10.08 -54.94
N22 MGD AA . 16.81 -11.07 -54.10
C23 MGD AA . 17.59 -11.52 -52.95
PB MGD BA . 23.40 -3.54 -54.30
O1B MGD BA . 22.63 -2.34 -53.90
O2B MGD BA . 22.88 -4.63 -55.17
O3B MGD BA . 24.29 -4.10 -53.11
O3A MGD BA . 24.66 -5.54 -51.25
PA MGD BA . 25.52 -4.97 -52.60
O1A MGD BA . 26.64 -4.14 -52.07
O2A MGD BA . 25.72 -6.14 -53.51
O5' MGD BA . 24.77 -2.78 -55.07
C5' MGD BA . 25.50 -3.51 -55.96
C4' MGD BA . 26.16 -2.60 -57.00
O4' MGD BA . 26.68 -3.41 -58.01
C3' MGD BA . 25.18 -1.65 -57.69
O3' MGD BA . 25.22 -0.46 -56.96
C2' MGD BA . 25.83 -1.42 -59.07
O2' MGD BA . 26.55 -0.24 -59.03
C1' MGD BA . 26.81 -2.64 -59.18
N9 MGD BA . 26.52 -3.48 -60.33
C8 MGD BA . 25.27 -3.92 -60.86
N7 MGD BA . 25.44 -4.69 -61.95
C5 MGD BA . 26.82 -4.76 -62.15
C6 MGD BA . 27.58 -5.43 -63.16
O6 MGD BA . 27.22 -6.13 -64.09
N1 MGD BA . 29.00 -5.25 -63.01
C2 MGD BA . 29.55 -4.48 -61.97
N2 MGD BA . 30.95 -4.37 -61.93
N3 MGD BA . 28.85 -3.84 -61.03
C4 MGD BA . 27.49 -4.01 -61.15
C10 MGD BA . 24.37 -6.85 -51.09
C11 MGD BA . 24.20 -7.06 -49.56
O11 MGD BA . 23.81 -5.81 -49.06
C12 MGD BA . 23.19 -8.12 -49.26
S12 MGD BA . 23.67 -9.59 -50.05
C13 MGD BA . 22.32 -7.97 -48.25
S13 MGD BA . 21.74 -9.43 -47.48
C14 MGD BA . 22.17 -6.64 -47.56
N15 MGD BA . 21.13 -5.88 -48.22
C16 MGD BA . 21.05 -4.54 -47.85
C17 MGD BA . 19.78 -3.88 -47.94
O17 MGD BA . 18.72 -4.37 -48.33
N18 MGD BA . 19.75 -2.52 -47.55
C19 MGD BA . 20.92 -1.91 -47.10
N19 MGD BA . 20.84 -0.54 -46.72
N20 MGD BA . 22.10 -2.51 -47.01
C21 MGD BA . 22.15 -3.84 -47.39
N22 MGD BA . 23.41 -4.46 -47.28
C23 MGD BA . 23.53 -5.87 -47.69
MO 4MO CA . 21.92 -11.01 -49.27
S H2S DA . 22.17 -12.82 -47.73
C1 MQ7 EA . 22.90 23.23 -13.05
O1 MQ7 EA . 23.35 24.37 -13.07
C2 MQ7 EA . 21.46 22.99 -13.32
C2M MQ7 EA . 20.64 24.19 -13.63
C3 MQ7 EA . 20.95 21.72 -13.24
C4 MQ7 EA . 21.83 20.56 -13.01
O4 MQ7 EA . 21.37 19.42 -13.04
C5 MQ7 EA . 23.26 20.78 -12.76
C6 MQ7 EA . 24.11 19.71 -12.49
C7 MQ7 EA . 25.45 19.92 -12.27
C8 MQ7 EA . 25.97 21.20 -12.31
C9 MQ7 EA . 25.14 22.28 -12.57
C10 MQ7 EA . 23.78 22.08 -12.78
C11 MQ7 EA . 19.48 21.41 -13.41
C12 MQ7 EA . 18.84 20.99 -12.12
C13 MQ7 EA . 17.54 20.91 -11.87
C14 MQ7 EA . 16.48 21.24 -12.87
C15 MQ7 EA . 17.03 20.48 -10.52
C16 MQ7 EA . 16.19 19.19 -10.57
C17 MQ7 EA . 14.99 19.27 -9.67
C18 MQ7 EA . 14.80 18.65 -8.52
C19 MQ7 EA . 15.81 17.71 -7.90
C20 MQ7 EA . 13.51 18.81 -7.74
C21 MQ7 EA . 12.60 19.88 -8.36
C22 MQ7 EA . 11.30 20.00 -7.61
C23 MQ7 EA . 10.14 19.42 -7.91
C24 MQ7 EA . 9.94 18.50 -9.09
C25 MQ7 EA . 8.90 19.68 -7.09
C26 MQ7 EA . 8.95 19.03 -5.70
C27 MQ7 EA . 9.25 20.02 -4.61
C28 MQ7 EA . 8.62 20.18 -3.46
C29 MQ7 EA . 7.46 19.34 -3.02
C30 MQ7 EA . 9.06 21.24 -2.48
C31 MQ7 EA . 8.52 22.65 -2.80
C32 MQ7 EA . 7.07 22.78 -2.43
C33 MQ7 EA . 6.52 23.71 -1.66
C34 MQ7 EA . 7.30 24.81 -1.00
C35 MQ7 EA . 5.03 23.72 -1.40
C36 MQ7 EA . 4.69 23.39 0.07
C37 MQ7 EA . 3.20 23.34 0.28
C38 MQ7 EA . 2.43 24.26 0.82
C39 MQ7 EA . 2.93 25.58 1.34
C40 MQ7 EA . 0.93 24.05 0.94
C41 MQ7 EA . 0.55 23.07 2.05
C42 MQ7 EA . 0.79 23.65 3.42
C43 MQ7 EA . 0.58 23.08 4.60
C44 MQ7 EA . 0.86 23.77 5.90
C45 MQ7 EA . 0.03 21.70 4.74
C1 MYR FA . 10.11 5.75 3.54
O1 MYR FA . 9.12 4.96 3.54
O2 MYR FA . 10.81 5.88 4.57
C2 MYR FA . 10.45 6.53 2.28
C3 MYR FA . 9.84 5.84 1.06
C4 MYR FA . 8.52 6.51 0.69
C5 MYR FA . 7.58 5.48 0.09
C6 MYR FA . 6.55 6.18 -0.79
C7 MYR FA . 5.31 5.31 -0.93
C8 MYR FA . 4.57 5.70 -2.21
C9 MYR FA . 3.07 5.68 -1.96
C10 MYR FA . 2.61 4.26 -1.62
C11 MYR FA . 1.21 4.05 -2.17
C12 MYR FA . 0.62 2.76 -1.60
C7 A1H2V GA . 5.31 15.84 -4.03
C8 A1H2V GA . 6.05 14.56 -4.40
C9 A1H2V GA . 7.34 14.80 -5.17
C1 A1H2V GA . 1.04 17.28 0.51
C5 A1H2V GA . 4.38 14.93 -1.84
C6 A1H2V GA . 4.08 15.61 -3.17
C4 A1H2V GA . 3.16 14.41 -1.09
C3 A1H2V GA . 2.60 15.36 -0.05
C2 A1H2V GA . 1.72 16.47 -0.59
C10 A1H2V GA . 7.14 15.38 -6.56
C11 A1H2V GA . 8.43 15.80 -7.25
C12 A1H2V GA . 9.37 14.65 -7.55
C13 A1H2V GA . 8.94 13.81 -8.76
C14 A1H2V GA . 9.05 14.55 -10.06
C17 A1H2V GA . 8.23 14.69 -12.27
C18 A1H2V GA . 6.82 15.00 -12.67
C19 A1H2V GA . 6.76 15.75 -13.97
C25 A1H2V GA . 5.97 12.90 -16.24
C26 A1H2V GA . 7.21 12.04 -16.39
C27 A1H2V GA . 7.66 11.93 -17.82
C31 A1H2V GA . 4.94 15.82 -11.44
C33 A1H2V GA . 4.52 16.71 -10.30
C34 A1H2V GA . 4.12 15.91 -9.06
C35 A1H2V GA . 3.52 16.78 -7.97
C36 A1H2V GA . 4.45 17.87 -7.49
C37 A1H2V GA . 3.83 18.75 -6.40
C38 A1H2V GA . 4.76 19.82 -5.88
C39 A1H2V GA . 4.15 20.67 -4.78
C40 A1H2V GA . 3.63 19.87 -3.60
C41 A1H2V GA . 3.26 20.71 -2.40
C42 A1H2V GA . 2.12 21.68 -2.63
C43 A1H2V GA . 0.77 21.01 -2.85
C44 A1H2V GA . -0.42 21.92 -2.64
C45 A1H2V GA . -1.77 21.25 -2.83
O15 A1H2V GA . 9.80 15.48 -10.26
O16 A1H2V GA . 8.23 14.05 -10.98
O20 A1H2V GA . 5.43 15.62 -14.54
O22 A1H2V GA . 3.91 14.84 -16.35
O23 A1H2V GA . 5.63 16.67 -16.82
O24 A1H2V GA . 6.33 14.29 -16.39
O28 A1H2V GA . 6.67 11.33 -18.63
O29 A1H2V GA . 8.26 12.59 -15.58
O30 A1H2V GA . 6.26 15.84 -11.62
O32 A1H2V GA . 4.18 15.17 -12.11
P21 A1H2V GA . 5.24 15.43 -16.12
C15 A1H2V GA . -2.94 22.06 -2.31
C16 A1H2V GA . -3.02 23.44 -2.90
C20 A1H2V GA . 0.03 18.30 0.01
C21 A1H2V GA . -0.69 19.04 1.11
C22 A1H2V GA . -1.74 20.04 0.63
C23 A1H2V GA . -2.47 20.73 1.76
CAD 11A HA . -2.81 -1.99 1.36
CAE 11A HA . -3.98 -2.94 1.57
CAF 11A HA . -3.67 -4.28 0.92
CAG 11A HA . -4.84 -5.23 1.11
CAH 11A HA . -4.66 -6.44 0.20
CAI 11A HA . -5.83 -7.40 0.37
CAJ 11A HA . -5.77 -8.47 -0.71
CAK 11A HA . -6.90 -9.48 -0.51
CAL 11A HA . -6.98 -10.39 -1.73
CAM 11A HA . -8.10 -11.42 -1.53
OAC 11A HA . -9.02 -11.18 -0.70
OAB 11A HA . -8.09 -12.49 -2.18
C7 A1H2V IA . 19.59 21.38 -3.77
C8 A1H2V IA . 20.85 22.23 -3.72
C9 A1H2V IA . 22.11 21.46 -3.41
C1 A1H2V IA . 14.07 23.03 -7.88
C5 A1H2V IA . 18.57 22.89 -5.54
C6 A1H2V IA . 18.35 22.14 -4.24
C4 A1H2V IA . 17.38 23.72 -5.99
C3 A1H2V IA . 16.23 22.93 -6.58
C2 A1H2V IA . 15.12 23.81 -7.12
C10 A1H2V IA . 22.29 21.07 -1.95
C11 A1H2V IA . 22.73 22.22 -1.06
C12 A1H2V IA . 24.00 22.90 -1.52
C13 A1H2V IA . 24.51 23.99 -0.57
C14 A1H2V IA . 25.20 23.44 0.65
C17 A1H2V IA . 26.78 25.10 -0.03
C18 A1H2V IA . 28.28 25.00 -0.22
C19 A1H2V IA . 28.76 25.63 -1.51
C25 A1H2V IA . 32.53 23.74 -1.51
C26 A1H2V IA . 32.90 22.61 -0.58
C27 A1H2V IA . 33.18 21.32 -1.33
C31 A1H2V IA . 28.28 22.71 -1.04
C33 A1H2V IA . 28.78 21.33 -0.72
C34 A1H2V IA . 27.71 20.27 -0.97
C35 A1H2V IA . 28.05 18.90 -0.39
C36 A1H2V IA . 27.02 17.84 -0.72
C37 A1H2V IA . 25.59 18.24 -0.41
C38 A1H2V IA . 25.29 18.41 1.07
C39 A1H2V IA . 25.40 17.12 1.87
C40 A1H2V IA . 25.01 17.27 3.33
C41 A1H2V IA . 25.16 15.99 4.14
C42 A1H2V IA . 24.29 14.84 3.64
C43 A1H2V IA . 24.51 13.54 4.40
C44 A1H2V IA . 23.62 12.40 3.94
C45 A1H2V IA . 23.92 11.09 4.63
O15 A1H2V IA . 24.76 22.56 1.35
O16 A1H2V IA . 26.36 24.05 0.88
O20 A1H2V IA . 30.11 25.19 -1.77
O22 A1H2V IA . 32.00 26.64 -2.51
O23 A1H2V IA . 30.94 27.00 -0.21
O24 A1H2V IA . 32.28 24.93 -0.72
O28 A1H2V IA . 32.04 20.90 -2.07
O29 A1H2V IA . 34.03 22.97 0.19
O30 A1H2V IA . 28.70 23.60 -0.13
O32 A1H2V IA . 27.60 22.98 -1.99
P21 A1H2V IA . 31.35 26.08 -1.30
C7 A1H2V JA . 31.42 67.83 23.32
C8 A1H2V JA . 31.20 66.34 23.36
C9 A1H2V JA . 30.49 65.89 24.61
C1 A1H2V JA . 34.17 73.25 26.25
C5 A1H2V JA . 31.94 69.88 24.72
C6 A1H2V JA . 31.81 68.38 24.68
C4 A1H2V JA . 33.03 70.44 23.84
C3 A1H2V JA . 33.48 71.81 24.28
C2 A1H2V JA . 33.85 71.86 25.74
C10 A1H2V JA . 30.34 64.39 24.74
C11 A1H2V JA . 29.58 63.76 23.61
C12 A1H2V JA . 28.96 62.44 23.98
C13 A1H2V JA . 29.97 61.51 24.63
C14 A1H2V JA . 30.99 61.06 23.63
C17 A1H2V JA . 31.29 59.68 21.72
C18 A1H2V JA . 30.48 59.62 20.46
C19 A1H2V JA . 31.26 59.00 19.33
C25 A1H2V JA . 29.24 54.65 20.14
C26 A1H2V JA . 29.11 53.41 19.30
C27 A1H2V JA . 27.81 53.36 18.54
C31 A1H2V JA . 30.91 61.89 19.71
C33 A1H2V JA . 30.26 63.22 19.50
C34 A1H2V JA . 31.20 64.38 19.84
C35 A1H2V JA . 32.18 64.67 18.71
C36 A1H2V JA . 33.52 65.20 19.17
C37 A1H2V JA . 33.42 66.37 20.13
C38 A1H2V JA . 34.60 67.31 20.07
C39 A1H2V JA . 34.86 67.88 18.69
C40 A1H2V JA . 35.36 69.31 18.71
C41 A1H2V JA . 36.37 69.58 19.79
C42 A1H2V JA . 37.07 70.92 19.63
C43 A1H2V JA . 36.14 72.05 19.29
C44 A1H2V JA . 36.83 73.39 19.16
C45 A1H2V JA . 37.68 73.76 20.36
O15 A1H2V JA . 32.14 61.39 23.60
O16 A1H2V JA . 30.44 60.22 22.75
O20 A1H2V JA . 30.52 57.88 18.82
O22 A1H2V JA . 31.74 55.81 18.11
O23 A1H2V JA . 31.56 56.43 20.58
O24 A1H2V JA . 29.53 55.74 19.24
O28 A1H2V JA . 27.68 52.14 17.83
O29 A1H2V JA . 30.21 53.33 18.39
O30 A1H2V JA . 30.02 60.97 20.15
O32 A1H2V JA . 32.09 61.68 19.53
P21 A1H2V JA . 30.99 56.41 19.22
C15 A1H2V JA . 38.32 75.13 20.26
C16 A1H2V JA . 39.30 75.41 21.37
C20 A1H2V JA . 34.93 74.09 25.26
C21 A1H2V JA . 35.97 74.99 25.91
C22 A1H2V JA . 35.46 75.68 27.16
C23 A1H2V JA . 36.49 76.59 27.78
C1 SHV KA . 27.58 69.98 26.15
O1 SHV KA . 28.40 69.25 25.55
O2 SHV KA . 26.46 69.64 26.58
C2 SHV KA . 28.03 71.43 26.38
C3 SHV KA . 29.50 71.64 26.69
C4 SHV KA . 29.88 73.10 26.85
C5 SHV KA . 29.59 73.66 28.24
C6 SHV KA . 30.29 74.98 28.52
C7 SHV KA . 30.11 75.46 29.95
C1 SHV LA . 29.54 69.65 19.56
O1 SHV LA . 28.71 69.52 20.48
O2 SHV LA . 29.46 69.18 18.42
C2 SHV LA . 30.79 70.47 19.90
C3 SHV LA . 30.57 71.89 20.38
C4 SHV LA . 31.84 72.55 20.91
C5 SHV LA . 31.64 73.99 21.37
C6 SHV LA . 31.22 74.94 20.26
C7 SHV LA . 31.22 76.40 20.69
CAA 11A MA . 27.59 69.54 33.94
CAD 11A MA . 26.29 68.81 34.27
CAE 11A MA . 25.12 69.78 34.22
CAF 11A MA . 23.84 69.06 34.63
CAG 11A MA . 23.54 67.93 33.64
CAH 11A MA . 22.38 67.09 34.16
CAI 11A MA . 22.08 65.97 33.17
CAJ 11A MA . 23.33 65.12 32.96
CAK 11A MA . 23.00 63.93 32.06
CAL 11A MA . 22.05 62.98 32.79
CAM 11A MA . 21.59 61.90 31.82
OAC 11A MA . 22.31 61.58 30.84
OAB 11A MA . 20.49 61.31 32.02
CAA 11A NA . 22.19 76.74 15.33
CAD 11A NA . 22.39 75.23 15.41
CAE 11A NA . 21.08 74.56 15.82
CAF 11A NA . 21.24 73.04 15.75
CAG 11A NA . 19.88 72.38 16.00
CAH 11A NA . 19.90 70.96 15.45
CAI 11A NA . 18.46 70.45 15.34
CAJ 11A NA . 18.45 69.12 14.60
CAK 11A NA . 19.12 68.05 15.44
CAL 11A NA . 18.98 66.70 14.75
CAM 11A NA . 17.74 65.98 15.27
OAC 11A NA . 16.82 66.63 15.82
OAB 11A NA . 17.64 64.72 15.16
C1 KNA OA . 21.81 70.63 24.98
O1 KNA OA . 20.94 70.78 25.87
C2 KNA OA . 22.58 71.89 24.58
O2 KNA OA . 22.09 69.56 24.40
C3 KNA OA . 23.05 72.79 25.72
C4 KNA OA . 23.99 73.90 25.25
C5 KNA OA . 24.38 74.88 26.35
C6 KNA OA . 25.45 75.87 25.93
C7 KNA OA . 25.14 77.31 26.35
C8 KNA OA . 25.23 77.52 27.85
C9 KNA OA . 26.66 77.46 28.37
CAA 11A PA . 20.46 72.23 10.60
CAD 11A PA . 20.69 70.73 10.77
CAE 11A PA . 19.38 69.99 10.51
CAF 11A PA . 19.58 68.50 10.80
CAG 11A PA . 18.25 67.77 10.62
CAH 11A PA . 18.46 66.28 10.89
CAI 11A PA . 17.15 65.52 10.61
CAJ 11A PA . 16.06 66.03 11.56
CAK 11A PA . 14.75 65.33 11.23
CAL 11A PA . 14.89 63.83 11.45
CAM 11A PA . 13.71 63.10 10.82
OAC 11A PA . 12.60 63.07 11.41
OAB 11A PA . 13.83 62.53 9.70
CAA 11A QA . 38.31 74.23 31.06
CAD 11A QA . 38.93 73.00 30.41
CAE 11A QA . 37.98 72.49 29.31
CAF 11A QA . 36.75 71.85 29.94
CAG 11A QA . 37.07 70.42 30.36
CAH 11A QA . 37.34 69.59 29.12
CAI 11A QA . 36.04 69.42 28.34
CAJ 11A QA . 35.35 68.12 28.77
CAK 11A QA . 35.76 67.00 27.83
CAL 11A QA . 34.84 65.79 28.05
CAM 11A QA . 34.69 65.01 26.74
OAC 11A QA . 34.48 65.63 25.66
OAB 11A QA . 34.79 63.76 26.74
CAA 11A RA . 36.89 39.50 36.07
CAD 11A RA . 37.60 38.34 35.39
CAE 11A RA . 36.61 37.19 35.16
CAF 11A RA . 35.44 37.68 34.31
CAG 11A RA . 35.44 36.97 32.97
CAH 11A RA . 35.22 35.47 33.19
CAI 11A RA . 34.48 34.89 31.97
CAJ 11A RA . 35.45 34.72 30.81
CAK 11A RA . 35.85 33.25 30.69
CAL 11A RA . 34.59 32.39 30.56
CAM 11A RA . 34.99 30.94 30.28
OAC 11A RA . 36.11 30.50 30.69
OAB 11A RA . 34.21 30.18 29.65
FE1 FES SA . -15.39 46.88 -15.55
FE2 FES SA . -15.24 48.52 -17.68
S1 FES SA . -15.03 46.33 -17.65
S2 FES SA . -15.43 49.09 -15.56
FE1 SF4 TA . -10.69 33.28 -5.42
FE2 SF4 TA . -13.28 32.41 -5.21
FE3 SF4 TA . -12.51 33.90 -7.36
FE4 SF4 TA . -12.70 35.06 -4.89
S1 SF4 TA . -14.40 34.17 -6.12
S2 SF4 TA . -11.01 35.31 -6.40
S3 SF4 TA . -12.01 33.35 -3.55
S4 SF4 TA . -11.77 31.82 -6.80
FE1 SF4 UA . -21.05 40.72 -9.46
FE2 SF4 UA . -22.10 40.52 -6.94
FE3 SF4 UA . -21.39 38.26 -8.31
FE4 SF4 UA . -23.57 39.72 -9.10
S1 SF4 UA . -23.30 38.60 -7.13
S2 SF4 UA . -21.94 38.88 -10.44
S3 SF4 UA . -22.87 41.84 -8.63
S4 SF4 UA . -20.00 39.93 -7.61
FE1 SF4 VA . -31.99 34.14 -13.76
FE2 SF4 VA . -30.49 34.78 -11.56
FE3 SF4 VA . -33.08 33.97 -11.25
FE4 SF4 VA . -32.52 36.42 -12.35
S1 SF4 VA . -32.07 35.73 -10.23
S2 SF4 VA . -34.03 34.90 -13.11
S3 SF4 VA . -30.62 35.95 -13.51
S4 SF4 VA . -31.36 32.73 -12.08
FE1 SF4 WA . -32.30 23.56 -21.83
FE2 SF4 WA . -34.38 24.86 -23.03
FE3 SF4 WA . -31.89 25.98 -23.04
FE4 SF4 WA . -33.32 25.83 -20.70
S1 SF4 WA . -33.86 27.03 -22.57
S2 SF4 WA . -31.12 25.33 -20.99
S3 SF4 WA . -34.39 23.85 -20.99
S4 SF4 WA . -32.51 24.04 -24.04
PB MGD XA . -42.35 13.69 -21.75
O1B MGD XA . -43.27 12.71 -21.11
O2B MGD XA . -41.97 15.00 -21.15
O3B MGD XA . -42.62 13.80 -23.32
O3A MGD XA . -44.76 14.03 -24.29
PA MGD XA . -43.29 13.25 -24.63
O1A MGD XA . -42.77 13.90 -25.87
O2A MGD XA . -43.54 11.77 -24.56
O5' MGD XA . -40.94 12.70 -21.97
C5' MGD XA . -41.12 11.41 -22.33
C4' MGD XA . -40.20 10.47 -21.53
O4' MGD XA . -38.90 10.58 -22.07
C3' MGD XA . -40.07 10.84 -20.04
O3' MGD XA . -40.80 9.89 -19.34
C2' MGD XA . -38.56 10.64 -19.73
O2' MGD XA . -38.44 9.70 -18.73
C1' MGD XA . -38.03 10.09 -21.10
N9 MGD XA . -36.70 10.58 -21.42
C8 MGD XA . -36.04 11.77 -21.03
N7 MGD XA . -34.80 11.85 -21.55
C5 MGD XA . -34.64 10.67 -22.30
C6 MGD XA . -33.53 10.23 -23.08
O6 MGD XA . -32.44 10.74 -23.28
N1 MGD XA . -33.76 8.95 -23.72
C2 MGD XA . -34.98 8.26 -23.56
N2 MGD XA . -35.10 7.03 -24.24
N3 MGD XA . -36.03 8.67 -22.84
C4 MGD XA . -35.81 9.89 -22.23
C10 MGD XA . -44.96 15.37 -24.36
C11 MGD XA . -46.03 15.52 -25.48
O11 MGD XA . -47.21 15.91 -24.86
C12 MGD XA . -45.66 16.54 -26.50
S12 MGD XA . -43.94 16.75 -26.49
C13 MGD XA . -46.57 17.33 -27.07
S13 MGD XA . -46.01 18.62 -28.07
C14 MGD XA . -48.02 17.23 -26.69
N15 MGD XA . -48.38 18.42 -25.93
C16 MGD XA . -49.57 18.34 -25.22
C17 MGD XA . -50.26 19.59 -24.91
O17 MGD XA . -49.90 20.72 -25.21
N18 MGD XA . -51.47 19.47 -24.19
C19 MGD XA . -51.93 18.20 -23.83
N19 MGD XA . -53.15 18.12 -23.11
N20 MGD XA . -51.31 17.05 -24.10
C21 MGD XA . -50.12 17.15 -24.81
N22 MGD XA . -49.49 15.93 -25.09
C23 MGD XA . -48.22 15.94 -25.82
PB MGD YA . -47.72 25.71 -23.89
O1B MGD YA . -47.43 25.87 -22.45
O2B MGD YA . -48.75 24.79 -24.45
O3B MGD YA . -46.39 25.71 -24.77
O3A MGD YA . -44.59 24.63 -25.88
PA MGD YA . -45.68 25.91 -26.17
O1A MGD YA . -44.86 27.15 -26.25
O2A MGD YA . -46.58 25.47 -27.27
O5' MGD YA . -48.11 27.35 -24.31
C5' MGD YA . -48.86 27.57 -25.44
C4' MGD YA . -49.66 28.87 -25.30
O4' MGD YA . -50.58 28.91 -26.36
C3' MGD YA . -50.50 28.95 -24.03
O3' MGD YA . -49.70 29.62 -23.10
C2' MGD YA . -51.67 29.85 -24.44
O2' MGD YA . -51.40 31.15 -24.03
C1' MGD YA . -51.63 29.77 -26.00
N9 MGD YA . -52.87 29.23 -26.55
C8 MGD YA . -53.69 28.16 -26.11
N7 MGD YA . -54.77 27.99 -26.91
C5 MGD YA . -54.65 28.98 -27.90
C6 MGD YA . -55.50 29.28 -29.00
O6 MGD YA . -56.53 28.75 -29.38
N1 MGD YA . -55.03 30.38 -29.80
C2 MGD YA . -53.85 31.07 -29.47
N2 MGD YA . -53.48 32.14 -30.32
N3 MGD YA . -53.05 30.81 -28.45
C4 MGD YA . -53.49 29.74 -27.68
C10 MGD YA . -44.58 23.51 -26.64
C11 MGD YA . -43.15 22.94 -26.53
O11 MGD YA . -42.67 23.39 -25.29
C12 MGD YA . -43.15 21.44 -26.61
S12 MGD YA . -43.90 20.97 -28.10
C13 MGD YA . -42.35 20.71 -25.82
S13 MGD YA . -41.84 19.16 -26.43
C14 MGD YA . -41.64 21.35 -24.66
N15 MGD YA . -42.46 21.25 -23.48
C16 MGD YA . -42.04 22.02 -22.39
C17 MGD YA . -42.38 21.56 -21.07
O17 MGD YA . -43.02 20.56 -20.77
N18 MGD YA . -41.92 22.37 -20.00
C19 MGD YA . -41.18 23.52 -20.27
N19 MGD YA . -40.74 24.29 -19.17
N20 MGD YA . -40.86 23.94 -21.49
C21 MGD YA . -41.30 23.17 -22.55
N22 MGD YA . -40.95 23.63 -23.83
C23 MGD YA . -41.41 22.86 -25.00
MO 4MO ZA . -43.63 18.61 -27.92
S H2S AB . -42.19 17.25 -29.26
C1 MQ7 BB . -6.05 34.60 0.67
O1 MQ7 BB . -5.90 35.69 1.23
C2 MQ7 BB . -6.66 33.46 1.42
C2M MQ7 BB . -7.08 33.75 2.83
C3 MQ7 BB . -6.77 32.24 0.83
C4 MQ7 BB . -6.42 32.04 -0.59
O4 MQ7 BB . -6.63 30.96 -1.13
C5 MQ7 BB . -5.84 33.16 -1.34
C6 MQ7 BB . -5.46 32.99 -2.67
C7 MQ7 BB . -4.93 34.05 -3.39
C8 MQ7 BB . -4.77 35.28 -2.79
C9 MQ7 BB . -5.14 35.47 -1.46
C10 MQ7 BB . -5.67 34.41 -0.73
C11 MQ7 BB . -7.30 31.02 1.56
C12 MQ7 BB . -6.21 30.01 1.80
C13 MQ7 BB . -6.27 28.97 2.64
C14 MQ7 BB . -7.46 28.65 3.48
C15 MQ7 BB . -5.09 28.04 2.80
C16 MQ7 BB . -5.42 26.59 2.39
C17 MQ7 BB . -4.81 25.60 3.34
C18 MQ7 BB . -3.77 24.81 3.12
C19 MQ7 BB . -3.00 24.77 1.83
C20 MQ7 BB . -3.29 23.83 4.19
C21 MQ7 BB . -4.04 24.02 5.51
C22 MQ7 BB . -3.59 23.02 6.55
C23 MQ7 BB . -4.18 21.87 6.85
C24 MQ7 BB . -5.43 21.36 6.17
C25 MQ7 BB . -3.65 20.99 7.95
C26 MQ7 BB . -2.33 20.29 7.58
C27 MQ7 BB . -1.14 20.94 8.24
C28 MQ7 BB . -0.15 20.36 8.89
C29 MQ7 BB . -0.04 18.88 9.09
C30 MQ7 BB . 0.97 21.17 9.49
C31 MQ7 BB . 0.62 21.80 10.86
C32 MQ7 BB . 0.66 20.77 11.96
C33 MQ7 BB . 1.34 20.84 13.09
C34 MQ7 BB . 2.23 21.99 13.46
C35 MQ7 BB . 1.26 19.72 14.11
C36 MQ7 BB . 2.59 18.96 14.25
C37 MQ7 BB . 2.46 17.81 15.22
C38 MQ7 BB . 2.86 17.76 16.47
C39 MQ7 BB . 3.56 18.90 17.18
C40 MQ7 BB . 2.63 16.53 17.32
C41 MQ7 BB . 3.56 15.37 16.97
C42 MQ7 BB . 4.99 15.64 17.38
C43 MQ7 BB . 6.04 14.86 17.23
C44 MQ7 BB . 7.42 15.26 17.68
C45 MQ7 BB . 5.97 13.51 16.58
C1 MYR CB . 6.09 10.32 -2.05
O1 MYR CB . 5.81 9.09 -1.98
O2 MYR CB . 7.26 10.69 -2.31
C2 MYR CB . 4.99 11.35 -1.83
C3 MYR CB . 3.62 10.71 -2.07
C4 MYR CB . 3.00 10.29 -0.74
C5 MYR CB . 2.14 9.05 -0.95
C6 MYR CB . 1.10 8.97 0.16
C7 MYR CB . 0.62 7.53 0.32
C8 MYR CB . -0.76 7.53 0.97
C9 MYR CB . -0.86 6.39 1.97
C10 MYR CB . -0.72 5.05 1.26
C11 MYR CB . -1.58 4.02 1.97
C12 MYR CB . -1.25 2.62 1.46
C7 A1H2V DB . -1.73 15.22 7.81
C8 A1H2V DB . -2.00 14.97 6.33
C9 A1H2V DB . -2.44 16.21 5.56
C1 A1H2V DB . 1.81 12.18 12.18
C5 A1H2V DB . 0.13 13.49 7.98
C6 A1H2V DB . -1.18 14.00 8.54
C4 A1H2V DB . 0.55 12.11 8.48
C3 A1H2V DB . 1.50 12.13 9.67
C2 A1H2V DB . 0.85 12.35 11.02
C10 A1H2V DB . -3.80 16.74 5.99
C11 A1H2V DB . -4.16 18.09 5.37
C12 A1H2V DB . -4.31 18.06 3.86
C13 A1H2V DB . -5.63 17.45 3.39
C14 A1H2V DB . -6.82 18.29 3.73
C17 A1H2V DB . -9.15 18.26 4.14
C18 A1H2V DB . -9.84 17.53 5.26
C19 A1H2V DB . -11.07 18.26 5.72
C25 A1H2V DB . -13.63 16.27 3.89
C26 A1H2V DB . -13.55 16.62 2.42
C27 A1H2V DB . -14.84 17.17 1.88
C31 A1H2V DB . -9.01 16.48 7.25
C33 A1H2V DB . -7.95 16.54 8.31
C34 A1H2V DB . -6.88 15.46 8.11
C35 A1H2V DB . -5.91 15.39 9.27
C36 A1H2V DB . -5.15 16.67 9.51
C37 A1H2V DB . -4.18 16.59 10.69
C38 A1H2V DB . -3.40 17.87 10.93
C39 A1H2V DB . -2.42 17.77 12.07
C40 A1H2V DB . -1.43 16.62 11.95
C41 A1H2V DB . -0.30 16.66 12.95
C42 A1H2V DB . -0.72 16.54 14.40
C43 A1H2V DB . -1.29 15.18 14.77
C44 A1H2V DB . -1.29 14.89 16.26
C45 A1H2V DB . -1.82 13.52 16.63
O15 A1H2V DB . -6.79 19.48 3.91
O16 A1H2V DB . -7.93 17.55 3.81
O20 A1H2V DB . -11.93 17.35 6.45
O22 A1H2V DB . -14.08 16.12 6.68
O23 A1H2V DB . -14.03 18.67 6.85
O24 A1H2V DB . -13.61 17.49 4.67
O28 A1H2V DB . -15.89 16.22 2.00
O29 A1H2V DB . -12.49 17.56 2.22
O30 A1H2V DB . -8.89 17.48 6.37
O32 A1H2V DB . -9.88 15.65 7.20
P21 A1H2V DB . -13.52 17.42 6.26
C15 A1H2V DB . -1.53 13.11 18.06
C16 A1H2V DB . -2.03 14.10 19.08
C20 A1H2V DB . 1.16 12.25 13.56
C21 A1H2V DB . 2.12 11.99 14.70
C22 A1H2V DB . 1.47 12.01 16.09
C23 A1H2V DB . 2.45 11.72 17.20
CAD 11A EB . 0.57 -3.62 0.53
CAE 11A EB . 0.44 -5.14 0.62
CAF 11A EB . -0.20 -5.67 -0.65
CAG 11A EB . -0.34 -7.18 -0.56
CAH 11A EB . -1.26 -7.67 -1.67
CAI 11A EB . -1.42 -9.18 -1.59
CAJ 11A EB . -2.52 -9.63 -2.54
CAK 11A EB . -2.65 -11.16 -2.51
CAL 11A EB . -3.91 -11.57 -3.27
CAM 11A EB . -4.03 -13.09 -3.27
OAC 11A EB . -3.42 -13.76 -2.40
OAB 11A EB . -4.73 -13.66 -4.15
C7 A1H2V FB . 2.10 29.06 2.48
C8 A1H2V FB . 2.48 30.52 2.29
C9 A1H2V FB . 3.02 30.84 0.91
C1 A1H2V FB . -3.04 27.08 6.93
C5 A1H2V FB . 0.24 29.71 4.09
C6 A1H2V FB . 1.41 28.78 3.82
C4 A1H2V FB . -0.41 29.51 5.45
C3 A1H2V FB . -1.30 28.28 5.56
C2 A1H2V FB . -2.01 28.19 6.89
C10 A1H2V FB . 4.46 30.40 0.66
C11 A1H2V FB . 5.50 31.29 1.32
C12 A1H2V FB . 5.38 32.76 0.93
C13 A1H2V FB . 6.49 33.64 1.50
C14 A1H2V FB . 7.79 33.52 0.77
C17 A1H2V FB . 7.60 35.90 0.88
C18 A1H2V FB . 7.74 36.95 -0.21
C19 A1H2V FB . 6.63 37.98 -0.20
C25 A1H2V FB . 7.37 39.41 -4.09
C26 A1H2V FB . 8.29 38.72 -5.08
C27 A1H2V FB . 7.54 38.22 -6.30
C31 A1H2V FB . 6.80 35.59 -1.99
C33 A1H2V FB . 7.14 34.95 -3.31
C34 A1H2V FB . 6.59 33.54 -3.42
C35 A1H2V FB . 7.14 32.74 -4.59
C36 A1H2V FB . 6.52 31.36 -4.74
C37 A1H2V FB . 6.53 30.55 -3.46
C38 A1H2V FB . 7.91 30.14 -2.97
C39 A1H2V FB . 8.63 29.19 -3.93
C40 A1H2V FB . 9.97 28.70 -3.40
C41 A1H2V FB . 10.71 27.78 -4.36
C42 A1H2V FB . 9.96 26.50 -4.69
C43 A1H2V FB . 10.67 25.63 -5.72
C44 A1H2V FB . 9.94 24.33 -6.03
C45 A1H2V FB . 10.60 23.53 -7.12
O15 A1H2V FB . 8.32 32.47 0.48
O16 A1H2V FB . 8.32 34.71 0.48
O20 A1H2V FB . 6.66 38.71 -1.45
O22 A1H2V FB . 6.46 41.17 -1.70
O23 A1H2V FB . 8.47 40.18 -0.48
O24 A1H2V FB . 8.16 39.86 -2.96
O28 A1H2V FB . 6.54 37.27 -5.93
O29 A1H2V FB . 9.32 39.61 -5.47
O30 A1H2V FB . 7.84 36.29 -1.52
O32 A1H2V FB . 5.74 35.48 -1.45
P21 A1H2V FB . 7.45 40.09 -1.55
C7 A1H2V GB . 34.02 62.86 31.98
C8 A1H2V GB . 33.91 61.71 31.02
C9 A1H2V GB . 34.94 60.64 31.30
C1 A1H2V GB . 37.83 67.83 34.49
C5 A1H2V GB . 35.62 64.31 33.31
C6 A1H2V GB . 35.46 63.23 32.27
C4 A1H2V GB . 35.05 65.65 32.90
C3 A1H2V GB . 35.66 66.79 33.67
C2 A1H2V GB . 37.17 66.79 33.62
C10 A1H2V GB . 34.94 59.50 30.30
C11 A1H2V GB . 33.62 58.77 30.21
C12 A1H2V GB . 33.76 57.37 29.68
C13 A1H2V GB . 34.56 57.33 28.40
C14 A1H2V GB . 33.79 57.97 27.28
C17 A1H2V GB . 31.92 57.67 25.85
C18 A1H2V GB . 30.51 57.31 26.21
C19 A1H2V GB . 29.54 57.69 25.11
C25 A1H2V GB . 29.61 53.17 23.32
C26 A1H2V GB . 28.68 52.43 22.39
C27 A1H2V GB . 27.64 51.63 23.13
C31 A1H2V GB . 30.02 59.29 27.53
C33 A1H2V GB . 29.75 59.76 28.93
C34 A1H2V GB . 30.36 61.13 29.20
C35 A1H2V GB . 29.51 62.26 28.65
C36 A1H2V GB . 30.29 63.48 28.20
C37 A1H2V GB . 31.27 63.99 29.23
C38 A1H2V GB . 31.54 65.47 29.14
C39 A1H2V GB . 30.29 66.33 29.25
C40 A1H2V GB . 30.52 67.63 29.98
C41 A1H2V GB . 31.81 68.31 29.63
C42 A1H2V GB . 31.90 69.74 30.14
C43 A1H2V GB . 31.42 69.90 31.56
C44 A1H2V GB . 31.54 71.31 32.08
C45 A1H2V GB . 32.92 71.92 31.92
O15 A1H2V GB . 34.05 59.02 26.76
O16 A1H2V GB . 32.76 57.20 26.93
O20 A1H2V GB . 28.82 56.52 24.72
O22 A1H2V GB . 28.27 56.16 22.30
O23 A1H2V GB . 30.67 55.93 23.15
O24 A1H2V GB . 28.87 54.30 23.83
O28 A1H2V GB . 26.85 50.86 22.24
O29 A1H2V GB . 28.05 53.35 21.50
O30 A1H2V GB . 30.18 57.95 27.48
O32 A1H2V GB . 30.10 60.03 26.58
P21 A1H2V GB . 29.22 55.79 23.37
C15 A1H2V GB . 33.05 73.31 32.51
C16 A1H2V GB . 34.38 73.97 32.18
C20 A1H2V GB . 37.09 69.15 34.50
C21 A1H2V GB . 38.01 70.36 34.56
C22 A1H2V GB . 39.15 70.19 35.54
C23 A1H2V GB . 40.04 71.40 35.60
C1 SHV HB . 36.04 60.97 36.42
O1 SHV HB . 35.59 61.19 35.27
O2 SHV HB . 36.17 59.85 36.95
C2 SHV HB . 36.44 62.21 37.23
C3 SHV HB . 37.09 63.33 36.44
C4 SHV HB . 37.42 64.55 37.29
C5 SHV HB . 38.75 64.43 38.04
C6 SHV HB . 39.26 65.75 38.58
C7 SHV HB . 40.64 65.64 39.21
C1 SHV IB . 30.05 63.52 34.17
O1 SHV IB . 30.75 62.66 34.73
O2 SHV IB . 28.89 63.39 33.76
C2 SHV IB . 30.72 64.90 34.00
C3 SHV IB . 31.22 65.58 35.25
C4 SHV IB . 32.06 66.82 34.95
C5 SHV IB . 32.55 67.54 36.20
C6 SHV IB . 31.44 68.11 37.06
C7 SHV IB . 31.95 68.99 38.19
CAA 11A JB . 43.58 59.05 36.92
CAD 11A JB . 43.56 57.57 37.26
CAE 11A JB . 43.31 57.39 38.76
CAF 11A JB . 43.38 55.91 39.11
CAG 11A JB . 42.27 55.15 38.37
CAH 11A JB . 42.46 53.65 38.57
CAI 11A JB . 41.36 52.89 37.83
CAJ 11A JB . 41.39 53.26 36.35
CAK 11A JB . 40.36 52.42 35.59
CAL 11A JB . 40.80 50.96 35.60
CAM 11A JB . 39.69 50.10 34.99
OAC 11A JB . 38.87 50.61 34.17
OAB 11A JB . 39.59 48.88 35.30
CAA 11A KB . 24.72 63.89 43.85
CAD 11A KB . 24.74 63.01 42.61
CAE 11A KB . 24.80 61.54 43.02
CAF 11A KB . 24.68 60.65 41.79
CAG 11A KB . 24.57 59.19 42.22
CAH 11A KB . 23.96 58.37 41.10
CAI 11A KB . 23.49 57.03 41.66
CAJ 11A KB . 22.69 56.29 40.61
CAK 11A KB . 23.59 55.88 39.45
CAL 11A KB . 22.80 55.02 38.47
CAM 11A KB . 22.98 53.54 38.81
OAC 11A KB . 23.34 53.20 39.96
OAB 11A KB . 22.77 52.65 37.94
C1 KNA LB . 33.63 57.52 40.60
O1 KNA LB . 34.31 56.82 41.38
C2 KNA LB . 33.50 59.00 40.98
O2 KNA LB . 33.06 57.13 39.56
C3 KNA LB . 34.77 59.70 41.46
C4 KNA LB . 34.59 61.21 41.61
C5 KNA LB . 35.81 61.90 42.20
C6 KNA LB . 35.70 63.42 42.18
C7 KNA LB . 36.13 64.08 43.49
C8 KNA LB . 37.63 63.97 43.75
C9 KNA LB . 38.46 64.84 42.81
CAA 11A MB . 19.44 60.64 41.15
CAD 11A MB . 19.57 59.76 39.90
CAE 11A MB . 18.98 58.39 40.20
CAF 11A MB . 19.21 57.48 38.99
CAG 11A MB . 18.69 56.07 39.30
CAH 11A MB . 18.90 55.17 38.10
CAI 11A MB . 18.29 53.79 38.37
CAJ 11A MB . 18.99 53.15 39.57
CAK 11A MB . 18.33 51.81 39.89
CAL 11A MB . 18.49 50.86 38.70
CAM 11A MB . 17.56 49.67 38.88
OAC 11A MB . 17.89 48.73 39.65
OAB 11A MB . 16.47 49.61 38.25
CAA 11A NB . 43.50 70.45 32.99
CAD 11A NB . 42.92 70.20 31.60
CAE 11A NB . 41.61 69.41 31.73
CAF 11A NB . 41.91 67.98 32.14
CAG 11A NB . 42.30 67.16 30.91
CAH 11A NB . 41.10 67.06 29.98
CAI 11A NB . 40.04 66.17 30.64
CAJ 11A NB . 40.22 64.72 30.17
CAK 11A NB . 39.32 64.46 28.97
CAL 11A NB . 39.26 62.96 28.71
CAM 11A NB . 37.90 62.61 28.09
OAC 11A NB . 36.85 63.09 28.57
OAB 11A NB . 37.85 61.84 27.10
CAA 11A OB . 45.88 45.19 8.71
CAD 11A OB . 45.30 45.06 7.30
CAE 11A OB . 44.78 43.64 7.08
CAF 11A OB . 43.72 43.31 8.13
CAG 11A OB . 42.37 43.11 7.46
CAH 11A OB . 42.44 41.91 6.52
CAI 11A OB . 41.06 41.25 6.44
CAJ 11A OB . 40.14 42.07 5.55
CAK 11A OB . 40.02 41.40 4.18
CAL 11A OB . 39.56 39.95 4.37
CAM 11A OB . 39.28 39.33 2.99
OAC 11A OB . 39.90 39.75 1.98
OAB 11A OB . 38.45 38.40 2.88
FE1 FES PB . -15.66 23.56 43.31
FE2 FES PB . -17.60 25.21 44.20
S1 FES PB . -17.65 23.89 42.45
S2 FES PB . -15.54 25.01 44.97
FE1 SF4 QB . -5.60 15.72 31.19
FE2 SF4 QB . -6.04 13.24 32.28
FE3 SF4 QB . -7.86 15.24 32.65
FE4 SF4 QB . -5.43 15.36 33.89
S1 SF4 QB . -7.06 13.81 34.23
S2 SF4 QB . -6.50 17.05 32.80
S3 SF4 QB . -4.08 14.43 32.32
S4 SF4 QB . -7.28 14.27 30.67
FE1 SF4 RB . -11.41 14.13 43.14
FE2 SF4 RB . -9.21 12.72 43.95
FE3 SF4 RB . -10.51 12.01 41.66
FE4 SF4 RB . -11.69 11.58 44.11
S1 SF4 RB . -9.78 10.62 43.30
S2 SF4 RB . -12.67 12.47 42.26
S3 SF4 RB . -10.94 13.41 45.26
S4 SF4 RB . -9.42 13.97 42.06
FE1 SF4 SB . -18.47 2.82 45.04
FE2 SF4 SB . -15.95 3.86 44.76
FE3 SF4 SB . -16.29 1.40 45.91
FE4 SF4 SB . -17.08 3.67 47.24
S1 SF4 SB . -14.96 3.08 46.66
S2 SF4 SB . -18.25 1.73 47.03
S3 SF4 SB . -17.80 4.95 45.50
S4 SF4 SB . -16.78 1.98 43.76
FE1 SF4 TB . -27.05 -2.78 36.55
FE2 SF4 TB . -28.60 -3.15 38.76
FE3 SF4 TB . -27.97 -0.62 37.95
FE4 SF4 TB . -26.04 -2.22 39.03
S1 SF4 TB . -27.90 -1.42 40.08
S2 SF4 TB . -25.85 -0.93 37.17
S3 SF4 TB . -26.69 -4.26 38.23
S4 SF4 TB . -29.22 -2.15 36.81
PB MGD UB . -29.86 -16.57 35.89
O1B MGD UB . -29.51 -18.01 35.84
O2B MGD UB . -29.11 -15.54 36.67
O3B MGD UB . -31.43 -16.36 35.98
O3A MGD UB . -32.85 -17.54 37.47
PA MGD UB . -32.90 -16.93 35.87
O1A MGD UB . -33.95 -15.86 35.89
O2A MGD UB . -32.98 -18.11 34.95
O5' MGD UB . -29.81 -16.17 34.19
C5' MGD UB . -30.28 -17.09 33.32
C4' MGD UB . -29.36 -17.23 32.10
O4' MGD UB . -29.59 -16.12 31.26
C3' MGD UB . -27.86 -17.20 32.45
O3' MGD UB . -27.41 -18.51 32.30
C2' MGD UB . -27.23 -16.32 31.34
O2' MGD UB . -26.29 -17.07 30.66
C1' MGD UB . -28.47 -16.03 30.43
N9 MGD UB . -28.46 -14.68 29.87
C8 MGD UB . -27.85 -13.50 30.36
N7 MGD UB . -28.07 -12.44 29.54
C5 MGD UB . -28.84 -12.96 28.49
C6 MGD UB . -29.37 -12.30 27.34
O6 MGD UB . -29.29 -11.14 26.97
N1 MGD UB . -30.13 -13.18 26.48
C2 MGD UB . -30.29 -14.55 26.79
N2 MGD UB . -31.06 -15.31 25.88
N3 MGD UB . -29.81 -15.17 27.86
C4 MGD UB . -29.08 -14.33 28.69
C10 MGD UB . -32.88 -16.76 38.58
C11 MGD UB . -34.20 -17.19 39.28
O11 MGD UB . -33.84 -17.91 40.42
C12 MGD UB . -35.05 -16.03 39.69
S12 MGD UB . -34.63 -14.67 38.71
C13 MGD UB . -35.76 -16.04 40.82
S13 MGD UB . -36.52 -14.56 41.30
C14 MGD UB . -35.72 -17.22 41.75
N15 MGD UB . -34.98 -16.84 42.95
C16 MGD UB . -34.57 -17.89 43.76
C17 MGD UB . -34.35 -17.62 45.17
O17 MGD UB . -34.49 -16.54 45.74
N18 MGD UB . -33.93 -18.72 45.96
C19 MGD UB . -33.76 -19.97 45.35
N19 MGD UB . -33.35 -21.04 46.18
N20 MGD UB . -33.96 -20.23 44.07
C21 MGD UB . -34.37 -19.16 43.27
N22 MGD UB . -34.58 -19.47 41.92
C23 MGD UB . -35.00 -18.41 41.01
PB MGD VB . -32.40 -11.93 48.13
O1B MGD VB . -30.92 -11.92 48.21
O2B MGD VB . -33.23 -13.16 48.08
O3B MGD VB . -32.96 -10.79 47.16
O3A MGD VB . -33.70 -10.00 45.05
PA MGD VB . -34.15 -9.86 46.69
O1A MGD VB . -33.95 -8.43 47.05
O2A MGD VB . -35.44 -10.57 46.84
O5' MGD VB . -32.80 -11.02 49.57
C5' MGD VB . -34.04 -11.17 50.10
C4' MGD VB . -34.02 -10.91 51.61
O4' MGD VB . -35.25 -11.32 52.14
C3' MGD VB . -32.96 -11.72 52.36
O3' MGD VB . -31.83 -10.90 52.43
C2' MGD VB . -33.57 -11.87 53.77
O2' MGD VB . -33.02 -10.90 54.59
C1' MGD VB . -35.08 -11.57 53.51
N9 MGD VB . -35.93 -12.70 53.87
C8 MGD VB . -35.76 -14.10 53.67
N7 MGD VB . -36.78 -14.81 54.17
C5 MGD VB . -37.66 -13.86 54.72
C6 MGD VB . -38.91 -14.04 55.39
O6 MGD VB . -39.54 -15.04 55.64
N1 MGD VB . -39.50 -12.80 55.81
C2 MGD VB . -38.88 -11.56 55.57
N2 MGD VB . -39.55 -10.41 56.04
N3 MGD VB . -37.71 -11.38 54.96
C4 MGD VB . -37.13 -12.57 54.54
C10 MGD VB . -34.50 -10.58 44.13
C11 MGD VB . -34.10 -9.96 42.77
O11 MGD VB . -32.76 -9.58 42.92
C12 MGD VB . -34.28 -10.95 41.65
S12 MGD VB . -35.93 -11.49 41.64
C13 MGD VB . -33.38 -11.03 40.67
S13 MGD VB . -33.95 -11.57 39.11
C14 MGD VB . -32.05 -10.33 40.80
N15 MGD VB . -31.09 -11.24 41.39
C16 MGD VB . -29.89 -10.66 41.79
C17 MGD VB . -28.71 -11.48 41.82
O17 MGD VB . -28.63 -12.67 41.53
N18 MGD VB . -27.51 -10.83 42.22
C19 MGD VB . -27.54 -9.48 42.56
N19 MGD VB . -26.32 -8.88 42.96
N20 MGD VB . -28.63 -8.71 42.54
C21 MGD VB . -29.81 -9.32 42.14
N22 MGD VB . -30.94 -8.49 42.11
C23 MGD VB . -32.23 -9.10 41.73
MO 4MO WB . -35.84 -12.90 39.73
S H2S XB . -36.90 -12.50 37.63
C1 MQ7 YB . 1.45 18.64 29.74
O1 MQ7 YB . 2.09 19.35 30.51
C2 MQ7 YB . 1.97 17.29 29.38
C2M MQ7 YB . 3.26 16.89 30.02
C3 MQ7 YB . 1.30 16.51 28.49
C4 MQ7 YB . -0.02 16.93 27.96
O4 MQ7 YB . -0.66 16.17 27.23
C5 MQ7 YB . -0.55 18.25 28.32
C6 MQ7 YB . -1.77 18.69 27.80
C7 MQ7 YB . -2.28 19.92 28.16
C8 MQ7 YB . -1.58 20.73 29.03
C9 MQ7 YB . -0.36 20.32 29.56
C10 MQ7 YB . 0.16 19.08 29.20
C11 MQ7 YB . 1.80 15.17 28.00
C12 MQ7 YB . 2.23 15.22 26.56
C13 MQ7 YB . 2.96 14.32 25.92
C14 MQ7 YB . 3.49 13.07 26.56
C15 MQ7 YB . 3.33 14.50 24.47
C16 MQ7 YB . 2.76 13.39 23.57
C17 MQ7 YB . 3.76 12.97 22.53
C18 MQ7 YB . 3.74 13.22 21.23
C19 MQ7 YB . 2.65 14.02 20.55
C20 MQ7 YB . 4.82 12.69 20.30
C21 MQ7 YB . 5.95 12.00 21.08
C22 MQ7 YB . 6.99 11.44 20.15
C23 MQ7 YB . 7.09 10.18 19.72
C24 MQ7 YB . 6.11 9.09 20.09
C25 MQ7 YB . 8.22 9.74 18.83
C26 MQ7 YB . 8.11 10.30 17.40
C27 MQ7 YB . 9.06 11.44 17.17
C28 MQ7 YB . 9.88 11.63 16.14
C29 MQ7 YB . 10.01 10.67 15.00
C30 MQ7 YB . 10.77 12.85 16.07
C31 MQ7 YB . 12.06 12.73 16.91
C32 MQ7 YB . 13.07 11.84 16.24
C33 MQ7 YB . 14.33 12.14 15.96
C34 MQ7 YB . 14.97 13.46 16.26
C35 MQ7 YB . 15.24 11.12 15.29
C36 MQ7 YB . 15.62 11.53 13.86
C37 MQ7 YB . 16.46 10.47 13.20
C38 MQ7 YB . 17.77 10.46 13.03
C39 MQ7 YB . 18.69 11.57 13.48
C40 MQ7 YB . 18.47 9.30 12.36
C41 MQ7 YB . 18.26 9.26 10.84
C42 MQ7 YB . 19.00 10.37 10.15
C43 MQ7 YB . 19.04 10.64 8.85
C44 MQ7 YB . 19.82 11.79 8.28
C45 MQ7 YB . 18.31 9.82 7.83
C1 MYR ZB . 0.02 11.67 3.40
O1 MYR ZB . -0.04 10.64 2.68
O2 MYR ZB . 0.07 12.81 2.88
C2 MYR ZB . 0.05 11.52 4.92
C3 MYR ZB . -0.53 10.17 5.33
C4 MYR ZB . 0.60 9.17 5.57
C5 MYR ZB . 0.13 7.77 5.19
C6 MYR ZB . 0.97 6.74 5.94
C7 MYR ZB . 0.93 5.41 5.21
C8 MYR ZB . 1.24 4.28 6.19
C9 MYR ZB . 2.12 3.24 5.52
C10 MYR ZB . 1.38 2.59 4.35
C11 MYR ZB . 1.81 1.14 4.24
C12 MYR ZB . 1.30 0.55 2.92
C7 A1H2V AC . 8.15 7.29 13.26
C8 A1H2V AC . 6.64 7.25 13.10
C9 A1H2V AC . 5.87 7.91 14.23
C1 A1H2V AC . 13.02 6.88 9.13
C5 A1H2V AC . 8.63 7.43 10.76
C6 A1H2V AC . 8.91 6.72 12.07
C4 A1H2V AC . 9.13 6.71 9.52
C3 A1H2V AC . 10.50 7.15 9.03
C2 A1H2V AC . 11.68 6.55 9.77
C10 A1H2V AC . 6.01 7.21 15.57
C11 A1H2V AC . 5.41 7.99 16.74
C12 A1H2V AC . 3.91 8.17 16.66
C13 A1H2V AC . 3.12 6.92 17.03
C14 A1H2V AC . 3.22 6.56 18.48
C17 A1H2V AC . 3.09 4.79 20.04
C18 A1H2V AC . 3.99 3.58 20.08
C19 A1H2V AC . 4.20 3.09 21.48
C25 A1H2V AC . 1.72 0.32 21.51
C26 A1H2V AC . 0.33 0.91 21.55
C27 A1H2V AC . -0.45 0.47 22.76
C31 A1H2V AC . 6.04 3.05 18.96
C33 A1H2V AC . 7.31 3.63 18.41
C34 A1H2V AC . 7.30 3.71 16.89
C35 A1H2V AC . 8.63 4.12 16.31
C36 A1H2V AC . 9.13 5.46 16.79
C37 A1H2V AC . 10.48 5.86 16.21
C38 A1H2V AC . 10.97 7.22 16.66
C39 A1H2V AC . 12.30 7.61 16.06
C40 A1H2V AC . 12.34 7.57 14.55
C41 A1H2V AC . 13.56 8.21 13.94
C42 A1H2V AC . 14.87 7.52 14.27
C43 A1H2V AC . 15.02 6.13 13.68
C44 A1H2V AC . 16.45 5.62 13.62
C45 A1H2V AC . 16.61 4.25 13.00
O15 A1H2V AC . 3.48 7.34 19.37
O16 A1H2V AC . 3.01 5.26 18.68
O20 A1H2V AC . 4.65 1.71 21.45
O22 A1H2V AC . 4.32 -0.69 21.99
O23 A1H2V AC . 4.65 1.01 23.87
O24 A1H2V AC . 2.55 0.98 22.48
O28 A1H2V AC . -0.63 -0.94 22.77
O29 A1H2V AC . 0.43 2.34 21.53
O30 A1H2V AC . 5.28 3.99 19.53
O32 A1H2V AC . 5.74 1.89 18.91
P21 A1H2V AC . 4.12 0.67 22.53
C15 A1H2V AC . 18.03 3.89 12.65
C16 A1H2V AC . 18.97 3.97 13.83
C20 A1H2V AC . 14.21 6.17 9.76
C21 A1H2V AC . 15.52 6.44 9.05
C22 A1H2V AC . 16.72 5.71 9.64
C23 A1H2V AC . 18.01 5.98 8.89
CAD 11A BC . 0.42 -2.12 -3.00
CAE 11A BC . 0.39 -3.24 -4.04
CAF 11A BC . -1.03 -3.80 -4.14
CAG 11A BC . -1.07 -4.92 -5.16
CAH 11A BC . -2.39 -5.67 -5.04
CAI 11A BC . -2.44 -6.81 -6.04
CAJ 11A BC . -3.64 -7.70 -5.74
CAK 11A BC . -3.74 -8.82 -6.79
CAL 11A BC . -4.79 -9.83 -6.34
CAM 11A BC . -4.91 -10.93 -7.39
OAC 11A BC . -3.97 -11.13 -8.20
OAB 11A BC . -5.95 -11.64 -7.44
C7 A1H2V CC . 4.70 20.39 20.43
C8 A1H2V CC . 4.70 21.67 21.24
C9 A1H2V CC . 3.50 22.56 20.97
C1 A1H2V CC . 7.74 14.47 22.83
C5 A1H2V CC . 5.88 19.16 22.32
C6 A1H2V CC . 5.83 19.43 20.82
C4 A1H2V CC . 7.05 18.27 22.74
C3 A1H2V CC . 6.88 16.80 22.43
C2 A1H2V CC . 8.01 15.95 22.97
C10 A1H2V CC . 3.55 23.35 19.67
C11 A1H2V CC . 4.48 24.55 19.71
C12 A1H2V CC . 4.17 25.52 20.83
C13 A1H2V CC . 5.03 26.79 20.82
C14 A1H2V CC . 4.61 27.78 19.79
C17 A1H2V CC . 4.82 29.22 21.69
C18 A1H2V CC . 3.86 30.25 22.25
C19 A1H2V CC . 3.68 30.14 23.76
C25 A1H2V CC . 0.16 32.44 23.91
C26 A1H2V CC . -0.64 32.84 22.69
C27 A1H2V CC . -2.03 32.23 22.69
C31 A1H2V CC . 1.82 29.04 21.69
C33 A1H2V CC . 0.58 29.13 20.85
C34 A1H2V CC . 0.27 27.82 20.15
C35 A1H2V CC . -0.80 27.93 19.07
C36 A1H2V CC . -1.17 26.59 18.44
C37 A1H2V CC . 0.02 25.78 17.97
C38 A1H2V CC . 0.78 26.39 16.80
C39 A1H2V CC . -0.04 26.48 15.52
C40 A1H2V CC . 0.74 27.00 14.33
C41 A1H2V CC . -0.07 27.11 13.06
C42 A1H2V CC . -0.65 25.80 12.56
C43 A1H2V CC . -1.54 25.93 11.35
C44 A1H2V CC . -2.09 24.61 10.83
C45 A1H2V CC . -3.05 24.77 9.67
O15 A1H2V CC . 4.37 27.53 18.64
O16 A1H2V CC . 4.52 29.02 20.29
O20 A1H2V CC . 2.52 30.91 24.14
O22 A1H2V CC . 2.39 32.46 26.08
O23 A1H2V CC . 3.96 32.99 24.14
O24 A1H2V CC . 1.46 33.07 23.85
O28 A1H2V CC . -1.96 30.80 22.69
O29 A1H2V CC . -0.74 34.25 22.63
O30 A1H2V CC . 2.57 30.15 21.56
O32 A1H2V CC . 2.11 28.10 22.36
P21 A1H2V CC . 2.68 32.42 24.63
C7 A1H2V DC . 42.71 59.60 27.50
C8 A1H2V DC . 41.68 58.94 26.61
C9 A1H2V DC . 42.11 58.91 25.16
C1 A1H2V DC . 46.32 65.11 28.93
C5 A1H2V DC . 44.45 61.43 27.65
C6 A1H2V DC . 43.35 60.80 26.85
C4 A1H2V DC . 44.02 62.00 28.98
C3 A1H2V DC . 44.97 63.03 29.50
C2 A1H2V DC . 45.26 64.13 28.49
C10 A1H2V DC . 41.07 58.36 24.21
C11 A1H2V DC . 40.65 56.95 24.53
C12 A1H2V DC . 40.07 56.22 23.35
C13 A1H2V DC . 38.99 57.04 22.66
C14 A1H2V DC . 37.78 57.15 23.52
C17 A1H2V DC . 35.95 55.91 24.38
C18 A1H2V DC . 35.96 54.58 25.09
C19 A1H2V DC . 34.70 54.38 25.90
C25 A1H2V DC . 32.68 51.78 22.31
C26 A1H2V DC . 31.52 50.82 22.27
C27 A1H2V DC . 31.96 49.39 22.44
C31 A1H2V DC . 37.26 55.28 27.02
C33 A1H2V DC . 38.58 55.11 27.69
C34 A1H2V DC . 39.07 56.41 28.35
C35 A1H2V DC . 38.41 56.67 29.69
C36 A1H2V DC . 38.23 58.14 30.02
C37 A1H2V DC . 39.49 58.96 29.86
C38 A1H2V DC . 39.55 60.16 30.77
C39 A1H2V DC . 39.43 59.82 32.24
C40 A1H2V DC . 40.27 60.69 33.14
C41 A1H2V DC . 40.26 62.15 32.76
C42 A1H2V DC . 40.87 63.05 33.81
C43 A1H2V DC . 42.16 62.53 34.39
C44 A1H2V DC . 42.77 63.45 35.42
C45 A1H2V DC . 42.97 64.87 34.93
O15 A1H2V DC . 37.40 58.14 24.07
O16 A1H2V DC . 37.16 55.97 23.59
O20 A1H2V DC . 34.08 53.16 25.47
O22 A1H2V DC . 31.58 53.03 25.30
O23 A1H2V DC . 32.93 54.42 23.63
O24 A1H2V DC . 33.09 51.90 23.69
O28 A1H2V DC . 30.87 48.50 22.30
O29 A1H2V DC . 30.58 51.16 23.29
O30 A1H2V DC . 37.16 54.52 25.92
O32 A1H2V DC . 36.40 56.03 27.42
P21 A1H2V DC . 32.81 53.24 24.52
C15 A1H2V DC . 43.65 65.77 35.94
C16 A1H2V DC . 43.68 67.22 35.52
C20 A1H2V DC . 46.24 65.46 30.40
C21 A1H2V DC . 46.59 66.91 30.69
C22 A1H2V DC . 47.79 67.41 29.91
C23 A1H2V DC . 48.11 68.85 30.23
C1 SHV EC . 47.36 58.84 25.23
O1 SHV EC . 46.16 58.91 25.57
O2 SHV EC . 47.84 58.08 24.36
C2 SHV EC . 48.32 59.80 25.96
C3 SHV EC . 47.77 61.17 26.28
C4 SHV EC . 48.74 62.05 27.06
C5 SHV EC . 49.77 62.75 26.17
C6 SHV EC . 50.50 63.88 26.87
C7 SHV EC . 51.41 64.66 25.94
C1 SHV FC . 43.98 56.74 30.86
O1 SHV FC . 44.63 56.55 29.80
O2 SHV FC . 43.32 55.90 31.48
C2 SHV FC . 44.05 58.17 31.41
C3 SHV FC . 45.43 58.73 31.72
C4 SHV FC . 45.40 60.22 32.04
C5 SHV FC . 46.77 60.79 32.39
C6 SHV FC . 47.40 60.19 33.64
C7 SHV FC . 48.66 60.91 34.07
CAA 11A GC . 49.43 62.85 18.87
CAD 11A GC . 49.67 61.77 17.81
CAE 11A GC . 51.06 61.16 18.01
CAF 11A GC . 51.32 60.14 16.90
CAG 11A GC . 50.30 59.00 16.99
CAH 11A GC . 50.44 58.10 15.77
CAI 11A GC . 49.43 56.96 15.86
CAJ 11A GC . 48.02 57.53 15.96
CAK 11A GC . 47.00 56.40 15.93
CAL 11A GC . 47.01 55.73 14.56
CAM 11A GC . 46.12 54.49 14.60
OAC 11A GC . 45.17 54.42 15.43
OAB 11A GC . 46.33 53.55 13.79
CAA 11A HC . 52.21 51.16 35.68
CAD 11A HC . 50.96 50.85 34.88
CAE 11A HC . 51.28 49.82 33.79
CAF 11A HC . 50.00 49.39 33.09
CAG 11A HC . 50.30 48.26 32.12
CAH 11A HC . 49.02 47.50 31.80
CAI 11A HC . 49.38 46.15 31.17
CAJ 11A HC . 48.13 45.30 31.05
CAK 11A HC . 47.17 45.92 30.03
CAL 11A HC . 45.99 44.98 29.80
CAM 11A HC . 46.27 44.05 28.61
OAC 11A HC . 47.45 43.85 28.25
OAB 11A HC . 45.32 43.50 28.01
C1 KNA IC . 50.67 53.95 24.71
O1 KNA IC . 51.53 53.80 23.82
C2 KNA IC . 51.10 54.76 25.94
O2 KNA IC . 49.50 53.50 24.69
C3 KNA IC . 51.90 56.03 25.66
C4 KNA IC . 52.10 56.89 26.91
C5 KNA IC . 52.99 58.10 26.69
C6 KNA IC . 53.04 59.04 27.88
C7 KNA IC . 54.45 59.51 28.22
C8 KNA IC . 55.04 60.45 27.18
C9 KNA IC . 54.37 61.82 27.18
CAA 11A JC . 48.19 45.78 36.47
CAD 11A JC . 46.95 45.55 35.61
CAE 11A JC . 47.02 44.14 35.01
CAF 11A JC . 45.84 43.95 34.06
CAG 11A JC . 45.94 42.58 33.39
CAH 11A JC . 44.76 42.38 32.45
CAI 11A JC . 44.80 40.96 31.86
CAJ 11A JC . 46.08 40.79 31.05
CAK 11A JC . 46.16 39.36 30.53
CAL 11A JC . 44.97 39.08 29.60
CAM 11A JC . 44.86 37.58 29.35
OAC 11A JC . 45.63 37.03 28.51
OAB 11A JC . 44.01 36.90 29.96
CAA 11A KC . 46.30 71.22 26.95
CAD 11A KC . 44.81 70.93 27.01
CAE 11A KC . 44.59 69.44 27.30
CAF 11A KC . 44.96 68.61 26.08
CAG 11A KC . 43.80 68.60 25.10
CAH 11A KC . 42.63 67.87 25.71
CAI 11A KC . 42.97 66.39 25.82
CAJ 11A KC . 42.48 65.64 24.59
CAK 11A KC . 41.08 65.08 24.85
CAL 11A KC . 40.72 64.08 23.75
CAM 11A KC . 39.79 63.01 24.32
OAC 11A KC . 40.05 62.48 25.43
OAB 11A KC . 38.77 62.66 23.69
CAA 11A LC . 21.66 61.13 4.06
CAD 11A LC . 20.15 60.93 4.20
CAE 11A LC . 19.73 59.65 3.47
CAF 11A LC . 20.49 58.46 4.04
CAG 11A LC . 19.51 57.50 4.72
CAH 11A LC . 18.55 56.94 3.67
CAI 11A LC . 18.12 55.53 4.09
CAJ 11A LC . 17.10 55.61 5.21
CAK 11A LC . 15.70 55.36 4.65
CAL 11A LC . 15.68 54.03 3.91
CAM 11A LC . 14.25 53.70 3.47
OAC 11A LC . 13.43 54.63 3.27
OAB 11A LC . 13.89 52.51 3.33
FE1 FES MC . 40.04 -4.51 32.45
FE2 FES MC . 40.57 -4.98 35.05
S1 FES MC . 38.77 -5.54 33.93
S2 FES MC . 41.77 -3.81 33.62
FE1 SF4 NC . 30.04 -0.03 18.68
FE2 SF4 NC . 30.85 -2.22 17.25
FE3 SF4 NC . 30.91 -2.27 19.98
FE4 SF4 NC . 32.68 -0.71 18.59
S1 SF4 NC . 32.54 -2.98 18.56
S2 SF4 NC . 31.48 -0.11 20.44
S3 SF4 NC . 31.40 -0.04 16.84
S4 SF4 NC . 29.07 -2.09 18.66
FE1 SF4 OC . 40.25 -7.73 22.62
FE2 SF4 OC . 41.44 -7.27 20.21
FE3 SF4 OC . 38.87 -8.21 20.31
FE4 SF4 OC . 40.96 -9.83 21.01
S1 SF4 OC . 40.55 -8.95 18.95
S2 SF4 OC . 39.00 -9.56 22.13
S3 SF4 OC . 42.36 -8.33 22.00
S4 SF4 OC . 39.63 -6.19 21.07
FE1 SF4 PC . 39.79 -20.73 19.11
FE2 SF4 PC . 40.15 -18.18 18.18
FE3 SF4 PC . 41.04 -20.30 16.72
FE4 SF4 PC . 42.29 -19.63 19.05
S1 SF4 PC . 42.16 -18.38 17.15
S2 SF4 PC . 41.70 -21.72 18.37
S3 SF4 PC . 40.52 -18.92 20.30
S4 SF4 PC . 38.88 -19.81 17.23
FE1 SF4 QC . 29.24 -28.82 19.73
FE2 SF4 QC . 31.02 -30.64 20.72
FE3 SF4 QC . 30.53 -28.33 22.10
FE4 SF4 QC . 31.92 -28.25 19.75
S1 SF4 QC . 32.56 -29.26 21.68
S2 SF4 QC . 30.22 -26.86 20.39
S3 SF4 QC . 30.87 -29.90 18.58
S4 SF4 QC . 29.05 -30.01 21.67
PB MGD RC . 27.11 -39.90 11.30
O1B MGD RC . 27.04 -40.60 9.99
O2B MGD RC . 28.10 -38.84 11.64
O3B MGD RC . 26.85 -40.90 12.50
O3A MGD RC . 27.90 -43.01 12.72
PA MGD RC . 26.37 -42.31 13.05
O1A MGD RC . 26.22 -42.35 14.53
O2A MGD RC . 25.40 -42.97 12.13
O5' MGD RC . 25.49 -39.25 11.38
C5' MGD RC . 24.47 -40.01 10.92
C4' MGD RC . 23.49 -39.19 10.07
O4' MGD RC . 22.70 -38.43 10.96
C3' MGD RC . 24.18 -38.18 9.14
O3' MGD RC . 24.05 -38.69 7.85
C2' MGD RC . 23.28 -36.90 9.26
O2' MGD RC . 22.79 -36.59 8.00
C1' MGD RC . 22.14 -37.40 10.20
N9 MGD RC . 21.69 -36.37 11.13
C8 MGD RC . 22.38 -35.26 11.66
N7 MGD RC . 21.60 -34.54 12.50
C5 MGD RC . 20.37 -35.22 12.52
C6 MGD RC . 19.17 -34.91 13.23
O6 MGD RC . 18.91 -34.00 14.00
N1 MGD RC . 18.11 -35.86 12.98
C2 MGD RC . 18.29 -36.96 12.12
N2 MGD RC . 17.18 -37.82 11.96
N3 MGD RC . 19.40 -37.25 11.45
C4 MGD RC . 20.42 -36.34 11.68
C10 MGD RC . 29.03 -42.75 13.44
C11 MGD RC . 29.39 -44.13 14.08
O11 MGD RC . 30.53 -44.58 13.42
C12 MGD RC . 29.65 -44.04 15.54
S12 MGD RC . 28.89 -42.63 16.16
C13 MGD RC . 30.60 -44.79 16.12
S13 MGD RC . 30.97 -44.45 17.78
C14 MGD RC . 31.43 -45.75 15.32
N15 MGD RC . 32.79 -45.22 15.24
C16 MGD RC . 33.61 -45.80 14.27
C17 MGD RC . 35.04 -45.74 14.48
O17 MGD RC . 35.63 -45.25 15.42
N18 MGD RC . 35.84 -46.35 13.47
C19 MGD RC . 35.21 -46.93 12.36
N19 MGD RC . 36.04 -47.53 11.38
N20 MGD RC . 33.90 -46.99 12.16
C21 MGD RC . 33.10 -46.40 13.14
N22 MGD RC . 31.72 -46.47 12.91
C23 MGD RC . 30.81 -45.87 13.88
PB MGD SC . 38.72 -41.18 17.72
O1B MGD SC . 39.13 -40.13 16.76
O2B MGD SC . 38.40 -42.58 17.35
O3B MGD SC . 37.73 -40.61 18.83
O3A MGD SC . 35.55 -40.17 19.68
PA MGD SC . 37.05 -40.74 20.26
O1A MGD SC . 37.54 -39.72 21.23
O2A MGD SC . 36.86 -42.18 20.60
O5' MGD SC . 40.08 -41.15 18.81
C5' MGD SC . 40.31 -42.26 19.59
C4' MGD SC . 41.80 -42.38 19.92
O4' MGD SC . 42.01 -43.64 20.49
C3' MGD SC . 42.71 -42.32 18.69
O3' MGD SC . 43.09 -40.98 18.56
C2' MGD SC . 43.94 -43.15 19.13
O2' MGD SC . 44.93 -42.29 19.59
C1' MGD SC . 43.36 -43.98 20.33
N9 MGD SC . 43.46 -45.42 20.10
C8 MGD SC . 43.21 -46.18 18.93
N7 MGD SC . 43.42 -47.49 19.13
C5 MGD SC . 43.82 -47.60 20.47
C6 MGD SC . 44.18 -48.75 21.24
O6 MGD SC . 44.21 -49.93 20.94
N1 MGD SC . 44.53 -48.44 22.60
C2 MGD SC . 44.51 -47.11 23.08
N2 MGD SC . 44.88 -46.92 24.43
N3 MGD SC . 44.19 -46.03 22.37
C4 MGD SC . 43.85 -46.33 21.07
C10 MGD SC . 34.44 -40.94 19.69
C11 MGD SC . 33.25 -39.96 19.74
O11 MGD SC . 33.72 -38.78 19.15
C12 MGD SC . 32.06 -40.51 19.01
S12 MGD SC . 31.64 -42.04 19.70
C13 MGD SC . 31.31 -39.72 18.25
S13 MGD SC . 29.62 -40.16 18.06
C14 MGD SC . 31.77 -38.33 17.89
N15 MGD SC . 32.51 -38.37 16.65
C16 MGD SC . 33.20 -37.20 16.34
C17 MGD SC . 33.45 -36.92 14.94
O17 MGD SC . 33.11 -37.59 13.97
N18 MGD SC . 34.15 -35.71 14.68
C19 MGD SC . 34.56 -34.90 15.73
N19 MGD SC . 35.26 -33.71 15.41
N20 MGD SC . 34.34 -35.16 17.01
C21 MGD SC . 33.65 -36.34 17.31
N22 MGD SC . 33.41 -36.58 18.66
C23 MGD SC . 32.71 -37.82 19.03
MO 4MO TC . 29.71 -42.53 18.38
S H2S UC . 27.45 -42.58 19.17
C1 MQ7 VC . 30.41 7.26 16.03
O1 MQ7 VC . 31.34 8.04 16.21
C2 MQ7 VC . 30.08 6.81 14.65
C2M MQ7 VC . 30.98 7.33 13.56
C3 MQ7 VC . 29.02 6.00 14.42
C4 MQ7 VC . 28.23 5.44 15.54
O4 MQ7 VC . 27.33 4.63 15.33
C5 MQ7 VC . 28.55 5.87 16.91
C6 MQ7 VC . 27.80 5.41 17.99
C7 MQ7 VC . 28.11 5.79 19.28
C8 MQ7 VC . 29.16 6.65 19.51
C9 MQ7 VC . 29.92 7.13 18.46
C10 MQ7 VC . 29.62 6.75 17.15
C11 MQ7 VC . 28.58 5.57 13.04
C12 MQ7 VC . 27.28 6.20 12.64
C13 MQ7 VC . 26.76 6.26 11.42
C14 MQ7 VC . 27.42 5.67 10.21
C15 MQ7 VC . 25.44 6.94 11.16
C16 MQ7 VC . 24.37 5.99 10.60
C17 MQ7 VC . 23.56 6.64 9.52
C18 MQ7 VC . 22.30 7.06 9.59
C19 MQ7 VC . 21.46 6.96 10.82
C20 MQ7 VC . 21.62 7.66 8.38
C21 MQ7 VC . 22.58 7.86 7.20
C22 MQ7 VC . 21.89 8.41 6.00
C23 MQ7 VC . 21.41 7.73 4.96
C24 MQ7 VC . 21.48 6.24 4.84
C25 MQ7 VC . 20.76 8.44 3.79
C26 MQ7 VC . 19.39 9.04 4.12
C27 MQ7 VC . 19.45 10.53 4.31
C28 MQ7 VC . 18.66 11.45 3.80
C29 MQ7 VC . 17.50 11.14 2.89
C30 MQ7 VC . 18.86 12.91 4.11
C31 MQ7 VC . 19.96 13.58 3.25
C32 MQ7 VC . 19.49 13.85 1.85
C33 MQ7 VC . 19.51 15.01 1.21
C34 MQ7 VC . 20.03 16.28 1.80
C35 MQ7 VC . 19.01 15.11 -0.22
C36 MQ7 VC . 17.72 15.96 -0.32
C37 MQ7 VC . 17.21 15.99 -1.73
C38 MQ7 VC . 17.34 16.96 -2.63
C39 MQ7 VC . 18.05 18.26 -2.36
C40 MQ7 VC . 16.77 16.82 -4.02
C41 MQ7 VC . 15.24 16.97 -4.07
C42 MQ7 VC . 14.81 18.38 -3.81
C43 MQ7 VC . 13.58 18.86 -3.77
C44 MQ7 VC . 13.27 20.30 -3.50
C45 MQ7 VC . 12.37 18.00 -4.00
#